data_4Z90
#
_entry.id   4Z90
#
_cell.length_a   105.848
_cell.length_b   267.079
_cell.length_c   111.128
_cell.angle_alpha   90.00
_cell.angle_beta   106.94
_cell.angle_gamma   90.00
#
_symmetry.space_group_name_H-M   'P 1 21 1'
#
loop_
_entity.id
_entity.type
_entity.pdbx_description
1 polymer 'Gamma-aminobutyric-acid receptor subunit beta-1'
2 non-polymer (2R)-2-chloro-2-(difluoromethoxy)-1,1,1-trifluoroethane
3 non-polymer '2-(N-MORPHOLINO)-ETHANESULFONIC ACID'
4 water water
#
_entity_poly.entity_id   1
_entity_poly.type   'polypeptide(L)'
_entity_poly.pdbx_seq_one_letter_code
;APADNAADARPVDVSVSIFINKIYGVNTLEQTYKVDGYIVAQWTGKPRKTPGDKPLIVENTQIERWINNGLWVPALEFIN
VVGSPDTGNKRLMLFPDGRVIYNARFLGSFSNDMDFRLFPFDRQQFVLELEPFSYNNQQLRFSDIQVYTENIDNEEIDEW
WIRGKASTHISDIRYDHLSSVQPNQNEFSRITVRIDAVRNPSYYLWSFILPLGLIIAASWSVFWLESFSERLQTSFTLML
TVVAYAFYTSNILPRLPYTTVIDQMIIAGYGSIFAAILLIIFAHHRQANGVEDDLLIQRCRLAFPLGFLAIGCVLVIRGI
TL
;
_entity_poly.pdbx_strand_id   A,B,C,D,E,F,G,H,I,J
#
loop_
_chem_comp.id
_chem_comp.type
_chem_comp.name
_chem_comp.formula
4LE non-polymer (2R)-2-chloro-2-(difluoromethoxy)-1,1,1-trifluoroethane 'C3 H2 Cl F5 O'
MES non-polymer '2-(N-MORPHOLINO)-ETHANESULFONIC ACID' 'C6 H13 N O4 S'
#
# COMPACT_ATOMS: atom_id res chain seq x y z
N ARG A 10 27.26 -1.79 -55.96
CA ARG A 10 26.08 -2.60 -56.24
C ARG A 10 25.43 -3.25 -55.01
N PRO A 11 26.21 -3.83 -54.08
CA PRO A 11 25.53 -4.54 -52.99
C PRO A 11 24.84 -3.63 -51.99
N VAL A 12 23.75 -4.10 -51.40
CA VAL A 12 22.99 -3.32 -50.44
C VAL A 12 23.61 -3.26 -49.06
N ASP A 13 23.71 -2.04 -48.52
CA ASP A 13 24.24 -1.83 -47.17
C ASP A 13 23.15 -1.93 -46.09
N VAL A 14 23.37 -2.80 -45.11
CA VAL A 14 22.46 -2.91 -43.97
C VAL A 14 23.13 -2.46 -42.67
N SER A 15 22.46 -1.57 -41.96
CA SER A 15 22.95 -1.04 -40.69
C SER A 15 22.24 -1.70 -39.53
N VAL A 16 22.98 -2.39 -38.68
CA VAL A 16 22.37 -3.12 -37.59
C VAL A 16 22.65 -2.47 -36.24
N SER A 17 21.63 -2.44 -35.40
CA SER A 17 21.79 -2.04 -34.02
C SER A 17 21.15 -3.12 -33.14
N ILE A 18 21.87 -3.58 -32.13
CA ILE A 18 21.34 -4.60 -31.25
C ILE A 18 21.23 -4.10 -29.81
N PHE A 19 20.01 -4.08 -29.28
CA PHE A 19 19.79 -3.72 -27.88
C PHE A 19 19.64 -4.97 -27.04
N ILE A 20 20.42 -5.10 -25.97
CA ILE A 20 20.43 -6.31 -25.16
C ILE A 20 19.79 -6.07 -23.80
N ASN A 21 18.71 -6.78 -23.51
CA ASN A 21 17.94 -6.57 -22.29
C ASN A 21 18.32 -7.44 -21.12
N LYS A 22 18.58 -8.71 -21.40
CA LYS A 22 18.79 -9.67 -20.34
C LYS A 22 19.64 -10.81 -20.87
N ILE A 23 20.66 -11.22 -20.13
CA ILE A 23 21.37 -12.43 -20.42
C ILE A 23 21.24 -13.30 -19.21
N TYR A 24 20.53 -14.40 -19.32
CA TYR A 24 20.25 -15.22 -18.16
C TYR A 24 20.21 -16.69 -18.55
N GLY A 25 19.89 -17.56 -17.60
CA GLY A 25 19.64 -18.96 -17.84
C GLY A 25 20.75 -19.77 -18.48
N VAL A 26 21.98 -19.63 -17.98
CA VAL A 26 23.07 -20.39 -18.54
C VAL A 26 22.83 -21.86 -18.32
N ASN A 27 23.02 -22.66 -19.36
CA ASN A 27 22.93 -24.12 -19.28
C ASN A 27 24.32 -24.70 -19.49
N THR A 28 24.92 -25.27 -18.46
CA THR A 28 26.32 -25.68 -18.52
C THR A 28 26.58 -26.85 -19.44
N LEU A 29 25.67 -27.80 -19.46
CA LEU A 29 25.88 -29.03 -20.22
C LEU A 29 25.73 -28.78 -21.72
N GLU A 30 24.76 -27.95 -22.07
CA GLU A 30 24.48 -27.59 -23.45
C GLU A 30 25.38 -26.49 -23.98
N GLN A 31 26.06 -25.83 -23.05
CA GLN A 31 26.90 -24.67 -23.33
C GLN A 31 26.14 -23.56 -24.03
N THR A 32 24.99 -23.19 -23.48
CA THR A 32 24.17 -22.13 -24.03
C THR A 32 23.69 -21.13 -22.99
N TYR A 33 23.09 -20.05 -23.48
CA TYR A 33 22.58 -19.01 -22.61
C TYR A 33 21.42 -18.29 -23.28
N LYS A 34 20.60 -17.61 -22.50
CA LYS A 34 19.44 -16.93 -23.07
C LYS A 34 19.66 -15.42 -23.20
N VAL A 35 19.17 -14.84 -24.29
CA VAL A 35 19.34 -13.42 -24.55
C VAL A 35 18.03 -12.81 -24.99
N ASP A 36 17.59 -11.76 -24.29
CA ASP A 36 16.38 -11.04 -24.63
C ASP A 36 16.81 -9.70 -25.22
N GLY A 37 16.19 -9.25 -26.29
CA GLY A 37 16.63 -8.02 -26.90
C GLY A 37 15.85 -7.49 -28.08
N TYR A 38 16.41 -6.48 -28.72
CA TYR A 38 15.82 -5.93 -29.92
C TYR A 38 16.84 -6.01 -31.03
N ILE A 39 16.38 -6.18 -32.26
CA ILE A 39 17.31 -6.10 -33.37
C ILE A 39 16.76 -5.08 -34.36
N VAL A 40 17.62 -4.17 -34.77
CA VAL A 40 17.26 -3.11 -35.69
C VAL A 40 18.14 -3.18 -36.91
N ALA A 41 17.52 -3.09 -38.08
CA ALA A 41 18.25 -3.15 -39.33
C ALA A 41 17.75 -2.12 -40.31
N GLN A 42 18.66 -1.35 -40.88
CA GLN A 42 18.32 -0.27 -41.81
C GLN A 42 19.05 -0.42 -43.15
N TRP A 43 18.34 -0.21 -44.25
CA TRP A 43 18.95 -0.15 -45.59
C TRP A 43 18.15 0.82 -46.46
N THR A 44 18.67 1.15 -47.63
CA THR A 44 17.98 2.08 -48.51
C THR A 44 17.60 1.46 -49.85
N GLY A 45 16.37 1.69 -50.29
CA GLY A 45 15.92 1.14 -51.55
C GLY A 45 15.25 2.18 -52.42
N LYS A 46 14.44 1.72 -53.38
CA LYS A 46 13.72 2.59 -54.28
C LYS A 46 12.75 3.48 -53.52
N PRO A 47 12.83 4.80 -53.73
CA PRO A 47 11.89 5.74 -53.09
C PRO A 47 10.44 5.33 -53.30
N ARG A 48 9.55 5.83 -52.44
CA ARG A 48 8.23 5.24 -52.28
C ARG A 48 7.16 6.27 -51.99
N LYS A 49 5.93 5.97 -52.39
CA LYS A 49 4.79 6.79 -52.06
C LYS A 49 4.26 6.36 -50.70
N THR A 50 4.27 7.28 -49.74
CA THR A 50 3.73 6.97 -48.43
C THR A 50 2.55 7.87 -48.20
N PRO A 51 1.58 7.44 -47.39
CA PRO A 51 0.46 8.37 -47.13
C PRO A 51 0.98 9.60 -46.40
N GLY A 52 0.96 10.75 -47.06
CA GLY A 52 1.68 11.92 -46.57
C GLY A 52 3.17 11.70 -46.81
N ASP A 53 3.96 12.77 -46.84
CA ASP A 53 5.39 12.60 -47.08
C ASP A 53 6.09 12.20 -45.77
N LYS A 54 5.36 11.49 -44.92
CA LYS A 54 5.83 11.04 -43.62
C LYS A 54 6.06 9.53 -43.62
N PRO A 55 6.97 9.04 -42.78
CA PRO A 55 7.31 7.62 -42.79
C PRO A 55 6.12 6.73 -42.46
N LEU A 56 6.09 5.52 -43.00
CA LEU A 56 4.99 4.58 -42.81
C LEU A 56 5.31 3.46 -41.82
N ILE A 57 4.39 3.21 -40.90
CA ILE A 57 4.62 2.18 -39.91
C ILE A 57 3.77 0.94 -40.16
N VAL A 58 4.45 -0.20 -40.22
CA VAL A 58 3.80 -1.46 -40.49
C VAL A 58 4.12 -2.41 -39.37
N GLU A 59 3.12 -2.84 -38.63
CA GLU A 59 3.39 -3.67 -37.48
C GLU A 59 2.91 -5.07 -37.73
N ASN A 60 3.70 -6.02 -37.24
CA ASN A 60 3.33 -7.42 -37.13
C ASN A 60 2.76 -8.09 -38.39
N THR A 61 1.52 -8.55 -38.31
CA THR A 61 0.95 -9.40 -39.35
C THR A 61 0.84 -8.72 -40.68
N GLN A 62 1.01 -7.41 -40.69
CA GLN A 62 0.90 -6.67 -41.92
C GLN A 62 2.15 -6.71 -42.75
N ILE A 63 3.27 -7.10 -42.17
CA ILE A 63 4.50 -7.14 -42.91
C ILE A 63 4.41 -8.15 -44.04
N GLU A 64 3.74 -9.27 -43.75
CA GLU A 64 3.59 -10.34 -44.72
C GLU A 64 2.86 -9.85 -45.94
N ARG A 65 1.85 -9.02 -45.74
CA ARG A 65 1.11 -8.52 -46.87
C ARG A 65 2.03 -7.70 -47.76
N TRP A 66 2.97 -6.98 -47.14
CA TRP A 66 3.89 -6.17 -47.92
C TRP A 66 4.87 -7.03 -48.68
N ILE A 67 5.15 -8.21 -48.13
CA ILE A 67 6.07 -9.15 -48.76
C ILE A 67 5.49 -9.78 -50.02
N ASN A 68 4.20 -10.07 -50.00
CA ASN A 68 3.56 -10.70 -51.13
C ASN A 68 3.48 -9.78 -52.33
N ASN A 69 3.28 -8.49 -52.05
CA ASN A 69 3.24 -7.50 -53.12
C ASN A 69 4.65 -7.10 -53.52
N GLY A 70 5.63 -7.76 -52.92
CA GLY A 70 6.99 -7.66 -53.39
C GLY A 70 7.99 -6.79 -52.66
N LEU A 71 7.72 -6.46 -51.41
CA LEU A 71 8.70 -5.69 -50.65
C LEU A 71 9.81 -6.60 -50.21
N TRP A 72 11.04 -6.14 -50.39
CA TRP A 72 12.19 -6.94 -50.08
C TRP A 72 12.60 -6.76 -48.63
N VAL A 73 12.41 -7.80 -47.83
CA VAL A 73 12.87 -7.83 -46.45
C VAL A 73 13.70 -9.07 -46.20
N PRO A 74 15.01 -8.95 -46.31
CA PRO A 74 15.88 -10.12 -46.26
C PRO A 74 16.04 -10.74 -44.88
N ALA A 75 15.98 -12.06 -44.81
CA ALA A 75 16.14 -12.77 -43.55
C ALA A 75 17.55 -12.69 -43.02
N LEU A 76 17.70 -12.18 -41.81
CA LEU A 76 18.98 -12.18 -41.11
C LEU A 76 18.95 -13.29 -40.07
N GLU A 77 19.86 -14.26 -40.16
CA GLU A 77 19.86 -15.44 -39.29
C GLU A 77 20.79 -15.35 -38.11
N PHE A 78 20.35 -15.77 -36.94
CA PHE A 78 21.28 -15.92 -35.83
C PHE A 78 22.02 -17.23 -35.97
N ILE A 79 23.27 -17.18 -36.38
CA ILE A 79 24.00 -18.38 -36.70
C ILE A 79 24.22 -19.29 -35.51
N ASN A 80 24.40 -18.72 -34.32
CA ASN A 80 24.67 -19.55 -33.16
C ASN A 80 23.50 -19.65 -32.21
N VAL A 81 22.30 -19.45 -32.73
CA VAL A 81 21.11 -19.73 -31.95
C VAL A 81 20.86 -21.24 -31.87
N VAL A 82 20.15 -21.68 -30.85
CA VAL A 82 19.81 -23.07 -30.75
C VAL A 82 18.31 -23.22 -30.82
N GLY A 83 17.79 -23.48 -32.01
CA GLY A 83 16.36 -23.52 -32.20
C GLY A 83 15.86 -22.17 -32.64
N SER A 84 14.72 -22.17 -33.30
CA SER A 84 14.16 -20.95 -33.80
C SER A 84 13.85 -20.07 -32.61
N PRO A 85 14.32 -18.80 -32.63
CA PRO A 85 14.10 -17.84 -31.56
C PRO A 85 12.65 -17.46 -31.40
N ASP A 86 12.27 -17.01 -30.21
CA ASP A 86 10.92 -16.51 -29.96
C ASP A 86 10.82 -15.04 -30.30
N THR A 87 10.12 -14.70 -31.37
CA THR A 87 10.03 -13.34 -31.79
C THR A 87 8.77 -12.64 -31.33
N GLY A 88 8.93 -11.51 -30.64
CA GLY A 88 7.81 -10.74 -30.13
C GLY A 88 7.26 -9.84 -31.20
N ASN A 89 7.13 -8.54 -30.93
CA ASN A 89 6.55 -7.64 -31.89
C ASN A 89 7.56 -7.34 -33.00
N LYS A 90 7.08 -7.29 -34.24
CA LYS A 90 7.89 -6.95 -35.41
C LYS A 90 7.45 -5.62 -35.94
N ARG A 91 8.34 -4.89 -36.60
CA ARG A 91 7.97 -3.63 -37.20
C ARG A 91 8.78 -3.27 -38.43
N LEU A 92 8.08 -2.77 -39.44
CA LEU A 92 8.71 -2.10 -40.56
C LEU A 92 8.38 -0.63 -40.50
N MET A 93 9.39 0.23 -40.61
CA MET A 93 9.19 1.67 -40.80
C MET A 93 9.62 2.05 -42.22
N LEU A 94 8.66 2.45 -43.05
CA LEU A 94 8.98 2.76 -44.43
C LEU A 94 9.10 4.26 -44.67
N PHE A 95 10.30 4.71 -44.99
CA PHE A 95 10.55 6.13 -45.24
C PHE A 95 10.31 6.39 -46.73
N PRO A 96 9.87 7.62 -47.08
CA PRO A 96 9.56 7.92 -48.47
C PRO A 96 10.80 8.08 -49.34
N ASP A 97 11.90 8.51 -48.74
CA ASP A 97 13.14 8.70 -49.47
C ASP A 97 13.92 7.42 -49.66
N GLY A 98 13.24 6.29 -49.60
CA GLY A 98 13.86 5.01 -49.92
C GLY A 98 14.32 4.10 -48.77
N ARG A 99 14.77 4.68 -47.67
CA ARG A 99 15.34 3.88 -46.58
C ARG A 99 14.28 3.05 -45.87
N VAL A 100 14.70 1.91 -45.33
CA VAL A 100 13.81 0.92 -44.71
C VAL A 100 14.34 0.49 -43.35
N ILE A 101 13.49 0.47 -42.33
CA ILE A 101 13.92 0.01 -41.02
C ILE A 101 13.12 -1.17 -40.46
N TYR A 102 13.85 -2.25 -40.12
CA TYR A 102 13.26 -3.44 -39.52
C TYR A 102 13.55 -3.45 -38.03
N ASN A 103 12.54 -3.64 -37.21
CA ASN A 103 12.69 -3.63 -35.77
C ASN A 103 12.00 -4.81 -35.16
N ALA A 104 12.70 -5.61 -34.38
CA ALA A 104 12.03 -6.75 -33.79
C ALA A 104 12.57 -7.12 -32.44
N ARG A 105 11.69 -7.57 -31.57
CA ARG A 105 12.11 -8.09 -30.28
C ARG A 105 12.33 -9.60 -30.36
N PHE A 106 13.35 -10.11 -29.69
CA PHE A 106 13.67 -11.51 -29.74
C PHE A 106 14.07 -12.10 -28.40
N LEU A 107 13.78 -13.40 -28.22
CA LEU A 107 14.33 -14.18 -27.11
C LEU A 107 14.87 -15.46 -27.68
N GLY A 108 16.14 -15.74 -27.43
CA GLY A 108 16.74 -16.91 -28.02
C GLY A 108 17.77 -17.52 -27.12
N SER A 109 18.03 -18.81 -27.33
CA SER A 109 19.11 -19.53 -26.66
C SER A 109 20.29 -19.54 -27.58
N PHE A 110 21.45 -19.11 -27.11
CA PHE A 110 22.58 -18.97 -28.00
C PHE A 110 23.72 -19.85 -27.58
N SER A 111 24.55 -20.24 -28.53
CA SER A 111 25.60 -21.19 -28.26
C SER A 111 26.96 -20.60 -28.36
N ASN A 112 27.86 -21.06 -27.51
CA ASN A 112 29.25 -20.67 -27.56
C ASN A 112 30.07 -21.68 -26.81
N ASP A 113 31.36 -21.73 -27.12
CA ASP A 113 32.26 -22.58 -26.38
C ASP A 113 32.34 -22.08 -24.95
N MET A 114 32.08 -22.94 -23.98
CA MET A 114 32.11 -22.49 -22.60
C MET A 114 32.92 -23.42 -21.71
N ASP A 115 33.96 -22.86 -21.11
CA ASP A 115 34.89 -23.59 -20.25
C ASP A 115 34.54 -23.30 -18.81
N PHE A 116 34.12 -24.31 -18.06
CA PHE A 116 33.69 -24.12 -16.69
C PHE A 116 34.68 -24.72 -15.71
N ARG A 117 35.92 -24.90 -16.14
CA ARG A 117 36.90 -25.62 -15.32
C ARG A 117 37.37 -24.84 -14.09
N LEU A 118 37.31 -23.51 -14.15
CA LEU A 118 37.73 -22.68 -13.03
C LEU A 118 36.57 -22.28 -12.15
N PHE A 119 35.50 -23.04 -12.21
CA PHE A 119 34.34 -22.78 -11.35
C PHE A 119 34.79 -22.73 -9.90
N PRO A 120 34.25 -21.80 -9.10
CA PRO A 120 33.28 -20.78 -9.41
C PRO A 120 33.91 -19.48 -9.83
N PHE A 121 35.11 -19.51 -10.38
CA PHE A 121 35.76 -18.25 -10.75
C PHE A 121 36.00 -18.11 -12.24
N ASP A 122 35.07 -18.59 -13.05
CA ASP A 122 35.27 -18.60 -14.49
C ASP A 122 34.80 -17.32 -15.16
N ARG A 123 35.40 -17.03 -16.31
CA ARG A 123 34.92 -15.94 -17.13
C ARG A 123 34.39 -16.50 -18.43
N GLN A 124 33.30 -15.91 -18.90
CA GLN A 124 32.64 -16.38 -20.09
C GLN A 124 32.45 -15.28 -21.11
N GLN A 125 32.22 -15.66 -22.34
CA GLN A 125 31.81 -14.71 -23.36
C GLN A 125 30.44 -15.08 -23.89
N PHE A 126 29.50 -14.16 -23.81
CA PHE A 126 28.20 -14.35 -24.43
C PHE A 126 28.29 -13.82 -25.84
N VAL A 127 28.09 -14.70 -26.81
CA VAL A 127 28.33 -14.33 -28.19
C VAL A 127 27.04 -14.36 -28.98
N LEU A 128 26.89 -13.40 -29.87
CA LEU A 128 25.86 -13.45 -30.89
C LEU A 128 26.54 -13.38 -32.23
N GLU A 129 26.19 -14.26 -33.13
CA GLU A 129 26.77 -14.20 -34.45
C GLU A 129 25.62 -14.04 -35.42
N LEU A 130 25.64 -12.96 -36.20
CA LEU A 130 24.53 -12.57 -37.06
C LEU A 130 24.94 -12.52 -38.51
N GLU A 131 24.15 -13.12 -39.39
CA GLU A 131 24.53 -13.27 -40.78
C GLU A 131 23.31 -13.45 -41.66
N PRO A 132 23.29 -12.85 -42.86
CA PRO A 132 22.09 -13.04 -43.67
C PRO A 132 21.96 -14.48 -44.15
N PHE A 133 20.72 -14.94 -44.31
CA PHE A 133 20.49 -16.35 -44.53
C PHE A 133 20.67 -16.73 -45.98
N SER A 134 20.38 -15.81 -46.88
CA SER A 134 20.34 -16.18 -48.28
C SER A 134 21.22 -15.37 -49.20
N TYR A 135 21.55 -14.14 -48.80
CA TYR A 135 22.24 -13.25 -49.72
C TYR A 135 23.71 -13.08 -49.37
N ASN A 136 24.60 -13.31 -50.34
CA ASN A 136 26.04 -13.13 -50.10
C ASN A 136 26.49 -11.67 -50.13
N ASN A 137 27.77 -11.43 -49.83
CA ASN A 137 28.26 -10.07 -49.66
C ASN A 137 28.36 -9.31 -50.96
N GLN A 138 28.15 -9.99 -52.08
CA GLN A 138 28.06 -9.28 -53.34
C GLN A 138 26.68 -8.68 -53.45
N GLN A 139 25.77 -9.18 -52.64
CA GLN A 139 24.38 -8.74 -52.67
C GLN A 139 23.97 -7.93 -51.45
N LEU A 140 24.44 -8.32 -50.28
CA LEU A 140 24.04 -7.65 -49.04
C LEU A 140 25.18 -7.64 -48.04
N ARG A 141 25.54 -6.46 -47.53
CA ARG A 141 26.63 -6.36 -46.55
C ARG A 141 26.31 -5.49 -45.35
N PHE A 142 26.91 -5.82 -44.22
CA PHE A 142 26.74 -5.06 -42.99
C PHE A 142 27.67 -3.86 -42.94
N SER A 143 27.13 -2.65 -42.87
CA SER A 143 27.98 -1.46 -42.89
C SER A 143 28.59 -1.17 -41.54
N ASP A 144 27.77 -1.20 -40.51
CA ASP A 144 28.25 -0.93 -39.16
C ASP A 144 27.34 -1.60 -38.15
N ILE A 145 27.87 -1.82 -36.96
CA ILE A 145 27.11 -2.46 -35.90
C ILE A 145 27.30 -1.80 -34.53
N GLN A 146 26.17 -1.45 -33.93
CA GLN A 146 26.11 -0.88 -32.60
C GLN A 146 25.45 -1.82 -31.61
N VAL A 147 26.06 -2.01 -30.43
CA VAL A 147 25.45 -2.83 -29.39
C VAL A 147 25.21 -2.03 -28.13
N TYR A 148 23.98 -2.00 -27.65
CA TYR A 148 23.66 -1.24 -26.46
C TYR A 148 23.28 -2.15 -25.31
N THR A 149 23.86 -1.96 -24.13
CA THR A 149 23.53 -2.79 -22.98
C THR A 149 23.16 -1.94 -21.78
N GLU A 150 22.27 -2.45 -20.93
CA GLU A 150 21.87 -1.70 -19.75
C GLU A 150 23.02 -1.64 -18.77
N ASN A 151 23.04 -0.57 -17.98
CA ASN A 151 24.02 -0.38 -16.91
C ASN A 151 23.55 -0.85 -15.55
N ILE A 152 24.06 -1.99 -15.13
CA ILE A 152 23.71 -2.59 -13.84
C ILE A 152 24.47 -1.95 -12.66
N ASP A 153 23.71 -1.49 -11.68
CA ASP A 153 24.30 -0.84 -10.49
C ASP A 153 24.22 -1.78 -9.29
N ASN A 154 23.19 -2.60 -9.26
CA ASN A 154 22.99 -3.59 -8.22
C ASN A 154 23.56 -4.95 -8.57
N GLU A 155 24.82 -5.04 -9.00
CA GLU A 155 25.29 -6.34 -9.47
C GLU A 155 25.49 -7.33 -8.34
N GLU A 156 25.42 -6.85 -7.10
CA GLU A 156 25.66 -7.75 -5.97
C GLU A 156 24.53 -8.75 -5.80
N ILE A 157 23.40 -8.49 -6.43
CA ILE A 157 22.26 -9.42 -6.42
C ILE A 157 22.04 -10.15 -7.75
N ASP A 158 23.00 -10.05 -8.65
CA ASP A 158 22.94 -10.75 -9.93
C ASP A 158 23.80 -12.00 -9.97
N GLU A 159 23.35 -13.01 -10.70
CA GLU A 159 24.14 -14.22 -10.82
C GLU A 159 25.43 -13.96 -11.56
N TRP A 160 25.37 -13.09 -12.57
CA TRP A 160 26.52 -12.79 -13.43
C TRP A 160 26.94 -11.31 -13.43
N TRP A 161 28.24 -11.06 -13.39
CA TRP A 161 28.75 -9.70 -13.50
C TRP A 161 29.28 -9.40 -14.89
N ILE A 162 28.62 -8.50 -15.62
CA ILE A 162 29.09 -8.10 -16.93
C ILE A 162 30.32 -7.23 -16.84
N ARG A 163 31.37 -7.56 -17.57
CA ARG A 163 32.65 -6.90 -17.38
C ARG A 163 33.09 -6.17 -18.64
N GLY A 164 32.53 -4.99 -18.84
CA GLY A 164 32.93 -4.13 -19.92
C GLY A 164 31.89 -4.17 -21.00
N LYS A 165 31.87 -3.13 -21.82
CA LYS A 165 30.90 -3.08 -22.91
C LYS A 165 31.20 -4.10 -24.00
N ALA A 166 30.22 -4.33 -24.85
CA ALA A 166 30.34 -5.35 -25.88
C ALA A 166 31.41 -4.97 -26.88
N SER A 167 32.19 -5.94 -27.31
CA SER A 167 33.17 -5.67 -28.33
C SER A 167 32.55 -6.10 -29.64
N THR A 168 32.90 -5.43 -30.73
CA THR A 168 32.27 -5.75 -31.99
C THR A 168 33.27 -6.00 -33.11
N HIS A 169 32.80 -6.68 -34.15
CA HIS A 169 33.65 -7.04 -35.27
C HIS A 169 32.83 -7.56 -36.44
N ILE A 170 32.71 -6.77 -37.50
CA ILE A 170 32.14 -7.26 -38.75
C ILE A 170 33.20 -7.98 -39.55
N SER A 171 32.86 -9.15 -40.07
CA SER A 171 33.86 -9.88 -40.83
C SER A 171 33.24 -10.65 -41.99
N ASP A 172 34.08 -11.40 -42.71
CA ASP A 172 33.65 -12.11 -43.90
C ASP A 172 34.08 -13.54 -43.80
N ILE A 173 33.18 -14.41 -44.22
CA ILE A 173 33.37 -15.83 -44.09
C ILE A 173 33.39 -16.58 -45.42
N ARG A 174 34.40 -17.40 -45.62
CA ARG A 174 34.46 -18.23 -46.80
C ARG A 174 33.83 -19.59 -46.49
N TYR A 175 32.75 -19.89 -47.18
CA TYR A 175 32.16 -21.22 -47.14
C TYR A 175 32.70 -22.03 -48.31
N ASP A 176 33.42 -23.10 -47.98
CA ASP A 176 34.06 -23.94 -48.99
C ASP A 176 33.10 -24.69 -49.91
N HIS A 177 32.25 -25.53 -49.34
CA HIS A 177 31.39 -26.44 -50.11
C HIS A 177 30.11 -25.80 -50.66
N LEU A 178 30.18 -25.21 -51.85
CA LEU A 178 29.00 -24.64 -52.53
C LEU A 178 28.56 -25.35 -53.82
N SER A 179 27.25 -25.45 -54.03
CA SER A 179 26.68 -26.02 -55.24
C SER A 179 26.23 -24.98 -56.27
N SER A 180 26.75 -23.75 -56.17
CA SER A 180 26.28 -22.65 -57.00
C SER A 180 27.15 -22.46 -58.24
N VAL A 181 27.79 -21.30 -58.35
CA VAL A 181 28.63 -20.98 -59.49
C VAL A 181 30.02 -20.70 -58.90
N GLN A 182 30.90 -20.04 -59.65
CA GLN A 182 32.28 -19.86 -59.19
C GLN A 182 32.69 -18.43 -58.89
N PRO A 183 32.56 -17.50 -59.86
CA PRO A 183 33.32 -16.27 -59.65
C PRO A 183 32.80 -15.36 -58.52
N ASN A 184 33.52 -15.37 -57.40
CA ASN A 184 33.29 -14.45 -56.30
C ASN A 184 31.92 -14.51 -55.60
N GLN A 185 31.21 -15.61 -55.75
CA GLN A 185 29.87 -15.74 -55.16
C GLN A 185 29.82 -16.54 -53.85
N ASN A 186 30.93 -16.62 -53.13
CA ASN A 186 30.97 -17.48 -51.95
C ASN A 186 31.32 -16.88 -50.59
N GLU A 187 31.21 -15.56 -50.45
CA GLU A 187 31.53 -14.95 -49.15
C GLU A 187 30.34 -14.21 -48.53
N PHE A 188 30.21 -14.31 -47.20
CA PHE A 188 29.11 -13.71 -46.47
C PHE A 188 29.53 -12.73 -45.39
N SER A 189 28.75 -11.67 -45.22
CA SER A 189 29.00 -10.65 -44.23
C SER A 189 28.50 -11.13 -42.88
N ARG A 190 29.35 -11.08 -41.84
CA ARG A 190 28.93 -11.54 -40.52
C ARG A 190 29.23 -10.59 -39.38
N ILE A 191 28.18 -10.25 -38.63
CA ILE A 191 28.32 -9.56 -37.35
C ILE A 191 28.61 -10.55 -36.22
N THR A 192 29.56 -10.22 -35.35
CA THR A 192 29.86 -11.02 -34.18
C THR A 192 29.89 -10.14 -32.94
N VAL A 193 28.98 -10.35 -32.01
CA VAL A 193 28.96 -9.55 -30.79
C VAL A 193 29.49 -10.36 -29.62
N ARG A 194 30.37 -9.77 -28.81
CA ARG A 194 30.90 -10.46 -27.65
C ARG A 194 30.72 -9.63 -26.37
N ILE A 195 30.27 -10.27 -25.32
CA ILE A 195 30.13 -9.65 -24.02
C ILE A 195 30.80 -10.50 -22.96
N ASP A 196 31.81 -9.97 -22.28
CA ASP A 196 32.52 -10.73 -21.26
C ASP A 196 31.76 -10.67 -19.95
N ALA A 197 31.86 -11.70 -19.14
CA ALA A 197 31.20 -11.71 -17.84
C ALA A 197 31.89 -12.68 -16.90
N VAL A 198 31.85 -12.39 -15.60
CA VAL A 198 32.41 -13.29 -14.61
C VAL A 198 31.35 -13.67 -13.60
N ARG A 199 31.51 -14.83 -12.97
CA ARG A 199 30.52 -15.32 -12.04
C ARG A 199 30.65 -14.73 -10.64
N ASN A 200 29.51 -14.40 -10.04
CA ASN A 200 29.44 -13.99 -8.66
C ASN A 200 29.72 -15.16 -7.74
N PRO A 201 30.91 -15.18 -7.15
CA PRO A 201 31.38 -16.32 -6.38
C PRO A 201 30.88 -16.31 -4.96
N SER A 202 30.02 -15.36 -4.61
CA SER A 202 29.67 -15.20 -3.21
C SER A 202 29.16 -16.47 -2.57
N TYR A 203 28.01 -16.95 -3.00
CA TYR A 203 27.38 -18.08 -2.35
C TYR A 203 28.32 -19.25 -2.25
N TYR A 204 29.16 -19.43 -3.26
CA TYR A 204 29.97 -20.62 -3.27
C TYR A 204 31.16 -20.52 -2.31
N LEU A 205 31.70 -19.33 -2.10
CA LEU A 205 32.78 -19.20 -1.14
C LEU A 205 32.29 -19.42 0.26
N TRP A 206 31.24 -18.73 0.61
CA TRP A 206 30.79 -18.78 1.99
C TRP A 206 30.05 -20.04 2.36
N SER A 207 29.26 -20.60 1.46
CA SER A 207 28.44 -21.75 1.83
C SER A 207 28.95 -23.10 1.28
N PHE A 208 29.96 -23.07 0.42
CA PHE A 208 30.55 -24.29 -0.14
C PHE A 208 32.02 -24.49 0.12
N ILE A 209 32.84 -23.54 -0.29
CA ILE A 209 34.28 -23.65 -0.08
C ILE A 209 34.68 -23.64 1.40
N LEU A 210 34.15 -22.68 2.14
CA LEU A 210 34.58 -22.52 3.52
C LEU A 210 34.22 -23.76 4.32
N PRO A 211 32.95 -24.16 4.36
CA PRO A 211 32.79 -25.35 5.19
C PRO A 211 33.54 -26.59 4.67
N LEU A 212 33.93 -26.63 3.40
CA LEU A 212 34.72 -27.75 2.92
C LEU A 212 36.07 -27.71 3.59
N GLY A 213 36.59 -26.50 3.78
CA GLY A 213 37.85 -26.31 4.44
C GLY A 213 37.77 -26.73 5.88
N LEU A 214 36.76 -26.23 6.58
CA LEU A 214 36.51 -26.62 7.95
C LEU A 214 36.38 -28.13 8.07
N ILE A 215 35.62 -28.75 7.17
CA ILE A 215 35.48 -30.20 7.18
C ILE A 215 36.77 -30.94 6.85
N ILE A 216 37.48 -30.51 5.82
CA ILE A 216 38.71 -31.17 5.47
C ILE A 216 39.74 -31.00 6.57
N ALA A 217 39.84 -29.80 7.12
CA ALA A 217 40.79 -29.53 8.19
C ALA A 217 40.51 -30.34 9.44
N ALA A 218 39.26 -30.33 9.89
CA ALA A 218 38.84 -31.05 11.07
C ALA A 218 39.10 -32.54 10.97
N SER A 219 39.26 -33.03 9.76
CA SER A 219 39.59 -34.43 9.55
C SER A 219 40.96 -34.69 10.13
N TRP A 220 41.81 -33.67 10.10
CA TRP A 220 43.18 -33.80 10.56
C TRP A 220 43.26 -33.98 12.07
N SER A 221 42.21 -33.62 12.78
CA SER A 221 42.23 -33.76 14.21
C SER A 221 42.09 -35.19 14.64
N VAL A 222 42.22 -36.12 13.71
CA VAL A 222 42.15 -37.54 14.04
C VAL A 222 43.40 -38.00 14.76
N PHE A 223 44.52 -37.37 14.42
CA PHE A 223 45.81 -37.76 14.95
C PHE A 223 45.97 -37.31 16.40
N TRP A 224 45.02 -36.56 16.91
CA TRP A 224 45.08 -36.11 18.28
C TRP A 224 44.30 -37.02 19.17
N LEU A 225 43.82 -38.11 18.61
CA LEU A 225 43.19 -39.11 19.44
C LEU A 225 44.30 -40.02 19.96
N GLU A 226 44.13 -40.54 21.16
CA GLU A 226 45.26 -41.18 21.82
C GLU A 226 45.25 -42.69 21.70
N SER A 227 44.08 -43.25 21.44
CA SER A 227 43.94 -44.68 21.26
C SER A 227 44.13 -45.02 19.79
N PHE A 228 44.38 -46.28 19.47
CA PHE A 228 44.41 -46.67 18.06
C PHE A 228 42.97 -46.91 17.61
N SER A 229 42.25 -47.61 18.48
CA SER A 229 40.83 -47.88 18.27
C SER A 229 40.07 -46.61 18.00
N GLU A 230 40.34 -45.60 18.83
CA GLU A 230 39.69 -44.31 18.67
C GLU A 230 40.07 -43.72 17.33
N ARG A 231 41.31 -43.91 16.91
CA ARG A 231 41.77 -43.28 15.68
C ARG A 231 41.24 -43.98 14.44
N LEU A 232 41.22 -45.30 14.43
CA LEU A 232 40.75 -45.97 13.22
C LEU A 232 39.24 -45.89 13.11
N GLN A 233 38.51 -46.23 14.17
CA GLN A 233 37.07 -46.26 14.09
C GLN A 233 36.54 -44.86 13.74
N THR A 234 37.23 -43.84 14.20
CA THR A 234 36.78 -42.50 13.91
C THR A 234 36.96 -42.14 12.44
N SER A 235 38.04 -42.60 11.83
CA SER A 235 38.32 -42.23 10.45
C SER A 235 37.24 -42.73 9.48
N PHE A 236 36.47 -43.73 9.90
CA PHE A 236 35.36 -44.21 9.11
C PHE A 236 34.19 -43.24 9.16
N THR A 237 34.10 -42.48 10.24
CA THR A 237 33.09 -41.45 10.39
C THR A 237 33.47 -40.25 9.54
N LEU A 238 34.76 -39.97 9.44
CA LEU A 238 35.18 -38.88 8.59
C LEU A 238 34.90 -39.20 7.16
N MET A 239 35.09 -40.46 6.78
CA MET A 239 34.78 -40.92 5.42
C MET A 239 33.32 -40.68 5.08
N LEU A 240 32.43 -41.08 5.98
CA LEU A 240 31.02 -40.90 5.76
C LEU A 240 30.72 -39.45 5.56
N THR A 241 31.43 -38.60 6.29
CA THR A 241 31.17 -37.17 6.18
C THR A 241 31.56 -36.64 4.83
N VAL A 242 32.65 -37.10 4.24
CA VAL A 242 32.99 -36.55 2.95
C VAL A 242 32.01 -37.02 1.86
N VAL A 243 31.57 -38.27 1.86
CA VAL A 243 30.61 -38.65 0.84
C VAL A 243 29.36 -37.82 0.98
N ALA A 244 28.89 -37.60 2.21
CA ALA A 244 27.69 -36.81 2.40
C ALA A 244 27.88 -35.39 1.89
N TYR A 245 29.08 -34.86 2.03
CA TYR A 245 29.37 -33.52 1.54
C TYR A 245 29.51 -33.55 0.04
N ALA A 246 30.01 -34.64 -0.49
CA ALA A 246 30.08 -34.80 -1.94
C ALA A 246 28.69 -34.80 -2.53
N PHE A 247 27.75 -35.33 -1.78
CA PHE A 247 26.38 -35.38 -2.21
C PHE A 247 25.78 -33.98 -2.19
N TYR A 248 26.03 -33.23 -1.13
CA TYR A 248 25.55 -31.87 -0.98
C TYR A 248 26.06 -31.03 -2.12
N THR A 249 27.35 -31.12 -2.43
CA THR A 249 27.86 -30.28 -3.50
C THR A 249 27.33 -30.68 -4.87
N SER A 250 27.38 -31.97 -5.21
CA SER A 250 26.96 -32.39 -6.53
C SER A 250 25.49 -32.11 -6.80
N ASN A 251 24.69 -32.03 -5.75
CA ASN A 251 23.27 -31.79 -5.93
C ASN A 251 22.95 -30.35 -6.27
N ILE A 252 23.83 -29.44 -5.88
CA ILE A 252 23.60 -28.01 -6.09
C ILE A 252 24.52 -27.41 -7.14
N LEU A 253 25.75 -27.88 -7.26
CA LEU A 253 26.66 -27.32 -8.24
C LEU A 253 26.22 -27.73 -9.66
N PRO A 254 26.69 -27.02 -10.68
CA PRO A 254 26.21 -27.32 -12.04
C PRO A 254 26.73 -28.64 -12.53
N ARG A 255 25.96 -29.38 -13.33
CA ARG A 255 26.46 -30.64 -13.82
C ARG A 255 27.42 -30.34 -14.93
N LEU A 256 28.55 -31.04 -14.94
CA LEU A 256 29.59 -30.84 -15.94
C LEU A 256 30.17 -32.21 -16.30
N PRO A 257 30.87 -32.30 -17.44
CA PRO A 257 31.53 -33.53 -17.85
C PRO A 257 32.98 -33.61 -17.39
N TYR A 258 33.45 -32.61 -16.65
CA TYR A 258 34.82 -32.61 -16.14
C TYR A 258 34.89 -32.13 -14.70
N THR A 259 36.07 -32.24 -14.11
CA THR A 259 36.25 -31.87 -12.72
C THR A 259 36.51 -30.40 -12.54
N THR A 260 35.97 -29.82 -11.47
CA THR A 260 36.28 -28.45 -11.10
C THR A 260 37.30 -28.44 -9.97
N VAL A 261 37.71 -27.25 -9.53
CA VAL A 261 38.60 -27.16 -8.40
C VAL A 261 37.88 -27.73 -7.18
N ILE A 262 36.59 -27.46 -7.01
CA ILE A 262 35.88 -28.00 -5.87
C ILE A 262 35.85 -29.52 -5.97
N ASP A 263 35.68 -30.02 -7.19
CA ASP A 263 35.66 -31.46 -7.37
C ASP A 263 37.00 -32.01 -6.97
N GLN A 264 38.07 -31.31 -7.31
CA GLN A 264 39.40 -31.79 -6.97
C GLN A 264 39.69 -31.74 -5.47
N MET A 265 39.24 -30.70 -4.79
CA MET A 265 39.38 -30.67 -3.34
C MET A 265 38.70 -31.89 -2.73
N ILE A 266 37.53 -32.22 -3.25
CA ILE A 266 36.77 -33.34 -2.71
C ILE A 266 37.57 -34.60 -2.85
N ILE A 267 38.17 -34.78 -4.03
CA ILE A 267 38.98 -35.94 -4.26
C ILE A 267 40.15 -35.87 -3.31
N ALA A 268 40.72 -34.68 -3.16
CA ALA A 268 41.81 -34.50 -2.21
C ALA A 268 41.31 -34.83 -0.82
N GLY A 269 40.07 -34.46 -0.54
CA GLY A 269 39.48 -34.76 0.74
C GLY A 269 39.42 -36.25 0.97
N TYR A 270 39.07 -37.00 -0.06
CA TYR A 270 39.07 -38.46 0.04
C TYR A 270 40.47 -38.97 0.27
N GLY A 271 41.44 -38.34 -0.36
CA GLY A 271 42.79 -38.84 -0.31
C GLY A 271 43.38 -38.66 1.06
N SER A 272 43.23 -37.46 1.61
CA SER A 272 43.76 -37.16 2.92
C SER A 272 43.20 -38.12 3.95
N ILE A 273 42.00 -38.64 3.75
CA ILE A 273 41.45 -39.56 4.73
C ILE A 273 41.90 -40.98 4.49
N PHE A 274 42.06 -41.39 3.24
CA PHE A 274 42.53 -42.74 2.98
C PHE A 274 44.00 -42.82 3.37
N ALA A 275 44.73 -41.74 3.16
CA ALA A 275 46.12 -41.70 3.59
C ALA A 275 46.17 -41.88 5.10
N ALA A 276 45.34 -41.13 5.78
CA ALA A 276 45.24 -41.16 7.22
C ALA A 276 44.92 -42.55 7.72
N ILE A 277 44.05 -43.26 7.04
CA ILE A 277 43.76 -44.62 7.46
C ILE A 277 45.00 -45.48 7.31
N LEU A 278 45.80 -45.22 6.28
CA LEU A 278 47.01 -45.99 6.07
C LEU A 278 48.14 -45.70 7.05
N LEU A 279 48.25 -44.48 7.53
CA LEU A 279 49.33 -44.17 8.45
C LEU A 279 48.93 -44.64 9.83
N ILE A 280 47.70 -44.34 10.23
CA ILE A 280 47.20 -44.77 11.53
C ILE A 280 47.36 -46.27 11.69
N ILE A 281 47.21 -46.98 10.58
CA ILE A 281 47.24 -48.43 10.64
C ILE A 281 48.67 -48.91 10.54
N PHE A 282 49.54 -48.02 10.04
CA PHE A 282 50.95 -48.33 9.85
C PHE A 282 51.69 -48.09 11.14
N ALA A 283 51.44 -46.95 11.74
CA ALA A 283 52.06 -46.60 13.00
C ALA A 283 51.74 -47.63 14.08
N HIS A 284 50.74 -48.45 13.87
CA HIS A 284 50.39 -49.43 14.88
C HIS A 284 51.17 -50.72 14.76
N HIS A 285 51.84 -50.92 13.63
CA HIS A 285 52.58 -52.17 13.42
C HIS A 285 53.97 -51.92 12.89
N ARG A 286 54.37 -50.67 12.77
CA ARG A 286 55.67 -50.35 12.20
C ARG A 286 56.79 -50.96 13.06
N GLN A 287 56.69 -50.79 14.38
CA GLN A 287 57.74 -51.17 15.31
C GLN A 287 57.52 -52.52 15.98
N ALA A 288 58.58 -53.07 16.57
CA ALA A 288 58.50 -54.35 17.26
C ALA A 288 57.71 -54.33 18.55
N ASN A 289 57.42 -55.52 19.06
CA ASN A 289 56.76 -55.68 20.35
C ASN A 289 55.39 -55.08 20.46
N GLY A 290 54.94 -54.39 19.42
CA GLY A 290 53.67 -53.71 19.48
C GLY A 290 53.72 -52.35 20.12
N VAL A 291 54.93 -51.82 20.30
CA VAL A 291 55.01 -50.49 20.85
C VAL A 291 54.44 -49.58 19.77
N GLU A 292 53.42 -48.83 20.16
CA GLU A 292 52.74 -47.91 19.27
C GLU A 292 53.58 -46.70 18.93
N ASP A 293 53.99 -46.59 17.67
CA ASP A 293 54.86 -45.51 17.21
C ASP A 293 54.15 -44.19 17.36
N ASP A 294 54.18 -43.64 18.57
CA ASP A 294 53.58 -42.34 18.84
C ASP A 294 54.39 -41.18 18.27
N LEU A 295 55.53 -41.46 17.66
CA LEU A 295 56.30 -40.43 16.97
C LEU A 295 55.75 -40.13 15.58
N LEU A 296 55.27 -41.16 14.88
CA LEU A 296 54.72 -40.98 13.53
C LEU A 296 53.44 -40.18 13.62
N ILE A 297 52.52 -40.67 14.45
CA ILE A 297 51.39 -39.87 14.89
C ILE A 297 52.07 -38.77 15.66
N GLN A 298 51.36 -37.70 15.99
CA GLN A 298 51.98 -36.55 16.66
C GLN A 298 52.81 -35.76 15.67
N ARG A 299 53.64 -36.45 14.89
CA ARG A 299 54.28 -35.77 13.77
C ARG A 299 53.22 -35.53 12.71
N CYS A 300 52.24 -36.41 12.64
CA CYS A 300 51.13 -36.25 11.69
C CYS A 300 50.20 -35.14 12.06
N ARG A 301 50.24 -34.71 13.32
CA ARG A 301 49.33 -33.66 13.77
C ARG A 301 49.57 -32.38 12.98
N LEU A 302 50.72 -32.28 12.33
CA LEU A 302 51.00 -31.15 11.46
C LEU A 302 51.61 -31.58 10.13
N ALA A 303 51.81 -32.87 9.95
CA ALA A 303 52.31 -33.40 8.68
C ALA A 303 51.25 -33.28 7.57
N PHE A 304 50.04 -33.76 7.87
CA PHE A 304 48.93 -33.65 6.94
C PHE A 304 48.48 -32.22 6.68
N PRO A 305 48.24 -31.44 7.76
CA PRO A 305 47.80 -30.06 7.47
C PRO A 305 48.78 -29.28 6.63
N LEU A 306 49.98 -29.81 6.41
CA LEU A 306 50.92 -29.17 5.50
C LEU A 306 50.99 -29.87 4.16
N GLY A 307 51.08 -31.21 4.20
CA GLY A 307 51.21 -32.01 3.00
C GLY A 307 50.04 -31.84 2.04
N PHE A 308 48.84 -32.07 2.56
CA PHE A 308 47.62 -31.83 1.82
C PHE A 308 47.55 -30.40 1.33
N LEU A 309 47.82 -29.48 2.24
CA LEU A 309 47.71 -28.06 1.97
C LEU A 309 48.78 -27.65 0.97
N ALA A 310 49.70 -28.56 0.68
CA ALA A 310 50.70 -28.34 -0.35
C ALA A 310 50.31 -29.03 -1.65
N ILE A 311 49.95 -30.31 -1.56
CA ILE A 311 49.62 -31.07 -2.76
C ILE A 311 48.24 -30.68 -3.27
N GLY A 312 47.53 -29.88 -2.50
CA GLY A 312 46.30 -29.28 -3.00
C GLY A 312 46.55 -27.84 -3.40
N CYS A 313 47.72 -27.34 -3.04
CA CYS A 313 48.13 -25.98 -3.38
C CYS A 313 48.91 -25.97 -4.67
N VAL A 314 48.95 -27.13 -5.32
CA VAL A 314 49.61 -27.22 -6.61
C VAL A 314 48.59 -27.75 -7.59
N LEU A 315 47.36 -27.25 -7.42
CA LEU A 315 46.29 -27.50 -8.35
C LEU A 315 46.22 -26.27 -9.24
N VAL A 316 47.39 -25.85 -9.70
CA VAL A 316 47.55 -24.66 -10.53
C VAL A 316 47.32 -24.98 -12.00
N ILE A 317 46.63 -26.09 -12.24
CA ILE A 317 46.33 -26.50 -13.61
C ILE A 317 45.52 -25.41 -14.28
N ARG A 318 46.16 -24.70 -15.21
CA ARG A 318 45.59 -23.56 -15.90
C ARG A 318 45.95 -23.56 -17.37
N ARG B 10 -3.05 16.44 -30.77
CA ARG B 10 -2.71 15.64 -31.93
C ARG B 10 -2.37 14.16 -31.62
N PRO B 11 -1.57 13.89 -30.57
CA PRO B 11 -1.23 12.49 -30.34
C PRO B 11 -2.48 11.78 -29.83
N VAL B 12 -2.64 10.49 -30.09
CA VAL B 12 -3.84 9.80 -29.63
C VAL B 12 -3.77 9.46 -28.15
N ASP B 13 -4.84 9.78 -27.43
CA ASP B 13 -4.90 9.45 -26.02
C ASP B 13 -5.44 8.03 -25.86
N VAL B 14 -4.68 7.16 -25.19
CA VAL B 14 -5.14 5.81 -24.87
C VAL B 14 -5.31 5.60 -23.37
N SER B 15 -6.48 5.08 -23.00
CA SER B 15 -6.80 4.77 -21.62
C SER B 15 -6.66 3.28 -21.37
N VAL B 16 -5.74 2.92 -20.47
CA VAL B 16 -5.40 1.53 -20.21
C VAL B 16 -5.90 1.04 -18.87
N SER B 17 -6.48 -0.15 -18.83
CA SER B 17 -6.83 -0.79 -17.57
C SER B 17 -6.28 -2.20 -17.54
N ILE B 18 -5.61 -2.53 -16.44
CA ILE B 18 -5.02 -3.82 -16.25
C ILE B 18 -5.65 -4.51 -15.06
N PHE B 19 -6.33 -5.63 -15.30
CA PHE B 19 -6.89 -6.47 -14.25
C PHE B 19 -5.94 -7.63 -13.96
N ILE B 20 -5.57 -7.82 -12.70
CA ILE B 20 -4.62 -8.83 -12.33
C ILE B 20 -5.24 -9.96 -11.51
N ASN B 21 -5.20 -11.15 -12.11
CA ASN B 21 -5.86 -12.35 -11.60
C ASN B 21 -5.05 -13.23 -10.70
N LYS B 22 -3.79 -13.45 -11.04
CA LYS B 22 -2.96 -14.38 -10.32
C LYS B 22 -1.54 -13.94 -10.50
N ILE B 23 -0.79 -13.84 -9.42
CA ILE B 23 0.65 -13.64 -9.53
C ILE B 23 1.35 -14.81 -8.88
N TYR B 24 2.06 -15.60 -9.66
CA TYR B 24 2.61 -16.81 -9.13
C TYR B 24 3.96 -17.12 -9.73
N GLY B 25 4.53 -18.25 -9.32
CA GLY B 25 5.69 -18.80 -9.96
C GLY B 25 6.97 -18.01 -9.99
N VAL B 26 7.38 -17.52 -8.84
CA VAL B 26 8.62 -16.77 -8.78
C VAL B 26 9.80 -17.66 -9.09
N ASN B 27 10.67 -17.21 -9.97
CA ASN B 27 11.92 -17.87 -10.29
C ASN B 27 13.07 -17.06 -9.75
N THR B 28 13.70 -17.48 -8.65
CA THR B 28 14.62 -16.57 -7.98
C THR B 28 15.87 -16.31 -8.77
N LEU B 29 16.41 -17.32 -9.41
CA LEU B 29 17.66 -17.12 -10.09
C LEU B 29 17.47 -16.26 -11.30
N GLU B 30 16.34 -16.43 -11.99
CA GLU B 30 16.04 -15.64 -13.18
C GLU B 30 15.51 -14.26 -12.88
N GLN B 31 15.05 -14.06 -11.66
CA GLN B 31 14.41 -12.83 -11.24
C GLN B 31 13.21 -12.55 -12.12
N THR B 32 12.28 -13.50 -12.20
CA THR B 32 11.03 -13.35 -12.94
C THR B 32 9.86 -13.82 -12.10
N TYR B 33 8.65 -13.59 -12.56
CA TYR B 33 7.44 -13.99 -11.87
C TYR B 33 6.39 -14.11 -12.95
N LYS B 34 5.32 -14.84 -12.69
CA LYS B 34 4.30 -15.03 -13.70
C LYS B 34 3.04 -14.28 -13.36
N VAL B 35 2.40 -13.69 -14.36
CA VAL B 35 1.25 -12.83 -14.10
C VAL B 35 0.12 -13.19 -15.00
N ASP B 36 -1.05 -13.44 -14.42
CA ASP B 36 -2.25 -13.66 -15.20
C ASP B 36 -3.23 -12.48 -15.09
N GLY B 37 -3.74 -12.03 -16.22
CA GLY B 37 -4.67 -10.94 -16.22
C GLY B 37 -5.26 -10.55 -17.56
N TYR B 38 -5.96 -9.42 -17.56
CA TYR B 38 -6.54 -8.84 -18.76
C TYR B 38 -5.95 -7.45 -18.94
N ILE B 39 -5.86 -6.99 -20.17
CA ILE B 39 -5.45 -5.64 -20.43
C ILE B 39 -6.55 -5.03 -21.28
N VAL B 40 -7.03 -3.83 -20.93
CA VAL B 40 -8.08 -3.13 -21.69
C VAL B 40 -7.49 -1.85 -22.22
N ALA B 41 -7.73 -1.52 -23.47
CA ALA B 41 -7.14 -0.30 -23.99
C ALA B 41 -8.15 0.46 -24.85
N GLN B 42 -8.38 1.74 -24.55
CA GLN B 42 -9.42 2.50 -25.24
C GLN B 42 -8.90 3.75 -25.90
N TRP B 43 -9.32 4.01 -27.12
CA TRP B 43 -8.98 5.26 -27.79
C TRP B 43 -10.07 5.68 -28.75
N THR B 44 -9.95 6.86 -29.33
CA THR B 44 -10.95 7.37 -30.26
C THR B 44 -10.42 7.63 -31.65
N GLY B 45 -11.17 7.19 -32.64
CA GLY B 45 -10.76 7.36 -34.02
C GLY B 45 -11.90 7.86 -34.89
N LYS B 46 -11.75 7.66 -36.19
CA LYS B 46 -12.73 8.08 -37.17
C LYS B 46 -14.05 7.38 -36.85
N PRO B 47 -15.12 8.14 -36.69
CA PRO B 47 -16.45 7.55 -36.47
C PRO B 47 -16.81 6.55 -37.55
N ARG B 48 -17.76 5.67 -37.29
CA ARG B 48 -17.91 4.48 -38.12
C ARG B 48 -19.36 4.07 -38.27
N LYS B 49 -19.70 3.47 -39.40
CA LYS B 49 -21.03 2.90 -39.55
C LYS B 49 -21.05 1.47 -39.02
N THR B 50 -21.86 1.23 -38.00
CA THR B 50 -21.99 -0.10 -37.43
C THR B 50 -23.40 -0.62 -37.63
N PRO B 51 -23.54 -1.95 -37.73
CA PRO B 51 -24.85 -2.56 -37.90
C PRO B 51 -25.74 -2.27 -36.70
N GLY B 52 -26.81 -1.51 -36.91
CA GLY B 52 -27.59 -0.95 -35.82
C GLY B 52 -26.80 0.18 -35.19
N ASP B 53 -27.47 1.07 -34.49
CA ASP B 53 -26.74 2.17 -33.88
C ASP B 53 -26.15 1.67 -32.56
N LYS B 54 -25.86 0.37 -32.51
CA LYS B 54 -25.27 -0.27 -31.33
C LYS B 54 -23.83 -0.73 -31.61
N PRO B 55 -23.02 -0.80 -30.55
CA PRO B 55 -21.59 -1.11 -30.68
C PRO B 55 -21.30 -2.49 -31.25
N LEU B 56 -20.20 -2.58 -31.98
CA LEU B 56 -19.85 -3.80 -32.69
C LEU B 56 -18.76 -4.58 -32.00
N ILE B 57 -18.98 -5.88 -31.86
CA ILE B 57 -18.01 -6.76 -31.20
C ILE B 57 -17.27 -7.65 -32.18
N VAL B 58 -15.95 -7.63 -32.09
CA VAL B 58 -15.07 -8.40 -32.93
C VAL B 58 -14.08 -9.23 -32.13
N GLU B 59 -14.19 -10.57 -32.22
CA GLU B 59 -13.42 -11.47 -31.36
C GLU B 59 -12.32 -12.20 -32.09
N ASN B 60 -11.20 -12.40 -31.40
CA ASN B 60 -10.15 -13.33 -31.82
C ASN B 60 -9.67 -13.17 -33.27
N THR B 61 -9.93 -14.16 -34.10
CA THR B 61 -9.36 -14.15 -35.44
C THR B 61 -9.89 -13.04 -36.33
N GLN B 62 -10.99 -12.41 -35.97
CA GLN B 62 -11.54 -11.39 -36.85
C GLN B 62 -10.83 -10.04 -36.77
N ILE B 63 -10.11 -9.80 -35.68
CA ILE B 63 -9.39 -8.57 -35.45
C ILE B 63 -8.37 -8.34 -36.54
N GLU B 64 -7.75 -9.41 -37.00
CA GLU B 64 -6.78 -9.33 -38.08
C GLU B 64 -7.41 -8.88 -39.38
N ARG B 65 -8.62 -9.34 -39.66
CA ARG B 65 -9.25 -8.97 -40.92
C ARG B 65 -9.51 -7.48 -40.94
N TRP B 66 -9.87 -6.91 -39.82
CA TRP B 66 -10.15 -5.48 -39.77
C TRP B 66 -8.86 -4.68 -39.93
N ILE B 67 -7.74 -5.25 -39.51
CA ILE B 67 -6.48 -4.56 -39.63
C ILE B 67 -6.09 -4.46 -41.09
N ASN B 68 -6.45 -5.44 -41.88
CA ASN B 68 -6.14 -5.37 -43.30
C ASN B 68 -6.92 -4.29 -44.04
N ASN B 69 -8.15 -4.01 -43.62
CA ASN B 69 -8.90 -2.94 -44.27
C ASN B 69 -8.53 -1.54 -43.77
N GLY B 70 -7.51 -1.48 -42.91
CA GLY B 70 -6.92 -0.22 -42.52
C GLY B 70 -7.31 0.29 -41.15
N LEU B 71 -7.81 -0.60 -40.30
CA LEU B 71 -8.10 -0.24 -38.93
C LEU B 71 -6.80 -0.15 -38.17
N TRP B 72 -6.68 0.89 -37.37
CA TRP B 72 -5.48 1.12 -36.61
C TRP B 72 -5.66 0.44 -35.29
N VAL B 73 -4.90 -0.62 -35.06
CA VAL B 73 -4.88 -1.27 -33.76
C VAL B 73 -3.40 -1.33 -33.40
N PRO B 74 -2.92 -0.38 -32.58
CA PRO B 74 -1.51 -0.18 -32.24
C PRO B 74 -0.97 -1.25 -31.28
N ALA B 75 0.24 -1.71 -31.53
CA ALA B 75 0.89 -2.65 -30.64
C ALA B 75 1.31 -2.04 -29.31
N LEU B 76 0.75 -2.55 -28.23
CA LEU B 76 1.22 -2.15 -26.92
C LEU B 76 2.07 -3.30 -26.35
N GLU B 77 3.34 -3.01 -26.11
CA GLU B 77 4.33 -3.97 -25.68
C GLU B 77 4.57 -3.99 -24.20
N PHE B 78 4.62 -5.18 -23.62
CA PHE B 78 5.07 -5.39 -22.26
C PHE B 78 6.58 -5.33 -22.26
N ILE B 79 7.15 -4.26 -21.79
CA ILE B 79 8.58 -4.08 -21.89
C ILE B 79 9.44 -5.02 -21.05
N ASN B 80 8.95 -5.44 -19.90
CA ASN B 80 9.77 -6.29 -19.08
C ASN B 80 9.29 -7.74 -19.09
N VAL B 81 8.53 -8.11 -20.12
CA VAL B 81 8.11 -9.47 -20.31
C VAL B 81 9.33 -10.25 -20.78
N VAL B 82 9.35 -11.56 -20.50
CA VAL B 82 10.44 -12.39 -20.96
C VAL B 82 9.94 -13.44 -21.91
N GLY B 83 9.97 -13.13 -23.19
CA GLY B 83 9.42 -14.01 -24.19
C GLY B 83 7.98 -13.67 -24.35
N SER B 84 7.44 -13.91 -25.55
CA SER B 84 6.10 -13.52 -25.91
C SER B 84 5.04 -14.09 -25.03
N PRO B 85 4.18 -13.25 -24.49
CA PRO B 85 3.14 -13.72 -23.58
C PRO B 85 2.12 -14.65 -24.21
N ASP B 86 1.46 -15.45 -23.38
CA ASP B 86 0.44 -16.34 -23.86
C ASP B 86 -0.80 -15.52 -23.93
N THR B 87 -1.23 -15.16 -25.11
CA THR B 87 -2.40 -14.32 -25.25
C THR B 87 -3.60 -15.19 -25.42
N GLY B 88 -4.59 -15.05 -24.56
CA GLY B 88 -5.82 -15.82 -24.68
C GLY B 88 -6.75 -15.18 -25.69
N ASN B 89 -7.98 -14.90 -25.29
CA ASN B 89 -8.94 -14.29 -26.20
C ASN B 89 -8.68 -12.79 -26.41
N LYS B 90 -8.85 -12.36 -27.64
CA LYS B 90 -8.72 -10.98 -28.00
C LYS B 90 -10.10 -10.52 -28.31
N ARG B 91 -10.36 -9.22 -28.12
CA ARG B 91 -11.64 -8.60 -28.46
C ARG B 91 -11.43 -7.15 -28.83
N LEU B 92 -12.09 -6.67 -29.88
CA LEU B 92 -12.20 -5.25 -30.17
C LEU B 92 -13.66 -4.89 -29.97
N MET B 93 -13.97 -3.82 -29.27
CA MET B 93 -15.34 -3.31 -29.28
C MET B 93 -15.36 -2.02 -30.05
N LEU B 94 -15.96 -2.00 -31.23
CA LEU B 94 -16.00 -0.82 -32.06
C LEU B 94 -17.33 -0.06 -31.89
N PHE B 95 -17.23 1.16 -31.38
CA PHE B 95 -18.39 2.02 -31.17
C PHE B 95 -18.61 2.85 -32.44
N PRO B 96 -19.87 3.24 -32.74
CA PRO B 96 -20.20 3.96 -33.99
C PRO B 96 -19.71 5.38 -33.98
N ASP B 97 -19.64 5.93 -32.78
CA ASP B 97 -19.15 7.26 -32.56
C ASP B 97 -17.65 7.33 -32.47
N GLY B 98 -16.94 6.39 -33.07
CA GLY B 98 -15.50 6.49 -33.18
C GLY B 98 -14.62 5.73 -32.20
N ARG B 99 -15.06 5.58 -30.96
CA ARG B 99 -14.18 4.97 -29.97
C ARG B 99 -13.98 3.47 -30.17
N VAL B 100 -12.80 3.02 -29.74
CA VAL B 100 -12.32 1.68 -29.95
C VAL B 100 -11.78 1.07 -28.67
N ILE B 101 -12.23 -0.11 -28.29
CA ILE B 101 -11.70 -0.76 -27.10
C ILE B 101 -11.08 -2.13 -27.41
N TYR B 102 -9.82 -2.32 -27.04
CA TYR B 102 -9.09 -3.58 -27.18
C TYR B 102 -9.10 -4.31 -25.86
N ASN B 103 -9.50 -5.56 -25.83
CA ASN B 103 -9.54 -6.30 -24.58
C ASN B 103 -8.86 -7.64 -24.76
N ALA B 104 -7.88 -7.95 -23.91
CA ALA B 104 -7.15 -9.19 -24.10
C ALA B 104 -6.77 -9.85 -22.80
N ARG B 105 -6.79 -11.18 -22.79
CA ARG B 105 -6.29 -11.92 -21.63
C ARG B 105 -4.84 -12.26 -21.85
N PHE B 106 -4.03 -12.21 -20.80
CA PHE B 106 -2.63 -12.53 -20.99
C PHE B 106 -2.03 -13.32 -19.83
N LEU B 107 -1.06 -14.16 -20.15
CA LEU B 107 -0.22 -14.80 -19.15
C LEU B 107 1.19 -14.60 -19.62
N GLY B 108 2.05 -14.06 -18.78
CA GLY B 108 3.37 -13.78 -19.26
C GLY B 108 4.32 -13.92 -18.13
N SER B 109 5.58 -14.10 -18.48
CA SER B 109 6.64 -14.05 -17.50
C SER B 109 7.28 -12.69 -17.57
N PHE B 110 7.33 -12.04 -16.43
CA PHE B 110 7.78 -10.67 -16.36
C PHE B 110 9.02 -10.57 -15.49
N SER B 111 9.87 -9.60 -15.81
CA SER B 111 11.17 -9.42 -15.18
C SER B 111 11.23 -8.18 -14.26
N ASN B 112 11.99 -8.28 -13.17
CA ASN B 112 12.22 -7.14 -12.28
C ASN B 112 13.43 -7.39 -11.41
N ASP B 113 14.05 -6.36 -10.88
CA ASP B 113 15.13 -6.59 -9.94
C ASP B 113 14.56 -7.16 -8.66
N MET B 114 15.10 -8.29 -8.20
CA MET B 114 14.58 -8.93 -7.01
C MET B 114 15.68 -9.32 -6.05
N ASP B 115 15.61 -8.82 -4.83
CA ASP B 115 16.65 -9.04 -3.84
C ASP B 115 16.20 -10.10 -2.85
N PHE B 116 16.91 -11.22 -2.81
CA PHE B 116 16.51 -12.32 -1.95
C PHE B 116 17.44 -12.52 -0.76
N ARG B 117 18.18 -11.47 -0.40
CA ARG B 117 19.19 -11.56 0.64
C ARG B 117 18.57 -11.69 2.00
N LEU B 118 17.35 -11.20 2.16
CA LEU B 118 16.68 -11.29 3.43
C LEU B 118 15.71 -12.43 3.56
N PHE B 119 15.84 -13.41 2.68
CA PHE B 119 15.03 -14.62 2.72
C PHE B 119 15.14 -15.28 4.07
N PRO B 120 14.05 -15.82 4.60
CA PRO B 120 12.69 -15.87 4.09
C PRO B 120 11.85 -14.70 4.53
N PHE B 121 12.47 -13.57 4.85
CA PHE B 121 11.72 -12.41 5.31
C PHE B 121 11.80 -11.25 4.34
N ASP B 122 11.91 -11.52 3.05
CA ASP B 122 12.11 -10.47 2.09
C ASP B 122 10.80 -9.92 1.63
N ARG B 123 10.83 -8.69 1.12
CA ARG B 123 9.67 -8.07 0.52
C ARG B 123 10.06 -7.83 -0.91
N GLN B 124 9.13 -8.06 -1.83
CA GLN B 124 9.39 -7.89 -3.26
C GLN B 124 8.35 -7.02 -3.90
N GLN B 125 8.65 -6.38 -5.03
CA GLN B 125 7.57 -5.76 -5.77
C GLN B 125 7.50 -6.24 -7.21
N PHE B 126 6.30 -6.68 -7.58
CA PHE B 126 5.97 -7.18 -8.91
C PHE B 126 5.58 -6.08 -9.87
N VAL B 127 6.28 -5.99 -10.99
CA VAL B 127 6.12 -4.88 -11.93
C VAL B 127 5.63 -5.27 -13.32
N LEU B 128 4.73 -4.47 -13.91
CA LEU B 128 4.39 -4.58 -15.32
C LEU B 128 4.71 -3.26 -15.96
N GLU B 129 5.41 -3.29 -17.08
CA GLU B 129 5.77 -2.06 -17.78
C GLU B 129 5.20 -2.09 -19.18
N LEU B 130 4.37 -1.12 -19.55
CA LEU B 130 3.63 -1.13 -20.81
C LEU B 130 4.06 0.10 -21.60
N GLU B 131 4.28 -0.04 -22.90
CA GLU B 131 4.81 1.04 -23.69
C GLU B 131 4.45 0.73 -25.11
N PRO B 132 4.09 1.70 -25.95
CA PRO B 132 3.82 1.29 -27.32
C PRO B 132 5.07 0.85 -28.05
N PHE B 133 4.91 -0.03 -29.02
CA PHE B 133 6.05 -0.65 -29.63
C PHE B 133 6.61 0.23 -30.72
N SER B 134 5.74 1.00 -31.36
CA SER B 134 6.13 1.75 -32.55
C SER B 134 5.86 3.26 -32.50
N TYR B 135 4.91 3.68 -31.69
CA TYR B 135 4.49 5.07 -31.71
C TYR B 135 4.95 5.90 -30.52
N ASN B 136 5.64 7.00 -30.79
CA ASN B 136 6.08 7.89 -29.74
C ASN B 136 4.94 8.77 -29.26
N ASN B 137 5.23 9.58 -28.26
CA ASN B 137 4.24 10.41 -27.57
C ASN B 137 3.78 11.57 -28.42
N GLN B 138 4.41 11.79 -29.54
CA GLN B 138 3.88 12.75 -30.46
C GLN B 138 2.73 12.08 -31.19
N GLN B 139 2.72 10.74 -31.18
CA GLN B 139 1.73 9.95 -31.91
C GLN B 139 0.71 9.23 -31.01
N LEU B 140 1.17 8.69 -29.89
CA LEU B 140 0.30 7.97 -28.98
C LEU B 140 0.82 8.18 -27.56
N ARG B 141 -0.06 8.55 -26.66
CA ARG B 141 0.33 8.78 -25.29
C ARG B 141 -0.69 8.16 -24.36
N PHE B 142 -0.26 7.72 -23.19
CA PHE B 142 -1.20 7.14 -22.24
C PHE B 142 -1.88 8.20 -21.40
N SER B 143 -3.20 8.28 -21.49
CA SER B 143 -3.89 9.31 -20.75
C SER B 143 -3.93 8.89 -19.32
N ASP B 144 -4.32 7.66 -19.07
CA ASP B 144 -4.38 7.15 -17.72
C ASP B 144 -4.27 5.62 -17.60
N ILE B 145 -3.90 5.16 -16.42
CA ILE B 145 -3.77 3.75 -16.16
C ILE B 145 -4.43 3.37 -14.85
N GLN B 146 -5.39 2.46 -14.93
CA GLN B 146 -6.06 1.93 -13.77
C GLN B 146 -5.70 0.44 -13.58
N VAL B 147 -5.35 0.04 -12.35
CA VAL B 147 -5.05 -1.35 -12.02
C VAL B 147 -5.89 -1.93 -10.89
N TYR B 148 -6.59 -3.02 -11.16
CA TYR B 148 -7.50 -3.64 -10.21
C TYR B 148 -6.97 -4.97 -9.71
N THR B 149 -7.01 -5.19 -8.41
CA THR B 149 -6.55 -6.46 -7.86
C THR B 149 -7.61 -7.01 -6.91
N GLU B 150 -7.62 -8.33 -6.79
CA GLU B 150 -8.57 -9.03 -5.96
C GLU B 150 -8.29 -8.72 -4.53
N ASN B 151 -9.31 -8.79 -3.68
CA ASN B 151 -9.08 -8.61 -2.27
C ASN B 151 -8.85 -9.96 -1.61
N ILE B 152 -7.59 -10.30 -1.36
CA ILE B 152 -7.28 -11.59 -0.78
C ILE B 152 -7.48 -11.60 0.73
N ASP B 153 -8.29 -12.54 1.18
CA ASP B 153 -8.59 -12.71 2.60
C ASP B 153 -7.88 -13.95 3.16
N ASN B 154 -7.70 -14.94 2.29
CA ASN B 154 -7.03 -16.17 2.65
C ASN B 154 -5.53 -16.16 2.39
N GLU B 155 -4.82 -15.11 2.80
CA GLU B 155 -3.42 -15.05 2.42
C GLU B 155 -2.54 -16.01 3.20
N GLU B 156 -3.06 -16.62 4.26
CA GLU B 156 -2.25 -17.55 5.05
C GLU B 156 -2.02 -18.87 4.34
N ILE B 157 -2.78 -19.16 3.30
CA ILE B 157 -2.57 -20.36 2.50
C ILE B 157 -1.91 -20.04 1.18
N ASP B 158 -1.52 -18.78 1.02
CA ASP B 158 -0.81 -18.34 -0.18
C ASP B 158 0.66 -18.17 0.15
N GLU B 159 1.51 -18.41 -0.83
CA GLU B 159 2.93 -18.26 -0.63
C GLU B 159 3.30 -16.80 -0.36
N TRP B 160 2.64 -15.88 -1.05
CA TRP B 160 2.94 -14.45 -0.95
C TRP B 160 1.80 -13.63 -0.40
N TRP B 161 2.12 -12.70 0.48
CA TRP B 161 1.13 -11.77 0.98
C TRP B 161 1.22 -10.44 0.25
N ILE B 162 0.21 -10.13 -0.53
CA ILE B 162 0.17 -8.84 -1.22
C ILE B 162 -0.12 -7.76 -0.21
N ARG B 163 0.70 -6.72 -0.21
CA ARG B 163 0.63 -5.73 0.85
C ARG B 163 0.24 -4.37 0.30
N GLY B 164 -1.04 -4.15 0.09
CA GLY B 164 -1.50 -2.86 -0.37
C GLY B 164 -1.88 -2.90 -1.83
N LYS B 165 -2.69 -1.94 -2.28
CA LYS B 165 -3.13 -1.85 -3.66
C LYS B 165 -2.02 -1.45 -4.60
N ALA B 166 -2.22 -1.70 -5.90
CA ALA B 166 -1.21 -1.43 -6.90
C ALA B 166 -0.99 0.07 -7.11
N SER B 167 0.26 0.51 -7.26
CA SER B 167 0.51 1.90 -7.61
C SER B 167 0.83 2.02 -9.09
N THR B 168 0.47 3.12 -9.73
CA THR B 168 0.61 3.25 -11.18
C THR B 168 1.45 4.45 -11.56
N HIS B 169 1.96 4.52 -12.78
CA HIS B 169 2.87 5.61 -13.17
C HIS B 169 3.03 5.82 -14.67
N ILE B 170 2.42 6.86 -15.23
CA ILE B 170 2.71 7.24 -16.59
C ILE B 170 3.91 8.19 -16.66
N SER B 171 4.83 7.97 -17.59
CA SER B 171 5.98 8.85 -17.74
C SER B 171 6.44 8.72 -19.17
N ASP B 172 7.63 9.22 -19.47
CA ASP B 172 8.17 9.23 -20.82
C ASP B 172 9.57 8.72 -20.87
N ILE B 173 9.91 7.99 -21.92
CA ILE B 173 11.25 7.44 -22.02
C ILE B 173 11.94 8.04 -23.24
N ARG B 174 13.15 8.56 -23.04
CA ARG B 174 13.93 9.02 -24.17
C ARG B 174 14.82 7.91 -24.64
N TYR B 175 14.64 7.48 -25.87
CA TYR B 175 15.61 6.57 -26.43
C TYR B 175 16.58 7.44 -27.21
N ASP B 176 17.80 7.54 -26.71
CA ASP B 176 18.79 8.40 -27.34
C ASP B 176 19.16 7.88 -28.71
N HIS B 177 19.69 6.66 -28.75
CA HIS B 177 20.16 6.13 -30.00
C HIS B 177 19.01 5.57 -30.83
N LEU B 178 18.39 6.45 -31.60
CA LEU B 178 17.38 6.06 -32.57
C LEU B 178 17.93 6.31 -33.96
N SER B 179 17.58 5.44 -34.90
CA SER B 179 18.04 5.57 -36.28
C SER B 179 17.01 6.35 -37.10
N SER B 180 16.19 7.13 -36.41
CA SER B 180 15.08 7.82 -37.05
C SER B 180 15.43 9.23 -37.50
N VAL B 181 14.70 10.20 -36.97
CA VAL B 181 14.90 11.60 -37.34
C VAL B 181 15.25 12.34 -36.05
N GLN B 182 15.07 13.65 -36.03
CA GLN B 182 15.54 14.44 -34.89
C GLN B 182 14.43 14.91 -33.93
N PRO B 183 13.52 15.79 -34.42
CA PRO B 183 12.76 16.55 -33.43
C PRO B 183 11.70 15.78 -32.64
N ASN B 184 12.02 15.46 -31.39
CA ASN B 184 11.04 14.89 -30.46
C ASN B 184 10.42 13.56 -30.86
N GLN B 185 11.05 12.83 -31.77
CA GLN B 185 10.43 11.60 -32.23
C GLN B 185 11.07 10.40 -31.53
N ASN B 186 11.68 10.66 -30.38
CA ASN B 186 12.38 9.64 -29.63
C ASN B 186 11.89 9.50 -28.20
N GLU B 187 10.67 9.93 -27.94
CA GLU B 187 10.15 9.81 -26.60
C GLU B 187 8.91 8.95 -26.60
N PHE B 188 8.80 7.99 -25.69
CA PHE B 188 7.64 7.12 -25.70
C PHE B 188 6.97 7.12 -24.38
N SER B 189 5.65 7.11 -24.34
CA SER B 189 4.97 7.11 -23.06
C SER B 189 4.81 5.72 -22.45
N ARG B 190 5.24 5.56 -21.20
CA ARG B 190 5.26 4.25 -20.54
C ARG B 190 4.48 4.18 -19.24
N ILE B 191 3.52 3.26 -19.20
CA ILE B 191 2.86 2.87 -17.97
C ILE B 191 3.77 1.92 -17.23
N THR B 192 3.82 2.06 -15.91
CA THR B 192 4.56 1.18 -15.01
C THR B 192 3.66 0.79 -13.85
N VAL B 193 3.33 -0.49 -13.70
CA VAL B 193 2.48 -0.91 -12.57
C VAL B 193 3.36 -1.49 -11.48
N ARG B 194 3.07 -1.17 -10.22
CA ARG B 194 3.85 -1.74 -9.11
C ARG B 194 2.96 -2.38 -8.08
N ILE B 195 3.29 -3.61 -7.68
CA ILE B 195 2.57 -4.33 -6.66
C ILE B 195 3.53 -4.81 -5.61
N ASP B 196 3.35 -4.40 -4.37
CA ASP B 196 4.28 -4.82 -3.32
C ASP B 196 3.87 -6.16 -2.73
N ALA B 197 4.84 -6.95 -2.28
CA ALA B 197 4.52 -8.21 -1.63
C ALA B 197 5.62 -8.65 -0.66
N VAL B 198 5.18 -9.34 0.37
CA VAL B 198 6.06 -9.91 1.36
C VAL B 198 5.88 -11.43 1.40
N ARG B 199 6.92 -12.15 1.78
CA ARG B 199 6.86 -13.59 1.79
C ARG B 199 6.23 -14.14 3.05
N ASN B 200 5.40 -15.17 2.87
CA ASN B 200 4.86 -15.96 3.97
C ASN B 200 5.99 -16.77 4.54
N PRO B 201 6.51 -16.38 5.70
CA PRO B 201 7.72 -16.96 6.27
C PRO B 201 7.45 -18.21 7.07
N SER B 202 6.19 -18.61 7.13
CA SER B 202 5.77 -19.65 8.05
C SER B 202 6.60 -20.90 7.88
N TYR B 203 6.53 -21.54 6.72
CA TYR B 203 7.17 -22.83 6.54
C TYR B 203 8.63 -22.78 6.92
N TYR B 204 9.30 -21.70 6.56
CA TYR B 204 10.74 -21.61 6.76
C TYR B 204 11.04 -21.33 8.22
N LEU B 205 10.10 -20.74 8.95
CA LEU B 205 10.37 -20.53 10.36
C LEU B 205 10.37 -21.80 11.15
N TRP B 206 9.29 -22.55 11.05
CA TRP B 206 9.10 -23.74 11.85
C TRP B 206 9.89 -24.96 11.37
N SER B 207 10.08 -25.10 10.07
CA SER B 207 10.72 -26.30 9.57
C SER B 207 12.15 -26.11 9.21
N PHE B 208 12.63 -24.87 9.18
CA PHE B 208 14.04 -24.64 8.83
C PHE B 208 14.84 -23.87 9.88
N ILE B 209 14.36 -22.69 10.26
CA ILE B 209 15.08 -21.91 11.27
C ILE B 209 15.04 -22.56 12.65
N LEU B 210 13.87 -22.98 13.11
CA LEU B 210 13.78 -23.51 14.46
C LEU B 210 14.63 -24.77 14.66
N PRO B 211 14.44 -25.81 13.86
CA PRO B 211 15.32 -26.93 14.19
C PRO B 211 16.81 -26.66 13.98
N LEU B 212 17.21 -25.76 13.11
CA LEU B 212 18.64 -25.54 12.95
C LEU B 212 19.18 -24.95 14.22
N GLY B 213 18.37 -24.10 14.86
CA GLY B 213 18.78 -23.51 16.11
C GLY B 213 18.93 -24.57 17.17
N LEU B 214 17.90 -25.39 17.30
CA LEU B 214 17.91 -26.50 18.24
C LEU B 214 19.15 -27.36 18.03
N ILE B 215 19.46 -27.67 16.77
CA ILE B 215 20.65 -28.46 16.48
C ILE B 215 21.86 -27.71 16.93
N ILE B 216 21.94 -26.44 16.58
CA ILE B 216 23.09 -25.66 17.00
C ILE B 216 23.16 -25.58 18.52
N ALA B 217 22.01 -25.45 19.18
CA ALA B 217 21.98 -25.43 20.63
C ALA B 217 22.53 -26.72 21.21
N ALA B 218 21.98 -27.84 20.77
CA ALA B 218 22.41 -29.12 21.28
C ALA B 218 23.87 -29.38 20.99
N SER B 219 24.41 -28.70 20.00
CA SER B 219 25.80 -28.88 19.64
C SER B 219 26.70 -28.43 20.75
N TRP B 220 26.21 -27.47 21.53
CA TRP B 220 26.97 -26.92 22.63
C TRP B 220 27.07 -27.90 23.78
N SER B 221 26.15 -28.84 23.84
CA SER B 221 26.11 -29.78 24.94
C SER B 221 27.25 -30.80 24.87
N VAL B 222 28.23 -30.54 24.03
CA VAL B 222 29.39 -31.40 23.96
C VAL B 222 30.20 -31.27 25.21
N PHE B 223 30.16 -30.09 25.81
CA PHE B 223 31.02 -29.76 26.92
C PHE B 223 30.58 -30.41 28.22
N TRP B 224 29.43 -31.06 28.24
CA TRP B 224 28.99 -31.73 29.44
C TRP B 224 29.34 -33.20 29.43
N LEU B 225 30.13 -33.63 28.45
CA LEU B 225 30.64 -34.98 28.47
C LEU B 225 31.94 -34.94 29.24
N GLU B 226 32.26 -35.98 30.01
CA GLU B 226 33.36 -35.82 30.95
C GLU B 226 34.70 -36.24 30.45
N SER B 227 34.77 -37.17 29.51
CA SER B 227 36.09 -37.50 29.02
C SER B 227 36.39 -36.65 27.82
N PHE B 228 37.65 -36.62 27.43
CA PHE B 228 38.07 -35.96 26.22
C PHE B 228 37.73 -36.82 25.03
N SER B 229 37.95 -38.12 25.18
CA SER B 229 37.58 -39.04 24.12
C SER B 229 36.13 -38.83 23.73
N GLU B 230 35.24 -38.81 24.71
CA GLU B 230 33.83 -38.65 24.45
C GLU B 230 33.56 -37.31 23.76
N ARG B 231 34.31 -36.29 24.13
CA ARG B 231 34.05 -34.96 23.60
C ARG B 231 34.50 -34.84 22.16
N LEU B 232 35.65 -35.40 21.82
CA LEU B 232 36.17 -35.26 20.47
C LEU B 232 35.39 -36.11 19.49
N GLN B 233 35.16 -37.36 19.85
CA GLN B 233 34.47 -38.23 18.93
C GLN B 233 33.05 -37.77 18.67
N THR B 234 32.39 -37.25 19.68
CA THR B 234 31.02 -36.80 19.53
C THR B 234 30.98 -35.58 18.61
N SER B 235 32.08 -34.86 18.53
CA SER B 235 32.14 -33.69 17.67
C SER B 235 32.02 -33.99 16.17
N PHE B 236 32.40 -35.19 15.76
CA PHE B 236 32.29 -35.63 14.36
C PHE B 236 30.88 -35.96 13.93
N THR B 237 30.06 -36.37 14.88
CA THR B 237 28.68 -36.67 14.61
C THR B 237 27.94 -35.36 14.43
N LEU B 238 28.30 -34.37 15.22
CA LEU B 238 27.65 -33.09 15.12
C LEU B 238 27.99 -32.46 13.80
N MET B 239 29.25 -32.56 13.40
CA MET B 239 29.70 -32.03 12.14
C MET B 239 28.90 -32.61 10.99
N LEU B 240 28.72 -33.93 11.03
CA LEU B 240 27.95 -34.62 10.02
C LEU B 240 26.53 -34.11 9.99
N THR B 241 25.96 -33.82 11.15
CA THR B 241 24.58 -33.36 11.20
C THR B 241 24.43 -31.99 10.52
N VAL B 242 25.43 -31.14 10.64
CA VAL B 242 25.33 -29.87 9.97
C VAL B 242 25.45 -30.10 8.47
N VAL B 243 26.32 -30.99 8.04
CA VAL B 243 26.39 -31.30 6.60
C VAL B 243 25.07 -31.87 6.12
N ALA B 244 24.45 -32.72 6.92
CA ALA B 244 23.16 -33.24 6.55
C ALA B 244 22.15 -32.13 6.46
N TYR B 245 22.28 -31.14 7.34
CA TYR B 245 21.32 -30.05 7.37
C TYR B 245 21.55 -29.09 6.22
N ALA B 246 22.80 -28.88 5.83
CA ALA B 246 23.09 -28.03 4.69
C ALA B 246 22.45 -28.59 3.45
N PHE B 247 22.46 -29.90 3.34
CA PHE B 247 21.90 -30.61 2.21
C PHE B 247 20.39 -30.48 2.20
N TYR B 248 19.77 -30.69 3.35
CA TYR B 248 18.34 -30.62 3.44
C TYR B 248 17.82 -29.26 3.03
N THR B 249 18.42 -28.19 3.53
CA THR B 249 17.90 -26.88 3.20
C THR B 249 18.15 -26.60 1.76
N SER B 250 19.38 -26.76 1.30
CA SER B 250 19.73 -26.36 -0.06
C SER B 250 18.97 -27.16 -1.12
N ASN B 251 18.42 -28.30 -0.74
CA ASN B 251 17.65 -29.06 -1.71
C ASN B 251 16.26 -28.47 -1.83
N ILE B 252 15.77 -27.81 -0.80
CA ILE B 252 14.40 -27.31 -0.78
C ILE B 252 14.32 -25.81 -0.97
N LEU B 253 15.26 -25.06 -0.41
CA LEU B 253 15.23 -23.60 -0.50
C LEU B 253 15.60 -23.13 -1.89
N PRO B 254 15.17 -21.93 -2.28
CA PRO B 254 15.41 -21.46 -3.65
C PRO B 254 16.85 -21.17 -3.88
N ARG B 255 17.33 -21.41 -5.09
CA ARG B 255 18.72 -21.16 -5.34
C ARG B 255 18.93 -19.67 -5.54
N LEU B 256 20.00 -19.15 -4.97
CA LEU B 256 20.33 -17.73 -5.08
C LEU B 256 21.82 -17.66 -5.33
N PRO B 257 22.31 -16.54 -5.83
CA PRO B 257 23.75 -16.42 -6.02
C PRO B 257 24.47 -15.87 -4.79
N TYR B 258 23.73 -15.64 -3.71
CA TYR B 258 24.31 -15.12 -2.49
C TYR B 258 23.75 -15.84 -1.26
N THR B 259 24.33 -15.61 -0.10
CA THR B 259 23.89 -16.31 1.09
C THR B 259 22.70 -15.67 1.75
N THR B 260 21.82 -16.46 2.32
CA THR B 260 20.73 -15.95 3.11
C THR B 260 20.96 -16.07 4.60
N VAL B 261 19.96 -15.70 5.39
CA VAL B 261 20.02 -15.88 6.82
C VAL B 261 20.22 -17.34 7.17
N ILE B 262 19.43 -18.21 6.55
CA ILE B 262 19.53 -19.63 6.83
C ILE B 262 20.89 -20.12 6.37
N ASP B 263 21.36 -19.62 5.24
CA ASP B 263 22.66 -20.01 4.77
C ASP B 263 23.68 -19.57 5.81
N GLN B 264 23.45 -18.42 6.43
CA GLN B 264 24.38 -17.89 7.43
C GLN B 264 24.33 -18.68 8.74
N MET B 265 23.13 -19.06 9.16
CA MET B 265 22.99 -19.86 10.35
C MET B 265 23.77 -21.13 10.17
N ILE B 266 23.68 -21.71 8.97
CA ILE B 266 24.41 -22.92 8.69
C ILE B 266 25.89 -22.68 8.76
N ILE B 267 26.39 -21.60 8.16
CA ILE B 267 27.81 -21.33 8.27
C ILE B 267 28.18 -21.08 9.73
N ALA B 268 27.31 -20.40 10.47
CA ALA B 268 27.54 -20.19 11.88
C ALA B 268 27.60 -21.52 12.61
N GLY B 269 26.72 -22.43 12.24
CA GLY B 269 26.70 -23.74 12.85
C GLY B 269 27.98 -24.52 12.65
N TYR B 270 28.56 -24.45 11.45
CA TYR B 270 29.82 -25.11 11.20
C TYR B 270 30.88 -24.54 12.09
N GLY B 271 30.82 -23.24 12.34
CA GLY B 271 31.86 -22.57 13.11
C GLY B 271 31.81 -22.98 14.57
N SER B 272 30.62 -22.93 15.17
CA SER B 272 30.47 -23.31 16.55
C SER B 272 30.90 -24.75 16.77
N ILE B 273 30.83 -25.59 15.74
CA ILE B 273 31.23 -26.98 15.89
C ILE B 273 32.72 -27.13 15.74
N PHE B 274 33.28 -26.38 14.81
CA PHE B 274 34.72 -26.39 14.57
C PHE B 274 35.40 -25.70 15.71
N ALA B 275 34.76 -24.67 16.24
CA ALA B 275 35.33 -23.94 17.38
C ALA B 275 35.45 -24.84 18.58
N ALA B 276 34.37 -25.53 18.91
CA ALA B 276 34.36 -26.45 20.03
C ALA B 276 35.42 -27.52 19.82
N ILE B 277 35.59 -27.97 18.59
CA ILE B 277 36.63 -28.94 18.31
C ILE B 277 38.02 -28.37 18.60
N LEU B 278 38.23 -27.10 18.31
CA LEU B 278 39.55 -26.57 18.54
C LEU B 278 39.84 -26.45 20.04
N LEU B 279 38.82 -26.19 20.84
CA LEU B 279 39.03 -26.01 22.27
C LEU B 279 39.16 -27.35 22.93
N ILE B 280 38.25 -28.26 22.60
CA ILE B 280 38.24 -29.58 23.19
C ILE B 280 39.59 -30.23 23.03
N ILE B 281 40.26 -29.92 21.94
CA ILE B 281 41.52 -30.54 21.64
C ILE B 281 42.63 -29.82 22.37
N PHE B 282 42.35 -28.59 22.80
CA PHE B 282 43.34 -27.77 23.50
C PHE B 282 43.35 -28.05 25.00
N ALA B 283 42.15 -28.13 25.57
CA ALA B 283 41.98 -28.40 26.99
C ALA B 283 42.60 -29.73 27.39
N HIS B 284 42.89 -30.57 26.41
CA HIS B 284 43.50 -31.85 26.69
C HIS B 284 45.01 -31.67 26.77
N HIS B 285 45.48 -30.53 26.29
CA HIS B 285 46.92 -30.33 26.20
C HIS B 285 47.40 -28.95 26.67
N ARG B 286 46.50 -28.14 27.23
CA ARG B 286 46.91 -26.77 27.61
C ARG B 286 48.03 -26.69 28.62
N GLN B 287 47.81 -27.32 29.77
CA GLN B 287 48.76 -27.20 30.86
C GLN B 287 49.63 -28.43 30.91
N ALA B 288 50.70 -28.32 31.69
CA ALA B 288 51.56 -29.46 31.98
C ALA B 288 50.75 -30.49 32.73
N ASN B 289 51.40 -31.61 33.07
CA ASN B 289 50.79 -32.74 33.75
C ASN B 289 49.91 -33.55 32.79
N GLY B 290 49.67 -33.01 31.60
CA GLY B 290 48.83 -33.69 30.62
C GLY B 290 47.39 -33.64 31.06
N VAL B 291 47.12 -32.80 32.05
CA VAL B 291 45.79 -32.70 32.64
C VAL B 291 44.74 -32.14 31.69
N GLU B 292 43.61 -32.83 31.61
CA GLU B 292 42.49 -32.33 30.84
C GLU B 292 42.12 -31.08 31.62
N ASP B 293 42.40 -29.92 31.04
CA ASP B 293 42.20 -28.66 31.74
C ASP B 293 40.71 -28.47 32.02
N ASP B 294 40.22 -29.16 33.05
CA ASP B 294 38.82 -29.10 33.43
C ASP B 294 38.46 -27.72 33.98
N LEU B 295 39.44 -26.82 33.98
CA LEU B 295 39.20 -25.44 34.33
C LEU B 295 38.53 -24.80 33.12
N LEU B 296 39.06 -25.10 31.94
CA LEU B 296 38.57 -24.51 30.70
C LEU B 296 37.20 -25.00 30.26
N ILE B 297 37.07 -26.31 30.11
CA ILE B 297 35.78 -26.95 29.92
C ILE B 297 35.00 -26.76 31.21
N GLN B 298 33.69 -26.99 31.15
CA GLN B 298 32.75 -26.76 32.25
C GLN B 298 32.50 -25.26 32.36
N ARG B 299 33.55 -24.46 32.27
CA ARG B 299 33.39 -23.02 32.10
C ARG B 299 32.87 -22.72 30.70
N CYS B 300 33.21 -23.59 29.75
CA CYS B 300 32.70 -23.46 28.38
C CYS B 300 31.23 -23.84 28.27
N ARG B 301 30.71 -24.55 29.26
CA ARG B 301 29.32 -24.98 29.22
C ARG B 301 28.37 -23.79 29.15
N LEU B 302 28.85 -22.59 29.45
CA LEU B 302 28.03 -21.40 29.28
C LEU B 302 28.79 -20.27 28.60
N ALA B 303 30.07 -20.48 28.32
CA ALA B 303 30.84 -19.49 27.57
C ALA B 303 30.45 -19.48 26.10
N PHE B 304 30.39 -20.66 25.49
CA PHE B 304 30.00 -20.78 24.09
C PHE B 304 28.56 -20.40 23.82
N PRO B 305 27.60 -20.97 24.60
CA PRO B 305 26.23 -20.53 24.32
C PRO B 305 26.06 -19.02 24.47
N LEU B 306 27.07 -18.33 24.98
CA LEU B 306 27.09 -16.88 25.02
C LEU B 306 28.03 -16.34 23.95
N GLY B 307 29.20 -16.95 23.83
CA GLY B 307 30.20 -16.49 22.87
C GLY B 307 29.66 -16.49 21.46
N PHE B 308 29.15 -17.65 21.04
CA PHE B 308 28.47 -17.74 19.76
C PHE B 308 27.30 -16.79 19.67
N LEU B 309 26.44 -16.86 20.67
CA LEU B 309 25.20 -16.13 20.65
C LEU B 309 25.41 -14.63 20.76
N ALA B 310 26.63 -14.21 21.06
CA ALA B 310 26.96 -12.79 21.08
C ALA B 310 27.61 -12.39 19.78
N ILE B 311 28.61 -13.15 19.35
CA ILE B 311 29.32 -12.86 18.12
C ILE B 311 28.39 -13.23 16.97
N GLY B 312 27.25 -13.80 17.32
CA GLY B 312 26.19 -14.09 16.38
C GLY B 312 25.15 -12.99 16.41
N CYS B 313 25.32 -12.05 17.33
CA CYS B 313 24.41 -10.89 17.42
C CYS B 313 24.89 -9.75 16.54
N VAL B 314 25.88 -10.02 15.70
CA VAL B 314 26.35 -9.00 14.77
C VAL B 314 26.28 -9.47 13.32
N LEU B 315 25.21 -10.18 12.96
CA LEU B 315 24.93 -10.50 11.57
C LEU B 315 23.92 -9.49 11.06
N VAL B 316 24.23 -8.22 11.30
CA VAL B 316 23.36 -7.10 10.96
C VAL B 316 23.52 -6.69 9.49
N ILE B 317 24.03 -7.60 8.66
CA ILE B 317 24.19 -7.33 7.24
C ILE B 317 22.83 -7.09 6.59
N ARG B 318 22.53 -5.82 6.32
CA ARG B 318 21.23 -5.43 5.75
C ARG B 318 21.40 -4.31 4.72
N ARG C 10 -34.93 -11.48 -25.65
CA ARG C 10 -33.81 -10.84 -26.34
C ARG C 10 -32.49 -11.58 -26.22
N PRO C 11 -32.09 -12.02 -25.01
CA PRO C 11 -30.78 -12.66 -24.96
C PRO C 11 -30.82 -14.07 -25.52
N VAL C 12 -29.73 -14.52 -26.15
CA VAL C 12 -29.65 -15.87 -26.73
C VAL C 12 -29.43 -16.93 -25.70
N ASP C 13 -30.22 -17.99 -25.73
CA ASP C 13 -30.05 -19.07 -24.77
C ASP C 13 -28.98 -20.05 -25.25
N VAL C 14 -27.97 -20.29 -24.40
CA VAL C 14 -26.94 -21.30 -24.67
C VAL C 14 -26.96 -22.41 -23.67
N SER C 15 -26.99 -23.64 -24.16
CA SER C 15 -26.99 -24.83 -23.31
C SER C 15 -25.62 -25.49 -23.32
N VAL C 16 -25.02 -25.63 -22.15
CA VAL C 16 -23.70 -26.20 -22.01
C VAL C 16 -23.62 -27.59 -21.36
N SER C 17 -22.79 -28.44 -21.94
CA SER C 17 -22.41 -29.72 -21.34
C SER C 17 -20.90 -29.86 -21.27
N ILE C 18 -20.41 -30.24 -20.11
CA ILE C 18 -19.00 -30.50 -19.93
C ILE C 18 -18.73 -31.95 -19.57
N PHE C 19 -17.99 -32.66 -20.42
CA PHE C 19 -17.58 -34.02 -20.10
C PHE C 19 -16.16 -34.04 -19.59
N ILE C 20 -15.95 -34.60 -18.41
CA ILE C 20 -14.64 -34.58 -17.80
C ILE C 20 -13.96 -35.97 -17.86
N ASN C 21 -12.82 -36.00 -18.54
CA ASN C 21 -12.12 -37.23 -18.85
C ASN C 21 -11.09 -37.62 -17.82
N LYS C 22 -10.30 -36.67 -17.37
CA LYS C 22 -9.20 -36.88 -16.48
C LYS C 22 -8.93 -35.61 -15.68
N ILE C 23 -8.80 -35.74 -14.37
CA ILE C 23 -8.29 -34.65 -13.57
C ILE C 23 -6.99 -35.13 -12.95
N TYR C 24 -5.89 -34.53 -13.38
CA TYR C 24 -4.60 -34.93 -12.95
C TYR C 24 -3.66 -33.75 -12.70
N GLY C 25 -2.45 -34.02 -12.26
CA GLY C 25 -1.41 -33.02 -12.14
C GLY C 25 -1.57 -31.81 -11.24
N VAL C 26 -2.08 -32.00 -10.03
CA VAL C 26 -2.23 -30.92 -9.09
C VAL C 26 -0.89 -30.32 -8.82
N ASN C 27 -0.78 -29.00 -8.87
CA ASN C 27 0.44 -28.31 -8.51
C ASN C 27 0.21 -27.56 -7.23
N THR C 28 0.83 -27.95 -6.13
CA THR C 28 0.48 -27.36 -4.85
C THR C 28 0.90 -25.88 -4.66
N LEU C 29 2.07 -25.51 -5.14
CA LEU C 29 2.52 -24.16 -4.92
C LEU C 29 1.76 -23.21 -5.81
N GLU C 30 1.50 -23.66 -7.03
CA GLU C 30 0.78 -22.86 -7.99
C GLU C 30 -0.70 -22.95 -7.73
N GLN C 31 -1.13 -23.93 -6.98
CA GLN C 31 -2.52 -24.19 -6.72
C GLN C 31 -3.33 -24.33 -7.98
N THR C 32 -2.86 -25.17 -8.89
CA THR C 32 -3.57 -25.43 -10.14
C THR C 32 -3.71 -26.94 -10.34
N TYR C 33 -4.52 -27.35 -11.30
CA TYR C 33 -4.72 -28.75 -11.57
C TYR C 33 -5.10 -28.91 -13.01
N LYS C 34 -4.88 -30.08 -13.60
CA LYS C 34 -5.16 -30.24 -15.03
C LYS C 34 -6.43 -31.00 -15.29
N VAL C 35 -7.14 -30.59 -16.33
CA VAL C 35 -8.42 -31.18 -16.72
C VAL C 35 -8.48 -31.39 -18.20
N ASP C 36 -8.79 -32.63 -18.60
CA ASP C 36 -9.03 -33.03 -19.98
C ASP C 36 -10.51 -33.23 -20.16
N GLY C 37 -11.10 -32.73 -21.23
CA GLY C 37 -12.51 -32.93 -21.39
C GLY C 37 -13.06 -32.44 -22.69
N TYR C 38 -14.38 -32.49 -22.81
CA TYR C 38 -15.09 -31.95 -23.97
C TYR C 38 -16.03 -30.86 -23.49
N ILE C 39 -16.28 -29.87 -24.32
CA ILE C 39 -17.28 -28.85 -24.01
C ILE C 39 -18.27 -28.78 -25.15
N VAL C 40 -19.55 -28.83 -24.81
CA VAL C 40 -20.55 -28.75 -25.83
C VAL C 40 -21.43 -27.57 -25.53
N ALA C 41 -21.73 -26.80 -26.58
CA ALA C 41 -22.55 -25.62 -26.46
C ALA C 41 -23.59 -25.55 -27.56
N GLN C 42 -24.85 -25.37 -27.18
CA GLN C 42 -25.95 -25.32 -28.12
C GLN C 42 -26.76 -24.01 -28.02
N TRP C 43 -27.08 -23.42 -29.16
CA TRP C 43 -28.00 -22.30 -29.22
C TRP C 43 -28.79 -22.33 -30.55
N THR C 44 -29.83 -21.51 -30.69
CA THR C 44 -30.60 -21.51 -31.93
C THR C 44 -30.55 -20.15 -32.59
N GLY C 45 -30.37 -20.12 -33.91
CA GLY C 45 -30.25 -18.89 -34.66
C GLY C 45 -31.14 -18.87 -35.89
N LYS C 46 -30.78 -18.05 -36.87
CA LYS C 46 -31.52 -17.98 -38.12
C LYS C 46 -31.48 -19.33 -38.83
N PRO C 47 -32.65 -19.92 -39.11
CA PRO C 47 -32.72 -21.17 -39.89
C PRO C 47 -31.97 -21.08 -41.21
N ARG C 48 -31.62 -22.24 -41.77
CA ARG C 48 -30.63 -22.30 -42.85
C ARG C 48 -30.96 -23.45 -43.81
N LYS C 49 -30.56 -23.28 -45.07
CA LYS C 49 -30.62 -24.36 -46.03
C LYS C 49 -29.33 -25.16 -45.97
N THR C 50 -29.44 -26.46 -45.66
CA THR C 50 -28.27 -27.32 -45.58
C THR C 50 -28.33 -28.33 -46.70
N PRO C 51 -27.18 -28.83 -47.16
CA PRO C 51 -27.23 -29.82 -48.23
C PRO C 51 -27.98 -31.06 -47.77
N GLY C 52 -29.13 -31.32 -48.36
CA GLY C 52 -30.05 -32.30 -47.83
C GLY C 52 -30.66 -31.70 -46.58
N ASP C 53 -31.82 -32.17 -46.16
CA ASP C 53 -32.42 -31.61 -44.98
C ASP C 53 -31.80 -32.24 -43.72
N LYS C 54 -30.54 -32.62 -43.84
CA LYS C 54 -29.80 -33.22 -42.74
C LYS C 54 -28.73 -32.25 -42.26
N PRO C 55 -28.40 -32.28 -40.97
CA PRO C 55 -27.47 -31.31 -40.41
C PRO C 55 -26.12 -31.36 -41.06
N LEU C 56 -25.43 -30.23 -41.03
CA LEU C 56 -24.14 -30.06 -41.67
C LEU C 56 -23.01 -30.08 -40.66
N ILE C 57 -21.93 -30.78 -41.00
CA ILE C 57 -20.80 -30.86 -40.13
C ILE C 57 -19.62 -30.08 -40.66
N VAL C 58 -19.07 -29.22 -39.80
CA VAL C 58 -17.96 -28.35 -40.15
C VAL C 58 -16.87 -28.57 -39.11
N GLU C 59 -15.72 -29.06 -39.52
CA GLU C 59 -14.69 -29.41 -38.57
C GLU C 59 -13.47 -28.54 -38.66
N ASN C 60 -12.94 -28.21 -37.50
CA ASN C 60 -11.64 -27.59 -37.36
C ASN C 60 -11.44 -26.37 -38.25
N THR C 61 -10.51 -26.43 -39.20
CA THR C 61 -10.16 -25.23 -39.95
C THR C 61 -11.28 -24.67 -40.79
N GLN C 62 -12.34 -25.44 -40.98
CA GLN C 62 -13.49 -24.94 -41.72
C GLN C 62 -14.43 -24.12 -40.82
N ILE C 63 -14.33 -24.27 -39.51
CA ILE C 63 -15.12 -23.44 -38.62
C ILE C 63 -14.71 -22.00 -38.83
N GLU C 64 -13.43 -21.81 -39.04
CA GLU C 64 -12.88 -20.49 -39.22
C GLU C 64 -13.45 -19.82 -40.45
N ARG C 65 -13.60 -20.56 -41.54
CA ARG C 65 -14.14 -19.98 -42.77
C ARG C 65 -15.60 -19.56 -42.61
N TRP C 66 -16.36 -20.30 -41.83
CA TRP C 66 -17.74 -19.95 -41.61
C TRP C 66 -17.86 -18.71 -40.73
N ILE C 67 -16.89 -18.50 -39.86
CA ILE C 67 -16.89 -17.32 -39.04
C ILE C 67 -16.57 -16.09 -39.87
N ASN C 68 -15.68 -16.22 -40.84
CA ASN C 68 -15.32 -15.08 -41.67
C ASN C 68 -16.44 -14.63 -42.59
N ASN C 69 -17.27 -15.55 -43.03
CA ASN C 69 -18.42 -15.15 -43.81
C ASN C 69 -19.56 -14.73 -42.91
N GLY C 70 -19.32 -14.65 -41.61
CA GLY C 70 -20.30 -14.06 -40.72
C GLY C 70 -21.16 -14.91 -39.83
N LEU C 71 -20.74 -16.14 -39.53
CA LEU C 71 -21.46 -16.97 -38.57
C LEU C 71 -21.11 -16.58 -37.15
N TRP C 72 -22.11 -16.49 -36.30
CA TRP C 72 -21.88 -16.06 -34.95
C TRP C 72 -21.54 -17.25 -34.14
N VAL C 73 -20.28 -17.30 -33.72
CA VAL C 73 -19.79 -18.31 -32.82
C VAL C 73 -19.11 -17.59 -31.67
N PRO C 74 -19.83 -17.41 -30.56
CA PRO C 74 -19.26 -16.61 -29.49
C PRO C 74 -18.20 -17.33 -28.74
N ALA C 75 -17.07 -16.69 -28.48
CA ALA C 75 -16.00 -17.29 -27.69
C ALA C 75 -16.40 -17.46 -26.25
N LEU C 76 -16.32 -18.66 -25.71
CA LEU C 76 -16.57 -18.86 -24.29
C LEU C 76 -15.23 -18.97 -23.55
N GLU C 77 -15.01 -18.15 -22.53
CA GLU C 77 -13.72 -18.15 -21.86
C GLU C 77 -13.75 -18.97 -20.59
N PHE C 78 -12.69 -19.72 -20.37
CA PHE C 78 -12.52 -20.39 -19.10
C PHE C 78 -12.00 -19.39 -18.12
N ILE C 79 -12.78 -19.00 -17.14
CA ILE C 79 -12.35 -17.89 -16.29
C ILE C 79 -11.11 -18.22 -15.50
N ASN C 80 -11.04 -19.43 -14.98
CA ASN C 80 -9.92 -19.79 -14.14
C ASN C 80 -8.92 -20.71 -14.79
N VAL C 81 -8.84 -20.71 -16.10
CA VAL C 81 -7.77 -21.40 -16.76
C VAL C 81 -6.48 -20.64 -16.56
N VAL C 82 -5.35 -21.33 -16.59
CA VAL C 82 -4.08 -20.65 -16.50
C VAL C 82 -3.27 -20.86 -17.75
N GLY C 83 -3.34 -19.92 -18.67
CA GLY C 83 -2.70 -20.06 -19.94
C GLY C 83 -3.73 -20.51 -20.92
N SER C 84 -3.47 -20.19 -22.17
CA SER C 84 -4.40 -20.53 -23.21
C SER C 84 -4.48 -22.05 -23.25
N PRO C 85 -5.68 -22.62 -23.07
CA PRO C 85 -5.79 -24.09 -23.08
C PRO C 85 -5.51 -24.64 -24.43
N ASP C 86 -5.15 -25.92 -24.48
CA ASP C 86 -4.90 -26.66 -25.71
C ASP C 86 -6.20 -27.20 -26.23
N THR C 87 -6.64 -26.73 -27.38
CA THR C 87 -7.89 -27.19 -27.95
C THR C 87 -7.62 -28.30 -28.95
N GLY C 88 -8.30 -29.42 -28.80
CA GLY C 88 -8.14 -30.50 -29.76
C GLY C 88 -9.00 -30.34 -31.00
N ASN C 89 -9.79 -31.35 -31.35
CA ASN C 89 -10.58 -31.19 -32.54
C ASN C 89 -11.75 -30.35 -32.17
N LYS C 90 -12.13 -29.47 -33.07
CA LYS C 90 -13.29 -28.61 -32.94
C LYS C 90 -14.32 -29.01 -33.93
N ARG C 91 -15.58 -28.81 -33.59
CA ARG C 91 -16.68 -29.07 -34.48
C ARG C 91 -17.89 -28.14 -34.32
N LEU C 92 -18.42 -27.70 -35.46
CA LEU C 92 -19.73 -27.08 -35.53
C LEU C 92 -20.66 -28.04 -36.22
N MET C 93 -21.81 -28.33 -35.62
CA MET C 93 -22.90 -29.06 -36.28
C MET C 93 -24.07 -28.13 -36.60
N LEU C 94 -24.28 -27.80 -37.87
CA LEU C 94 -25.33 -26.83 -38.21
C LEU C 94 -26.64 -27.44 -38.63
N PHE C 95 -27.68 -27.22 -37.84
CA PHE C 95 -28.99 -27.78 -38.10
C PHE C 95 -29.82 -26.91 -39.04
N PRO C 96 -30.73 -27.53 -39.80
CA PRO C 96 -31.50 -26.72 -40.76
C PRO C 96 -32.50 -25.84 -40.04
N ASP C 97 -33.01 -26.29 -38.90
CA ASP C 97 -34.01 -25.53 -38.17
C ASP C 97 -33.39 -24.45 -37.31
N GLY C 98 -32.18 -24.02 -37.65
CA GLY C 98 -31.57 -22.89 -36.98
C GLY C 98 -30.52 -23.13 -35.91
N ARG C 99 -30.65 -24.20 -35.13
CA ARG C 99 -29.74 -24.45 -34.01
C ARG C 99 -28.33 -24.82 -34.40
N VAL C 100 -27.39 -24.46 -33.53
CA VAL C 100 -25.97 -24.61 -33.76
C VAL C 100 -25.33 -25.28 -32.56
N ILE C 101 -24.53 -26.31 -32.79
CA ILE C 101 -23.86 -27.00 -31.70
C ILE C 101 -22.36 -26.92 -31.88
N TYR C 102 -21.69 -26.44 -30.85
CA TYR C 102 -20.24 -26.36 -30.83
C TYR C 102 -19.63 -27.46 -29.98
N ASN C 103 -18.65 -28.15 -30.53
CA ASN C 103 -18.02 -29.25 -29.81
C ASN C 103 -16.53 -29.12 -29.88
N ALA C 104 -15.87 -29.15 -28.73
CA ALA C 104 -14.42 -29.07 -28.74
C ALA C 104 -13.83 -29.84 -27.59
N ARG C 105 -12.68 -30.45 -27.84
CA ARG C 105 -11.88 -31.11 -26.83
C ARG C 105 -10.92 -30.13 -26.24
N PHE C 106 -10.71 -30.22 -24.94
CA PHE C 106 -9.79 -29.31 -24.29
C PHE C 106 -8.92 -29.99 -23.25
N LEU C 107 -7.71 -29.46 -23.10
CA LEU C 107 -6.88 -29.74 -21.95
C LEU C 107 -6.32 -28.45 -21.42
N GLY C 108 -6.57 -28.14 -20.17
CA GLY C 108 -6.12 -26.89 -19.63
C GLY C 108 -5.70 -26.97 -18.20
N SER C 109 -4.90 -25.99 -17.78
CA SER C 109 -4.54 -25.88 -16.38
C SER C 109 -5.48 -24.87 -15.70
N PHE C 110 -6.12 -25.25 -14.61
CA PHE C 110 -7.13 -24.44 -13.97
C PHE C 110 -6.71 -24.10 -12.56
N SER C 111 -7.19 -22.97 -12.05
CA SER C 111 -6.79 -22.46 -10.76
C SER C 111 -7.96 -22.51 -9.78
N ASN C 112 -7.67 -22.72 -8.51
CA ASN C 112 -8.68 -22.64 -7.47
C ASN C 112 -7.96 -22.47 -6.16
N ASP C 113 -8.65 -21.97 -5.15
CA ASP C 113 -8.04 -21.88 -3.86
C ASP C 113 -7.85 -23.25 -3.34
N MET C 114 -6.63 -23.61 -2.96
CA MET C 114 -6.38 -24.95 -2.50
C MET C 114 -5.61 -24.98 -1.20
N ASP C 115 -6.25 -25.52 -0.18
CA ASP C 115 -5.68 -25.60 1.15
C ASP C 115 -5.13 -27.01 1.41
N PHE C 116 -3.81 -27.09 1.56
CA PHE C 116 -3.15 -28.35 1.75
C PHE C 116 -2.68 -28.51 3.18
N ARG C 117 -3.31 -27.79 4.11
CA ARG C 117 -2.82 -27.82 5.47
C ARG C 117 -3.08 -29.15 6.17
N LEU C 118 -4.11 -29.88 5.75
CA LEU C 118 -4.40 -31.15 6.38
C LEU C 118 -3.80 -32.34 5.69
N PHE C 119 -2.82 -32.10 4.83
CA PHE C 119 -2.12 -33.14 4.10
C PHE C 119 -1.63 -34.18 5.09
N PRO C 120 -1.72 -35.47 4.73
CA PRO C 120 -2.23 -36.01 3.49
C PRO C 120 -3.70 -36.30 3.56
N PHE C 121 -4.41 -35.66 4.45
CA PHE C 121 -5.83 -35.93 4.59
C PHE C 121 -6.65 -34.73 4.13
N ASP C 122 -6.18 -34.05 3.10
CA ASP C 122 -6.86 -32.85 2.68
C ASP C 122 -7.96 -33.15 1.70
N ARG C 123 -8.95 -32.26 1.65
CA ARG C 123 -10.01 -32.35 0.66
C ARG C 123 -9.86 -31.19 -0.29
N GLN C 124 -10.07 -31.41 -1.57
CA GLN C 124 -9.96 -30.34 -2.53
C GLN C 124 -11.19 -30.34 -3.37
N GLN C 125 -11.55 -29.21 -3.96
CA GLN C 125 -12.56 -29.26 -4.98
C GLN C 125 -12.02 -28.64 -6.26
N PHE C 126 -12.08 -29.41 -7.33
CA PHE C 126 -11.64 -28.93 -8.62
C PHE C 126 -12.75 -28.22 -9.32
N VAL C 127 -12.56 -26.94 -9.64
CA VAL C 127 -13.65 -26.17 -10.22
C VAL C 127 -13.31 -25.71 -11.61
N LEU C 128 -14.33 -25.66 -12.45
CA LEU C 128 -14.24 -25.08 -13.75
C LEU C 128 -15.26 -23.95 -13.75
N GLU C 129 -14.85 -22.77 -14.19
CA GLU C 129 -15.75 -21.61 -14.28
C GLU C 129 -15.79 -21.07 -15.70
N LEU C 130 -16.99 -21.01 -16.29
CA LEU C 130 -17.14 -20.72 -17.72
C LEU C 130 -17.97 -19.46 -17.92
N GLU C 131 -17.53 -18.57 -18.79
CA GLU C 131 -18.20 -17.29 -18.99
C GLU C 131 -17.92 -16.71 -20.37
N PRO C 132 -18.92 -16.07 -21.02
CA PRO C 132 -18.68 -15.52 -22.35
C PRO C 132 -17.72 -14.36 -22.28
N PHE C 133 -16.94 -14.15 -23.31
CA PHE C 133 -15.85 -13.20 -23.20
C PHE C 133 -16.33 -11.78 -23.46
N SER C 134 -17.34 -11.65 -24.32
CA SER C 134 -17.79 -10.35 -24.78
C SER C 134 -19.28 -10.08 -24.58
N TYR C 135 -20.10 -11.10 -24.40
CA TYR C 135 -21.54 -10.88 -24.37
C TYR C 135 -22.17 -10.92 -22.98
N ASN C 136 -22.85 -9.85 -22.58
CA ASN C 136 -23.52 -9.81 -21.28
C ASN C 136 -24.86 -10.50 -21.27
N ASN C 137 -25.47 -10.64 -20.10
CA ASN C 137 -26.65 -11.48 -20.01
C ASN C 137 -27.85 -10.87 -20.69
N GLN C 138 -27.71 -9.64 -21.13
CA GLN C 138 -28.73 -9.06 -21.98
C GLN C 138 -28.46 -9.57 -23.38
N GLN C 139 -27.26 -10.08 -23.63
CA GLN C 139 -26.97 -10.54 -24.97
C GLN C 139 -26.90 -12.07 -25.09
N LEU C 140 -26.26 -12.71 -24.11
CA LEU C 140 -26.07 -14.17 -24.09
C LEU C 140 -26.14 -14.68 -22.67
N ARG C 141 -26.98 -15.66 -22.41
CA ARG C 141 -27.06 -16.23 -21.06
C ARG C 141 -27.04 -17.75 -21.07
N PHE C 142 -26.50 -18.37 -20.02
CA PHE C 142 -26.50 -19.82 -19.93
C PHE C 142 -27.80 -20.31 -19.35
N SER C 143 -28.49 -21.15 -20.11
CA SER C 143 -29.79 -21.65 -19.73
C SER C 143 -29.75 -22.77 -18.70
N ASP C 144 -28.85 -23.74 -18.92
CA ASP C 144 -28.68 -24.89 -18.03
C ASP C 144 -27.29 -25.50 -18.12
N ILE C 145 -26.85 -26.22 -17.10
CA ILE C 145 -25.54 -26.88 -17.18
C ILE C 145 -25.55 -28.31 -16.67
N GLN C 146 -25.13 -29.22 -17.53
CA GLN C 146 -24.97 -30.63 -17.18
C GLN C 146 -23.49 -31.03 -17.19
N VAL C 147 -23.05 -31.72 -16.15
CA VAL C 147 -21.69 -32.24 -16.09
C VAL C 147 -21.64 -33.70 -15.93
N TYR C 148 -20.92 -34.35 -16.84
CA TYR C 148 -20.80 -35.80 -16.80
C TYR C 148 -19.40 -36.19 -16.46
N THR C 149 -19.26 -37.12 -15.53
CA THR C 149 -17.95 -37.62 -15.12
C THR C 149 -17.90 -39.13 -15.26
N GLU C 150 -16.71 -39.65 -15.58
CA GLU C 150 -16.53 -41.07 -15.72
C GLU C 150 -16.70 -41.68 -14.35
N ASN C 151 -17.18 -42.91 -14.27
CA ASN C 151 -17.19 -43.59 -12.99
C ASN C 151 -15.96 -44.46 -12.87
N ILE C 152 -14.96 -43.99 -12.13
CA ILE C 152 -13.76 -44.78 -11.94
C ILE C 152 -14.13 -45.80 -10.87
N ASP C 153 -13.92 -47.05 -11.19
CA ASP C 153 -14.34 -48.14 -10.31
C ASP C 153 -13.15 -48.66 -9.51
N ASN C 154 -11.98 -48.62 -10.11
CA ASN C 154 -10.74 -48.98 -9.44
C ASN C 154 -10.03 -47.75 -8.86
N GLU C 155 -10.70 -46.94 -8.06
CA GLU C 155 -10.12 -45.67 -7.62
C GLU C 155 -8.95 -45.86 -6.66
N GLU C 156 -8.74 -47.09 -6.23
CA GLU C 156 -7.66 -47.44 -5.31
C GLU C 156 -6.29 -47.36 -5.96
N ILE C 157 -6.26 -47.28 -7.29
CA ILE C 157 -5.01 -47.09 -8.01
C ILE C 157 -4.86 -45.67 -8.51
N ASP C 158 -5.83 -44.84 -8.14
CA ASP C 158 -5.83 -43.43 -8.52
C ASP C 158 -5.41 -42.60 -7.32
N GLU C 159 -4.66 -41.54 -7.57
CA GLU C 159 -4.17 -40.66 -6.51
C GLU C 159 -5.27 -39.93 -5.76
N TRP C 160 -6.30 -39.53 -6.49
CA TRP C 160 -7.42 -38.78 -5.93
C TRP C 160 -8.72 -39.54 -6.02
N TRP C 161 -9.51 -39.52 -4.96
CA TRP C 161 -10.83 -40.12 -5.00
C TRP C 161 -11.92 -39.09 -5.19
N ILE C 162 -12.59 -39.12 -6.34
CA ILE C 162 -13.69 -38.20 -6.60
C ILE C 162 -14.86 -38.57 -5.70
N ARG C 163 -15.43 -37.59 -5.02
CA ARG C 163 -16.41 -37.91 -4.00
C ARG C 163 -17.78 -37.32 -4.28
N GLY C 164 -18.55 -37.99 -5.12
CA GLY C 164 -19.90 -37.57 -5.44
C GLY C 164 -19.96 -37.02 -6.84
N LYS C 165 -21.15 -36.91 -7.41
CA LYS C 165 -21.25 -36.29 -8.72
C LYS C 165 -20.99 -34.80 -8.60
N ALA C 166 -20.65 -34.18 -9.72
CA ALA C 166 -20.31 -32.79 -9.74
C ALA C 166 -21.51 -31.90 -9.45
N SER C 167 -21.31 -30.82 -8.72
CA SER C 167 -22.38 -29.85 -8.52
C SER C 167 -22.24 -28.69 -9.48
N THR C 168 -23.35 -28.12 -9.90
CA THR C 168 -23.33 -27.03 -10.86
C THR C 168 -24.13 -25.84 -10.38
N HIS C 169 -23.92 -24.70 -11.02
CA HIS C 169 -24.56 -23.47 -10.60
C HIS C 169 -24.45 -22.37 -11.64
N ILE C 170 -25.53 -22.05 -12.32
CA ILE C 170 -25.53 -20.86 -13.16
C ILE C 170 -25.87 -19.64 -12.34
N SER C 171 -25.10 -18.58 -12.52
CA SER C 171 -25.32 -17.35 -11.78
C SER C 171 -24.93 -16.16 -12.63
N ASP C 172 -25.00 -14.98 -12.04
CA ASP C 172 -24.77 -13.74 -12.75
C ASP C 172 -23.72 -12.93 -12.04
N ILE C 173 -22.81 -12.32 -12.78
CA ILE C 173 -21.70 -11.61 -12.19
C ILE C 173 -21.68 -10.11 -12.48
N ARG C 174 -21.57 -9.31 -11.43
CA ARG C 174 -21.48 -7.86 -11.59
C ARG C 174 -20.04 -7.44 -11.70
N TYR C 175 -19.70 -6.88 -12.84
CA TYR C 175 -18.41 -6.22 -12.97
C TYR C 175 -18.60 -4.72 -12.74
N ASP C 176 -18.06 -4.18 -11.66
CA ASP C 176 -18.25 -2.78 -11.35
C ASP C 176 -17.54 -1.85 -12.35
N HIS C 177 -16.23 -1.99 -12.49
CA HIS C 177 -15.45 -1.08 -13.31
C HIS C 177 -15.47 -1.40 -14.81
N LEU C 178 -16.48 -0.91 -15.53
CA LEU C 178 -16.52 -1.08 -17.00
C LEU C 178 -16.38 0.22 -17.76
N SER C 179 -15.69 0.16 -18.89
CA SER C 179 -15.54 1.32 -19.75
C SER C 179 -16.58 1.29 -20.87
N SER C 180 -17.65 0.53 -20.64
CA SER C 180 -18.64 0.25 -21.69
C SER C 180 -19.85 1.18 -21.72
N VAL C 181 -21.03 0.58 -21.51
CA VAL C 181 -22.32 1.30 -21.62
C VAL C 181 -23.03 1.23 -20.25
N GLN C 182 -24.36 1.41 -20.23
CA GLN C 182 -25.06 1.58 -18.96
C GLN C 182 -26.27 0.68 -18.62
N PRO C 183 -27.37 0.75 -19.41
CA PRO C 183 -28.58 0.15 -18.84
C PRO C 183 -28.54 -1.37 -18.84
N ASN C 184 -28.31 -1.95 -17.68
CA ASN C 184 -28.31 -3.40 -17.51
C ASN C 184 -27.22 -4.09 -18.34
N GLN C 185 -26.20 -3.35 -18.77
CA GLN C 185 -25.18 -3.92 -19.64
C GLN C 185 -23.85 -4.31 -19.00
N ASN C 186 -23.84 -4.58 -17.70
CA ASN C 186 -22.58 -4.91 -17.04
C ASN C 186 -22.61 -6.25 -16.30
N GLU C 187 -23.56 -7.12 -16.62
CA GLU C 187 -23.62 -8.41 -15.96
C GLU C 187 -23.45 -9.55 -16.92
N PHE C 188 -22.69 -10.57 -16.49
CA PHE C 188 -22.38 -11.72 -17.33
C PHE C 188 -22.85 -13.01 -16.69
N SER C 189 -23.32 -13.92 -17.53
CA SER C 189 -23.78 -15.24 -17.10
C SER C 189 -22.62 -16.19 -16.90
N ARG C 190 -22.57 -16.85 -15.75
CA ARG C 190 -21.46 -17.73 -15.44
C ARG C 190 -21.82 -19.12 -14.96
N ILE C 191 -21.32 -20.13 -15.67
CA ILE C 191 -21.36 -21.50 -15.18
C ILE C 191 -20.22 -21.81 -14.24
N THR C 192 -20.51 -22.48 -13.13
CA THR C 192 -19.51 -22.92 -12.17
C THR C 192 -19.65 -24.39 -11.83
N VAL C 193 -18.63 -25.17 -12.18
CA VAL C 193 -18.65 -26.58 -11.90
C VAL C 193 -17.78 -26.90 -10.69
N ARG C 194 -18.27 -27.74 -9.78
CA ARG C 194 -17.45 -28.17 -8.67
C ARG C 194 -17.41 -29.67 -8.55
N ILE C 195 -16.20 -30.22 -8.37
CA ILE C 195 -16.02 -31.64 -8.18
C ILE C 195 -15.23 -31.85 -6.90
N ASP C 196 -15.83 -32.54 -5.93
CA ASP C 196 -15.20 -32.77 -4.64
C ASP C 196 -14.21 -33.90 -4.71
N ALA C 197 -13.16 -33.83 -3.92
CA ALA C 197 -12.19 -34.91 -3.89
C ALA C 197 -11.40 -34.98 -2.60
N VAL C 198 -11.05 -36.18 -2.18
CA VAL C 198 -10.18 -36.38 -1.03
C VAL C 198 -8.98 -37.18 -1.51
N ARG C 199 -7.87 -36.99 -0.81
CA ARG C 199 -6.59 -37.55 -1.21
C ARG C 199 -6.42 -38.99 -0.74
N ASN C 200 -5.82 -39.83 -1.58
CA ASN C 200 -5.49 -41.20 -1.19
C ASN C 200 -4.35 -41.22 -0.18
N PRO C 201 -4.67 -41.49 1.10
CA PRO C 201 -3.73 -41.30 2.20
C PRO C 201 -2.80 -42.45 2.46
N SER C 202 -2.96 -43.53 1.71
CA SER C 202 -2.26 -44.77 2.02
C SER C 202 -0.75 -44.62 2.07
N TYR C 203 -0.14 -44.33 0.93
CA TYR C 203 1.31 -44.30 0.80
C TYR C 203 1.93 -43.43 1.85
N TYR C 204 1.26 -42.36 2.22
CA TYR C 204 1.85 -41.43 3.18
C TYR C 204 1.70 -41.95 4.61
N LEU C 205 0.66 -42.73 4.88
CA LEU C 205 0.53 -43.28 6.22
C LEU C 205 1.58 -44.34 6.48
N TRP C 206 1.62 -45.32 5.60
CA TRP C 206 2.48 -46.47 5.75
C TRP C 206 3.93 -46.16 5.45
N SER C 207 4.20 -45.26 4.53
CA SER C 207 5.57 -45.07 4.16
C SER C 207 6.22 -43.82 4.74
N PHE C 208 5.42 -42.95 5.35
CA PHE C 208 5.92 -41.70 5.95
C PHE C 208 5.54 -41.50 7.42
N ILE C 209 4.26 -41.57 7.72
CA ILE C 209 3.81 -41.39 9.09
C ILE C 209 4.30 -42.51 10.01
N LEU C 210 4.11 -43.77 9.61
CA LEU C 210 4.45 -44.91 10.45
C LEU C 210 5.95 -44.99 10.74
N PRO C 211 6.81 -44.99 9.72
CA PRO C 211 8.18 -45.03 10.17
C PRO C 211 8.61 -43.83 10.99
N LEU C 212 7.99 -42.67 10.85
CA LEU C 212 8.36 -41.53 11.67
C LEU C 212 7.93 -41.79 13.09
N GLY C 213 6.78 -42.44 13.23
CA GLY C 213 6.28 -42.76 14.54
C GLY C 213 7.22 -43.74 15.24
N LEU C 214 7.59 -44.79 14.53
CA LEU C 214 8.53 -45.79 15.01
C LEU C 214 9.83 -45.14 15.46
N ILE C 215 10.39 -44.31 14.60
CA ILE C 215 11.65 -43.62 14.88
C ILE C 215 11.54 -42.68 16.07
N ILE C 216 10.44 -41.95 16.17
CA ILE C 216 10.26 -41.08 17.31
C ILE C 216 10.17 -41.89 18.59
N ALA C 217 9.43 -42.98 18.56
CA ALA C 217 9.28 -43.85 19.72
C ALA C 217 10.62 -44.44 20.10
N ALA C 218 11.30 -45.00 19.09
CA ALA C 218 12.57 -45.63 19.32
C ALA C 218 13.57 -44.69 19.94
N SER C 219 13.37 -43.41 19.75
CA SER C 219 14.23 -42.41 20.37
C SER C 219 14.00 -42.42 21.86
N TRP C 220 12.81 -42.77 22.29
CA TRP C 220 12.51 -42.68 23.71
C TRP C 220 13.32 -43.71 24.48
N SER C 221 13.82 -44.71 23.76
CA SER C 221 14.58 -45.75 24.40
C SER C 221 15.98 -45.26 24.79
N VAL C 222 16.22 -43.96 24.72
CA VAL C 222 17.51 -43.44 25.20
C VAL C 222 17.58 -43.58 26.69
N PHE C 223 16.43 -43.45 27.33
CA PHE C 223 16.43 -43.41 28.77
C PHE C 223 16.70 -44.79 29.35
N TRP C 224 16.76 -45.81 28.50
CA TRP C 224 17.04 -47.13 29.02
C TRP C 224 18.50 -47.49 28.90
N LEU C 225 19.33 -46.55 28.47
CA LEU C 225 20.76 -46.79 28.47
C LEU C 225 21.23 -46.48 29.86
N GLU C 226 22.32 -47.12 30.29
CA GLU C 226 22.67 -47.10 31.69
C GLU C 226 23.74 -46.07 32.08
N SER C 227 24.57 -45.65 31.13
CA SER C 227 25.55 -44.61 31.42
C SER C 227 24.99 -43.22 31.17
N PHE C 228 25.67 -42.21 31.68
CA PHE C 228 25.33 -40.85 31.29
C PHE C 228 25.97 -40.68 29.93
N SER C 229 27.20 -41.15 29.84
CA SER C 229 27.97 -41.10 28.61
C SER C 229 27.19 -41.70 27.46
N GLU C 230 26.62 -42.87 27.71
CA GLU C 230 25.86 -43.55 26.69
C GLU C 230 24.64 -42.75 26.29
N ARG C 231 23.98 -42.13 27.26
CA ARG C 231 22.69 -41.52 27.00
C ARG C 231 22.84 -40.25 26.16
N LEU C 232 23.85 -39.45 26.46
CA LEU C 232 24.04 -38.18 25.78
C LEU C 232 24.58 -38.42 24.36
N GLN C 233 25.59 -39.27 24.23
CA GLN C 233 26.23 -39.49 22.94
C GLN C 233 25.23 -40.06 21.94
N THR C 234 24.30 -40.87 22.44
CA THR C 234 23.31 -41.49 21.59
C THR C 234 22.30 -40.49 21.06
N SER C 235 22.01 -39.46 21.84
CA SER C 235 21.02 -38.49 21.41
C SER C 235 21.45 -37.81 20.13
N PHE C 236 22.75 -37.73 19.92
CA PHE C 236 23.24 -37.07 18.73
C PHE C 236 23.03 -37.91 17.51
N THR C 237 22.97 -39.22 17.69
CA THR C 237 22.71 -40.07 16.55
C THR C 237 21.25 -39.95 16.21
N LEU C 238 20.42 -39.87 17.23
CA LEU C 238 19.01 -39.76 16.98
C LEU C 238 18.69 -38.43 16.30
N MET C 239 19.37 -37.38 16.72
CA MET C 239 19.18 -36.07 16.13
C MET C 239 19.45 -36.17 14.64
N LEU C 240 20.54 -36.85 14.26
CA LEU C 240 20.86 -37.06 12.87
C LEU C 240 19.79 -37.86 12.15
N THR C 241 19.17 -38.80 12.84
CA THR C 241 18.20 -39.64 12.17
C THR C 241 17.02 -38.79 11.75
N VAL C 242 16.63 -37.84 12.59
CA VAL C 242 15.50 -36.99 12.27
C VAL C 242 15.85 -35.98 11.15
N VAL C 243 17.08 -35.46 11.14
CA VAL C 243 17.48 -34.60 10.04
C VAL C 243 17.38 -35.32 8.71
N ALA C 244 17.84 -36.56 8.70
CA ALA C 244 17.79 -37.41 7.52
C ALA C 244 16.37 -37.74 7.15
N TYR C 245 15.51 -37.90 8.14
CA TYR C 245 14.13 -38.22 7.83
C TYR C 245 13.38 -37.03 7.30
N ALA C 246 13.71 -35.85 7.82
CA ALA C 246 13.14 -34.60 7.32
C ALA C 246 13.53 -34.42 5.87
N PHE C 247 14.73 -34.82 5.55
CA PHE C 247 15.22 -34.69 4.20
C PHE C 247 14.44 -35.61 3.29
N TYR C 248 14.29 -36.85 3.71
CA TYR C 248 13.57 -37.84 2.94
C TYR C 248 12.13 -37.37 2.68
N THR C 249 11.42 -36.91 3.69
CA THR C 249 10.03 -36.50 3.48
C THR C 249 9.94 -35.27 2.57
N SER C 250 10.76 -34.26 2.86
CA SER C 250 10.73 -33.02 2.12
C SER C 250 11.13 -33.17 0.65
N ASN C 251 11.94 -34.16 0.35
CA ASN C 251 12.35 -34.38 -1.02
C ASN C 251 11.26 -35.06 -1.82
N ILE C 252 10.35 -35.74 -1.13
CA ILE C 252 9.34 -36.50 -1.83
C ILE C 252 7.98 -35.84 -1.76
N LEU C 253 7.62 -35.27 -0.61
CA LEU C 253 6.32 -34.61 -0.46
C LEU C 253 6.21 -33.27 -1.18
N PRO C 254 4.97 -32.80 -1.42
CA PRO C 254 4.75 -31.58 -2.19
C PRO C 254 5.18 -30.32 -1.47
N ARG C 255 5.61 -29.34 -2.23
CA ARG C 255 6.05 -28.07 -1.71
C ARG C 255 4.88 -27.17 -1.27
N LEU C 256 4.98 -26.56 -0.10
CA LEU C 256 3.91 -25.72 0.38
C LEU C 256 4.51 -24.54 1.12
N PRO C 257 3.74 -23.47 1.33
CA PRO C 257 4.25 -22.36 2.13
C PRO C 257 3.94 -22.50 3.61
N TYR C 258 3.32 -23.62 3.99
CA TYR C 258 3.00 -23.88 5.38
C TYR C 258 3.28 -25.31 5.79
N THR C 259 3.19 -25.59 7.08
CA THR C 259 3.49 -26.91 7.61
C THR C 259 2.30 -27.83 7.51
N THR C 260 2.57 -29.09 7.22
CA THR C 260 1.54 -30.12 7.25
C THR C 260 1.62 -30.91 8.54
N VAL C 261 0.78 -31.93 8.68
CA VAL C 261 0.90 -32.83 9.82
C VAL C 261 2.28 -33.49 9.87
N ILE C 262 2.75 -33.97 8.73
CA ILE C 262 4.03 -34.62 8.68
C ILE C 262 5.15 -33.66 9.03
N ASP C 263 5.06 -32.41 8.58
CA ASP C 263 6.09 -31.41 8.90
C ASP C 263 6.13 -31.20 10.38
N GLN C 264 4.96 -31.23 11.00
CA GLN C 264 4.84 -31.03 12.44
C GLN C 264 5.36 -32.18 13.28
N MET C 265 5.09 -33.43 12.86
CA MET C 265 5.64 -34.59 13.56
C MET C 265 7.15 -34.50 13.59
N ILE C 266 7.73 -34.10 12.49
CA ILE C 266 9.17 -33.99 12.41
C ILE C 266 9.68 -32.95 13.40
N ILE C 267 9.00 -31.82 13.51
CA ILE C 267 9.42 -30.81 14.47
C ILE C 267 9.33 -31.38 15.88
N ALA C 268 8.27 -32.12 16.16
CA ALA C 268 8.11 -32.78 17.44
C ALA C 268 9.25 -33.76 17.68
N GLY C 269 9.68 -34.41 16.62
CA GLY C 269 10.81 -35.30 16.75
C GLY C 269 12.04 -34.51 17.17
N TYR C 270 12.26 -33.37 16.55
CA TYR C 270 13.40 -32.55 16.92
C TYR C 270 13.30 -32.14 18.37
N GLY C 271 12.07 -31.89 18.80
CA GLY C 271 11.84 -31.40 20.14
C GLY C 271 12.04 -32.45 21.21
N SER C 272 11.43 -33.61 21.03
CA SER C 272 11.50 -34.69 22.00
C SER C 272 12.94 -35.10 22.22
N ILE C 273 13.75 -34.94 21.20
CA ILE C 273 15.14 -35.29 21.32
C ILE C 273 15.88 -34.18 22.02
N PHE C 274 15.51 -32.94 21.77
CA PHE C 274 16.18 -31.84 22.45
C PHE C 274 15.79 -31.82 23.91
N ALA C 275 14.54 -32.13 24.19
CA ALA C 275 14.08 -32.19 25.57
C ALA C 275 14.84 -33.25 26.34
N ALA C 276 14.98 -34.42 25.74
CA ALA C 276 15.71 -35.52 26.37
C ALA C 276 17.15 -35.13 26.67
N ILE C 277 17.80 -34.43 25.77
CA ILE C 277 19.18 -34.02 25.99
C ILE C 277 19.25 -33.11 27.19
N LEU C 278 18.24 -32.29 27.34
CA LEU C 278 18.23 -31.33 28.42
C LEU C 278 18.01 -32.02 29.75
N LEU C 279 17.29 -33.14 29.74
CA LEU C 279 17.05 -33.83 31.00
C LEU C 279 18.23 -34.71 31.35
N ILE C 280 18.71 -35.44 30.36
CA ILE C 280 19.87 -36.30 30.53
C ILE C 280 21.05 -35.51 31.05
N ILE C 281 21.15 -34.28 30.63
CA ILE C 281 22.28 -33.47 30.98
C ILE C 281 22.00 -32.83 32.32
N PHE C 282 20.72 -32.83 32.70
CA PHE C 282 20.29 -32.25 33.96
C PHE C 282 20.42 -33.27 35.07
N ALA C 283 19.96 -34.49 34.80
CA ALA C 283 20.03 -35.58 35.77
C ALA C 283 21.47 -35.89 36.19
N HIS C 284 22.44 -35.41 35.43
CA HIS C 284 23.83 -35.68 35.78
C HIS C 284 24.33 -34.66 36.78
N HIS C 285 23.60 -33.57 36.94
CA HIS C 285 24.04 -32.54 37.85
C HIS C 285 22.92 -31.95 38.71
N ARG C 286 21.71 -32.50 38.61
CA ARG C 286 20.58 -31.98 39.38
C ARG C 286 20.89 -32.08 40.85
N GLN C 287 21.38 -33.24 41.25
CA GLN C 287 21.62 -33.53 42.65
C GLN C 287 23.07 -33.24 42.97
N ALA C 288 23.37 -33.18 44.26
CA ALA C 288 24.74 -33.07 44.73
C ALA C 288 25.47 -34.36 44.38
N ASN C 289 26.75 -34.40 44.71
CA ASN C 289 27.63 -35.55 44.48
C ASN C 289 27.98 -35.74 43.00
N GLY C 290 27.31 -35.04 42.12
CA GLY C 290 27.54 -35.20 40.69
C GLY C 290 26.98 -36.54 40.26
N VAL C 291 26.25 -37.18 41.18
CA VAL C 291 25.66 -38.49 40.96
C VAL C 291 24.53 -38.43 39.94
N GLU C 292 24.55 -39.39 39.02
CA GLU C 292 23.54 -39.45 37.97
C GLU C 292 22.19 -39.65 38.66
N ASP C 293 21.36 -38.62 38.61
CA ASP C 293 20.05 -38.63 39.28
C ASP C 293 19.14 -39.65 38.64
N ASP C 294 19.37 -40.91 39.00
CA ASP C 294 18.61 -42.02 38.43
C ASP C 294 17.14 -42.04 38.86
N LEU C 295 16.73 -41.08 39.69
CA LEU C 295 15.33 -40.98 40.06
C LEU C 295 14.55 -40.35 38.92
N LEU C 296 15.14 -39.32 38.33
CA LEU C 296 14.50 -38.60 37.25
C LEU C 296 14.39 -39.47 36.01
N ILE C 297 15.53 -40.03 35.61
CA ILE C 297 15.56 -41.06 34.60
C ILE C 297 14.77 -42.25 35.14
N GLN C 298 14.41 -43.19 34.26
CA GLN C 298 13.57 -44.34 34.55
C GLN C 298 12.12 -43.91 34.69
N ARG C 299 11.90 -42.82 35.39
CA ARG C 299 10.59 -42.20 35.43
C ARG C 299 10.28 -41.60 34.06
N CYS C 300 11.32 -41.16 33.35
CA CYS C 300 11.14 -40.61 32.01
C CYS C 300 10.82 -41.68 31.00
N ARG C 301 11.17 -42.92 31.32
CA ARG C 301 10.98 -44.02 30.38
C ARG C 301 9.50 -44.27 30.08
N LEU C 302 8.62 -43.71 30.88
CA LEU C 302 7.21 -43.81 30.55
C LEU C 302 6.55 -42.43 30.67
N ALA C 303 7.34 -41.43 31.06
CA ALA C 303 6.85 -40.07 31.10
C ALA C 303 6.69 -39.48 29.70
N PHE C 304 7.74 -39.60 28.88
CA PHE C 304 7.67 -39.10 27.51
C PHE C 304 6.66 -39.87 26.67
N PRO C 305 6.73 -41.23 26.67
CA PRO C 305 5.76 -41.92 25.82
C PRO C 305 4.32 -41.60 26.19
N LEU C 306 4.12 -40.92 27.32
CA LEU C 306 2.81 -40.39 27.64
C LEU C 306 2.80 -38.89 27.41
N GLY C 307 3.84 -38.21 27.87
CA GLY C 307 3.92 -36.77 27.76
C GLY C 307 3.86 -36.23 26.35
N PHE C 308 4.77 -36.68 25.51
CA PHE C 308 4.71 -36.38 24.08
C PHE C 308 3.37 -36.88 23.60
N LEU C 309 3.00 -38.10 23.97
CA LEU C 309 1.75 -38.68 23.50
C LEU C 309 0.52 -37.95 24.05
N ALA C 310 0.71 -37.06 25.01
CA ALA C 310 -0.42 -36.27 25.50
C ALA C 310 -0.47 -34.88 24.88
N ILE C 311 0.63 -34.15 24.99
CA ILE C 311 0.66 -32.79 24.44
C ILE C 311 0.84 -32.85 22.94
N GLY C 312 1.02 -34.05 22.40
CA GLY C 312 1.04 -34.22 20.97
C GLY C 312 -0.32 -34.70 20.49
N CYS C 313 -1.20 -35.06 21.42
CA CYS C 313 -2.56 -35.45 21.07
C CYS C 313 -3.48 -34.24 21.10
N VAL C 314 -2.90 -33.06 21.20
CA VAL C 314 -3.68 -31.83 21.16
C VAL C 314 -3.20 -30.97 20.01
N LEU C 315 -2.94 -31.62 18.88
CA LEU C 315 -2.63 -30.92 17.65
C LEU C 315 -3.92 -30.84 16.83
N VAL C 316 -4.98 -30.37 17.48
CA VAL C 316 -6.28 -30.24 16.86
C VAL C 316 -6.34 -28.91 16.10
N ILE C 317 -5.18 -28.36 15.78
CA ILE C 317 -5.08 -27.12 15.02
C ILE C 317 -5.69 -27.37 13.65
N ARG C 318 -6.91 -26.87 13.45
CA ARG C 318 -7.64 -27.13 12.22
C ARG C 318 -8.43 -25.91 11.76
N ARG D 10 -25.19 -47.48 -46.52
CA ARG D 10 -24.99 -46.04 -46.37
C ARG D 10 -23.59 -45.57 -45.94
N PRO D 11 -23.04 -46.12 -44.83
CA PRO D 11 -21.82 -45.55 -44.25
C PRO D 11 -20.57 -45.75 -45.04
N VAL D 12 -19.65 -44.80 -44.96
CA VAL D 12 -18.37 -44.96 -45.61
C VAL D 12 -17.52 -45.87 -44.75
N ASP D 13 -16.93 -46.87 -45.38
CA ASP D 13 -16.07 -47.83 -44.72
C ASP D 13 -14.66 -47.30 -44.65
N VAL D 14 -14.10 -47.19 -43.46
CA VAL D 14 -12.74 -46.72 -43.33
C VAL D 14 -11.81 -47.83 -42.81
N SER D 15 -10.72 -47.99 -43.54
CA SER D 15 -9.66 -48.93 -43.29
C SER D 15 -8.44 -48.27 -42.67
N VAL D 16 -8.09 -48.66 -41.46
CA VAL D 16 -7.02 -48.05 -40.72
C VAL D 16 -5.78 -48.92 -40.57
N SER D 17 -4.60 -48.34 -40.75
CA SER D 17 -3.38 -49.03 -40.41
C SER D 17 -2.56 -48.15 -39.48
N ILE D 18 -2.15 -48.66 -38.34
CA ILE D 18 -1.33 -47.90 -37.42
C ILE D 18 0.03 -48.57 -37.30
N PHE D 19 1.09 -47.91 -37.76
CA PHE D 19 2.44 -48.42 -37.59
C PHE D 19 3.03 -47.76 -36.34
N ILE D 20 3.52 -48.55 -35.40
CA ILE D 20 3.99 -48.05 -34.14
C ILE D 20 5.50 -48.07 -34.06
N ASN D 21 6.17 -46.93 -33.90
CA ASN D 21 7.63 -46.90 -33.92
C ASN D 21 8.29 -47.07 -32.58
N LYS D 22 7.74 -46.47 -31.55
CA LYS D 22 8.38 -46.46 -30.27
C LYS D 22 7.30 -46.27 -29.23
N ILE D 23 7.31 -47.03 -28.17
CA ILE D 23 6.49 -46.74 -27.03
C ILE D 23 7.46 -46.48 -25.92
N TYR D 24 7.51 -45.27 -25.41
CA TYR D 24 8.48 -44.89 -24.43
C TYR D 24 7.88 -43.98 -23.41
N GLY D 25 8.70 -43.54 -22.48
CA GLY D 25 8.32 -42.53 -21.54
C GLY D 25 7.12 -42.76 -20.65
N VAL D 26 7.00 -43.89 -20.00
CA VAL D 26 5.87 -44.08 -19.12
C VAL D 26 5.90 -43.07 -17.98
N ASN D 27 4.75 -42.50 -17.68
CA ASN D 27 4.63 -41.60 -16.55
C ASN D 27 3.81 -42.27 -15.48
N THR D 28 4.43 -42.68 -14.40
CA THR D 28 3.69 -43.47 -13.45
C THR D 28 2.59 -42.71 -12.76
N LEU D 29 2.83 -41.47 -12.41
CA LEU D 29 1.85 -40.77 -11.63
C LEU D 29 0.71 -40.28 -12.50
N GLU D 30 1.01 -39.88 -13.73
CA GLU D 30 -0.03 -39.48 -14.67
C GLU D 30 -0.76 -40.65 -15.31
N GLN D 31 -0.19 -41.85 -15.23
CA GLN D 31 -0.68 -43.06 -15.89
C GLN D 31 -0.78 -42.86 -17.38
N THR D 32 0.31 -42.42 -17.99
CA THR D 32 0.32 -42.15 -19.40
C THR D 32 1.57 -42.73 -19.98
N TYR D 33 1.68 -42.79 -21.30
CA TYR D 33 2.85 -43.30 -21.98
C TYR D 33 2.95 -42.63 -23.32
N LYS D 34 4.13 -42.61 -23.93
CA LYS D 34 4.30 -41.92 -25.19
C LYS D 34 4.41 -42.88 -26.38
N VAL D 35 3.79 -42.57 -27.53
CA VAL D 35 3.79 -43.45 -28.69
C VAL D 35 4.18 -42.71 -29.94
N ASP D 36 5.21 -43.16 -30.63
CA ASP D 36 5.61 -42.57 -31.90
C ASP D 36 5.19 -43.51 -33.00
N GLY D 37 4.57 -42.99 -34.05
CA GLY D 37 4.07 -43.83 -35.12
C GLY D 37 3.41 -43.16 -36.29
N TYR D 38 2.82 -43.97 -37.17
CA TYR D 38 2.08 -43.53 -38.34
C TYR D 38 0.67 -44.02 -38.26
N ILE D 39 -0.26 -43.28 -38.85
CA ILE D 39 -1.64 -43.70 -38.97
C ILE D 39 -1.99 -43.55 -40.40
N VAL D 40 -2.63 -44.56 -40.96
CA VAL D 40 -3.07 -44.55 -42.34
C VAL D 40 -4.56 -44.78 -42.34
N ALA D 41 -5.30 -44.05 -43.16
CA ALA D 41 -6.73 -44.26 -43.26
C ALA D 41 -7.15 -44.20 -44.70
N GLN D 42 -7.92 -45.20 -45.14
CA GLN D 42 -8.39 -45.32 -46.52
C GLN D 42 -9.89 -45.44 -46.61
N TRP D 43 -10.48 -44.75 -47.59
CA TRP D 43 -11.88 -44.89 -47.93
C TRP D 43 -12.06 -44.65 -49.42
N THR D 44 -13.25 -44.94 -49.92
CA THR D 44 -13.50 -44.76 -51.33
C THR D 44 -14.60 -43.73 -51.51
N GLY D 45 -14.35 -42.77 -52.38
CA GLY D 45 -15.28 -41.67 -52.60
C GLY D 45 -15.56 -41.40 -54.06
N LYS D 46 -15.94 -40.16 -54.36
CA LYS D 46 -16.18 -39.74 -55.72
C LYS D 46 -14.96 -39.96 -56.58
N PRO D 47 -15.09 -40.74 -57.65
CA PRO D 47 -14.02 -40.90 -58.62
C PRO D 47 -13.53 -39.55 -59.13
N ARG D 48 -12.33 -39.49 -59.68
CA ARG D 48 -11.70 -38.20 -59.84
C ARG D 48 -10.82 -38.17 -61.06
N LYS D 49 -10.68 -36.99 -61.64
CA LYS D 49 -9.72 -36.77 -62.71
C LYS D 49 -8.40 -36.33 -62.12
N THR D 50 -7.36 -37.10 -62.32
CA THR D 50 -6.03 -36.73 -61.82
C THR D 50 -5.10 -36.56 -63.02
N PRO D 51 -4.06 -35.73 -62.87
CA PRO D 51 -3.14 -35.52 -64.00
C PRO D 51 -2.44 -36.80 -64.40
N GLY D 52 -2.67 -37.27 -65.62
CA GLY D 52 -2.28 -38.61 -66.01
C GLY D 52 -3.24 -39.54 -65.33
N ASP D 53 -3.40 -40.78 -65.78
CA ASP D 53 -4.35 -41.61 -65.07
C ASP D 53 -3.68 -42.20 -63.83
N LYS D 54 -2.71 -41.47 -63.28
CA LYS D 54 -1.94 -41.92 -62.13
C LYS D 54 -2.33 -41.15 -60.88
N PRO D 55 -2.23 -41.77 -59.71
CA PRO D 55 -2.69 -41.16 -58.46
C PRO D 55 -1.94 -39.91 -58.12
N LEU D 56 -2.63 -38.99 -57.47
CA LEU D 56 -2.10 -37.67 -57.15
C LEU D 56 -1.73 -37.58 -55.70
N ILE D 57 -0.56 -37.02 -55.45
CA ILE D 57 -0.05 -36.89 -54.10
C ILE D 57 -0.11 -35.47 -53.63
N VAL D 58 -0.68 -35.27 -52.45
CA VAL D 58 -0.84 -33.93 -51.86
C VAL D 58 -0.24 -33.85 -50.49
N GLU D 59 0.75 -32.98 -50.30
CA GLU D 59 1.45 -32.91 -49.02
C GLU D 59 1.21 -31.69 -48.15
N ASN D 60 1.15 -31.92 -46.86
CA ASN D 60 1.19 -30.88 -45.83
C ASN D 60 0.20 -29.75 -45.95
N THR D 61 0.67 -28.55 -46.19
CA THR D 61 -0.20 -27.38 -46.15
C THR D 61 -1.24 -27.39 -47.24
N GLN D 62 -1.02 -28.24 -48.24
CA GLN D 62 -1.92 -28.35 -49.38
C GLN D 62 -3.14 -29.22 -49.10
N ILE D 63 -3.12 -30.04 -48.06
CA ILE D 63 -4.31 -30.85 -47.77
C ILE D 63 -5.44 -29.90 -47.52
N GLU D 64 -5.11 -28.80 -46.85
CA GLU D 64 -6.08 -27.80 -46.46
C GLU D 64 -6.75 -27.13 -47.65
N ARG D 65 -5.98 -26.84 -48.69
CA ARG D 65 -6.60 -26.22 -49.86
C ARG D 65 -7.64 -27.14 -50.44
N TRP D 66 -7.35 -28.43 -50.46
CA TRP D 66 -8.25 -29.42 -50.99
C TRP D 66 -9.46 -29.59 -50.08
N ILE D 67 -9.30 -29.32 -48.80
CA ILE D 67 -10.40 -29.45 -47.83
C ILE D 67 -11.43 -28.40 -48.15
N ASN D 68 -10.94 -27.24 -48.57
CA ASN D 68 -11.76 -26.09 -48.92
C ASN D 68 -12.55 -26.19 -50.21
N ASN D 69 -12.01 -26.84 -51.23
CA ASN D 69 -12.75 -26.98 -52.47
C ASN D 69 -13.76 -28.09 -52.30
N GLY D 70 -13.83 -28.62 -51.10
CA GLY D 70 -14.87 -29.57 -50.72
C GLY D 70 -14.48 -31.02 -50.60
N LEU D 71 -13.20 -31.31 -50.43
CA LEU D 71 -12.74 -32.67 -50.20
C LEU D 71 -13.03 -33.11 -48.78
N TRP D 72 -13.57 -34.29 -48.63
CA TRP D 72 -13.93 -34.78 -47.31
C TRP D 72 -12.77 -35.56 -46.72
N VAL D 73 -12.19 -35.04 -45.64
CA VAL D 73 -11.18 -35.73 -44.87
C VAL D 73 -11.62 -35.71 -43.43
N PRO D 74 -12.24 -36.80 -42.94
CA PRO D 74 -12.85 -36.76 -41.62
C PRO D 74 -11.85 -36.73 -40.48
N ALA D 75 -12.09 -35.91 -39.47
CA ALA D 75 -11.21 -35.89 -38.32
C ALA D 75 -11.39 -37.13 -37.53
N LEU D 76 -10.30 -37.87 -37.42
CA LEU D 76 -10.27 -39.05 -36.59
C LEU D 76 -9.51 -38.69 -35.32
N GLU D 77 -10.17 -38.81 -34.18
CA GLU D 77 -9.63 -38.44 -32.89
C GLU D 77 -9.05 -39.61 -32.06
N PHE D 78 -7.87 -39.45 -31.50
CA PHE D 78 -7.40 -40.44 -30.53
C PHE D 78 -8.10 -40.20 -29.24
N ILE D 79 -9.04 -41.02 -28.89
CA ILE D 79 -9.85 -40.76 -27.74
C ILE D 79 -9.11 -40.68 -26.44
N ASN D 80 -8.03 -41.40 -26.28
CA ASN D 80 -7.35 -41.35 -25.00
C ASN D 80 -6.01 -40.66 -25.06
N VAL D 81 -5.77 -39.81 -26.06
CA VAL D 81 -4.56 -38.99 -26.05
C VAL D 81 -4.66 -37.88 -24.99
N VAL D 82 -3.53 -37.38 -24.54
CA VAL D 82 -3.56 -36.26 -23.61
C VAL D 82 -2.91 -35.03 -24.17
N GLY D 83 -3.71 -34.11 -24.68
CA GLY D 83 -3.16 -32.98 -25.37
C GLY D 83 -3.14 -33.27 -26.83
N SER D 84 -3.11 -32.24 -27.64
CA SER D 84 -3.08 -32.45 -29.07
C SER D 84 -1.78 -33.11 -29.40
N PRO D 85 -1.82 -34.26 -30.08
CA PRO D 85 -0.60 -34.94 -30.44
C PRO D 85 0.23 -34.15 -31.42
N ASP D 86 1.53 -34.42 -31.48
CA ASP D 86 2.41 -33.76 -32.41
C ASP D 86 2.40 -34.46 -33.75
N THR D 87 1.77 -33.83 -34.73
CA THR D 87 1.64 -34.34 -36.06
C THR D 87 2.73 -33.86 -36.95
N GLY D 88 3.45 -34.77 -37.56
CA GLY D 88 4.53 -34.47 -38.47
C GLY D 88 3.97 -34.21 -39.82
N ASN D 89 4.45 -34.95 -40.82
CA ASN D 89 3.99 -34.79 -42.18
C ASN D 89 2.63 -35.40 -42.41
N LYS D 90 1.80 -34.75 -43.20
CA LYS D 90 0.54 -35.32 -43.62
C LYS D 90 0.64 -35.56 -45.08
N ARG D 91 -0.13 -36.53 -45.55
CA ARG D 91 -0.18 -36.83 -46.95
C ARG D 91 -1.57 -37.29 -47.27
N LEU D 92 -2.08 -36.81 -48.37
CA LEU D 92 -3.29 -37.32 -48.97
C LEU D 92 -2.88 -37.95 -50.28
N MET D 93 -3.31 -39.20 -50.50
CA MET D 93 -3.17 -39.84 -51.81
C MET D 93 -4.53 -40.02 -52.46
N LEU D 94 -4.76 -39.28 -53.53
CA LEU D 94 -6.04 -39.26 -54.25
C LEU D 94 -6.02 -40.14 -55.49
N PHE D 95 -6.81 -41.20 -55.48
CA PHE D 95 -6.85 -42.12 -56.63
C PHE D 95 -7.92 -41.76 -57.66
N PRO D 96 -7.66 -42.10 -58.94
CA PRO D 96 -8.63 -41.80 -59.98
C PRO D 96 -9.87 -42.63 -59.86
N ASP D 97 -9.79 -43.84 -59.34
CA ASP D 97 -11.01 -44.60 -59.20
C ASP D 97 -11.76 -44.30 -57.91
N GLY D 98 -11.53 -43.13 -57.32
CA GLY D 98 -12.30 -42.78 -56.14
C GLY D 98 -11.61 -42.85 -54.79
N ARG D 99 -10.62 -43.72 -54.65
CA ARG D 99 -9.99 -43.94 -53.36
C ARG D 99 -9.16 -42.77 -52.86
N VAL D 100 -9.15 -42.63 -51.54
CA VAL D 100 -8.41 -41.56 -50.88
C VAL D 100 -7.66 -42.18 -49.74
N ILE D 101 -6.36 -41.95 -49.67
CA ILE D 101 -5.62 -42.48 -48.55
C ILE D 101 -4.96 -41.36 -47.77
N TYR D 102 -5.27 -41.31 -46.48
CA TYR D 102 -4.70 -40.32 -45.57
C TYR D 102 -3.54 -40.92 -44.79
N ASN D 103 -2.41 -40.26 -44.83
CA ASN D 103 -1.22 -40.76 -44.15
C ASN D 103 -0.55 -39.68 -43.28
N ALA D 104 -0.39 -39.95 -42.00
CA ALA D 104 0.21 -38.95 -41.13
C ALA D 104 1.03 -39.54 -40.02
N ARG D 105 2.11 -38.87 -39.69
CA ARG D 105 2.95 -39.24 -38.56
C ARG D 105 2.53 -38.57 -37.26
N PHE D 106 2.60 -39.26 -36.14
CA PHE D 106 2.20 -38.66 -34.89
C PHE D 106 3.09 -39.01 -33.71
N LEU D 107 3.23 -38.09 -32.75
CA LEU D 107 3.86 -38.38 -31.45
C LEU D 107 2.88 -37.94 -30.41
N GLY D 108 2.49 -38.80 -29.49
CA GLY D 108 1.43 -38.45 -28.58
C GLY D 108 1.63 -39.06 -27.23
N SER D 109 1.02 -38.50 -26.21
CA SER D 109 0.99 -39.11 -24.92
C SER D 109 -0.35 -39.74 -24.75
N PHE D 110 -0.41 -41.03 -24.43
CA PHE D 110 -1.69 -41.72 -24.37
C PHE D 110 -1.92 -42.19 -22.97
N SER D 111 -3.18 -42.36 -22.63
CA SER D 111 -3.61 -42.69 -21.30
C SER D 111 -4.24 -44.06 -21.17
N ASN D 112 -4.04 -44.72 -20.03
CA ASN D 112 -4.71 -45.97 -19.72
C ASN D 112 -4.67 -46.23 -18.23
N ASP D 113 -5.57 -47.07 -17.72
CA ASP D 113 -5.46 -47.45 -16.34
C ASP D 113 -4.21 -48.23 -16.19
N MET D 114 -3.38 -47.83 -15.24
CA MET D 114 -2.14 -48.51 -15.05
C MET D 114 -1.92 -48.78 -13.60
N ASP D 115 -1.86 -50.06 -13.25
CA ASP D 115 -1.67 -50.48 -11.87
C ASP D 115 -0.22 -50.85 -11.68
N PHE D 116 0.47 -50.12 -10.81
CA PHE D 116 1.88 -50.36 -10.62
C PHE D 116 2.15 -50.96 -9.26
N ARG D 117 1.13 -51.56 -8.67
CA ARG D 117 1.24 -52.02 -7.29
C ARG D 117 2.22 -53.20 -7.09
N LEU D 118 2.45 -54.00 -8.13
CA LEU D 118 3.38 -55.11 -8.07
C LEU D 118 4.76 -54.74 -8.59
N PHE D 119 5.05 -53.46 -8.64
CA PHE D 119 6.36 -52.99 -9.06
C PHE D 119 7.39 -53.67 -8.19
N PRO D 120 8.52 -54.06 -8.77
CA PRO D 120 8.86 -53.97 -10.18
C PRO D 120 8.45 -55.20 -10.99
N PHE D 121 7.43 -55.93 -10.56
CA PHE D 121 7.06 -57.12 -11.29
C PHE D 121 5.68 -57.00 -11.94
N ASP D 122 5.34 -55.79 -12.38
CA ASP D 122 4.02 -55.53 -12.92
C ASP D 122 3.95 -55.73 -14.41
N ARG D 123 2.75 -56.00 -14.91
CA ARG D 123 2.47 -56.05 -16.33
C ARG D 123 1.52 -54.93 -16.69
N GLN D 124 1.74 -54.28 -17.82
CA GLN D 124 0.86 -53.22 -18.27
C GLN D 124 0.42 -53.39 -19.72
N GLN D 125 -0.71 -52.82 -20.09
CA GLN D 125 -1.05 -52.80 -21.51
C GLN D 125 -1.10 -51.39 -22.04
N PHE D 126 -0.39 -51.18 -23.13
CA PHE D 126 -0.38 -49.93 -23.84
C PHE D 126 -1.51 -49.89 -24.86
N VAL D 127 -2.45 -48.99 -24.68
CA VAL D 127 -3.68 -48.94 -25.44
C VAL D 127 -3.81 -47.70 -26.32
N LEU D 128 -4.34 -47.85 -27.52
CA LEU D 128 -4.78 -46.74 -28.37
C LEU D 128 -6.24 -46.86 -28.69
N GLU D 129 -6.99 -45.82 -28.48
CA GLU D 129 -8.41 -45.81 -28.81
C GLU D 129 -8.66 -44.70 -29.86
N LEU D 130 -9.22 -45.07 -31.00
CA LEU D 130 -9.38 -44.19 -32.15
C LEU D 130 -10.83 -44.16 -32.56
N GLU D 131 -11.40 -42.97 -32.80
CA GLU D 131 -12.84 -42.84 -33.02
C GLU D 131 -13.09 -41.62 -33.86
N PRO D 132 -14.02 -41.66 -34.80
CA PRO D 132 -14.21 -40.44 -35.55
C PRO D 132 -14.79 -39.37 -34.67
N PHE D 133 -14.48 -38.12 -34.96
CA PHE D 133 -14.81 -37.06 -34.03
C PHE D 133 -16.23 -36.53 -34.14
N SER D 134 -16.76 -36.55 -35.35
CA SER D 134 -18.00 -35.87 -35.61
C SER D 134 -19.06 -36.77 -36.22
N TYR D 135 -18.64 -37.86 -36.85
CA TYR D 135 -19.53 -38.71 -37.64
C TYR D 135 -19.88 -40.07 -37.02
N ASN D 136 -21.17 -40.41 -36.88
CA ASN D 136 -21.55 -41.72 -36.35
C ASN D 136 -21.49 -42.92 -37.32
N ASN D 137 -21.78 -44.11 -36.81
CA ASN D 137 -21.59 -45.35 -37.57
C ASN D 137 -22.58 -45.52 -38.68
N GLN D 138 -23.57 -44.64 -38.74
CA GLN D 138 -24.44 -44.60 -39.89
C GLN D 138 -23.74 -43.81 -40.97
N GLN D 139 -22.73 -43.05 -40.58
CA GLN D 139 -22.02 -42.21 -41.52
C GLN D 139 -20.64 -42.69 -41.83
N LEU D 140 -19.95 -43.19 -40.81
CA LEU D 140 -18.60 -43.69 -41.00
C LEU D 140 -18.38 -44.87 -40.09
N ARG D 141 -17.91 -45.98 -40.64
CA ARG D 141 -17.62 -47.15 -39.82
C ARG D 141 -16.24 -47.67 -40.13
N PHE D 142 -15.59 -48.21 -39.12
CA PHE D 142 -14.29 -48.80 -39.29
C PHE D 142 -14.46 -50.22 -39.78
N SER D 143 -13.91 -50.48 -40.96
CA SER D 143 -14.05 -51.76 -41.58
C SER D 143 -13.06 -52.75 -40.98
N ASP D 144 -11.83 -52.30 -40.86
CA ASP D 144 -10.77 -53.11 -40.28
C ASP D 144 -9.62 -52.30 -39.68
N ILE D 145 -8.84 -52.92 -38.80
CA ILE D 145 -7.69 -52.27 -38.19
C ILE D 145 -6.46 -53.19 -38.24
N GLN D 146 -5.39 -52.73 -38.87
CA GLN D 146 -4.12 -53.44 -38.91
C GLN D 146 -3.04 -52.69 -38.11
N VAL D 147 -2.35 -53.35 -37.20
CA VAL D 147 -1.31 -52.74 -36.38
C VAL D 147 0.06 -53.37 -36.59
N TYR D 148 1.05 -52.59 -36.97
CA TYR D 148 2.36 -53.13 -37.24
C TYR D 148 3.37 -52.68 -36.19
N THR D 149 4.08 -53.63 -35.59
CA THR D 149 5.10 -53.32 -34.60
C THR D 149 6.38 -54.05 -34.92
N GLU D 150 7.51 -53.45 -34.57
CA GLU D 150 8.79 -54.12 -34.73
C GLU D 150 8.84 -55.24 -33.71
N ASN D 151 9.63 -56.27 -33.99
CA ASN D 151 9.90 -57.33 -33.01
C ASN D 151 11.19 -57.03 -32.25
N ILE D 152 11.12 -56.56 -31.01
CA ILE D 152 12.36 -56.26 -30.29
C ILE D 152 13.00 -57.51 -29.70
N ASP D 153 14.24 -57.76 -30.11
CA ASP D 153 14.99 -58.92 -29.65
C ASP D 153 16.10 -58.52 -28.70
N ASN D 154 16.61 -57.30 -28.87
CA ASN D 154 17.59 -56.79 -27.93
C ASN D 154 16.80 -56.14 -26.82
N GLU D 155 15.86 -56.93 -26.32
CA GLU D 155 14.91 -56.57 -25.31
C GLU D 155 15.56 -56.47 -23.93
N GLU D 156 16.79 -56.98 -23.83
CA GLU D 156 17.55 -56.97 -22.59
C GLU D 156 18.11 -55.61 -22.23
N ILE D 157 18.19 -54.72 -23.21
CA ILE D 157 18.59 -53.35 -22.94
C ILE D 157 17.33 -52.50 -23.05
N ASP D 158 16.21 -53.19 -23.22
CA ASP D 158 14.94 -52.51 -23.22
C ASP D 158 14.29 -52.76 -21.87
N GLU D 159 13.64 -51.72 -21.37
CA GLU D 159 12.99 -51.74 -20.09
C GLU D 159 11.79 -52.68 -20.03
N TRP D 160 11.08 -52.78 -21.15
CA TRP D 160 9.83 -53.57 -21.25
C TRP D 160 9.93 -54.72 -22.24
N TRP D 161 9.38 -55.86 -21.84
CA TRP D 161 9.23 -57.03 -22.71
C TRP D 161 7.83 -57.10 -23.28
N ILE D 162 7.73 -56.95 -24.59
CA ILE D 162 6.44 -57.06 -25.30
C ILE D 162 5.96 -58.51 -25.43
N ARG D 163 4.70 -58.78 -25.11
CA ARG D 163 4.24 -60.14 -24.98
C ARG D 163 3.32 -60.45 -26.15
N GLY D 164 3.88 -60.45 -27.35
CA GLY D 164 3.11 -60.73 -28.54
C GLY D 164 2.79 -59.53 -29.42
N LYS D 165 2.43 -59.80 -30.68
CA LYS D 165 2.00 -58.78 -31.62
C LYS D 165 0.69 -58.23 -31.11
N ALA D 166 0.32 -57.06 -31.61
CA ALA D 166 -0.82 -56.32 -31.11
C ALA D 166 -2.17 -56.92 -31.37
N SER D 167 -3.02 -56.88 -30.34
CA SER D 167 -4.41 -57.29 -30.42
C SER D 167 -5.33 -56.08 -30.63
N THR D 168 -6.41 -56.27 -31.38
CA THR D 168 -7.35 -55.20 -31.71
C THR D 168 -8.79 -55.63 -31.45
N HIS D 169 -9.72 -54.68 -31.52
CA HIS D 169 -11.15 -54.86 -31.26
C HIS D 169 -11.93 -53.67 -31.77
N ILE D 170 -12.64 -53.83 -32.88
CA ILE D 170 -13.57 -52.82 -33.37
C ILE D 170 -14.96 -52.96 -32.78
N SER D 171 -15.51 -51.86 -32.28
CA SER D 171 -16.84 -51.90 -31.67
C SER D 171 -17.59 -50.59 -31.84
N ASP D 172 -18.77 -50.52 -31.24
CA ASP D 172 -19.71 -49.41 -31.42
C ASP D 172 -20.04 -48.84 -30.08
N ILE D 173 -20.03 -47.52 -29.96
CA ILE D 173 -20.25 -46.94 -28.65
C ILE D 173 -21.45 -46.06 -28.58
N ARG D 174 -22.30 -46.37 -27.62
CA ARG D 174 -23.51 -45.64 -27.39
C ARG D 174 -23.26 -44.56 -26.37
N TYR D 175 -23.45 -43.33 -26.83
CA TYR D 175 -23.38 -42.14 -26.01
C TYR D 175 -24.77 -41.78 -25.53
N ASP D 176 -24.97 -41.87 -24.22
CA ASP D 176 -26.28 -41.61 -23.65
C ASP D 176 -26.63 -40.14 -23.85
N HIS D 177 -25.80 -39.27 -23.30
CA HIS D 177 -26.07 -37.84 -23.31
C HIS D 177 -25.59 -37.13 -24.58
N LEU D 178 -26.43 -37.15 -25.61
CA LEU D 178 -26.16 -36.40 -26.84
C LEU D 178 -27.21 -35.31 -27.02
N SER D 179 -26.81 -34.14 -27.51
CA SER D 179 -27.74 -33.05 -27.74
C SER D 179 -28.20 -32.99 -29.19
N SER D 180 -28.05 -34.11 -29.90
CA SER D 180 -28.32 -34.17 -31.33
C SER D 180 -29.74 -34.63 -31.60
N VAL D 181 -29.88 -35.77 -32.27
CA VAL D 181 -31.19 -36.32 -32.64
C VAL D 181 -31.31 -37.70 -31.96
N GLN D 182 -32.21 -38.56 -32.42
CA GLN D 182 -32.48 -39.81 -31.69
C GLN D 182 -32.28 -41.12 -32.48
N PRO D 183 -33.00 -41.30 -33.61
CA PRO D 183 -33.09 -42.68 -34.10
C PRO D 183 -31.77 -43.24 -34.67
N ASN D 184 -31.12 -44.11 -33.90
CA ASN D 184 -29.92 -44.83 -34.31
C ASN D 184 -28.73 -43.95 -34.68
N GLN D 185 -28.74 -42.68 -34.29
CA GLN D 185 -27.64 -41.78 -34.62
C GLN D 185 -26.73 -41.42 -33.44
N ASN D 186 -26.69 -42.27 -32.41
CA ASN D 186 -25.93 -41.95 -31.21
C ASN D 186 -24.84 -42.98 -30.93
N GLU D 187 -24.46 -43.73 -31.95
CA GLU D 187 -23.43 -44.73 -31.83
C GLU D 187 -22.22 -44.42 -32.67
N PHE D 188 -21.03 -44.64 -32.12
CA PHE D 188 -19.81 -44.36 -32.84
C PHE D 188 -18.88 -45.56 -32.98
N SER D 189 -18.24 -45.65 -34.13
CA SER D 189 -17.33 -46.72 -34.44
C SER D 189 -16.00 -46.50 -33.80
N ARG D 190 -15.51 -47.44 -33.02
CA ARG D 190 -14.23 -47.27 -32.33
C ARG D 190 -13.28 -48.45 -32.48
N ILE D 191 -12.08 -48.16 -32.97
CA ILE D 191 -10.93 -49.02 -32.94
C ILE D 191 -10.22 -49.00 -31.57
N THR D 192 -9.83 -50.14 -31.03
CA THR D 192 -9.06 -50.19 -29.81
C THR D 192 -7.86 -51.10 -30.00
N VAL D 193 -6.66 -50.56 -29.90
CA VAL D 193 -5.45 -51.36 -30.01
C VAL D 193 -4.86 -51.66 -28.65
N ARG D 194 -4.49 -52.89 -28.38
CA ARG D 194 -3.87 -53.25 -27.10
C ARG D 194 -2.58 -53.99 -27.27
N ILE D 195 -1.56 -53.57 -26.53
CA ILE D 195 -0.28 -54.19 -26.54
C ILE D 195 0.07 -54.54 -25.12
N ASP D 196 0.27 -55.83 -24.82
CA ASP D 196 0.65 -56.28 -23.49
C ASP D 196 2.14 -56.20 -23.32
N ALA D 197 2.62 -55.94 -22.11
CA ALA D 197 4.06 -55.93 -21.89
C ALA D 197 4.33 -56.20 -20.44
N VAL D 198 5.46 -56.87 -20.14
CA VAL D 198 5.81 -57.06 -18.74
C VAL D 198 7.17 -56.43 -18.48
N ARG D 199 7.37 -55.98 -17.26
CA ARG D 199 8.57 -55.23 -16.93
C ARG D 199 9.76 -56.13 -16.62
N ASN D 200 10.91 -55.77 -17.17
CA ASN D 200 12.17 -56.43 -16.91
C ASN D 200 12.70 -56.11 -15.53
N PRO D 201 12.57 -57.03 -14.58
CA PRO D 201 12.84 -56.66 -13.18
C PRO D 201 14.30 -56.65 -12.75
N SER D 202 15.23 -56.92 -13.66
CA SER D 202 16.62 -57.17 -13.29
C SER D 202 17.15 -56.09 -12.44
N TYR D 203 17.20 -54.89 -13.03
CA TYR D 203 17.82 -53.72 -12.44
C TYR D 203 17.37 -53.52 -11.03
N TYR D 204 16.09 -53.74 -10.82
CA TYR D 204 15.50 -53.48 -9.53
C TYR D 204 15.79 -54.64 -8.61
N LEU D 205 16.01 -55.81 -9.17
CA LEU D 205 16.33 -56.96 -8.35
C LEU D 205 17.70 -56.80 -7.74
N TRP D 206 18.68 -56.51 -8.60
CA TRP D 206 20.08 -56.39 -8.21
C TRP D 206 20.47 -55.13 -7.49
N SER D 207 19.85 -54.01 -7.85
CA SER D 207 20.27 -52.75 -7.30
C SER D 207 19.38 -52.22 -6.20
N PHE D 208 18.22 -52.82 -6.01
CA PHE D 208 17.29 -52.34 -4.99
C PHE D 208 16.84 -53.41 -4.04
N ILE D 209 16.33 -54.52 -4.57
CA ILE D 209 15.89 -55.65 -3.76
C ILE D 209 17.04 -56.35 -3.02
N LEU D 210 18.13 -56.64 -3.72
CA LEU D 210 19.21 -57.38 -3.10
C LEU D 210 19.87 -56.56 -2.00
N PRO D 211 20.42 -55.36 -2.29
CA PRO D 211 21.07 -54.73 -1.15
C PRO D 211 20.14 -54.35 -0.01
N LEU D 212 18.86 -54.19 -0.25
CA LEU D 212 17.97 -53.96 0.86
C LEU D 212 17.96 -55.20 1.71
N GLY D 213 18.05 -56.36 1.06
CA GLY D 213 18.08 -57.63 1.75
C GLY D 213 19.34 -57.79 2.60
N LEU D 214 20.48 -57.53 1.99
CA LEU D 214 21.73 -57.55 2.72
C LEU D 214 21.65 -56.62 3.94
N ILE D 215 21.12 -55.42 3.78
CA ILE D 215 20.98 -54.50 4.91
C ILE D 215 20.04 -55.02 5.97
N ILE D 216 18.88 -55.49 5.57
CA ILE D 216 17.95 -56.00 6.53
C ILE D 216 18.51 -57.25 7.22
N ALA D 217 19.22 -58.09 6.47
CA ALA D 217 19.82 -59.30 7.05
C ALA D 217 20.86 -58.97 8.10
N ALA D 218 21.80 -58.12 7.72
CA ALA D 218 22.86 -57.67 8.61
C ALA D 218 22.27 -56.98 9.84
N SER D 219 21.03 -56.53 9.73
CA SER D 219 20.36 -55.93 10.87
C SER D 219 20.22 -56.91 11.99
N TRP D 220 20.06 -58.16 11.62
CA TRP D 220 19.82 -59.21 12.58
C TRP D 220 21.05 -59.51 13.42
N SER D 221 22.21 -59.15 12.90
CA SER D 221 23.45 -59.43 13.57
C SER D 221 23.64 -58.54 14.78
N VAL D 222 22.60 -57.84 15.18
CA VAL D 222 22.69 -57.04 16.39
C VAL D 222 22.75 -57.95 17.59
N PHE D 223 22.13 -59.13 17.48
CA PHE D 223 22.01 -60.03 18.62
C PHE D 223 23.31 -60.74 18.95
N TRP D 224 24.32 -60.58 18.12
CA TRP D 224 25.59 -61.22 18.37
C TRP D 224 26.53 -60.27 19.08
N LEU D 225 26.00 -59.15 19.50
CA LEU D 225 26.75 -58.19 20.29
C LEU D 225 26.62 -58.63 21.74
N GLU D 226 27.61 -58.36 22.57
CA GLU D 226 27.65 -59.03 23.87
C GLU D 226 27.09 -58.26 25.04
N SER D 227 27.22 -56.95 25.01
CA SER D 227 26.64 -56.17 26.09
C SER D 227 25.27 -55.72 25.66
N PHE D 228 24.51 -55.19 26.61
CA PHE D 228 23.22 -54.60 26.31
C PHE D 228 23.47 -53.26 25.64
N SER D 229 24.43 -52.52 26.17
CA SER D 229 24.80 -51.23 25.61
C SER D 229 25.07 -51.31 24.12
N GLU D 230 25.88 -52.28 23.73
CA GLU D 230 26.25 -52.46 22.34
C GLU D 230 25.00 -52.75 21.51
N ARG D 231 24.09 -53.50 22.10
CA ARG D 231 22.94 -53.97 21.37
C ARG D 231 21.98 -52.84 21.10
N LEU D 232 21.77 -52.00 22.10
CA LEU D 232 20.82 -50.91 21.97
C LEU D 232 21.39 -49.79 21.13
N GLN D 233 22.60 -49.36 21.42
CA GLN D 233 23.17 -48.23 20.69
C GLN D 233 23.34 -48.54 19.23
N THR D 234 23.66 -49.79 18.93
CA THR D 234 23.94 -50.20 17.56
C THR D 234 22.69 -50.19 16.71
N SER D 235 21.56 -50.55 17.30
CA SER D 235 20.33 -50.60 16.52
C SER D 235 19.90 -49.23 16.04
N PHE D 236 20.36 -48.17 16.71
CA PHE D 236 20.01 -46.83 16.28
C PHE D 236 20.71 -46.51 14.99
N THR D 237 21.88 -47.10 14.78
CA THR D 237 22.61 -46.91 13.54
C THR D 237 21.92 -47.71 12.44
N LEU D 238 21.36 -48.84 12.82
CA LEU D 238 20.68 -49.67 11.86
C LEU D 238 19.46 -48.92 11.36
N MET D 239 18.75 -48.28 12.30
CA MET D 239 17.60 -47.44 12.00
C MET D 239 17.98 -46.31 11.05
N LEU D 240 19.10 -45.67 11.30
CA LEU D 240 19.58 -44.61 10.42
C LEU D 240 19.84 -45.16 9.02
N THR D 241 20.29 -46.39 8.95
CA THR D 241 20.64 -47.01 7.69
C THR D 241 19.41 -47.27 6.80
N VAL D 242 18.30 -47.64 7.42
CA VAL D 242 17.09 -47.88 6.67
C VAL D 242 16.57 -46.56 6.11
N VAL D 243 16.57 -45.53 6.95
CA VAL D 243 16.17 -44.19 6.54
C VAL D 243 16.99 -43.69 5.39
N ALA D 244 18.28 -43.93 5.44
CA ALA D 244 19.16 -43.54 4.37
C ALA D 244 18.81 -44.32 3.13
N TYR D 245 18.34 -45.55 3.29
CA TYR D 245 17.97 -46.36 2.14
C TYR D 245 16.64 -45.97 1.51
N ALA D 246 15.66 -45.61 2.32
CA ALA D 246 14.37 -45.12 1.83
C ALA D 246 14.54 -43.89 1.00
N PHE D 247 15.52 -43.09 1.38
CA PHE D 247 15.82 -41.86 0.68
C PHE D 247 16.37 -42.19 -0.70
N TYR D 248 17.30 -43.13 -0.73
CA TYR D 248 17.94 -43.61 -1.95
C TYR D 248 16.92 -44.21 -2.92
N THR D 249 16.04 -45.04 -2.40
CA THR D 249 15.12 -45.70 -3.29
C THR D 249 14.17 -44.69 -3.88
N SER D 250 13.47 -43.98 -3.01
CA SER D 250 12.42 -43.07 -3.43
C SER D 250 12.93 -41.91 -4.25
N ASN D 251 14.19 -41.55 -4.14
CA ASN D 251 14.68 -40.48 -4.98
C ASN D 251 14.82 -40.94 -6.40
N ILE D 252 14.99 -42.24 -6.58
CA ILE D 252 15.22 -42.84 -7.90
C ILE D 252 14.03 -43.65 -8.43
N LEU D 253 13.31 -44.33 -7.56
CA LEU D 253 12.18 -45.13 -8.03
C LEU D 253 11.00 -44.25 -8.44
N PRO D 254 10.09 -44.77 -9.27
CA PRO D 254 8.98 -43.97 -9.79
C PRO D 254 8.01 -43.59 -8.71
N ARG D 255 7.39 -42.44 -8.85
CA ARG D 255 6.48 -41.93 -7.84
C ARG D 255 5.15 -42.64 -7.93
N LEU D 256 4.57 -43.02 -6.81
CA LEU D 256 3.26 -43.64 -6.89
C LEU D 256 2.39 -43.22 -5.72
N PRO D 257 1.06 -43.37 -5.84
CA PRO D 257 0.21 -43.01 -4.72
C PRO D 257 -0.01 -44.15 -3.79
N TYR D 258 0.64 -45.27 -4.03
CA TYR D 258 0.48 -46.43 -3.17
C TYR D 258 1.82 -47.11 -2.91
N THR D 259 1.86 -48.07 -2.02
CA THR D 259 3.11 -48.74 -1.73
C THR D 259 3.36 -49.86 -2.72
N THR D 260 4.62 -50.02 -3.10
CA THR D 260 5.04 -51.13 -3.92
C THR D 260 5.64 -52.18 -3.04
N VAL D 261 6.14 -53.24 -3.64
CA VAL D 261 6.78 -54.28 -2.88
C VAL D 261 8.00 -53.75 -2.15
N ILE D 262 8.83 -52.99 -2.85
CA ILE D 262 10.03 -52.47 -2.26
C ILE D 262 9.71 -51.55 -1.11
N ASP D 263 8.62 -50.81 -1.23
CA ASP D 263 8.20 -49.91 -0.18
C ASP D 263 7.91 -50.70 1.07
N GLN D 264 7.30 -51.86 0.90
CA GLN D 264 6.96 -52.71 2.04
C GLN D 264 8.17 -53.37 2.70
N MET D 265 9.14 -53.81 1.89
CA MET D 265 10.36 -54.37 2.44
C MET D 265 11.04 -53.35 3.34
N ILE D 266 11.07 -52.10 2.90
CA ILE D 266 11.67 -51.03 3.69
C ILE D 266 10.90 -50.83 4.97
N ILE D 267 9.58 -50.87 4.88
CA ILE D 267 8.76 -50.75 6.07
C ILE D 267 9.07 -51.92 6.98
N ALA D 268 9.27 -53.10 6.40
CA ALA D 268 9.61 -54.27 7.19
C ALA D 268 10.91 -54.05 7.94
N GLY D 269 11.87 -53.42 7.29
CA GLY D 269 13.13 -53.12 7.91
C GLY D 269 12.96 -52.22 9.13
N TYR D 270 12.12 -51.20 9.03
CA TYR D 270 11.90 -50.34 10.18
C TYR D 270 11.33 -51.18 11.30
N GLY D 271 10.49 -52.13 10.93
CA GLY D 271 9.81 -52.95 11.92
C GLY D 271 10.75 -53.91 12.58
N SER D 272 11.57 -54.58 11.78
CA SER D 272 12.53 -55.52 12.34
C SER D 272 13.50 -54.85 13.30
N ILE D 273 13.81 -53.60 13.07
CA ILE D 273 14.73 -52.90 13.93
C ILE D 273 14.00 -52.40 15.15
N PHE D 274 12.75 -52.02 14.99
CA PHE D 274 12.00 -51.58 16.14
C PHE D 274 11.71 -52.74 17.05
N ALA D 275 11.41 -53.89 16.44
CA ALA D 275 11.16 -55.09 17.22
C ALA D 275 12.41 -55.48 18.00
N ALA D 276 13.55 -55.43 17.31
CA ALA D 276 14.80 -55.76 17.93
C ALA D 276 15.06 -54.88 19.13
N ILE D 277 14.78 -53.58 19.00
CA ILE D 277 14.95 -52.69 20.13
C ILE D 277 14.00 -53.07 21.25
N LEU D 278 12.78 -53.47 20.90
CA LEU D 278 11.81 -53.82 21.93
C LEU D 278 12.24 -55.09 22.61
N LEU D 279 12.96 -55.96 21.91
CA LEU D 279 13.42 -57.21 22.50
C LEU D 279 14.73 -57.01 23.26
N ILE D 280 15.66 -56.29 22.66
CA ILE D 280 16.96 -56.02 23.27
C ILE D 280 16.80 -55.40 24.64
N ILE D 281 15.77 -54.58 24.76
CA ILE D 281 15.54 -53.84 25.96
C ILE D 281 14.72 -54.68 26.92
N PHE D 282 14.05 -55.68 26.38
CA PHE D 282 13.18 -56.52 27.19
C PHE D 282 13.99 -57.61 27.86
N ALA D 283 14.85 -58.25 27.08
CA ALA D 283 15.71 -59.31 27.60
C ALA D 283 16.64 -58.80 28.69
N HIS D 284 16.76 -57.49 28.79
CA HIS D 284 17.62 -56.89 29.79
C HIS D 284 16.94 -56.72 31.13
N HIS D 285 15.62 -56.82 31.19
CA HIS D 285 14.92 -56.52 32.44
C HIS D 285 13.87 -57.55 32.83
N ARG D 286 13.78 -58.64 32.07
CA ARG D 286 12.77 -59.67 32.30
C ARG D 286 12.88 -60.37 33.65
N GLN D 287 14.09 -60.81 33.98
CA GLN D 287 14.31 -61.64 35.16
C GLN D 287 14.83 -60.95 36.41
N ALA D 288 14.72 -61.66 37.54
CA ALA D 288 15.32 -61.25 38.79
C ALA D 288 16.84 -61.35 38.70
N ASN D 289 17.52 -60.93 39.77
CA ASN D 289 18.98 -60.94 39.88
C ASN D 289 19.65 -59.90 38.98
N GLY D 290 18.89 -59.33 38.05
CA GLY D 290 19.39 -58.36 37.10
C GLY D 290 20.30 -59.00 36.08
N VAL D 291 20.38 -60.33 36.12
CA VAL D 291 21.23 -61.09 35.21
C VAL D 291 20.67 -61.02 33.80
N GLU D 292 21.54 -60.77 32.83
CA GLU D 292 21.14 -60.65 31.43
C GLU D 292 20.50 -61.93 30.91
N ASP D 293 19.20 -61.86 30.64
CA ASP D 293 18.45 -63.03 30.18
C ASP D 293 18.93 -63.45 28.81
N ASP D 294 20.10 -64.09 28.78
CA ASP D 294 20.67 -64.56 27.53
C ASP D 294 19.88 -65.71 26.93
N LEU D 295 18.78 -66.10 27.58
CA LEU D 295 17.91 -67.12 27.04
C LEU D 295 17.07 -66.54 25.91
N LEU D 296 16.55 -65.34 26.12
CA LEU D 296 15.70 -64.69 25.12
C LEU D 296 16.53 -64.24 23.92
N ILE D 297 17.62 -63.54 24.22
CA ILE D 297 18.63 -63.25 23.21
C ILE D 297 19.18 -64.60 22.77
N GLN D 298 19.90 -64.65 21.67
CA GLN D 298 20.47 -65.86 21.10
C GLN D 298 19.43 -66.72 20.41
N ARG D 299 18.28 -66.92 21.04
CA ARG D 299 17.17 -67.57 20.35
C ARG D 299 16.68 -66.61 19.27
N CYS D 300 16.90 -65.32 19.52
CA CYS D 300 16.50 -64.32 18.57
C CYS D 300 17.39 -64.37 17.35
N ARG D 301 18.58 -64.96 17.49
CA ARG D 301 19.53 -65.06 16.39
C ARG D 301 19.00 -65.90 15.26
N LEU D 302 17.94 -66.66 15.53
CA LEU D 302 17.27 -67.40 14.48
C LEU D 302 15.78 -67.20 14.58
N ALA D 303 15.34 -66.48 15.60
CA ALA D 303 13.93 -66.15 15.66
C ALA D 303 13.64 -65.11 14.60
N PHE D 304 14.43 -64.05 14.58
CA PHE D 304 14.20 -63.03 13.59
C PHE D 304 14.51 -63.57 12.19
N PRO D 305 15.74 -64.09 11.95
CA PRO D 305 15.99 -64.49 10.57
C PRO D 305 15.02 -65.52 10.03
N LEU D 306 14.23 -66.11 10.92
CA LEU D 306 13.14 -67.00 10.50
C LEU D 306 11.82 -66.29 10.61
N GLY D 307 11.62 -65.58 11.72
CA GLY D 307 10.35 -64.93 11.93
C GLY D 307 10.03 -63.99 10.79
N PHE D 308 10.92 -63.04 10.54
CA PHE D 308 10.80 -62.17 9.39
C PHE D 308 10.72 -63.03 8.13
N LEU D 309 11.63 -63.97 7.98
CA LEU D 309 11.65 -64.78 6.77
C LEU D 309 10.44 -65.74 6.70
N ALA D 310 9.71 -65.89 7.79
CA ALA D 310 8.48 -66.69 7.80
C ALA D 310 7.27 -65.79 7.69
N ILE D 311 7.22 -64.76 8.52
CA ILE D 311 6.10 -63.83 8.49
C ILE D 311 6.25 -62.93 7.27
N GLY D 312 7.39 -63.05 6.59
CA GLY D 312 7.57 -62.35 5.33
C GLY D 312 7.37 -63.24 4.12
N CYS D 313 7.27 -64.55 4.32
CA CYS D 313 7.00 -65.43 3.19
C CYS D 313 5.49 -65.63 3.10
N VAL D 314 4.75 -64.82 3.84
CA VAL D 314 3.30 -64.85 3.80
C VAL D 314 2.70 -63.49 3.43
N LEU D 315 3.31 -62.83 2.44
CA LEU D 315 2.76 -61.60 1.87
C LEU D 315 1.96 -61.94 0.62
N VAL D 316 0.91 -62.74 0.78
CA VAL D 316 0.12 -63.21 -0.37
C VAL D 316 -0.89 -62.18 -0.89
N ILE D 317 -0.70 -60.92 -0.52
CA ILE D 317 -1.50 -59.81 -1.05
C ILE D 317 -1.23 -59.62 -2.55
N ARG D 318 -2.21 -59.92 -3.39
CA ARG D 318 -2.01 -59.85 -4.84
C ARG D 318 -3.17 -59.16 -5.55
N ARG E 10 13.11 -41.74 -65.63
CA ARG E 10 11.92 -41.12 -65.06
C ARG E 10 12.07 -40.44 -63.70
N PRO E 11 12.72 -41.11 -62.71
CA PRO E 11 12.75 -40.54 -61.35
C PRO E 11 13.68 -39.35 -61.20
N VAL E 12 13.32 -38.42 -60.31
CA VAL E 12 14.14 -37.24 -60.09
C VAL E 12 15.34 -37.54 -59.20
N ASP E 13 16.51 -37.13 -59.65
CA ASP E 13 17.70 -37.31 -58.84
C ASP E 13 17.77 -36.12 -57.92
N VAL E 14 17.78 -36.34 -56.62
CA VAL E 14 17.97 -35.23 -55.71
C VAL E 14 19.26 -35.39 -54.90
N SER E 15 20.06 -34.32 -54.88
CA SER E 15 21.34 -34.27 -54.19
C SER E 15 21.26 -33.60 -52.83
N VAL E 16 21.60 -34.35 -51.78
CA VAL E 16 21.48 -33.84 -50.42
C VAL E 16 22.81 -33.54 -49.74
N SER E 17 22.89 -32.42 -49.06
CA SER E 17 24.01 -32.13 -48.20
C SER E 17 23.49 -31.74 -46.83
N ILE E 18 24.05 -32.38 -45.80
CA ILE E 18 23.66 -32.15 -44.42
C ILE E 18 24.81 -31.58 -43.61
N PHE E 19 24.64 -30.36 -43.10
CA PHE E 19 25.61 -29.72 -42.22
C PHE E 19 25.25 -29.88 -40.77
N ILE E 20 26.17 -30.35 -39.96
CA ILE E 20 25.92 -30.60 -38.55
C ILE E 20 26.63 -29.61 -37.66
N ASN E 21 25.86 -28.86 -36.88
CA ASN E 21 26.41 -27.80 -36.05
C ASN E 21 26.74 -28.18 -34.63
N LYS E 22 25.85 -28.95 -34.01
CA LYS E 22 25.93 -29.28 -32.60
C LYS E 22 25.22 -30.59 -32.36
N ILE E 23 25.86 -31.53 -31.70
CA ILE E 23 25.16 -32.74 -31.27
C ILE E 23 25.19 -32.78 -29.76
N TYR E 24 24.04 -32.63 -29.14
CA TYR E 24 24.01 -32.48 -27.70
C TYR E 24 22.79 -33.10 -27.05
N GLY E 25 22.67 -32.92 -25.76
CA GLY E 25 21.47 -33.24 -25.01
C GLY E 25 21.01 -34.65 -25.10
N VAL E 26 21.96 -35.57 -24.97
CA VAL E 26 21.65 -36.98 -24.98
C VAL E 26 20.78 -37.32 -23.81
N ASN E 27 19.70 -38.04 -24.09
CA ASN E 27 18.80 -38.54 -23.08
C ASN E 27 18.95 -40.04 -22.96
N THR E 28 19.47 -40.53 -21.87
CA THR E 28 19.74 -41.96 -21.81
C THR E 28 18.47 -42.77 -21.73
N LEU E 29 17.49 -42.29 -20.98
CA LEU E 29 16.33 -43.13 -20.73
C LEU E 29 15.48 -43.26 -21.98
N GLU E 30 15.32 -42.17 -22.71
CA GLU E 30 14.56 -42.19 -23.96
C GLU E 30 15.41 -42.65 -25.15
N GLN E 31 16.72 -42.64 -24.99
CA GLN E 31 17.65 -43.01 -26.05
C GLN E 31 17.51 -42.13 -27.25
N THR E 32 17.60 -40.83 -27.03
CA THR E 32 17.52 -39.83 -28.08
C THR E 32 18.68 -38.87 -27.93
N TYR E 33 18.90 -37.97 -28.88
CA TYR E 33 19.95 -36.96 -28.78
C TYR E 33 19.54 -35.81 -29.65
N LYS E 34 20.07 -34.62 -29.45
CA LYS E 34 19.63 -33.48 -30.23
C LYS E 34 20.65 -33.03 -31.25
N VAL E 35 20.18 -32.68 -32.43
CA VAL E 35 21.06 -32.33 -33.53
C VAL E 35 20.57 -31.04 -34.13
N ASP E 36 21.48 -30.07 -34.19
CA ASP E 36 21.24 -28.82 -34.86
C ASP E 36 22.05 -28.83 -36.12
N GLY E 37 21.46 -28.37 -37.21
CA GLY E 37 22.18 -28.35 -38.46
C GLY E 37 21.40 -27.75 -39.59
N TYR E 38 21.93 -27.92 -40.80
CA TYR E 38 21.26 -27.50 -42.02
C TYR E 38 20.99 -28.69 -42.91
N ILE E 39 19.96 -28.60 -43.73
CA ILE E 39 19.73 -29.58 -44.76
C ILE E 39 19.61 -28.84 -46.08
N VAL E 40 20.33 -29.34 -47.08
CA VAL E 40 20.30 -28.79 -48.42
C VAL E 40 19.88 -29.88 -49.41
N ALA E 41 18.99 -29.58 -50.34
CA ALA E 41 18.52 -30.54 -51.33
C ALA E 41 18.45 -29.92 -52.70
N GLN E 42 19.04 -30.55 -53.70
CA GLN E 42 19.00 -30.02 -55.05
C GLN E 42 18.41 -31.02 -56.02
N TRP E 43 17.55 -30.56 -56.92
CA TRP E 43 17.05 -31.39 -58.00
C TRP E 43 16.79 -30.54 -59.22
N THR E 44 16.51 -31.18 -60.36
CA THR E 44 16.25 -30.43 -61.58
C THR E 44 14.87 -30.70 -62.16
N GLY E 45 14.19 -29.64 -62.58
CA GLY E 45 12.87 -29.78 -63.18
C GLY E 45 12.77 -28.94 -64.44
N LYS E 46 11.55 -28.69 -64.90
CA LYS E 46 11.34 -27.86 -66.08
C LYS E 46 11.76 -26.42 -65.83
N PRO E 47 12.60 -25.87 -66.71
CA PRO E 47 13.15 -24.51 -66.71
C PRO E 47 12.11 -23.43 -66.51
N ARG E 48 12.55 -22.23 -66.12
CA ARG E 48 11.64 -21.22 -65.60
C ARG E 48 12.05 -19.82 -66.01
N LYS E 49 11.07 -18.92 -66.08
CA LYS E 49 11.36 -17.52 -66.30
C LYS E 49 11.62 -16.87 -64.96
N THR E 50 12.83 -16.34 -64.80
CA THR E 50 13.17 -15.67 -63.57
C THR E 50 13.48 -14.21 -63.83
N PRO E 51 13.21 -13.35 -62.83
CA PRO E 51 13.54 -11.93 -62.98
C PRO E 51 15.03 -11.75 -63.13
N GLY E 52 15.45 -11.28 -64.29
CA GLY E 52 16.86 -11.27 -64.66
C GLY E 52 17.31 -12.67 -64.97
N ASP E 53 18.42 -12.80 -65.68
CA ASP E 53 18.95 -14.11 -65.98
C ASP E 53 19.75 -14.59 -64.79
N LYS E 54 19.36 -14.10 -63.62
CA LYS E 54 20.01 -14.42 -62.36
C LYS E 54 19.05 -15.24 -61.52
N PRO E 55 19.57 -16.14 -60.69
CA PRO E 55 18.68 -17.02 -59.92
C PRO E 55 17.80 -16.24 -58.96
N LEU E 56 16.62 -16.78 -58.68
CA LEU E 56 15.64 -16.13 -57.83
C LEU E 56 15.65 -16.76 -56.46
N ILE E 57 15.69 -15.94 -55.41
CA ILE E 57 15.70 -16.48 -54.07
C ILE E 57 14.36 -16.20 -53.41
N VAL E 58 13.72 -17.23 -52.87
CA VAL E 58 12.44 -17.06 -52.23
C VAL E 58 12.50 -17.65 -50.84
N GLU E 59 12.22 -16.82 -49.84
CA GLU E 59 12.38 -17.19 -48.44
C GLU E 59 11.13 -17.41 -47.62
N ASN E 60 11.22 -18.37 -46.72
CA ASN E 60 10.25 -18.57 -45.68
C ASN E 60 8.83 -18.57 -46.20
N THR E 61 8.03 -17.63 -45.75
CA THR E 61 6.63 -17.66 -46.03
C THR E 61 6.31 -17.53 -47.50
N GLN E 62 7.29 -17.09 -48.28
CA GLN E 62 7.04 -16.96 -49.70
C GLN E 62 7.16 -18.27 -50.44
N ILE E 63 7.83 -19.24 -49.85
CA ILE E 63 7.98 -20.55 -50.45
C ILE E 63 6.62 -21.20 -50.60
N GLU E 64 5.81 -21.00 -49.59
CA GLU E 64 4.49 -21.56 -49.58
C GLU E 64 3.71 -21.03 -50.75
N ARG E 65 3.91 -19.76 -51.08
CA ARG E 65 3.18 -19.18 -52.19
C ARG E 65 3.53 -19.88 -53.48
N TRP E 66 4.79 -20.24 -53.68
CA TRP E 66 5.16 -20.88 -54.91
C TRP E 66 4.55 -22.28 -54.97
N ILE E 67 4.36 -22.90 -53.81
CA ILE E 67 3.78 -24.23 -53.78
C ILE E 67 2.33 -24.16 -54.20
N ASN E 68 1.63 -23.09 -53.84
CA ASN E 68 0.24 -22.97 -54.27
C ASN E 68 0.13 -22.72 -55.76
N ASN E 69 1.10 -22.01 -56.33
CA ASN E 69 1.09 -21.76 -57.77
C ASN E 69 1.60 -22.98 -58.53
N GLY E 70 1.90 -24.05 -57.80
CA GLY E 70 2.21 -25.33 -58.41
C GLY E 70 3.67 -25.71 -58.48
N LEU E 71 4.50 -25.12 -57.63
CA LEU E 71 5.91 -25.52 -57.60
C LEU E 71 6.06 -26.84 -56.88
N TRP E 72 6.85 -27.76 -57.43
CA TRP E 72 7.01 -29.05 -56.79
C TRP E 72 8.16 -29.01 -55.83
N VAL E 73 7.84 -29.07 -54.54
CA VAL E 73 8.81 -29.15 -53.46
C VAL E 73 8.46 -30.32 -52.58
N PRO E 74 9.11 -31.46 -52.78
CA PRO E 74 8.79 -32.72 -52.11
C PRO E 74 9.22 -32.74 -50.66
N ALA E 75 8.35 -33.22 -49.78
CA ALA E 75 8.68 -33.37 -48.37
C ALA E 75 9.68 -34.47 -48.06
N LEU E 76 10.80 -34.13 -47.46
CA LEU E 76 11.76 -35.13 -47.03
C LEU E 76 11.65 -35.34 -45.52
N GLU E 77 11.40 -36.57 -45.07
CA GLU E 77 11.20 -36.87 -43.66
C GLU E 77 12.43 -37.43 -42.98
N PHE E 78 12.72 -36.98 -41.77
CA PHE E 78 13.71 -37.59 -40.92
C PHE E 78 13.04 -38.79 -40.30
N ILE E 79 13.44 -39.99 -40.66
CA ILE E 79 12.71 -41.16 -40.23
C ILE E 79 12.79 -41.32 -38.74
N ASN E 80 13.92 -41.00 -38.16
CA ASN E 80 14.10 -41.22 -36.73
C ASN E 80 14.07 -40.00 -35.82
N VAL E 81 13.47 -38.91 -36.25
CA VAL E 81 13.23 -37.78 -35.40
C VAL E 81 12.11 -38.12 -34.43
N VAL E 82 12.10 -37.49 -33.26
CA VAL E 82 11.04 -37.73 -32.30
C VAL E 82 10.25 -36.47 -32.07
N GLY E 83 9.11 -36.36 -32.75
CA GLY E 83 8.34 -35.15 -32.68
C GLY E 83 8.81 -34.26 -33.79
N SER E 84 7.97 -33.34 -34.20
CA SER E 84 8.26 -32.47 -35.31
C SER E 84 9.49 -31.64 -35.01
N PRO E 85 10.47 -31.64 -35.92
CA PRO E 85 11.69 -30.88 -35.72
C PRO E 85 11.35 -29.40 -35.72
N ASP E 86 12.23 -28.59 -35.15
CA ASP E 86 12.09 -27.16 -35.15
C ASP E 86 12.71 -26.58 -36.40
N THR E 87 11.92 -26.05 -37.31
CA THR E 87 12.53 -25.52 -38.52
C THR E 87 12.76 -24.02 -38.45
N GLY E 88 14.00 -23.63 -38.69
CA GLY E 88 14.35 -22.23 -38.72
C GLY E 88 14.06 -21.62 -40.06
N ASN E 89 15.04 -21.01 -40.69
CA ASN E 89 14.82 -20.36 -41.96
C ASN E 89 14.77 -21.34 -43.08
N LYS E 90 13.84 -21.13 -44.00
CA LYS E 90 13.67 -21.96 -45.19
C LYS E 90 14.10 -21.14 -46.36
N ARG E 91 14.58 -21.78 -47.40
CA ARG E 91 14.92 -21.08 -48.61
C ARG E 91 14.77 -21.96 -49.83
N LEU E 92 14.22 -21.42 -50.91
CA LEU E 92 14.25 -22.03 -52.22
C LEU E 92 15.15 -21.20 -53.11
N MET E 93 16.07 -21.85 -53.83
CA MET E 93 16.78 -21.15 -54.89
C MET E 93 16.36 -21.72 -56.25
N LEU E 94 15.62 -20.92 -57.02
CA LEU E 94 15.11 -21.34 -58.31
C LEU E 94 15.99 -20.82 -59.43
N PHE E 95 16.62 -21.75 -60.14
CA PHE E 95 17.49 -21.41 -61.26
C PHE E 95 16.70 -21.40 -62.56
N PRO E 96 17.12 -20.59 -63.55
CA PRO E 96 16.40 -20.50 -64.82
C PRO E 96 16.56 -21.76 -65.64
N ASP E 97 17.67 -22.45 -65.43
CA ASP E 97 17.92 -23.68 -66.16
C ASP E 97 17.26 -24.87 -65.51
N GLY E 98 16.20 -24.64 -64.74
CA GLY E 98 15.39 -25.74 -64.22
C GLY E 98 15.62 -26.20 -62.79
N ARG E 99 16.88 -26.15 -62.34
CA ARG E 99 17.24 -26.69 -61.03
C ARG E 99 16.72 -25.87 -59.85
N VAL E 100 16.48 -26.59 -58.76
CA VAL E 100 15.85 -26.05 -57.57
C VAL E 100 16.65 -26.46 -56.35
N ILE E 101 16.99 -25.51 -55.47
CA ILE E 101 17.72 -25.86 -54.26
C ILE E 101 16.95 -25.45 -53.01
N TYR E 102 16.67 -26.40 -52.14
CA TYR E 102 15.99 -26.14 -50.88
C TYR E 102 17.00 -26.10 -49.77
N ASN E 103 16.93 -25.08 -48.95
CA ASN E 103 17.88 -24.94 -47.86
C ASN E 103 17.15 -24.62 -46.56
N ALA E 104 17.41 -25.37 -45.50
CA ALA E 104 16.71 -25.10 -44.25
C ALA E 104 17.52 -25.41 -43.02
N ARG E 105 17.34 -24.62 -41.97
CA ARG E 105 17.97 -24.93 -40.71
C ARG E 105 17.06 -25.75 -39.84
N PHE E 106 17.62 -26.71 -39.12
CA PHE E 106 16.80 -27.55 -38.27
C PHE E 106 17.45 -27.84 -36.94
N LEU E 107 16.60 -28.03 -35.94
CA LEU E 107 16.99 -28.61 -34.69
C LEU E 107 15.99 -29.67 -34.39
N GLY E 108 16.43 -30.89 -34.17
CA GLY E 108 15.47 -31.93 -33.92
C GLY E 108 16.04 -32.87 -32.91
N SER E 109 15.16 -33.61 -32.26
CA SER E 109 15.55 -34.71 -31.39
C SER E 109 15.44 -36.03 -32.16
N PHE E 110 16.53 -36.80 -32.17
CA PHE E 110 16.60 -38.01 -32.98
C PHE E 110 16.72 -39.24 -32.13
N SER E 111 16.25 -40.35 -32.64
CA SER E 111 16.21 -41.59 -31.89
C SER E 111 17.20 -42.55 -32.50
N ASN E 112 17.79 -43.40 -31.68
CA ASN E 112 18.66 -44.45 -32.15
C ASN E 112 18.74 -45.48 -31.07
N ASP E 113 19.10 -46.71 -31.39
CA ASP E 113 19.32 -47.71 -30.35
C ASP E 113 20.58 -47.36 -29.61
N MET E 114 20.51 -47.27 -28.29
CA MET E 114 21.69 -46.88 -27.54
C MET E 114 21.94 -47.78 -26.34
N ASP E 115 23.12 -48.40 -26.33
CA ASP E 115 23.49 -49.32 -25.26
C ASP E 115 24.41 -48.60 -24.28
N PHE E 116 23.96 -48.42 -23.04
CA PHE E 116 24.77 -47.67 -22.09
C PHE E 116 25.35 -48.57 -21.01
N ARG E 117 25.47 -49.86 -21.27
CA ARG E 117 25.88 -50.78 -20.22
C ARG E 117 27.34 -50.62 -19.79
N LEU E 118 28.19 -50.15 -20.69
CA LEU E 118 29.59 -50.01 -20.35
C LEU E 118 29.89 -48.62 -19.87
N PHE E 119 28.85 -47.93 -19.42
CA PHE E 119 29.03 -46.60 -18.88
C PHE E 119 30.02 -46.67 -17.74
N PRO E 120 30.94 -45.70 -17.66
CA PRO E 120 31.17 -44.58 -18.55
C PRO E 120 32.14 -44.83 -19.70
N PHE E 121 32.30 -46.06 -20.14
CA PHE E 121 33.29 -46.30 -21.19
C PHE E 121 32.63 -46.74 -22.48
N ASP E 122 31.42 -46.26 -22.72
CA ASP E 122 30.65 -46.72 -23.87
C ASP E 122 30.92 -45.93 -25.11
N ARG E 123 30.66 -46.55 -26.25
CA ARG E 123 30.71 -45.85 -27.52
C ARG E 123 29.29 -45.81 -28.06
N GLN E 124 28.92 -44.66 -28.63
CA GLN E 124 27.58 -44.48 -29.19
C GLN E 124 27.73 -43.97 -30.60
N GLN E 125 26.73 -44.21 -31.44
CA GLN E 125 26.72 -43.57 -32.74
C GLN E 125 25.46 -42.75 -32.92
N PHE E 126 25.62 -41.48 -33.23
CA PHE E 126 24.51 -40.58 -33.48
C PHE E 126 24.07 -40.66 -34.94
N VAL E 127 22.80 -41.02 -35.18
CA VAL E 127 22.31 -41.33 -36.53
C VAL E 127 21.25 -40.36 -37.05
N LEU E 128 21.34 -40.02 -38.33
CA LEU E 128 20.29 -39.28 -39.01
C LEU E 128 19.75 -40.16 -40.12
N GLU E 129 18.44 -40.34 -40.21
CA GLU E 129 17.88 -41.09 -41.34
C GLU E 129 16.83 -40.30 -42.13
N LEU E 130 17.09 -40.12 -43.41
CA LEU E 130 16.30 -39.26 -44.26
C LEU E 130 15.64 -40.01 -45.45
N GLU E 131 14.35 -39.79 -45.67
CA GLU E 131 13.60 -40.52 -46.69
C GLU E 131 12.41 -39.66 -47.15
N PRO E 132 12.13 -39.62 -48.45
CA PRO E 132 10.99 -38.81 -48.87
C PRO E 132 9.70 -39.36 -48.35
N PHE E 133 8.76 -38.47 -48.09
CA PHE E 133 7.61 -38.85 -47.29
C PHE E 133 6.57 -39.57 -48.11
N SER E 134 6.46 -39.19 -49.38
CA SER E 134 5.38 -39.66 -50.24
C SER E 134 5.83 -40.28 -51.54
N TYR E 135 7.04 -40.02 -51.97
CA TYR E 135 7.51 -40.46 -53.27
C TYR E 135 8.46 -41.66 -53.24
N ASN E 136 8.13 -42.71 -53.98
CA ASN E 136 9.00 -43.88 -54.07
C ASN E 136 10.17 -43.66 -55.02
N ASN E 137 11.07 -44.64 -55.11
CA ASN E 137 12.29 -44.47 -55.87
C ASN E 137 12.09 -44.47 -57.37
N GLN E 138 10.86 -44.71 -57.81
CA GLN E 138 10.56 -44.55 -59.23
C GLN E 138 10.31 -43.07 -59.55
N GLN E 139 10.03 -42.29 -58.51
CA GLN E 139 9.67 -40.89 -58.64
C GLN E 139 10.78 -39.96 -58.16
N LEU E 140 11.38 -40.33 -57.04
CA LEU E 140 12.42 -39.53 -56.41
C LEU E 140 13.47 -40.44 -55.79
N ARG E 141 14.72 -40.24 -56.17
CA ARG E 141 15.81 -41.05 -55.64
C ARG E 141 16.95 -40.16 -55.23
N PHE E 142 17.69 -40.58 -54.22
CA PHE E 142 18.85 -39.83 -53.78
C PHE E 142 20.08 -40.16 -54.60
N SER E 143 20.64 -39.19 -55.30
CA SER E 143 21.76 -39.46 -56.18
C SER E 143 23.03 -39.62 -55.38
N ASP E 144 23.25 -38.70 -54.47
CA ASP E 144 24.44 -38.71 -53.62
C ASP E 144 24.20 -37.96 -52.34
N ILE E 145 24.99 -38.24 -51.31
CA ILE E 145 24.86 -37.56 -50.02
C ILE E 145 26.19 -37.11 -49.44
N GLN E 146 26.32 -35.82 -49.15
CA GLN E 146 27.51 -35.31 -48.49
C GLN E 146 27.19 -34.79 -47.08
N VAL E 147 28.00 -35.16 -46.10
CA VAL E 147 27.84 -34.66 -44.72
C VAL E 147 29.05 -33.93 -44.18
N TYR E 148 28.85 -32.71 -43.69
CA TYR E 148 29.96 -31.92 -43.19
C TYR E 148 29.92 -31.72 -41.67
N THR E 149 31.06 -31.91 -41.04
CA THR E 149 31.15 -31.73 -39.60
C THR E 149 32.29 -30.80 -39.27
N GLU E 150 32.12 -30.04 -38.20
CA GLU E 150 33.15 -29.11 -37.75
C GLU E 150 34.35 -29.86 -37.20
N ASN E 151 35.51 -29.21 -37.25
CA ASN E 151 36.68 -29.73 -36.60
C ASN E 151 36.72 -29.21 -35.18
N ILE E 152 36.37 -30.06 -34.23
CA ILE E 152 36.38 -29.66 -32.84
C ILE E 152 37.85 -29.67 -32.42
N ASP E 153 38.33 -28.53 -31.95
CA ASP E 153 39.74 -28.39 -31.62
C ASP E 153 39.92 -28.43 -30.12
N ASN E 154 38.94 -27.87 -29.41
CA ASN E 154 38.90 -27.95 -27.96
C ASN E 154 38.00 -29.09 -27.50
N GLU E 155 38.23 -30.30 -28.02
CA GLU E 155 37.30 -31.40 -27.74
C GLU E 155 37.37 -31.85 -26.30
N GLU E 156 38.39 -31.40 -25.58
CA GLU E 156 38.57 -31.78 -24.19
C GLU E 156 37.56 -31.13 -23.25
N ILE E 157 36.87 -30.09 -23.72
CA ILE E 157 35.83 -29.43 -22.92
C ILE E 157 34.41 -29.76 -23.39
N ASP E 158 34.29 -30.72 -24.31
CA ASP E 158 33.00 -31.13 -24.82
C ASP E 158 32.59 -32.43 -24.12
N GLU E 159 31.29 -32.63 -23.91
CA GLU E 159 30.81 -33.83 -23.22
C GLU E 159 31.11 -35.08 -24.04
N TRP E 160 31.02 -34.95 -25.35
CA TRP E 160 31.27 -36.05 -26.29
C TRP E 160 32.42 -35.77 -27.26
N TRP E 161 33.27 -36.78 -27.48
CA TRP E 161 34.35 -36.65 -28.45
C TRP E 161 34.04 -37.36 -29.75
N ILE E 162 33.94 -36.61 -30.83
CA ILE E 162 33.67 -37.20 -32.14
C ILE E 162 34.86 -37.97 -32.71
N ARG E 163 34.59 -39.19 -33.16
CA ARG E 163 35.64 -40.14 -33.55
C ARG E 163 35.63 -40.56 -35.02
N GLY E 164 36.13 -39.70 -35.89
CA GLY E 164 36.22 -40.03 -37.29
C GLY E 164 35.15 -39.25 -38.00
N LYS E 165 35.33 -39.00 -39.30
CA LYS E 165 34.31 -38.26 -40.03
C LYS E 165 33.10 -39.13 -40.26
N ALA E 166 31.99 -38.49 -40.60
CA ALA E 166 30.69 -39.14 -40.72
C ALA E 166 30.62 -40.16 -41.84
N SER E 167 29.83 -41.21 -41.63
CA SER E 167 29.58 -42.21 -42.66
C SER E 167 28.27 -41.93 -43.39
N THR E 168 28.21 -42.26 -44.67
CA THR E 168 26.98 -42.05 -45.45
C THR E 168 26.61 -43.31 -46.17
N HIS E 169 25.35 -43.45 -46.54
CA HIS E 169 24.90 -44.65 -47.23
C HIS E 169 23.50 -44.49 -47.79
N ILE E 170 23.37 -44.35 -49.10
CA ILE E 170 22.06 -44.36 -49.72
C ILE E 170 21.62 -45.79 -49.95
N SER E 171 20.37 -46.10 -49.64
CA SER E 171 19.84 -47.45 -49.77
C SER E 171 18.37 -47.45 -50.17
N ASP E 172 17.74 -48.61 -50.22
CA ASP E 172 16.36 -48.68 -50.67
C ASP E 172 15.56 -49.51 -49.67
N ILE E 173 14.38 -49.06 -49.30
CA ILE E 173 13.65 -49.73 -48.23
C ILE E 173 12.37 -50.31 -48.74
N ARG E 174 12.16 -51.60 -48.52
CA ARG E 174 10.93 -52.20 -48.95
C ARG E 174 9.91 -52.21 -47.84
N TYR E 175 8.80 -51.55 -48.09
CA TYR E 175 7.66 -51.62 -47.20
C TYR E 175 6.71 -52.70 -47.70
N ASP E 176 6.63 -53.82 -46.96
CA ASP E 176 5.77 -54.91 -47.38
C ASP E 176 4.33 -54.50 -47.26
N HIS E 177 3.98 -54.13 -46.04
CA HIS E 177 2.60 -53.87 -45.69
C HIS E 177 2.24 -52.49 -46.19
N LEU E 178 1.83 -52.39 -47.45
CA LEU E 178 1.37 -51.13 -48.03
C LEU E 178 -0.10 -51.11 -48.43
N SER E 179 -0.76 -49.97 -48.27
CA SER E 179 -2.16 -49.83 -48.69
C SER E 179 -2.24 -49.27 -50.10
N SER E 180 -1.14 -49.35 -50.85
CA SER E 180 -1.06 -48.75 -52.18
C SER E 180 -1.40 -49.75 -53.28
N VAL E 181 -0.43 -50.01 -54.14
CA VAL E 181 -0.64 -50.91 -55.28
C VAL E 181 0.37 -52.07 -55.16
N GLN E 182 1.05 -52.41 -56.25
CA GLN E 182 1.88 -53.62 -56.28
C GLN E 182 3.24 -53.47 -56.98
N PRO E 183 3.28 -53.17 -58.27
CA PRO E 183 4.49 -53.49 -59.03
C PRO E 183 5.64 -52.53 -58.74
N ASN E 184 6.60 -52.97 -57.94
CA ASN E 184 7.83 -52.22 -57.70
C ASN E 184 7.57 -50.85 -57.07
N GLN E 185 6.38 -50.66 -56.51
CA GLN E 185 6.01 -49.37 -55.93
C GLN E 185 6.10 -49.35 -54.41
N ASN E 186 6.94 -50.21 -53.85
CA ASN E 186 7.05 -50.33 -52.40
C ASN E 186 8.45 -50.07 -51.88
N GLU E 187 9.28 -49.43 -52.70
CA GLU E 187 10.63 -49.11 -52.29
C GLU E 187 10.93 -47.61 -52.29
N PHE E 188 11.61 -47.16 -51.23
CA PHE E 188 11.94 -45.75 -51.04
C PHE E 188 13.42 -45.49 -50.87
N SER E 189 13.91 -44.39 -51.42
CA SER E 189 15.32 -44.05 -51.32
C SER E 189 15.63 -43.43 -49.96
N ARG E 190 16.59 -43.98 -49.23
CA ARG E 190 16.91 -43.52 -47.89
C ARG E 190 18.37 -43.26 -47.70
N ILE E 191 18.68 -42.02 -47.31
CA ILE E 191 19.99 -41.62 -46.83
C ILE E 191 20.16 -41.95 -45.36
N THR E 192 21.29 -42.51 -44.96
CA THR E 192 21.56 -42.76 -43.55
C THR E 192 22.90 -42.18 -43.19
N VAL E 193 22.93 -41.22 -42.28
CA VAL E 193 24.18 -40.61 -41.83
C VAL E 193 24.58 -41.21 -40.49
N ARG E 194 25.84 -41.59 -40.36
CA ARG E 194 26.35 -42.12 -39.10
C ARG E 194 27.60 -41.44 -38.62
N ILE E 195 27.58 -41.10 -37.34
CA ILE E 195 28.70 -40.48 -36.64
C ILE E 195 29.07 -41.23 -35.39
N ASP E 196 30.28 -41.75 -35.33
CA ASP E 196 30.72 -42.51 -34.15
C ASP E 196 31.20 -41.59 -33.06
N ALA E 197 31.00 -41.99 -31.81
CA ALA E 197 31.42 -41.17 -30.70
C ALA E 197 31.69 -41.96 -29.45
N VAL E 198 32.60 -41.45 -28.63
CA VAL E 198 32.94 -42.05 -27.36
C VAL E 198 32.67 -41.06 -26.25
N ARG E 199 32.33 -41.57 -25.07
CA ARG E 199 31.99 -40.69 -23.97
C ARG E 199 33.25 -40.18 -23.29
N ASN E 200 33.25 -38.90 -22.92
CA ASN E 200 34.36 -38.32 -22.15
C ASN E 200 34.34 -38.91 -20.74
N PRO E 201 35.24 -39.86 -20.48
CA PRO E 201 35.23 -40.68 -19.28
C PRO E 201 35.90 -40.01 -18.09
N SER E 202 36.34 -38.77 -18.28
CA SER E 202 37.13 -38.07 -17.29
C SER E 202 36.44 -37.98 -15.94
N TYR E 203 35.36 -37.23 -15.91
CA TYR E 203 34.69 -36.86 -14.67
C TYR E 203 34.38 -38.08 -13.82
N TYR E 204 33.97 -39.15 -14.47
CA TYR E 204 33.51 -40.31 -13.75
C TYR E 204 34.64 -41.15 -13.16
N LEU E 205 35.81 -41.07 -13.77
CA LEU E 205 36.95 -41.80 -13.23
C LEU E 205 37.39 -41.21 -11.91
N TRP E 206 37.66 -39.92 -11.93
CA TRP E 206 38.21 -39.21 -10.81
C TRP E 206 37.19 -38.90 -9.72
N SER E 207 35.95 -38.63 -10.11
CA SER E 207 34.98 -38.20 -9.10
C SER E 207 34.03 -39.27 -8.65
N PHE E 208 34.05 -40.41 -9.34
CA PHE E 208 33.16 -41.52 -9.00
C PHE E 208 33.85 -42.82 -8.79
N ILE E 209 34.64 -43.25 -9.77
CA ILE E 209 35.33 -44.52 -9.67
C ILE E 209 36.39 -44.47 -8.59
N LEU E 210 37.24 -43.44 -8.62
CA LEU E 210 38.36 -43.36 -7.69
C LEU E 210 37.88 -43.30 -6.25
N PRO E 211 37.05 -42.31 -5.89
CA PRO E 211 36.62 -42.35 -4.49
C PRO E 211 35.79 -43.56 -4.12
N LEU E 212 35.11 -44.21 -5.04
CA LEU E 212 34.38 -45.41 -4.66
C LEU E 212 35.39 -46.48 -4.33
N GLY E 213 36.51 -46.47 -5.04
CA GLY E 213 37.54 -47.44 -4.78
C GLY E 213 38.12 -47.25 -3.40
N LEU E 214 38.53 -46.02 -3.11
CA LEU E 214 39.08 -45.67 -1.82
C LEU E 214 38.12 -46.13 -0.74
N ILE E 215 36.83 -45.89 -0.92
CA ILE E 215 35.86 -46.29 0.08
C ILE E 215 35.79 -47.81 0.25
N ILE E 216 35.75 -48.57 -0.83
CA ILE E 216 35.69 -50.03 -0.69
C ILE E 216 36.98 -50.60 -0.05
N ALA E 217 38.13 -50.07 -0.43
CA ALA E 217 39.39 -50.53 0.15
C ALA E 217 39.41 -50.27 1.65
N ALA E 218 39.10 -49.04 2.03
CA ALA E 218 39.10 -48.65 3.42
C ALA E 218 38.17 -49.53 4.23
N SER E 219 37.21 -50.17 3.56
CA SER E 219 36.32 -51.11 4.23
C SER E 219 37.06 -52.33 4.72
N TRP E 220 38.11 -52.70 4.00
CA TRP E 220 38.84 -53.92 4.30
C TRP E 220 39.62 -53.80 5.56
N SER E 221 39.90 -52.57 5.95
CA SER E 221 40.65 -52.34 7.15
C SER E 221 39.82 -52.58 8.38
N VAL E 222 38.62 -53.15 8.25
CA VAL E 222 37.87 -53.47 9.44
C VAL E 222 38.56 -54.57 10.19
N PHE E 223 39.30 -55.38 9.44
CA PHE E 223 39.97 -56.53 10.01
C PHE E 223 41.23 -56.16 10.79
N TRP E 224 41.65 -54.91 10.71
CA TRP E 224 42.82 -54.47 11.47
C TRP E 224 42.36 -53.85 12.77
N LEU E 225 41.08 -53.95 13.05
CA LEU E 225 40.57 -53.55 14.34
C LEU E 225 40.74 -54.77 15.20
N GLU E 226 40.96 -54.57 16.49
CA GLU E 226 41.42 -55.67 17.32
C GLU E 226 40.35 -56.36 18.17
N SER E 227 39.24 -55.70 18.43
CA SER E 227 38.13 -56.34 19.14
C SER E 227 37.09 -56.93 18.19
N PHE E 228 36.20 -57.78 18.70
CA PHE E 228 35.08 -58.26 17.92
C PHE E 228 34.01 -57.19 17.88
N SER E 229 33.78 -56.61 19.04
CA SER E 229 32.86 -55.50 19.20
C SER E 229 33.21 -54.39 18.21
N GLU E 230 34.49 -54.06 18.14
CA GLU E 230 34.92 -53.00 17.25
C GLU E 230 34.65 -53.34 15.78
N ARG E 231 34.90 -54.59 15.41
CA ARG E 231 34.81 -54.97 14.00
C ARG E 231 33.35 -55.06 13.56
N LEU E 232 32.50 -55.59 14.42
CA LEU E 232 31.12 -55.77 14.03
C LEU E 232 30.47 -54.40 13.95
N GLN E 233 30.65 -53.60 14.98
CA GLN E 233 30.03 -52.30 15.04
C GLN E 233 30.57 -51.38 13.96
N THR E 234 31.84 -51.49 13.63
CA THR E 234 32.36 -50.59 12.63
C THR E 234 31.74 -50.89 11.30
N SER E 235 31.53 -52.15 10.98
CA SER E 235 31.02 -52.49 9.67
C SER E 235 29.60 -51.94 9.44
N PHE E 236 28.85 -51.65 10.51
CA PHE E 236 27.54 -51.04 10.33
C PHE E 236 27.72 -49.61 9.86
N THR E 237 28.83 -48.99 10.21
CA THR E 237 29.10 -47.66 9.72
C THR E 237 29.55 -47.78 8.29
N LEU E 238 30.28 -48.83 8.00
CA LEU E 238 30.75 -49.06 6.64
C LEU E 238 29.57 -49.32 5.71
N MET E 239 28.56 -50.03 6.20
CA MET E 239 27.33 -50.27 5.48
C MET E 239 26.64 -48.97 5.15
N LEU E 240 26.51 -48.11 6.15
CA LEU E 240 25.90 -46.82 5.98
C LEU E 240 26.64 -46.02 4.95
N THR E 241 27.95 -46.16 4.89
CA THR E 241 28.70 -45.37 3.95
C THR E 241 28.40 -45.79 2.53
N VAL E 242 28.21 -47.08 2.31
CA VAL E 242 27.94 -47.48 0.95
C VAL E 242 26.56 -47.04 0.51
N VAL E 243 25.56 -47.16 1.38
CA VAL E 243 24.22 -46.72 1.06
C VAL E 243 24.24 -45.28 0.67
N ALA E 244 24.98 -44.48 1.41
CA ALA E 244 25.13 -43.07 1.09
C ALA E 244 25.80 -42.93 -0.24
N TYR E 245 26.71 -43.83 -0.57
CA TYR E 245 27.42 -43.70 -1.83
C TYR E 245 26.53 -44.10 -3.00
N ALA E 246 25.64 -45.04 -2.76
CA ALA E 246 24.70 -45.42 -3.79
C ALA E 246 23.85 -44.22 -4.15
N PHE E 247 23.53 -43.46 -3.12
CA PHE E 247 22.70 -42.28 -3.22
C PHE E 247 23.44 -41.17 -3.96
N TYR E 248 24.70 -40.98 -3.66
CA TYR E 248 25.45 -39.96 -4.36
C TYR E 248 25.48 -40.23 -5.86
N THR E 249 25.79 -41.47 -6.23
CA THR E 249 25.92 -41.86 -7.63
C THR E 249 24.60 -41.85 -8.41
N SER E 250 23.59 -42.48 -7.84
CA SER E 250 22.33 -42.62 -8.53
C SER E 250 21.67 -41.27 -8.76
N ASN E 251 22.00 -40.30 -7.93
CA ASN E 251 21.40 -39.00 -8.09
C ASN E 251 22.02 -38.20 -9.22
N ILE E 252 23.28 -38.49 -9.53
CA ILE E 252 24.00 -37.70 -10.50
C ILE E 252 24.20 -38.43 -11.83
N LEU E 253 24.40 -39.74 -11.78
CA LEU E 253 24.61 -40.51 -12.99
C LEU E 253 23.30 -40.64 -13.77
N PRO E 254 23.37 -40.94 -15.07
CA PRO E 254 22.14 -41.01 -15.88
C PRO E 254 21.23 -42.17 -15.49
N ARG E 255 19.92 -42.00 -15.54
CA ARG E 255 19.04 -43.09 -15.15
C ARG E 255 18.94 -44.06 -16.31
N LEU E 256 19.00 -45.34 -15.98
CA LEU E 256 18.96 -46.40 -16.96
C LEU E 256 18.10 -47.52 -16.44
N PRO E 257 17.64 -48.41 -17.32
CA PRO E 257 16.85 -49.55 -16.88
C PRO E 257 17.70 -50.75 -16.56
N TYR E 258 19.01 -50.63 -16.65
CA TYR E 258 19.85 -51.77 -16.34
C TYR E 258 21.05 -51.34 -15.50
N THR E 259 21.84 -52.29 -15.00
CA THR E 259 22.95 -51.93 -14.15
C THR E 259 24.18 -51.55 -14.97
N THR E 260 24.91 -50.55 -14.51
CA THR E 260 26.15 -50.15 -15.15
C THR E 260 27.35 -50.74 -14.43
N VAL E 261 28.55 -50.45 -14.94
CA VAL E 261 29.74 -50.93 -14.27
C VAL E 261 29.78 -50.40 -12.86
N ILE E 262 29.54 -49.12 -12.71
CA ILE E 262 29.55 -48.51 -11.41
C ILE E 262 28.47 -49.11 -10.53
N ASP E 263 27.32 -49.40 -11.10
CA ASP E 263 26.23 -49.96 -10.32
C ASP E 263 26.65 -51.31 -9.77
N GLN E 264 27.47 -52.02 -10.55
CA GLN E 264 27.98 -53.33 -10.15
C GLN E 264 29.01 -53.24 -9.02
N MET E 265 29.86 -52.22 -9.08
CA MET E 265 30.79 -51.94 -7.99
C MET E 265 30.01 -51.68 -6.71
N ILE E 266 28.94 -50.89 -6.80
CA ILE E 266 28.15 -50.55 -5.63
C ILE E 266 27.59 -51.82 -5.04
N ILE E 267 27.05 -52.68 -5.88
CA ILE E 267 26.50 -53.92 -5.39
C ILE E 267 27.61 -54.78 -4.79
N ALA E 268 28.78 -54.76 -5.39
CA ALA E 268 29.91 -55.49 -4.83
C ALA E 268 30.29 -54.98 -3.45
N GLY E 269 30.29 -53.67 -3.28
CA GLY E 269 30.64 -53.06 -2.02
C GLY E 269 29.68 -53.52 -0.94
N TYR E 270 28.41 -53.60 -1.27
CA TYR E 270 27.45 -54.09 -0.32
C TYR E 270 27.82 -55.51 0.06
N GLY E 271 28.32 -56.27 -0.91
CA GLY E 271 28.60 -57.66 -0.66
C GLY E 271 29.81 -57.88 0.23
N SER E 272 30.89 -57.21 -0.10
CA SER E 272 32.12 -57.32 0.69
C SER E 272 31.94 -56.94 2.16
N ILE E 273 30.99 -56.07 2.44
CA ILE E 273 30.75 -55.62 3.80
C ILE E 273 29.87 -56.62 4.52
N PHE E 274 28.94 -57.22 3.79
CA PHE E 274 28.10 -58.25 4.39
C PHE E 274 28.90 -59.52 4.60
N ALA E 275 29.82 -59.79 3.68
CA ALA E 275 30.69 -60.94 3.80
C ALA E 275 31.56 -60.81 5.03
N ALA E 276 32.17 -59.63 5.16
CA ALA E 276 33.01 -59.32 6.30
C ALA E 276 32.19 -59.39 7.58
N ILE E 277 30.94 -58.97 7.55
CA ILE E 277 30.14 -59.10 8.75
C ILE E 277 30.00 -60.56 9.10
N LEU E 278 29.92 -61.41 8.08
CA LEU E 278 29.77 -62.85 8.33
C LEU E 278 31.04 -63.52 8.82
N LEU E 279 32.21 -63.05 8.40
CA LEU E 279 33.45 -63.64 8.86
C LEU E 279 33.81 -63.10 10.24
N ILE E 280 33.69 -61.79 10.40
CA ILE E 280 33.94 -61.16 11.67
C ILE E 280 33.11 -61.82 12.75
N ILE E 281 31.92 -62.24 12.39
CA ILE E 281 31.03 -62.82 13.38
C ILE E 281 31.36 -64.28 13.50
N PHE E 282 32.06 -64.82 12.51
CA PHE E 282 32.38 -66.24 12.50
C PHE E 282 33.63 -66.56 13.30
N ALA E 283 34.69 -65.79 13.07
CA ALA E 283 35.96 -66.00 13.76
C ALA E 283 35.78 -65.91 15.26
N HIS E 284 34.64 -65.39 15.67
CA HIS E 284 34.34 -65.23 17.07
C HIS E 284 33.81 -66.54 17.61
N HIS E 285 33.47 -67.45 16.72
CA HIS E 285 32.91 -68.75 17.12
C HIS E 285 33.48 -69.96 16.36
N ARG E 286 34.49 -69.74 15.51
CA ARG E 286 35.00 -70.83 14.67
C ARG E 286 35.51 -71.99 15.47
N GLN E 287 36.35 -71.70 16.45
CA GLN E 287 37.03 -72.74 17.20
C GLN E 287 36.34 -73.05 18.50
N ALA E 288 36.72 -74.19 19.08
CA ALA E 288 36.32 -74.54 20.42
C ALA E 288 36.99 -73.53 21.35
N ASN E 289 36.72 -73.63 22.65
CA ASN E 289 37.25 -72.73 23.68
C ASN E 289 36.57 -71.36 23.60
N GLY E 290 35.84 -71.14 22.52
CA GLY E 290 35.23 -69.85 22.26
C GLY E 290 36.31 -68.87 21.87
N VAL E 291 37.51 -69.40 21.65
CA VAL E 291 38.67 -68.57 21.31
C VAL E 291 38.53 -67.97 19.92
N GLU E 292 38.80 -66.68 19.81
CA GLU E 292 38.75 -66.00 18.53
C GLU E 292 39.85 -66.53 17.62
N ASP E 293 39.45 -67.26 16.58
CA ASP E 293 40.40 -67.83 15.65
C ASP E 293 41.07 -66.71 14.90
N ASP E 294 42.00 -66.03 15.56
CA ASP E 294 42.69 -64.89 14.96
C ASP E 294 43.57 -65.33 13.81
N LEU E 295 43.49 -66.62 13.52
CA LEU E 295 44.15 -67.19 12.37
C LEU E 295 43.31 -66.75 11.18
N LEU E 296 41.98 -66.77 11.34
CA LEU E 296 41.09 -66.44 10.24
C LEU E 296 41.16 -64.96 9.89
N ILE E 297 40.94 -64.10 10.88
CA ILE E 297 41.24 -62.69 10.73
C ILE E 297 42.75 -62.64 10.60
N GLN E 298 43.29 -61.50 10.17
CA GLN E 298 44.71 -61.35 9.93
C GLN E 298 45.05 -62.06 8.61
N ARG E 299 44.50 -63.25 8.41
CA ARG E 299 44.56 -63.84 7.08
C ARG E 299 43.61 -63.00 6.25
N CYS E 300 42.56 -62.50 6.89
CA CYS E 300 41.58 -61.69 6.21
C CYS E 300 42.13 -60.35 5.84
N ARG E 301 43.18 -59.92 6.52
CA ARG E 301 43.76 -58.63 6.22
C ARG E 301 44.34 -58.64 4.82
N LEU E 302 44.52 -59.83 4.28
CA LEU E 302 44.93 -59.96 2.89
C LEU E 302 44.12 -60.98 2.12
N ALA E 303 43.18 -61.65 2.79
CA ALA E 303 42.27 -62.53 2.05
C ALA E 303 41.26 -61.68 1.27
N PHE E 304 40.62 -60.71 1.93
CA PHE E 304 39.68 -59.83 1.24
C PHE E 304 40.32 -58.90 0.24
N PRO E 305 41.36 -58.14 0.63
CA PRO E 305 41.91 -57.26 -0.41
C PRO E 305 42.40 -58.02 -1.63
N LEU E 306 42.52 -59.34 -1.51
CA LEU E 306 42.89 -60.19 -2.64
C LEU E 306 41.69 -60.95 -3.18
N GLY E 307 40.90 -61.55 -2.29
CA GLY E 307 39.76 -62.37 -2.68
C GLY E 307 38.74 -61.62 -3.49
N PHE E 308 38.24 -60.52 -2.94
CA PHE E 308 37.38 -59.61 -3.67
C PHE E 308 38.10 -59.18 -4.94
N LEU E 309 39.34 -58.74 -4.81
CA LEU E 309 40.06 -58.22 -5.95
C LEU E 309 40.40 -59.28 -6.99
N ALA E 310 40.21 -60.55 -6.66
CA ALA E 310 40.45 -61.59 -7.64
C ALA E 310 39.17 -62.02 -8.31
N ILE E 311 38.17 -62.38 -7.51
CA ILE E 311 36.91 -62.82 -8.07
C ILE E 311 36.11 -61.60 -8.54
N GLY E 312 36.65 -60.42 -8.27
CA GLY E 312 36.11 -59.18 -8.81
C GLY E 312 36.94 -58.77 -10.01
N CYS E 313 38.03 -59.50 -10.25
CA CYS E 313 38.90 -59.24 -11.39
C CYS E 313 38.43 -60.07 -12.59
N VAL E 314 37.25 -60.64 -12.47
CA VAL E 314 36.65 -61.37 -13.57
C VAL E 314 35.31 -60.70 -13.89
N LEU E 315 35.34 -59.36 -13.92
CA LEU E 315 34.21 -58.56 -14.36
C LEU E 315 34.39 -58.23 -15.83
N VAL E 316 34.63 -59.28 -16.61
CA VAL E 316 34.82 -59.15 -18.05
C VAL E 316 33.44 -59.14 -18.74
N ILE E 317 32.39 -58.85 -17.97
CA ILE E 317 31.03 -58.74 -18.50
C ILE E 317 30.92 -57.59 -19.51
N ARG E 318 30.84 -57.94 -20.79
CA ARG E 318 30.79 -56.96 -21.86
C ARG E 318 29.80 -57.41 -22.94
N ARG F 10 31.51 48.74 36.03
CA ARG F 10 31.50 48.13 34.71
C ARG F 10 30.15 48.06 33.99
N PRO F 11 29.08 47.64 34.69
CA PRO F 11 27.86 47.44 33.90
C PRO F 11 27.19 48.73 33.43
N VAL F 12 26.56 48.67 32.26
CA VAL F 12 25.81 49.79 31.70
C VAL F 12 24.45 49.89 32.35
N ASP F 13 24.10 51.08 32.83
CA ASP F 13 22.79 51.26 33.45
C ASP F 13 21.73 51.55 32.41
N VAL F 14 20.67 50.75 32.45
CA VAL F 14 19.52 50.97 31.58
C VAL F 14 18.29 51.34 32.41
N SER F 15 17.67 52.45 32.02
CA SER F 15 16.46 52.96 32.66
C SER F 15 15.27 52.68 31.76
N VAL F 16 14.29 51.95 32.29
CA VAL F 16 13.13 51.55 31.51
C VAL F 16 11.80 52.20 31.91
N SER F 17 11.02 52.57 30.91
CA SER F 17 9.64 53.00 31.10
C SER F 17 8.69 52.17 30.23
N ILE F 18 7.62 51.68 30.85
CA ILE F 18 6.61 50.93 30.15
C ILE F 18 5.25 51.62 30.21
N PHE F 19 4.73 52.02 29.04
CA PHE F 19 3.39 52.56 28.93
C PHE F 19 2.39 51.48 28.47
N ILE F 20 1.31 51.28 29.23
CA ILE F 20 0.36 50.22 28.95
C ILE F 20 -0.98 50.73 28.45
N ASN F 21 -1.37 50.34 27.23
CA ASN F 21 -2.57 50.87 26.59
C ASN F 21 -3.84 50.08 26.77
N LYS F 22 -3.74 48.77 26.62
CA LYS F 22 -4.92 47.91 26.62
C LYS F 22 -4.47 46.57 27.12
N ILE F 23 -5.21 45.99 28.04
CA ILE F 23 -4.98 44.62 28.44
C ILE F 23 -6.23 43.82 28.16
N TYR F 24 -6.17 42.93 27.17
CA TYR F 24 -7.37 42.28 26.73
C TYR F 24 -7.18 40.84 26.30
N GLY F 25 -8.26 40.21 25.88
CA GLY F 25 -8.18 38.91 25.29
C GLY F 25 -7.59 37.86 26.17
N VAL F 26 -8.06 37.76 27.42
CA VAL F 26 -7.57 36.68 28.25
C VAL F 26 -7.96 35.33 27.67
N ASN F 27 -7.02 34.40 27.57
CA ASN F 27 -7.29 33.05 27.12
C ASN F 27 -7.21 32.14 28.30
N THR F 28 -8.32 31.64 28.81
CA THR F 28 -8.28 30.98 30.10
C THR F 28 -7.53 29.68 30.10
N LEU F 29 -7.69 28.90 29.04
CA LEU F 29 -7.10 27.59 29.02
C LEU F 29 -5.61 27.71 28.81
N GLU F 30 -5.20 28.66 27.98
CA GLU F 30 -3.78 28.90 27.74
C GLU F 30 -3.16 29.67 28.86
N GLN F 31 -3.98 30.26 29.71
CA GLN F 31 -3.49 31.11 30.77
C GLN F 31 -2.64 32.25 30.21
N THR F 32 -3.18 32.99 29.25
CA THR F 32 -2.48 34.11 28.63
C THR F 32 -3.35 35.38 28.56
N TYR F 33 -2.75 36.49 28.15
CA TYR F 33 -3.45 37.74 27.95
C TYR F 33 -2.70 38.60 26.96
N LYS F 34 -3.38 39.53 26.31
CA LYS F 34 -2.70 40.37 25.32
C LYS F 34 -2.47 41.79 25.83
N VAL F 35 -1.34 42.39 25.48
CA VAL F 35 -0.96 43.70 25.96
C VAL F 35 -0.46 44.63 24.86
N ASP F 36 -1.04 45.81 24.73
CA ASP F 36 -0.56 46.77 23.76
C ASP F 36 0.12 47.85 24.55
N GLY F 37 1.26 48.34 24.10
CA GLY F 37 1.96 49.38 24.83
C GLY F 37 3.19 49.90 24.14
N TYR F 38 3.94 50.74 24.84
CA TYR F 38 5.21 51.27 24.37
C TYR F 38 6.31 50.87 25.35
N ILE F 39 7.52 50.71 24.87
CA ILE F 39 8.64 50.45 25.78
C ILE F 39 9.76 51.43 25.53
N VAL F 40 10.28 52.02 26.60
CA VAL F 40 11.31 53.02 26.47
C VAL F 40 12.54 52.56 27.23
N ALA F 41 13.71 52.65 26.61
CA ALA F 41 14.95 52.25 27.28
C ALA F 41 16.05 53.23 27.01
N GLN F 42 16.68 53.71 28.08
CA GLN F 42 17.70 54.72 27.99
C GLN F 42 19.00 54.28 28.65
N TRP F 43 20.12 54.51 27.98
CA TRP F 43 21.45 54.30 28.56
C TRP F 43 22.39 55.34 27.95
N THR F 44 23.62 55.42 28.44
CA THR F 44 24.58 56.40 27.93
C THR F 44 25.80 55.76 27.29
N GLY F 45 26.23 56.28 26.14
CA GLY F 45 27.34 55.70 25.42
C GLY F 45 28.39 56.70 24.96
N LYS F 46 29.15 56.31 23.95
CA LYS F 46 30.18 57.17 23.40
C LYS F 46 29.51 58.43 22.95
N PRO F 47 29.95 59.58 23.47
CA PRO F 47 29.41 60.86 22.99
C PRO F 47 29.54 60.94 21.48
N ARG F 48 28.75 61.78 20.82
CA ARG F 48 28.60 61.61 19.38
C ARG F 48 28.47 62.91 18.63
N LYS F 49 28.94 62.89 17.39
CA LYS F 49 28.79 64.01 16.48
C LYS F 49 27.47 63.88 15.74
N THR F 50 26.56 64.81 15.99
CA THR F 50 25.26 64.81 15.34
C THR F 50 25.10 66.08 14.54
N PRO F 51 24.29 66.05 13.46
CA PRO F 51 24.08 67.29 12.70
C PRO F 51 23.40 68.35 13.56
N GLY F 52 24.11 69.43 13.86
CA GLY F 52 23.67 70.37 14.89
C GLY F 52 23.86 69.73 16.25
N ASP F 53 23.92 70.54 17.30
CA ASP F 53 24.13 69.99 18.63
C ASP F 53 22.81 69.48 19.20
N LYS F 54 21.95 69.00 18.31
CA LYS F 54 20.61 68.53 18.67
C LYS F 54 20.47 67.02 18.53
N PRO F 55 19.61 66.40 19.35
CA PRO F 55 19.50 64.94 19.31
C PRO F 55 19.04 64.46 17.95
N LEU F 56 19.46 63.27 17.53
CA LEU F 56 19.11 62.81 16.20
C LEU F 56 18.08 61.71 16.32
N ILE F 57 17.08 61.75 15.44
CA ILE F 57 16.02 60.76 15.46
C ILE F 57 16.19 59.76 14.34
N VAL F 58 16.14 58.48 14.72
CA VAL F 58 16.32 57.38 13.77
C VAL F 58 15.15 56.43 13.85
N GLU F 59 14.42 56.30 12.75
CA GLU F 59 13.20 55.53 12.73
C GLU F 59 13.22 54.24 11.91
N ASN F 60 12.53 53.24 12.45
CA ASN F 60 12.18 52.03 11.73
C ASN F 60 13.34 51.36 10.98
N THR F 61 13.29 51.28 9.66
CA THR F 61 14.28 50.48 8.97
C THR F 61 15.65 51.08 9.14
N GLN F 62 15.73 52.30 9.62
CA GLN F 62 17.03 52.93 9.75
C GLN F 62 17.80 52.54 11.02
N ILE F 63 17.14 52.00 12.05
CA ILE F 63 17.87 51.58 13.23
C ILE F 63 18.86 50.51 12.86
N GLU F 64 18.43 49.64 11.96
CA GLU F 64 19.22 48.50 11.56
C GLU F 64 20.54 48.93 10.94
N ARG F 65 20.52 49.97 10.13
CA ARG F 65 21.74 50.49 9.52
C ARG F 65 22.72 50.99 10.55
N TRP F 66 22.23 51.60 11.61
CA TRP F 66 23.11 52.11 12.62
C TRP F 66 23.75 50.97 13.39
N ILE F 67 23.04 49.84 13.49
CA ILE F 67 23.55 48.69 14.20
C ILE F 67 24.71 48.10 13.43
N ASN F 68 24.63 48.16 12.11
CA ASN F 68 25.70 47.60 11.32
C ASN F 68 26.98 48.41 11.49
N ASN F 69 26.87 49.71 11.70
CA ASN F 69 28.07 50.52 11.92
C ASN F 69 28.56 50.40 13.35
N GLY F 70 27.91 49.55 14.13
CA GLY F 70 28.43 49.23 15.44
C GLY F 70 27.72 49.92 16.58
N LEU F 71 26.50 50.39 16.36
CA LEU F 71 25.76 50.96 17.45
C LEU F 71 25.25 49.83 18.30
N TRP F 72 25.42 49.94 19.60
CA TRP F 72 25.02 48.90 20.51
C TRP F 72 23.59 49.10 20.91
N VAL F 73 22.71 48.21 20.45
CA VAL F 73 21.33 48.26 20.89
C VAL F 73 21.00 46.87 21.40
N PRO F 74 21.05 46.69 22.71
CA PRO F 74 20.89 45.34 23.28
C PRO F 74 19.46 44.84 23.20
N ALA F 75 19.30 43.60 22.81
CA ALA F 75 17.98 42.99 22.78
C ALA F 75 17.46 42.74 24.17
N LEU F 76 16.32 43.34 24.49
CA LEU F 76 15.66 43.10 25.76
C LEU F 76 14.50 42.15 25.55
N GLU F 77 14.49 41.00 26.20
CA GLU F 77 13.46 40.01 25.96
C GLU F 77 12.33 40.03 26.96
N PHE F 78 11.11 39.90 26.46
CA PHE F 78 9.96 39.67 27.31
C PHE F 78 10.03 38.22 27.77
N ILE F 79 10.31 37.98 29.04
CA ILE F 79 10.57 36.63 29.44
C ILE F 79 9.35 35.75 29.32
N ASN F 80 8.19 36.30 29.64
CA ASN F 80 6.98 35.51 29.66
C ASN F 80 6.06 35.77 28.49
N VAL F 81 6.63 36.22 27.40
CA VAL F 81 5.88 36.37 26.18
C VAL F 81 5.54 34.98 25.61
N VAL F 82 4.48 34.91 24.83
CA VAL F 82 4.17 33.67 24.15
C VAL F 82 4.20 33.92 22.67
N GLY F 83 5.30 33.62 22.03
CA GLY F 83 5.43 33.93 20.62
C GLY F 83 6.08 35.26 20.42
N SER F 84 6.70 35.46 19.27
CA SER F 84 7.40 36.71 19.03
C SER F 84 6.40 37.85 19.03
N PRO F 85 6.63 38.89 19.86
CA PRO F 85 5.69 39.99 19.93
C PRO F 85 5.65 40.76 18.65
N ASP F 86 4.54 41.43 18.40
CA ASP F 86 4.33 42.26 17.23
C ASP F 86 4.84 43.67 17.45
N THR F 87 5.91 44.03 16.78
CA THR F 87 6.51 45.33 16.91
C THR F 87 6.10 46.33 15.86
N GLY F 88 5.56 47.46 16.32
CA GLY F 88 5.13 48.54 15.47
C GLY F 88 6.29 49.44 15.11
N ASN F 89 6.16 50.73 15.38
CA ASN F 89 7.24 51.65 15.07
C ASN F 89 8.33 51.58 16.12
N LYS F 90 9.56 51.62 15.65
CA LYS F 90 10.73 51.63 16.50
C LYS F 90 11.35 52.97 16.34
N ARG F 91 12.02 53.46 17.38
CA ARG F 91 12.72 54.71 17.29
C ARG F 91 13.94 54.71 18.18
N LEU F 92 15.03 55.24 17.65
CA LEU F 92 16.19 55.55 18.47
C LEU F 92 16.29 57.06 18.58
N MET F 93 16.45 57.56 19.79
CA MET F 93 16.78 58.96 20.01
C MET F 93 18.23 59.00 20.44
N LEU F 94 19.10 59.51 19.56
CA LEU F 94 20.52 59.58 19.86
C LEU F 94 20.89 61.00 20.31
N PHE F 95 21.29 61.13 21.57
CA PHE F 95 21.68 62.41 22.14
C PHE F 95 23.15 62.68 21.95
N PRO F 96 23.54 63.96 21.88
CA PRO F 96 24.95 64.28 21.65
C PRO F 96 25.82 64.02 22.87
N ASP F 97 25.30 64.13 24.08
CA ASP F 97 26.13 63.89 25.23
C ASP F 97 26.23 62.42 25.54
N GLY F 98 26.01 61.60 24.53
CA GLY F 98 26.21 60.16 24.63
C GLY F 98 25.00 59.26 24.81
N ARG F 99 23.97 59.75 25.50
CA ARG F 99 22.84 58.90 25.84
C ARG F 99 22.01 58.51 24.63
N VAL F 100 21.36 57.37 24.75
CA VAL F 100 20.61 56.75 23.69
C VAL F 100 19.26 56.33 24.24
N ILE F 101 18.18 56.65 23.55
CA ILE F 101 16.86 56.22 23.98
C ILE F 101 16.20 55.35 22.92
N TYR F 102 15.78 54.13 23.31
CA TYR F 102 15.08 53.22 22.41
C TYR F 102 13.57 53.25 22.67
N ASN F 103 12.80 53.46 21.61
CA ASN F 103 11.36 53.54 21.77
C ASN F 103 10.65 52.65 20.75
N ALA F 104 9.77 51.80 21.25
CA ALA F 104 9.03 50.94 20.36
C ALA F 104 7.69 50.61 20.92
N ARG F 105 6.72 50.47 20.03
CA ARG F 105 5.41 49.99 20.38
C ARG F 105 5.31 48.48 20.24
N PHE F 106 4.58 47.81 21.12
CA PHE F 106 4.47 46.37 21.04
C PHE F 106 3.07 45.83 21.32
N LEU F 107 2.72 44.72 20.67
CA LEU F 107 1.54 44.00 21.07
C LEU F 107 1.95 42.56 21.28
N GLY F 108 1.68 42.02 22.46
CA GLY F 108 2.14 40.68 22.73
C GLY F 108 1.20 39.88 23.58
N SER F 109 1.34 38.56 23.48
CA SER F 109 0.64 37.63 24.35
C SER F 109 1.58 37.27 25.47
N PHE F 110 1.12 37.40 26.70
CA PHE F 110 1.96 37.17 27.84
C PHE F 110 1.38 36.05 28.67
N SER F 111 2.20 35.33 29.39
CA SER F 111 1.74 34.19 30.16
C SER F 111 1.92 34.43 31.63
N ASN F 112 0.99 33.94 32.44
CA ASN F 112 1.12 33.96 33.89
C ASN F 112 0.20 32.96 34.52
N ASP F 113 0.51 32.55 35.73
CA ASP F 113 -0.36 31.63 36.44
C ASP F 113 -1.68 32.26 36.75
N MET F 114 -2.75 31.58 36.39
CA MET F 114 -4.09 32.13 36.58
C MET F 114 -5.05 31.13 37.19
N ASP F 115 -5.58 31.47 38.36
CA ASP F 115 -6.49 30.60 39.07
C ASP F 115 -7.90 31.07 38.84
N PHE F 116 -8.69 30.27 38.15
CA PHE F 116 -10.05 30.67 37.82
C PHE F 116 -11.09 29.92 38.63
N ARG F 117 -10.68 29.40 39.78
CA ARG F 117 -11.55 28.55 40.57
C ARG F 117 -12.72 29.30 41.18
N LEU F 118 -12.54 30.59 41.43
CA LEU F 118 -13.62 31.39 41.99
C LEU F 118 -14.42 32.19 40.97
N PHE F 119 -14.37 31.76 39.71
CA PHE F 119 -15.13 32.42 38.66
C PHE F 119 -16.60 32.51 39.06
N PRO F 120 -17.28 33.61 38.75
CA PRO F 120 -16.84 34.83 38.06
C PRO F 120 -16.33 35.89 39.01
N PHE F 121 -15.85 35.50 40.18
CA PHE F 121 -15.35 36.48 41.15
C PHE F 121 -13.87 36.31 41.37
N ASP F 122 -13.14 35.97 40.31
CA ASP F 122 -11.72 35.72 40.47
C ASP F 122 -10.94 37.01 40.36
N ARG F 123 -9.76 37.03 40.97
CA ARG F 123 -8.86 38.15 40.84
C ARG F 123 -7.65 37.64 40.12
N GLN F 124 -7.10 38.44 39.23
CA GLN F 124 -5.93 38.03 38.48
C GLN F 124 -4.88 39.10 38.56
N GLN F 125 -3.63 38.75 38.29
CA GLN F 125 -2.61 39.76 38.11
C GLN F 125 -1.95 39.63 36.74
N PHE F 126 -1.93 40.72 35.99
CA PHE F 126 -1.27 40.73 34.70
C PHE F 126 0.18 41.08 34.85
N VAL F 127 1.06 40.21 34.40
CA VAL F 127 2.50 40.36 34.62
C VAL F 127 3.32 40.56 33.35
N LEU F 128 4.27 41.48 33.38
CA LEU F 128 5.29 41.59 32.36
C LEU F 128 6.65 41.41 32.99
N GLU F 129 7.46 40.55 32.40
CA GLU F 129 8.82 40.34 32.85
C GLU F 129 9.80 40.61 31.73
N LEU F 130 10.70 41.55 31.97
CA LEU F 130 11.63 42.02 30.96
C LEU F 130 13.04 41.76 31.46
N GLU F 131 13.90 41.21 30.62
CA GLU F 131 15.25 40.79 30.98
C GLU F 131 16.11 40.82 29.74
N PRO F 132 17.37 41.24 29.84
CA PRO F 132 18.20 41.28 28.64
C PRO F 132 18.46 39.88 28.11
N PHE F 133 18.63 39.74 26.82
CA PHE F 133 18.70 38.41 26.24
C PHE F 133 20.09 37.79 26.37
N SER F 134 21.12 38.62 26.36
CA SER F 134 22.48 38.14 26.26
C SER F 134 23.40 38.64 27.36
N TYR F 135 23.04 39.75 27.98
CA TYR F 135 23.93 40.44 28.90
C TYR F 135 23.59 40.27 30.37
N ASN F 136 24.57 39.81 31.15
CA ASN F 136 24.41 39.62 32.59
C ASN F 136 24.55 40.89 33.39
N ASN F 137 24.32 40.81 34.71
CA ASN F 137 24.28 42.01 35.54
C ASN F 137 25.62 42.67 35.74
N GLN F 138 26.67 42.02 35.28
CA GLN F 138 27.97 42.66 35.26
C GLN F 138 28.08 43.53 34.01
N GLN F 139 27.23 43.24 33.03
CA GLN F 139 27.29 43.92 31.74
C GLN F 139 26.15 44.88 31.52
N LEU F 140 24.95 44.52 31.96
CA LEU F 140 23.81 45.39 31.80
C LEU F 140 22.82 45.22 32.95
N ARG F 141 22.49 46.30 33.63
CA ARG F 141 21.55 46.24 34.74
C ARG F 141 20.49 47.31 34.64
N PHE F 142 19.30 46.99 35.12
CA PHE F 142 18.22 47.95 35.09
C PHE F 142 18.30 48.83 36.31
N SER F 143 18.42 50.12 36.12
CA SER F 143 18.58 51.03 37.24
C SER F 143 17.27 51.29 37.97
N ASP F 144 16.23 51.58 37.20
CA ASP F 144 14.91 51.86 37.76
C ASP F 144 13.83 51.52 36.75
N ILE F 145 12.60 51.31 37.22
CA ILE F 145 11.49 50.99 36.34
C ILE F 145 10.25 51.81 36.63
N GLN F 146 9.77 52.56 35.64
CA GLN F 146 8.54 53.31 35.78
C GLN F 146 7.49 52.73 34.87
N VAL F 147 6.29 52.45 35.39
CA VAL F 147 5.21 51.98 34.53
C VAL F 147 3.96 52.83 34.67
N TYR F 148 3.45 53.33 33.55
CA TYR F 148 2.31 54.21 33.54
C TYR F 148 1.07 53.53 32.93
N THR F 149 -0.09 53.68 33.57
CA THR F 149 -1.32 53.08 33.05
C THR F 149 -2.42 54.12 32.89
N GLU F 150 -3.33 53.89 31.96
CA GLU F 150 -4.43 54.82 31.76
C GLU F 150 -5.37 54.84 32.95
N ASN F 151 -6.04 55.97 33.14
CA ASN F 151 -7.05 56.09 34.16
C ASN F 151 -8.41 55.72 33.58
N ILE F 152 -8.88 54.52 33.89
CA ILE F 152 -10.17 54.08 33.38
C ILE F 152 -11.27 54.74 34.20
N ASP F 153 -12.16 55.46 33.53
CA ASP F 153 -13.20 56.18 34.23
C ASP F 153 -14.56 55.52 34.05
N ASN F 154 -14.81 54.98 32.86
CA ASN F 154 -16.02 54.22 32.60
C ASN F 154 -15.80 52.72 32.72
N GLU F 155 -15.24 52.25 33.83
CA GLU F 155 -14.87 50.84 33.91
C GLU F 155 -16.10 49.96 33.98
N GLU F 156 -17.26 50.55 34.13
CA GLU F 156 -18.48 49.78 34.27
C GLU F 156 -18.85 49.07 32.97
N ILE F 157 -18.25 49.52 31.88
CA ILE F 157 -18.49 48.92 30.58
C ILE F 157 -17.32 48.05 30.09
N ASP F 158 -16.36 47.83 30.97
CA ASP F 158 -15.19 47.00 30.68
C ASP F 158 -15.32 45.62 31.31
N GLU F 159 -14.73 44.60 30.69
CA GLU F 159 -14.76 43.27 31.29
C GLU F 159 -13.91 43.21 32.56
N TRP F 160 -12.77 43.91 32.56
CA TRP F 160 -11.88 43.84 33.71
C TRP F 160 -11.71 45.19 34.39
N TRP F 161 -11.78 45.17 35.71
CA TRP F 161 -11.53 46.36 36.51
C TRP F 161 -10.13 46.33 37.07
N ILE F 162 -9.29 47.24 36.61
CA ILE F 162 -7.93 47.34 37.12
C ILE F 162 -7.89 47.90 38.54
N ARG F 163 -7.16 47.24 39.45
CA ARG F 163 -7.22 47.58 40.87
C ARG F 163 -5.93 48.10 41.47
N GLY F 164 -5.65 49.38 41.29
CA GLY F 164 -4.48 49.98 41.89
C GLY F 164 -3.44 50.24 40.85
N LYS F 165 -2.50 51.13 41.14
CA LYS F 165 -1.45 51.39 40.19
C LYS F 165 -0.55 50.17 40.16
N ALA F 166 0.22 50.04 39.10
CA ALA F 166 1.05 48.86 38.90
C ALA F 166 2.14 48.75 39.94
N SER F 167 2.44 47.55 40.42
CA SER F 167 3.58 47.41 41.30
C SER F 167 4.81 46.91 40.56
N THR F 168 5.98 47.41 40.93
CA THR F 168 7.22 47.03 40.26
C THR F 168 8.32 46.64 41.22
N HIS F 169 9.31 45.92 40.69
CA HIS F 169 10.42 45.37 41.45
C HIS F 169 11.56 44.88 40.57
N ILE F 170 12.69 45.58 40.57
CA ILE F 170 13.87 45.05 39.92
C ILE F 170 14.59 44.05 40.82
N SER F 171 15.03 42.94 40.25
CA SER F 171 15.72 41.92 41.01
C SER F 171 16.76 41.21 40.14
N ASP F 172 17.38 40.16 40.68
CA ASP F 172 18.47 39.46 40.01
C ASP F 172 18.26 37.95 39.96
N ILE F 173 18.62 37.32 38.85
CA ILE F 173 18.35 35.89 38.66
C ILE F 173 19.55 34.99 38.40
N ARG F 174 19.62 33.87 39.11
CA ARG F 174 20.68 32.89 38.91
C ARG F 174 20.28 31.82 37.90
N TYR F 175 21.00 31.69 36.80
CA TYR F 175 20.80 30.56 35.89
C TYR F 175 21.77 29.42 36.18
N ASP F 176 21.25 28.31 36.67
CA ASP F 176 22.08 27.19 37.09
C ASP F 176 22.85 26.52 35.97
N HIS F 177 22.12 25.91 35.04
CA HIS F 177 22.78 25.12 34.00
C HIS F 177 23.31 25.98 32.88
N LEU F 178 24.51 26.50 33.05
CA LEU F 178 25.12 27.25 31.97
C LEU F 178 26.35 26.48 31.48
N SER F 179 26.53 26.44 30.16
CA SER F 179 27.68 25.76 29.56
C SER F 179 28.80 26.72 29.17
N SER F 180 28.84 27.88 29.81
CA SER F 180 29.77 28.94 29.44
C SER F 180 31.05 28.89 30.26
N VAL F 181 31.29 29.93 31.06
CA VAL F 181 32.52 30.01 31.85
C VAL F 181 32.13 30.07 33.33
N GLN F 182 32.65 31.03 34.08
CA GLN F 182 32.48 30.96 35.54
C GLN F 182 32.11 32.22 36.35
N PRO F 183 32.99 33.23 36.39
CA PRO F 183 32.85 34.17 37.51
C PRO F 183 31.68 35.16 37.42
N ASN F 184 30.60 34.90 38.15
CA ASN F 184 29.48 35.83 38.27
C ASN F 184 28.84 36.20 36.95
N GLN F 185 29.06 35.38 35.93
CA GLN F 185 28.56 35.71 34.60
C GLN F 185 27.27 34.96 34.42
N ASN F 186 26.64 34.60 35.53
CA ASN F 186 25.45 33.79 35.49
C ASN F 186 24.25 34.41 36.18
N GLU F 187 24.30 35.72 36.42
CA GLU F 187 23.16 36.42 36.99
C GLU F 187 22.65 37.52 36.07
N PHE F 188 21.33 37.60 35.94
CA PHE F 188 20.71 38.56 35.04
C PHE F 188 19.75 39.50 35.73
N SER F 189 19.73 40.72 35.25
CA SER F 189 18.87 41.78 35.77
C SER F 189 17.47 41.68 35.18
N ARG F 190 16.44 41.62 36.02
CA ARG F 190 15.07 41.46 35.55
C ARG F 190 14.05 42.42 36.14
N ILE F 191 13.34 43.14 35.26
CA ILE F 191 12.18 43.93 35.66
C ILE F 191 10.91 43.09 35.77
N THR F 192 10.14 43.25 36.83
CA THR F 192 8.88 42.55 36.95
C THR F 192 7.73 43.47 37.29
N VAL F 193 6.79 43.59 36.35
CA VAL F 193 5.63 44.46 36.51
C VAL F 193 4.37 43.68 36.84
N ARG F 194 3.60 44.14 37.81
CA ARG F 194 2.34 43.50 38.15
C ARG F 194 1.18 44.45 38.14
N ILE F 195 0.09 44.03 37.53
CA ILE F 195 -1.16 44.79 37.52
C ILE F 195 -2.27 43.93 38.05
N ASP F 196 -2.87 44.32 39.18
CA ASP F 196 -3.94 43.54 39.76
C ASP F 196 -5.22 43.90 39.06
N ALA F 197 -6.16 42.96 38.98
CA ALA F 197 -7.44 43.21 38.32
C ALA F 197 -8.53 42.30 38.83
N VAL F 198 -9.78 42.77 38.74
CA VAL F 198 -10.92 41.92 39.05
C VAL F 198 -11.92 41.89 37.90
N ARG F 199 -12.67 40.80 37.80
CA ARG F 199 -13.60 40.65 36.70
C ARG F 199 -14.93 41.34 37.00
N ASN F 200 -15.50 41.97 35.98
CA ASN F 200 -16.84 42.53 36.06
C ASN F 200 -17.85 41.40 36.10
N PRO F 201 -18.38 41.12 37.28
CA PRO F 201 -19.23 39.97 37.57
C PRO F 201 -20.69 40.18 37.18
N SER F 202 -20.98 41.33 36.60
CA SER F 202 -22.35 41.70 36.35
C SER F 202 -23.04 40.63 35.52
N TYR F 203 -22.61 40.45 34.28
CA TYR F 203 -23.31 39.57 33.35
C TYR F 203 -23.50 38.22 33.96
N TYR F 204 -22.49 37.77 34.69
CA TYR F 204 -22.53 36.41 35.19
C TYR F 204 -23.42 36.34 36.41
N LEU F 205 -23.56 37.45 37.13
CA LEU F 205 -24.45 37.43 38.27
C LEU F 205 -25.89 37.35 37.85
N TRP F 206 -26.29 38.26 36.99
CA TRP F 206 -27.68 38.42 36.61
C TRP F 206 -28.20 37.41 35.60
N SER F 207 -27.37 36.97 34.67
CA SER F 207 -27.89 36.13 33.60
C SER F 207 -27.51 34.65 33.74
N PHE F 208 -26.68 34.30 34.74
CA PHE F 208 -26.30 32.90 35.01
C PHE F 208 -26.60 32.48 36.43
N ILE F 209 -26.07 33.20 37.40
CA ILE F 209 -26.32 32.85 38.79
C ILE F 209 -27.78 33.04 39.16
N LEU F 210 -28.36 34.18 38.84
CA LEU F 210 -29.73 34.46 39.26
C LEU F 210 -30.69 33.45 38.64
N PRO F 211 -30.71 33.31 37.30
CA PRO F 211 -31.66 32.31 36.82
C PRO F 211 -31.35 30.87 37.23
N LEU F 212 -30.10 30.54 37.53
CA LEU F 212 -29.85 29.17 37.95
C LEU F 212 -30.45 28.95 39.32
N GLY F 213 -30.45 29.99 40.14
CA GLY F 213 -31.05 29.91 41.46
C GLY F 213 -32.53 29.69 41.35
N LEU F 214 -33.20 30.48 40.52
CA LEU F 214 -34.62 30.31 40.26
C LEU F 214 -34.94 28.88 39.87
N ILE F 215 -34.15 28.31 38.96
CA ILE F 215 -34.33 26.93 38.55
C ILE F 215 -34.11 25.92 39.67
N ILE F 216 -33.03 26.06 40.42
CA ILE F 216 -32.79 25.14 41.51
C ILE F 216 -33.88 25.28 42.55
N ALA F 217 -34.27 26.51 42.82
CA ALA F 217 -35.33 26.76 43.80
C ALA F 217 -36.61 26.11 43.34
N ALA F 218 -36.98 26.39 42.10
CA ALA F 218 -38.20 25.87 41.51
C ALA F 218 -38.21 24.35 41.47
N SER F 219 -37.04 23.73 41.51
CA SER F 219 -36.97 22.29 41.55
C SER F 219 -37.55 21.82 42.85
N TRP F 220 -37.41 22.63 43.90
CA TRP F 220 -37.87 22.22 45.21
C TRP F 220 -39.38 22.11 45.31
N SER F 221 -40.10 22.75 44.40
CA SER F 221 -41.56 22.75 44.44
C SER F 221 -42.18 21.43 44.00
N VAL F 222 -41.39 20.38 43.86
CA VAL F 222 -41.93 19.08 43.51
C VAL F 222 -42.72 18.45 44.64
N PHE F 223 -42.31 18.74 45.87
CA PHE F 223 -42.91 18.09 47.02
C PHE F 223 -44.31 18.64 47.27
N TRP F 224 -44.70 19.65 46.50
CA TRP F 224 -46.03 20.24 46.65
C TRP F 224 -47.03 19.65 45.67
N LEU F 225 -46.61 18.62 44.94
CA LEU F 225 -47.51 17.86 44.05
C LEU F 225 -48.19 16.73 44.81
N GLU F 226 -49.40 16.37 44.43
CA GLU F 226 -50.19 15.53 45.31
C GLU F 226 -50.21 14.03 45.02
N SER F 227 -50.05 13.63 43.76
CA SER F 227 -49.99 12.19 43.49
C SER F 227 -48.53 11.74 43.44
N PHE F 228 -48.33 10.43 43.46
CA PHE F 228 -47.00 9.87 43.28
C PHE F 228 -46.63 9.93 41.80
N SER F 229 -47.60 9.60 40.95
CA SER F 229 -47.42 9.66 39.51
C SER F 229 -46.90 11.01 39.07
N GLU F 230 -47.50 12.07 39.59
CA GLU F 230 -47.11 13.45 39.25
C GLU F 230 -45.69 13.79 39.69
N ARG F 231 -45.28 13.30 40.86
CA ARG F 231 -44.00 13.70 41.43
C ARG F 231 -42.79 13.06 40.74
N LEU F 232 -42.89 11.78 40.42
CA LEU F 232 -41.74 11.09 39.84
C LEU F 232 -41.51 11.51 38.40
N GLN F 233 -42.57 11.50 37.60
CA GLN F 233 -42.43 11.83 36.19
C GLN F 233 -41.94 13.24 36.00
N THR F 234 -42.30 14.12 36.91
CA THR F 234 -41.94 15.54 36.81
C THR F 234 -40.44 15.77 36.99
N SER F 235 -39.82 14.98 37.86
CA SER F 235 -38.39 15.13 38.14
C SER F 235 -37.55 14.81 36.91
N PHE F 236 -38.12 14.03 36.00
CA PHE F 236 -37.43 13.67 34.78
C PHE F 236 -37.39 14.89 33.90
N THR F 237 -38.38 15.76 34.06
CA THR F 237 -38.43 17.00 33.31
C THR F 237 -37.43 17.96 33.92
N LEU F 238 -37.31 17.92 35.24
CA LEU F 238 -36.35 18.78 35.93
C LEU F 238 -34.93 18.39 35.55
N MET F 239 -34.70 17.09 35.44
CA MET F 239 -33.43 16.54 35.01
C MET F 239 -33.10 17.13 33.65
N LEU F 240 -34.08 17.13 32.77
CA LEU F 240 -33.89 17.67 31.44
C LEU F 240 -33.51 19.15 31.49
N THR F 241 -34.10 19.89 32.41
CA THR F 241 -33.82 21.31 32.49
C THR F 241 -32.41 21.59 32.97
N VAL F 242 -31.91 20.83 33.92
CA VAL F 242 -30.57 21.09 34.39
C VAL F 242 -29.55 20.72 33.31
N VAL F 243 -29.77 19.62 32.61
CA VAL F 243 -28.89 19.27 31.51
C VAL F 243 -28.90 20.40 30.49
N ALA F 244 -30.09 20.92 30.22
CA ALA F 244 -30.23 22.00 29.27
C ALA F 244 -29.49 23.23 29.80
N TYR F 245 -29.52 23.41 31.10
CA TYR F 245 -28.88 24.58 31.68
C TYR F 245 -27.39 24.42 31.70
N ALA F 246 -26.94 23.20 31.95
CA ALA F 246 -25.52 22.87 31.93
C ALA F 246 -24.99 23.14 30.54
N PHE F 247 -25.83 22.88 29.56
CA PHE F 247 -25.46 23.10 28.19
C PHE F 247 -25.30 24.59 27.94
N TYR F 248 -26.25 25.37 28.41
CA TYR F 248 -26.23 26.82 28.27
C TYR F 248 -25.03 27.46 28.93
N THR F 249 -24.75 27.10 30.17
CA THR F 249 -23.66 27.75 30.87
C THR F 249 -22.35 27.40 30.22
N SER F 250 -22.11 26.12 30.04
CA SER F 250 -20.84 25.63 29.58
C SER F 250 -20.47 26.08 28.18
N ASN F 251 -21.47 26.42 27.38
CA ASN F 251 -21.20 26.90 26.05
C ASN F 251 -20.72 28.33 26.07
N ILE F 252 -21.07 29.05 27.14
CA ILE F 252 -20.76 30.47 27.20
C ILE F 252 -19.63 30.80 28.18
N LEU F 253 -19.54 30.06 29.28
CA LEU F 253 -18.49 30.28 30.27
C LEU F 253 -17.15 29.81 29.73
N PRO F 254 -16.03 30.28 30.31
CA PRO F 254 -14.73 29.92 29.76
C PRO F 254 -14.43 28.46 29.98
N ARG F 255 -13.70 27.83 29.07
CA ARG F 255 -13.34 26.46 29.23
C ARG F 255 -12.19 26.38 30.23
N LEU F 256 -12.28 25.44 31.15
CA LEU F 256 -11.26 25.27 32.16
C LEU F 256 -11.05 23.79 32.42
N PRO F 257 -9.90 23.42 33.01
CA PRO F 257 -9.64 22.03 33.36
C PRO F 257 -10.12 21.66 34.74
N TYR F 258 -10.77 22.57 35.46
CA TYR F 258 -11.28 22.27 36.79
C TYR F 258 -12.68 22.82 36.96
N THR F 259 -13.30 22.50 38.09
CA THR F 259 -14.66 22.92 38.31
C THR F 259 -14.70 24.33 38.82
N THR F 260 -15.68 25.11 38.36
CA THR F 260 -15.88 26.44 38.91
C THR F 260 -17.02 26.38 39.89
N VAL F 261 -17.31 27.51 40.52
CA VAL F 261 -18.43 27.57 41.45
C VAL F 261 -19.78 27.29 40.77
N ILE F 262 -19.99 27.88 39.61
CA ILE F 262 -21.24 27.68 38.89
C ILE F 262 -21.38 26.22 38.52
N ASP F 263 -20.25 25.61 38.16
CA ASP F 263 -20.25 24.21 37.80
C ASP F 263 -20.67 23.36 38.98
N GLN F 264 -20.22 23.76 40.16
CA GLN F 264 -20.53 22.99 41.34
C GLN F 264 -22.00 23.10 41.71
N MET F 265 -22.57 24.28 41.55
CA MET F 265 -23.98 24.47 41.79
C MET F 265 -24.80 23.56 40.89
N ILE F 266 -24.39 23.45 39.64
CA ILE F 266 -25.09 22.61 38.69
C ILE F 266 -25.03 21.16 39.15
N ILE F 267 -23.85 20.73 39.59
CA ILE F 267 -23.71 19.37 40.07
C ILE F 267 -24.59 19.19 41.30
N ALA F 268 -24.62 20.19 42.17
CA ALA F 268 -25.50 20.15 43.33
C ALA F 268 -26.94 20.10 42.86
N GLY F 269 -27.23 20.84 41.80
CA GLY F 269 -28.55 20.87 41.20
C GLY F 269 -28.92 19.50 40.71
N TYR F 270 -27.97 18.81 40.08
CA TYR F 270 -28.19 17.43 39.66
C TYR F 270 -28.46 16.56 40.88
N GLY F 271 -27.74 16.83 41.95
CA GLY F 271 -27.82 15.97 43.11
C GLY F 271 -29.16 16.11 43.80
N SER F 272 -29.58 17.35 44.02
CA SER F 272 -30.84 17.61 44.68
C SER F 272 -32.00 16.98 43.92
N ILE F 273 -31.85 16.79 42.61
CA ILE F 273 -32.90 16.15 41.85
C ILE F 273 -32.82 14.63 41.97
N PHE F 274 -31.60 14.09 41.96
CA PHE F 274 -31.47 12.64 42.07
C PHE F 274 -31.79 12.26 43.51
N ALA F 275 -31.43 13.12 44.45
CA ALA F 275 -31.77 12.89 45.84
C ALA F 275 -33.28 12.88 46.00
N ALA F 276 -33.95 13.84 45.39
CA ALA F 276 -35.40 13.93 45.44
C ALA F 276 -36.08 12.69 44.86
N ILE F 277 -35.55 12.18 43.76
CA ILE F 277 -36.11 10.98 43.16
C ILE F 277 -35.96 9.81 44.13
N LEU F 278 -34.87 9.78 44.87
CA LEU F 278 -34.65 8.67 45.77
C LEU F 278 -35.65 8.76 46.91
N LEU F 279 -36.01 9.98 47.30
CA LEU F 279 -36.94 10.17 48.40
C LEU F 279 -38.38 9.99 47.93
N ILE F 280 -38.71 10.61 46.81
CA ILE F 280 -40.05 10.47 46.24
C ILE F 280 -40.38 8.99 46.05
N ILE F 281 -39.37 8.21 45.72
CA ILE F 281 -39.59 6.80 45.40
C ILE F 281 -39.61 6.03 46.71
N PHE F 282 -39.07 6.65 47.75
CA PHE F 282 -38.99 6.03 49.06
C PHE F 282 -40.27 6.24 49.83
N ALA F 283 -40.76 7.48 49.81
CA ALA F 283 -42.00 7.84 50.49
C ALA F 283 -43.19 7.08 49.95
N HIS F 284 -43.04 6.46 48.79
CA HIS F 284 -44.12 5.69 48.20
C HIS F 284 -44.09 4.29 48.76
N HIS F 285 -43.00 3.92 49.42
CA HIS F 285 -42.84 2.57 49.91
C HIS F 285 -42.31 2.43 51.33
N ARG F 286 -42.14 3.53 52.07
CA ARG F 286 -41.59 3.41 53.42
C ARG F 286 -42.51 2.57 54.28
N GLN F 287 -43.80 2.88 54.26
CA GLN F 287 -44.76 2.22 55.13
C GLN F 287 -45.58 1.12 54.44
N ALA F 288 -46.20 0.28 55.27
CA ALA F 288 -47.13 -0.75 54.82
C ALA F 288 -48.43 -0.16 54.26
N ASN F 289 -49.29 -1.05 53.78
CA ASN F 289 -50.61 -0.71 53.21
C ASN F 289 -50.50 -0.01 51.87
N GLY F 290 -49.28 0.36 51.49
CA GLY F 290 -49.05 1.08 50.25
C GLY F 290 -49.48 2.53 50.29
N VAL F 291 -49.80 3.02 51.48
CA VAL F 291 -50.23 4.41 51.63
C VAL F 291 -49.04 5.34 51.37
N GLU F 292 -49.26 6.35 50.54
CA GLU F 292 -48.22 7.31 50.18
C GLU F 292 -47.80 8.10 51.42
N ASP F 293 -46.58 7.87 51.88
CA ASP F 293 -46.09 8.52 53.10
C ASP F 293 -45.97 10.02 52.89
N ASP F 294 -47.11 10.71 52.95
CA ASP F 294 -47.12 12.16 52.84
C ASP F 294 -46.47 12.75 54.09
N LEU F 295 -46.01 11.87 54.96
CA LEU F 295 -45.31 12.27 56.18
C LEU F 295 -43.88 12.69 55.87
N LEU F 296 -43.21 11.92 55.01
CA LEU F 296 -41.84 12.22 54.64
C LEU F 296 -41.82 13.44 53.77
N ILE F 297 -42.68 13.42 52.76
CA ILE F 297 -42.95 14.60 51.98
C ILE F 297 -43.56 15.60 52.95
N GLN F 298 -43.63 16.87 52.56
CA GLN F 298 -44.06 17.98 53.41
C GLN F 298 -42.98 18.31 54.42
N ARG F 299 -42.42 17.29 55.05
CA ARG F 299 -41.24 17.47 55.88
C ARG F 299 -40.12 17.80 54.91
N CYS F 300 -40.22 17.24 53.72
CA CYS F 300 -39.25 17.53 52.66
C CYS F 300 -39.47 18.91 52.05
N ARG F 301 -40.68 19.45 52.19
CA ARG F 301 -40.95 20.77 51.63
C ARG F 301 -40.09 21.83 52.26
N LEU F 302 -39.47 21.52 53.39
CA LEU F 302 -38.55 22.46 54.01
C LEU F 302 -37.25 21.78 54.37
N ALA F 303 -37.17 20.48 54.15
CA ALA F 303 -35.93 19.77 54.38
C ALA F 303 -34.93 20.13 53.29
N PHE F 304 -35.33 20.01 52.04
CA PHE F 304 -34.43 20.34 50.95
C PHE F 304 -34.10 21.83 50.87
N PRO F 305 -35.11 22.70 50.80
CA PRO F 305 -34.76 24.13 50.72
C PRO F 305 -33.97 24.62 51.93
N LEU F 306 -33.85 23.83 52.99
CA LEU F 306 -32.93 24.19 54.06
C LEU F 306 -31.70 23.32 53.92
N GLY F 307 -31.92 22.04 53.72
CA GLY F 307 -30.83 21.07 53.62
C GLY F 307 -29.89 21.40 52.50
N PHE F 308 -30.41 21.51 51.29
CA PHE F 308 -29.62 21.95 50.16
C PHE F 308 -29.03 23.28 50.55
N LEU F 309 -29.88 24.16 51.06
CA LEU F 309 -29.45 25.49 51.44
C LEU F 309 -28.50 25.42 52.64
N ALA F 310 -28.38 24.23 53.23
CA ALA F 310 -27.41 23.99 54.30
C ALA F 310 -26.18 23.34 53.69
N ILE F 311 -26.38 22.29 52.90
CA ILE F 311 -25.27 21.58 52.27
C ILE F 311 -24.73 22.39 51.09
N GLY F 312 -25.42 23.48 50.77
CA GLY F 312 -24.93 24.42 49.78
C GLY F 312 -24.24 25.58 50.45
N CYS F 313 -24.33 25.64 51.78
CA CYS F 313 -23.68 26.69 52.55
C CYS F 313 -22.26 26.33 52.98
N VAL F 314 -21.71 25.24 52.46
CA VAL F 314 -20.35 24.88 52.82
C VAL F 314 -19.41 24.71 51.63
N LEU F 315 -19.48 25.63 50.66
CA LEU F 315 -18.53 25.62 49.54
C LEU F 315 -17.39 26.65 49.72
N VAL F 316 -16.73 26.60 50.88
CA VAL F 316 -15.67 27.56 51.23
C VAL F 316 -14.24 27.22 50.73
N ILE F 317 -14.10 26.34 49.75
CA ILE F 317 -12.77 25.99 49.23
C ILE F 317 -12.02 27.16 48.57
N ARG F 318 -10.94 27.61 49.21
CA ARG F 318 -10.14 28.71 48.70
C ARG F 318 -8.66 28.44 48.88
N ARG G 10 9.02 77.24 11.90
CA ARG G 10 9.97 76.13 11.96
C ARG G 10 9.37 74.73 11.79
N PRO G 11 8.24 74.40 12.48
CA PRO G 11 7.78 73.02 12.40
C PRO G 11 7.22 72.74 11.04
N VAL G 12 7.34 71.51 10.57
CA VAL G 12 6.86 71.17 9.24
C VAL G 12 5.36 71.05 9.29
N ASP G 13 4.70 71.69 8.34
CA ASP G 13 3.25 71.60 8.25
C ASP G 13 2.90 70.37 7.47
N VAL G 14 2.10 69.48 8.03
CA VAL G 14 1.63 68.34 7.27
C VAL G 14 0.13 68.35 7.07
N SER G 15 -0.28 68.24 5.80
CA SER G 15 -1.67 68.19 5.45
C SER G 15 -2.12 66.75 5.16
N VAL G 16 -3.02 66.24 5.97
CA VAL G 16 -3.44 64.85 5.91
C VAL G 16 -4.85 64.63 5.39
N SER G 17 -5.00 63.67 4.48
CA SER G 17 -6.30 63.24 4.00
C SER G 17 -6.47 61.73 4.20
N ILE G 18 -7.58 61.33 4.79
CA ILE G 18 -7.89 59.94 5.00
C ILE G 18 -9.16 59.49 4.27
N PHE G 19 -9.04 58.57 3.33
CA PHE G 19 -10.19 58.01 2.62
C PHE G 19 -10.63 56.71 3.26
N ILE G 20 -11.90 56.58 3.59
CA ILE G 20 -12.39 55.41 4.27
C ILE G 20 -13.24 54.52 3.38
N ASN G 21 -12.79 53.28 3.18
CA ASN G 21 -13.39 52.34 2.25
C ASN G 21 -14.40 51.40 2.85
N LYS G 22 -14.08 50.83 3.99
CA LYS G 22 -14.91 49.82 4.57
C LYS G 22 -14.66 49.80 6.06
N ILE G 23 -15.72 49.80 6.83
CA ILE G 23 -15.60 49.58 8.25
C ILE G 23 -16.38 48.34 8.61
N TYR G 24 -15.67 47.32 9.07
CA TYR G 24 -16.29 46.05 9.36
C TYR G 24 -15.67 45.45 10.56
N GLY G 25 -16.13 44.26 10.91
CA GLY G 25 -15.54 43.45 11.94
C GLY G 25 -15.49 43.93 13.37
N VAL G 26 -16.59 44.42 13.88
CA VAL G 26 -16.62 44.85 15.27
C VAL G 26 -16.45 43.66 16.18
N ASN G 27 -15.58 43.79 17.15
CA ASN G 27 -15.41 42.81 18.18
C ASN G 27 -15.90 43.35 19.49
N THR G 28 -17.04 42.90 20.01
CA THR G 28 -17.58 43.62 21.14
C THR G 28 -16.78 43.47 22.40
N LEU G 29 -16.29 42.28 22.65
CA LEU G 29 -15.65 42.05 23.92
C LEU G 29 -14.30 42.73 23.93
N GLU G 30 -13.63 42.76 22.79
CA GLU G 30 -12.37 43.48 22.67
C GLU G 30 -12.53 44.98 22.49
N GLN G 31 -13.71 45.41 22.06
CA GLN G 31 -13.99 46.80 21.70
C GLN G 31 -13.10 47.31 20.60
N THR G 32 -13.08 46.60 19.47
CA THR G 32 -12.29 46.99 18.31
C THR G 32 -13.15 46.95 17.04
N TYR G 33 -12.63 47.45 15.93
CA TYR G 33 -13.31 47.43 14.64
C TYR G 33 -12.22 47.52 13.59
N LYS G 34 -12.50 47.10 12.37
CA LYS G 34 -11.46 47.09 11.35
C LYS G 34 -11.71 48.16 10.32
N VAL G 35 -10.67 48.78 9.79
CA VAL G 35 -10.85 49.87 8.87
C VAL G 35 -9.93 49.73 7.69
N ASP G 36 -10.49 49.78 6.50
CA ASP G 36 -9.70 49.79 5.28
C ASP G 36 -9.77 51.20 4.70
N GLY G 37 -8.65 51.72 4.24
CA GLY G 37 -8.65 53.04 3.69
C GLY G 37 -7.33 53.45 3.14
N TYR G 38 -7.23 54.72 2.75
CA TYR G 38 -5.99 55.31 2.26
C TYR G 38 -5.64 56.45 3.17
N ILE G 39 -4.35 56.75 3.28
CA ILE G 39 -3.89 57.93 3.99
C ILE G 39 -2.95 58.69 3.09
N VAL G 40 -3.17 59.99 2.98
CA VAL G 40 -2.37 60.87 2.15
C VAL G 40 -1.73 61.90 3.08
N ALA G 41 -0.46 62.18 2.88
CA ALA G 41 0.24 63.14 3.71
C ALA G 41 1.07 64.01 2.80
N GLN G 42 0.94 65.33 2.94
CA GLN G 42 1.68 66.24 2.08
C GLN G 42 2.50 67.20 2.92
N TRP G 43 3.72 67.45 2.49
CA TRP G 43 4.52 68.49 3.09
C TRP G 43 5.47 69.05 2.07
N THR G 44 6.18 70.12 2.43
CA THR G 44 7.16 70.73 1.53
C THR G 44 8.55 70.70 2.09
N GLY G 45 9.52 70.35 1.27
CA GLY G 45 10.89 70.30 1.73
C GLY G 45 11.75 71.04 0.72
N LYS G 46 13.05 70.80 0.75
CA LYS G 46 13.93 71.44 -0.20
C LYS G 46 13.59 71.05 -1.62
N PRO G 47 13.37 72.03 -2.49
CA PRO G 47 13.11 71.80 -3.92
C PRO G 47 14.14 70.88 -4.54
N ARG G 48 13.80 70.28 -5.68
CA ARG G 48 14.56 69.12 -6.11
C ARG G 48 14.66 69.06 -7.62
N LYS G 49 15.75 68.45 -8.08
CA LYS G 49 15.92 68.15 -9.49
C LYS G 49 15.27 66.78 -9.77
N THR G 50 14.28 66.74 -10.64
CA THR G 50 13.63 65.48 -10.95
C THR G 50 13.83 65.12 -12.41
N PRO G 51 13.80 63.82 -12.73
CA PRO G 51 13.91 63.48 -14.15
C PRO G 51 12.74 64.08 -14.89
N GLY G 52 13.03 65.03 -15.77
CA GLY G 52 12.02 65.89 -16.38
C GLY G 52 11.55 66.87 -15.33
N ASP G 53 11.01 68.01 -15.74
CA ASP G 53 10.54 68.97 -14.74
C ASP G 53 9.17 68.59 -14.25
N LYS G 54 8.91 67.28 -14.28
CA LYS G 54 7.64 66.70 -13.88
C LYS G 54 7.82 65.90 -12.60
N PRO G 55 6.72 65.71 -11.85
CA PRO G 55 6.81 65.02 -10.57
C PRO G 55 7.35 63.60 -10.72
N LEU G 56 8.04 63.14 -9.68
CA LEU G 56 8.66 61.84 -9.69
C LEU G 56 7.86 60.89 -8.84
N ILE G 57 7.59 59.71 -9.36
CA ILE G 57 6.81 58.74 -8.61
C ILE G 57 7.70 57.62 -8.12
N VAL G 58 7.59 57.33 -6.82
CA VAL G 58 8.36 56.28 -6.20
C VAL G 58 7.45 55.33 -5.43
N GLU G 59 7.44 54.06 -5.84
CA GLU G 59 6.51 53.06 -5.29
C GLU G 59 7.13 52.01 -4.42
N ASN G 60 6.40 51.62 -3.37
CA ASN G 60 6.71 50.43 -2.63
C ASN G 60 8.16 50.29 -2.18
N THR G 61 8.86 49.31 -2.71
CA THR G 61 10.20 49.02 -2.22
C THR G 61 11.24 50.10 -2.49
N GLN G 62 10.94 51.03 -3.39
CA GLN G 62 11.89 52.09 -3.71
C GLN G 62 11.87 53.24 -2.72
N ILE G 63 10.83 53.33 -1.90
CA ILE G 63 10.78 54.38 -0.91
C ILE G 63 11.96 54.28 0.02
N GLU G 64 12.34 53.07 0.39
CA GLU G 64 13.46 52.86 1.29
C GLU G 64 14.77 53.37 0.74
N ARG G 65 15.00 53.21 -0.56
CA ARG G 65 16.26 53.67 -1.12
C ARG G 65 16.40 55.17 -0.96
N TRP G 66 15.28 55.87 -1.09
CA TRP G 66 15.28 57.31 -0.96
C TRP G 66 15.50 57.72 0.48
N ILE G 67 15.08 56.86 1.40
CA ILE G 67 15.22 57.19 2.80
C ILE G 67 16.69 57.19 3.18
N ASN G 68 17.48 56.28 2.61
CA ASN G 68 18.91 56.23 2.93
C ASN G 68 19.74 57.37 2.34
N ASN G 69 19.36 57.88 1.18
CA ASN G 69 20.06 59.01 0.63
C ASN G 69 19.59 60.31 1.27
N GLY G 70 18.73 60.18 2.29
CA GLY G 70 18.39 61.33 3.12
C GLY G 70 17.04 61.99 2.91
N LEU G 71 16.09 61.28 2.33
CA LEU G 71 14.76 61.83 2.20
C LEU G 71 14.08 61.74 3.55
N TRP G 72 13.43 62.80 3.97
CA TRP G 72 12.77 62.79 5.26
C TRP G 72 11.36 62.30 5.10
N VAL G 73 11.08 61.12 5.62
CA VAL G 73 9.71 60.61 5.63
C VAL G 73 9.30 60.18 7.01
N PRO G 74 8.58 61.05 7.72
CA PRO G 74 8.26 60.83 9.13
C PRO G 74 7.24 59.74 9.33
N ALA G 75 7.48 58.88 10.30
CA ALA G 75 6.52 57.84 10.62
C ALA G 75 5.29 58.46 11.25
N LEU G 76 4.14 58.27 10.65
CA LEU G 76 2.94 58.77 11.29
C LEU G 76 2.21 57.60 11.94
N GLU G 77 2.01 57.65 13.25
CA GLU G 77 1.44 56.52 13.95
C GLU G 77 -0.03 56.56 14.20
N PHE G 78 -0.72 55.45 13.95
CA PHE G 78 -2.10 55.28 14.36
C PHE G 78 -2.10 55.00 15.83
N ILE G 79 -2.49 55.96 16.63
CA ILE G 79 -2.37 55.85 18.06
C ILE G 79 -3.24 54.74 18.61
N ASN G 80 -4.42 54.51 18.04
CA ASN G 80 -5.33 53.52 18.61
C ASN G 80 -5.49 52.23 17.77
N VAL G 81 -4.53 51.95 16.91
CA VAL G 81 -4.50 50.69 16.22
C VAL G 81 -4.11 49.58 17.19
N VAL G 82 -4.52 48.37 16.90
CA VAL G 82 -4.15 47.24 17.74
C VAL G 82 -3.28 46.21 17.00
N GLY G 83 -1.97 46.36 17.14
CA GLY G 83 -1.06 45.51 16.41
C GLY G 83 -0.80 46.19 15.11
N SER G 84 0.32 45.90 14.50
CA SER G 84 0.70 46.59 13.30
C SER G 84 -0.30 46.44 12.18
N PRO G 85 -0.75 47.56 11.62
CA PRO G 85 -1.69 47.54 10.52
C PRO G 85 -1.13 46.92 9.27
N ASP G 86 -1.98 46.41 8.40
CA ASP G 86 -1.58 45.83 7.13
C ASP G 86 -1.49 46.92 6.07
N THR G 87 -0.28 47.25 5.69
CA THR G 87 -0.04 48.30 4.73
C THR G 87 0.03 47.72 3.36
N GLY G 88 -0.82 48.17 2.45
CA GLY G 88 -0.82 47.71 1.08
C GLY G 88 0.23 48.45 0.29
N ASN G 89 -0.14 49.05 -0.82
CA ASN G 89 0.84 49.76 -1.63
C ASN G 89 1.25 51.10 -1.05
N LYS G 90 2.52 51.45 -1.21
CA LYS G 90 3.04 52.73 -0.81
C LYS G 90 3.42 53.52 -2.02
N ARG G 91 3.36 54.85 -1.90
CA ARG G 91 3.80 55.76 -2.96
C ARG G 91 4.34 57.06 -2.40
N LEU G 92 5.46 57.53 -2.94
CA LEU G 92 5.93 58.89 -2.72
C LEU G 92 5.83 59.65 -4.01
N MET G 93 5.20 60.82 -3.99
CA MET G 93 5.29 61.69 -5.14
C MET G 93 6.15 62.88 -4.79
N LEU G 94 7.34 62.95 -5.41
CA LEU G 94 8.32 63.98 -5.18
C LEU G 94 8.24 65.04 -6.24
N PHE G 95 7.83 66.24 -5.86
CA PHE G 95 7.68 67.34 -6.81
C PHE G 95 8.97 68.13 -6.93
N PRO G 96 9.19 68.77 -8.08
CA PRO G 96 10.46 69.50 -8.23
C PRO G 96 10.48 70.77 -7.36
N ASP G 97 9.31 71.35 -7.10
CA ASP G 97 9.27 72.54 -6.27
C ASP G 97 9.23 72.22 -4.80
N GLY G 98 9.77 71.08 -4.39
CA GLY G 98 9.93 70.81 -2.97
C GLY G 98 8.94 69.93 -2.23
N ARG G 99 7.67 69.96 -2.62
CA ARG G 99 6.66 69.21 -1.89
C ARG G 99 6.74 67.69 -2.11
N VAL G 100 6.32 66.95 -1.10
CA VAL G 100 6.40 65.50 -1.06
C VAL G 100 5.09 64.90 -0.58
N ILE G 101 4.50 64.00 -1.34
CA ILE G 101 3.20 63.44 -0.91
C ILE G 101 3.32 61.94 -0.69
N TYR G 102 2.94 61.49 0.50
CA TYR G 102 2.95 60.08 0.86
C TYR G 102 1.56 59.51 0.69
N ASN G 103 1.44 58.40 -0.03
CA ASN G 103 0.14 57.75 -0.28
C ASN G 103 0.25 56.27 0.07
N ALA G 104 -0.68 55.78 0.89
CA ALA G 104 -0.61 54.40 1.32
C ALA G 104 -1.96 53.75 1.54
N ARG G 105 -2.09 52.47 1.21
CA ARG G 105 -3.32 51.77 1.54
C ARG G 105 -3.18 51.05 2.86
N PHE G 106 -4.22 51.00 3.67
CA PHE G 106 -4.07 50.35 4.95
C PHE G 106 -5.30 49.58 5.38
N LEU G 107 -5.08 48.52 6.13
CA LEU G 107 -6.14 47.84 6.85
C LEU G 107 -5.68 47.65 8.28
N GLY G 108 -6.47 48.02 9.26
CA GLY G 108 -6.00 47.88 10.61
C GLY G 108 -7.13 47.59 11.53
N SER G 109 -6.81 47.05 12.69
CA SER G 109 -7.80 46.88 13.73
C SER G 109 -7.62 48.03 14.68
N PHE G 110 -8.71 48.74 14.95
CA PHE G 110 -8.68 49.96 15.74
C PHE G 110 -9.50 49.84 17.00
N SER G 111 -9.12 50.59 18.02
CA SER G 111 -9.76 50.48 19.33
C SER G 111 -10.53 51.73 19.75
N ASN G 112 -11.61 51.55 20.49
CA ASN G 112 -12.32 52.67 21.08
C ASN G 112 -13.21 52.25 22.21
N ASP G 113 -13.59 53.17 23.07
CA ASP G 113 -14.53 52.85 24.12
C ASP G 113 -15.85 52.57 23.45
N MET G 114 -16.44 51.42 23.74
CA MET G 114 -17.68 51.03 23.11
C MET G 114 -18.67 50.51 24.11
N ASP G 115 -19.80 51.20 24.22
CA ASP G 115 -20.86 50.87 25.15
C ASP G 115 -21.96 50.13 24.41
N PHE G 116 -22.18 48.87 24.71
CA PHE G 116 -23.16 48.08 23.99
C PHE G 116 -24.37 47.77 24.87
N ARG G 117 -24.60 48.59 25.90
CA ARG G 117 -25.65 48.30 26.87
C ARG G 117 -27.05 48.42 26.28
N LEU G 118 -27.18 49.24 25.26
CA LEU G 118 -28.48 49.44 24.63
C LEU G 118 -28.68 48.54 23.42
N PHE G 119 -27.88 47.50 23.34
CA PHE G 119 -27.99 46.53 22.26
C PHE G 119 -29.40 46.01 22.24
N PRO G 120 -29.97 45.81 21.05
CA PRO G 120 -29.46 46.07 19.71
C PRO G 120 -29.78 47.43 19.18
N PHE G 121 -30.00 48.40 20.04
CA PHE G 121 -30.31 49.74 19.56
C PHE G 121 -29.19 50.73 19.92
N ASP G 122 -27.94 50.26 19.92
CA ASP G 122 -26.84 51.07 20.36
C ASP G 122 -26.28 51.92 19.24
N ARG G 123 -25.61 53.02 19.60
CA ARG G 123 -24.93 53.85 18.63
C ARG G 123 -23.45 53.75 18.93
N GLN G 124 -22.60 53.70 17.93
CA GLN G 124 -21.17 53.62 18.21
C GLN G 124 -20.44 54.63 17.40
N GLN G 125 -19.26 55.05 17.83
CA GLN G 125 -18.46 55.83 16.91
C GLN G 125 -17.11 55.20 16.62
N PHE G 126 -16.83 55.10 15.34
CA PHE G 126 -15.57 54.60 14.87
C PHE G 126 -14.55 55.71 14.76
N VAL G 127 -13.46 55.55 15.49
CA VAL G 127 -12.42 56.57 15.67
C VAL G 127 -11.08 56.19 15.07
N LEU G 128 -10.39 57.15 14.48
CA LEU G 128 -9.03 56.99 14.03
C LEU G 128 -8.23 58.04 14.76
N GLU G 129 -7.10 57.69 15.35
CA GLU G 129 -6.28 58.71 16.02
C GLU G 129 -4.88 58.69 15.48
N LEU G 130 -4.42 59.79 14.90
CA LEU G 130 -3.15 59.82 14.17
C LEU G 130 -2.18 60.85 14.77
N GLU G 131 -0.91 60.52 14.96
CA GLU G 131 0.02 61.37 15.69
C GLU G 131 1.44 61.05 15.23
N PRO G 132 2.32 62.04 15.09
CA PRO G 132 3.64 61.62 14.64
C PRO G 132 4.30 60.79 15.71
N PHE G 133 5.15 59.87 15.29
CA PHE G 133 5.68 58.90 16.22
C PHE G 133 6.88 59.40 16.97
N SER G 134 7.66 60.26 16.34
CA SER G 134 8.95 60.64 16.90
C SER G 134 9.11 62.14 17.11
N TYR G 135 8.36 62.93 16.35
CA TYR G 135 8.46 64.39 16.28
C TYR G 135 7.36 65.18 17.00
N ASN G 136 7.73 66.14 17.85
CA ASN G 136 6.74 67.02 18.51
C ASN G 136 6.25 68.20 17.66
N ASN G 137 5.31 68.97 18.21
CA ASN G 137 4.65 70.03 17.47
C ASN G 137 5.54 71.21 17.19
N GLN G 138 6.71 71.22 17.81
CA GLN G 138 7.70 72.20 17.46
C GLN G 138 8.43 71.74 16.22
N GLN G 139 8.30 70.45 15.93
CA GLN G 139 8.99 69.82 14.82
C GLN G 139 8.06 69.45 13.67
N LEU G 140 6.87 68.96 14.02
CA LEU G 140 5.89 68.60 13.01
C LEU G 140 4.50 68.83 13.53
N ARG G 141 3.70 69.54 12.76
CA ARG G 141 2.31 69.76 13.12
C ARG G 141 1.39 69.53 11.93
N PHE G 142 0.18 69.08 12.23
CA PHE G 142 -0.80 68.83 11.21
C PHE G 142 -1.53 70.13 10.90
N SER G 143 -1.47 70.59 9.66
CA SER G 143 -2.07 71.85 9.36
C SER G 143 -3.57 71.70 9.22
N ASP G 144 -4.01 70.70 8.48
CA ASP G 144 -5.43 70.43 8.26
C ASP G 144 -5.75 68.96 7.94
N ILE G 145 -6.99 68.55 8.17
CA ILE G 145 -7.41 67.16 7.89
C ILE G 145 -8.76 67.04 7.17
N GLN G 146 -8.73 66.40 6.01
CA GLN G 146 -9.95 66.04 5.27
C GLN G 146 -10.16 64.53 5.33
N VAL G 147 -11.38 64.12 5.61
CA VAL G 147 -11.79 62.72 5.65
C VAL G 147 -12.90 62.38 4.67
N TYR G 148 -12.70 61.40 3.80
CA TYR G 148 -13.74 61.09 2.82
C TYR G 148 -14.42 59.77 3.03
N THR G 149 -15.73 59.77 2.98
CA THR G 149 -16.46 58.55 3.04
C THR G 149 -17.43 58.52 1.89
N GLU G 150 -17.66 57.33 1.35
CA GLU G 150 -18.58 57.13 0.25
C GLU G 150 -19.99 57.33 0.77
N ASN G 151 -20.89 57.66 -0.14
CA ASN G 151 -22.30 57.79 0.21
C ASN G 151 -23.03 56.47 0.01
N ILE G 152 -23.31 55.79 1.11
CA ILE G 152 -23.98 54.52 1.04
C ILE G 152 -25.47 54.76 0.88
N ASP G 153 -26.05 54.18 -0.16
CA ASP G 153 -27.46 54.37 -0.43
C ASP G 153 -28.30 53.14 -0.08
N ASN G 154 -27.73 51.96 -0.27
CA ASN G 154 -28.41 50.71 0.08
C ASN G 154 -28.04 50.17 1.46
N GLU G 155 -28.12 51.00 2.49
CA GLU G 155 -27.63 50.61 3.81
C GLU G 155 -28.51 49.57 4.49
N GLU G 156 -29.64 49.23 3.89
CA GLU G 156 -30.54 48.26 4.48
C GLU G 156 -29.96 46.86 4.47
N ILE G 157 -28.90 46.67 3.69
CA ILE G 157 -28.17 45.40 3.65
C ILE G 157 -26.86 45.45 4.40
N ASP G 158 -26.60 46.55 5.08
CA ASP G 158 -25.37 46.66 5.85
C ASP G 158 -25.67 46.48 7.31
N GLU G 159 -24.71 45.90 8.02
CA GLU G 159 -24.86 45.69 9.43
C GLU G 159 -24.89 47.02 10.15
N TRP G 160 -24.12 47.99 9.65
CA TRP G 160 -24.04 49.31 10.28
C TRP G 160 -24.54 50.45 9.38
N TRP G 161 -25.30 51.36 9.97
CA TRP G 161 -25.74 52.57 9.28
C TRP G 161 -24.89 53.78 9.70
N ILE G 162 -24.07 54.26 8.78
CA ILE G 162 -23.26 55.44 8.99
C ILE G 162 -24.08 56.70 8.94
N ARG G 163 -23.92 57.57 9.94
CA ARG G 163 -24.79 58.72 10.10
C ARG G 163 -24.06 60.04 9.97
N GLY G 164 -23.84 60.52 8.76
CA GLY G 164 -23.25 61.82 8.60
C GLY G 164 -21.83 61.70 8.16
N LYS G 165 -21.27 62.77 7.61
CA LYS G 165 -19.87 62.77 7.26
C LYS G 165 -19.02 62.76 8.52
N ALA G 166 -17.77 62.38 8.36
CA ALA G 166 -16.87 62.26 9.50
C ALA G 166 -16.52 63.63 10.08
N SER G 167 -16.38 63.72 11.39
CA SER G 167 -15.89 64.95 11.99
C SER G 167 -14.41 64.83 12.26
N THR G 168 -13.67 65.93 12.17
CA THR G 168 -12.23 65.88 12.36
C THR G 168 -11.79 66.81 13.49
N HIS G 169 -10.58 66.63 14.00
CA HIS G 169 -10.12 67.34 15.18
C HIS G 169 -8.61 67.33 15.35
N ILE G 170 -7.94 68.42 15.01
CA ILE G 170 -6.54 68.61 15.38
C ILE G 170 -6.41 69.25 16.77
N SER G 171 -5.51 68.75 17.61
CA SER G 171 -5.27 69.29 18.93
C SER G 171 -3.87 68.90 19.26
N ASP G 172 -3.47 69.09 20.52
CA ASP G 172 -2.11 68.82 20.99
C ASP G 172 -2.14 67.97 22.22
N ILE G 173 -1.24 67.01 22.31
CA ILE G 173 -1.24 66.10 23.43
C ILE G 173 0.02 66.34 24.18
N ARG G 174 -0.11 66.55 25.49
CA ARG G 174 1.05 66.75 26.33
C ARG G 174 1.47 65.45 26.99
N TYR G 175 2.67 64.98 26.72
CA TYR G 175 3.12 63.83 27.45
C TYR G 175 3.93 64.28 28.66
N ASP G 176 3.42 64.04 29.87
CA ASP G 176 4.09 64.52 31.07
C ASP G 176 5.43 63.87 31.21
N HIS G 177 5.39 62.56 31.32
CA HIS G 177 6.56 61.79 31.62
C HIS G 177 7.39 61.57 30.37
N LEU G 178 8.24 62.54 30.05
CA LEU G 178 9.18 62.38 28.95
C LEU G 178 10.62 62.36 29.44
N SER G 179 11.43 61.52 28.82
CA SER G 179 12.84 61.39 29.15
C SER G 179 13.69 62.25 28.22
N SER G 180 13.07 63.27 27.64
CA SER G 180 13.72 64.08 26.63
C SER G 180 14.38 65.29 27.26
N VAL G 181 13.94 66.47 26.86
CA VAL G 181 14.50 67.72 27.35
C VAL G 181 13.31 68.48 27.98
N GLN G 182 13.41 69.79 28.14
CA GLN G 182 12.42 70.52 28.94
C GLN G 182 11.55 71.55 28.19
N PRO G 183 12.16 72.60 27.61
CA PRO G 183 11.28 73.71 27.20
C PRO G 183 10.41 73.39 25.98
N ASN G 184 9.10 73.16 26.19
CA ASN G 184 8.12 72.97 25.12
C ASN G 184 8.28 71.75 24.20
N GLN G 185 9.02 70.72 24.62
CA GLN G 185 9.28 69.56 23.77
C GLN G 185 8.46 68.30 24.09
N ASN G 186 7.33 68.45 24.77
CA ASN G 186 6.56 67.31 25.21
C ASN G 186 5.12 67.29 24.73
N GLU G 187 4.85 68.05 23.68
CA GLU G 187 3.52 68.16 23.11
C GLU G 187 3.52 67.63 21.71
N PHE G 188 2.50 66.85 21.35
CA PHE G 188 2.47 66.29 20.01
C PHE G 188 1.19 66.61 19.29
N SER G 189 1.30 66.85 18.00
CA SER G 189 0.14 67.18 17.18
C SER G 189 -0.71 65.96 16.83
N ARG G 190 -2.02 65.99 17.11
CA ARG G 190 -2.88 64.85 16.83
C ARG G 190 -4.17 65.09 16.06
N ILE G 191 -4.29 64.37 14.94
CA ILE G 191 -5.54 64.21 14.22
C ILE G 191 -6.42 63.14 14.89
N THR G 192 -7.70 63.40 15.04
CA THR G 192 -8.69 62.47 15.54
C THR G 192 -9.89 62.49 14.64
N VAL G 193 -10.19 61.38 13.97
CA VAL G 193 -11.33 61.27 13.07
C VAL G 193 -12.48 60.55 13.73
N ARG G 194 -13.71 61.03 13.54
CA ARG G 194 -14.87 60.34 14.10
C ARG G 194 -15.95 60.07 13.09
N ILE G 195 -16.45 58.83 13.12
CA ILE G 195 -17.55 58.37 12.29
C ILE G 195 -18.65 57.81 13.17
N ASP G 196 -19.83 58.41 13.14
CA ASP G 196 -20.97 57.91 13.93
C ASP G 196 -21.68 56.80 13.22
N ALA G 197 -22.27 55.91 13.97
CA ALA G 197 -23.02 54.83 13.35
C ALA G 197 -24.05 54.26 14.30
N VAL G 198 -25.12 53.74 13.72
CA VAL G 198 -26.15 53.08 14.48
C VAL G 198 -26.23 51.65 14.02
N ARG G 199 -26.67 50.78 14.91
CA ARG G 199 -26.72 49.38 14.61
C ARG G 199 -27.99 49.12 13.83
N ASN G 200 -27.89 48.28 12.81
CA ASN G 200 -29.06 47.81 12.11
C ASN G 200 -29.80 46.83 13.01
N PRO G 201 -30.93 47.24 13.59
CA PRO G 201 -31.62 46.45 14.61
C PRO G 201 -32.60 45.41 14.08
N SER G 202 -32.76 45.32 12.76
CA SER G 202 -33.84 44.52 12.20
C SER G 202 -33.87 43.10 12.71
N TYR G 203 -32.82 42.36 12.37
CA TYR G 203 -32.78 40.94 12.66
C TYR G 203 -33.10 40.72 14.11
N TYR G 204 -32.61 41.59 14.97
CA TYR G 204 -32.73 41.37 16.39
C TYR G 204 -34.12 41.70 16.88
N LEU G 205 -34.80 42.62 16.21
CA LEU G 205 -36.18 42.92 16.60
C LEU G 205 -37.08 41.77 16.26
N TRP G 206 -37.02 41.34 15.00
CA TRP G 206 -37.90 40.30 14.48
C TRP G 206 -37.58 38.89 14.92
N SER G 207 -36.31 38.56 15.03
CA SER G 207 -36.02 37.17 15.29
C SER G 207 -35.63 36.85 16.71
N PHE G 208 -35.45 37.87 17.55
CA PHE G 208 -35.12 37.67 18.98
C PHE G 208 -36.10 38.33 19.94
N ILE G 209 -36.36 39.63 19.77
CA ILE G 209 -37.24 40.33 20.70
C ILE G 209 -38.67 39.82 20.64
N LEU G 210 -39.23 39.78 19.44
CA LEU G 210 -40.62 39.44 19.23
C LEU G 210 -40.96 38.02 19.68
N PRO G 211 -40.23 37.00 19.18
CA PRO G 211 -40.62 35.72 19.76
C PRO G 211 -40.39 35.60 21.26
N LEU G 212 -39.46 36.33 21.85
CA LEU G 212 -39.28 36.25 23.29
C LEU G 212 -40.50 36.79 24.00
N GLY G 213 -41.13 37.79 23.42
CA GLY G 213 -42.34 38.33 24.01
C GLY G 213 -43.43 37.30 23.96
N LEU G 214 -43.63 36.74 22.77
CA LEU G 214 -44.63 35.71 22.57
C LEU G 214 -44.48 34.60 23.58
N ILE G 215 -43.26 34.12 23.77
CA ILE G 215 -43.04 33.06 24.71
C ILE G 215 -43.42 33.53 26.11
N ILE G 216 -43.00 34.74 26.46
CA ILE G 216 -43.32 35.30 27.78
C ILE G 216 -44.82 35.50 27.90
N ALA G 217 -45.45 35.97 26.83
CA ALA G 217 -46.88 36.17 26.81
C ALA G 217 -47.62 34.85 26.98
N ALA G 218 -47.27 33.89 26.15
CA ALA G 218 -47.86 32.58 26.21
C ALA G 218 -47.64 31.94 27.54
N SER G 219 -46.60 32.35 28.25
CA SER G 219 -46.35 31.83 29.57
C SER G 219 -47.42 32.20 30.53
N TRP G 220 -48.05 33.34 30.31
CA TRP G 220 -49.06 33.84 31.23
C TRP G 220 -50.31 32.99 31.20
N SER G 221 -50.50 32.25 30.12
CA SER G 221 -51.70 31.47 29.98
C SER G 221 -51.71 30.22 30.88
N VAL G 222 -50.79 30.14 31.83
CA VAL G 222 -50.85 29.04 32.79
C VAL G 222 -52.01 29.19 33.72
N PHE G 223 -52.45 30.42 33.92
CA PHE G 223 -53.50 30.63 34.89
C PHE G 223 -54.84 30.19 34.32
N TRP G 224 -54.86 29.86 33.03
CA TRP G 224 -56.10 29.44 32.41
C TRP G 224 -56.29 27.93 32.41
N LEU G 225 -55.40 27.23 33.10
CA LEU G 225 -55.56 25.80 33.27
C LEU G 225 -56.45 25.63 34.48
N GLU G 226 -57.24 24.56 34.49
CA GLU G 226 -58.33 24.49 35.46
C GLU G 226 -58.05 23.67 36.72
N SER G 227 -57.16 22.69 36.64
CA SER G 227 -56.78 21.98 37.86
C SER G 227 -55.52 22.59 38.43
N PHE G 228 -55.20 22.24 39.67
CA PHE G 228 -53.96 22.67 40.28
C PHE G 228 -52.81 21.86 39.74
N SER G 229 -53.02 20.56 39.63
CA SER G 229 -52.02 19.68 39.05
C SER G 229 -51.56 20.17 37.68
N GLU G 230 -52.49 20.51 36.82
CA GLU G 230 -52.17 20.95 35.46
C GLU G 230 -51.34 22.23 35.46
N ARG G 231 -51.63 23.15 36.38
CA ARG G 231 -50.97 24.46 36.35
C ARG G 231 -49.53 24.38 36.84
N LEU G 232 -49.28 23.61 37.89
CA LEU G 232 -47.93 23.56 38.43
C LEU G 232 -47.01 22.83 37.48
N GLN G 233 -47.46 21.68 36.99
CA GLN G 233 -46.63 20.87 36.12
C GLN G 233 -46.33 21.59 34.82
N THR G 234 -47.28 22.39 34.35
CA THR G 234 -47.11 23.06 33.07
C THR G 234 -46.01 24.12 33.15
N SER G 235 -45.85 24.74 34.32
CA SER G 235 -44.86 25.80 34.46
C SER G 235 -43.42 25.32 34.23
N PHE G 236 -43.17 24.04 34.47
CA PHE G 236 -41.85 23.48 34.30
C PHE G 236 -41.47 23.33 32.84
N THR G 237 -42.45 23.21 31.97
CA THR G 237 -42.13 23.15 30.56
C THR G 237 -41.78 24.55 30.10
N LEU G 238 -42.46 25.54 30.66
CA LEU G 238 -42.20 26.92 30.31
C LEU G 238 -40.81 27.34 30.80
N MET G 239 -40.46 26.89 31.99
CA MET G 239 -39.15 27.14 32.54
C MET G 239 -38.10 26.61 31.57
N LEU G 240 -38.32 25.39 31.07
CA LEU G 240 -37.40 24.77 30.12
C LEU G 240 -37.33 25.59 28.84
N THR G 241 -38.44 26.19 28.44
CA THR G 241 -38.46 26.95 27.18
C THR G 241 -37.61 28.20 27.27
N VAL G 242 -37.65 28.85 28.43
CA VAL G 242 -36.85 30.04 28.61
C VAL G 242 -35.40 29.62 28.66
N VAL G 243 -35.10 28.53 29.34
CA VAL G 243 -33.74 28.03 29.35
C VAL G 243 -33.30 27.72 27.95
N ALA G 244 -34.15 27.10 27.16
CA ALA G 244 -33.79 26.83 25.79
C ALA G 244 -33.60 28.13 25.04
N TYR G 245 -34.42 29.13 25.37
CA TYR G 245 -34.33 30.41 24.68
C TYR G 245 -33.14 31.22 25.12
N ALA G 246 -32.81 31.14 26.42
CA ALA G 246 -31.65 31.83 26.97
C ALA G 246 -30.42 31.33 26.28
N PHE G 247 -30.44 30.05 25.96
CA PHE G 247 -29.36 29.40 25.27
C PHE G 247 -29.26 29.89 23.84
N TYR G 248 -30.39 29.98 23.17
CA TYR G 248 -30.45 30.41 21.78
C TYR G 248 -29.89 31.80 21.61
N THR G 249 -30.27 32.71 22.49
CA THR G 249 -29.81 34.09 22.39
C THR G 249 -28.32 34.14 22.62
N SER G 250 -27.88 33.52 23.70
CA SER G 250 -26.49 33.57 24.07
C SER G 250 -25.59 32.90 23.04
N ASN G 251 -26.11 31.96 22.26
CA ASN G 251 -25.26 31.32 21.29
C ASN G 251 -25.03 32.20 20.06
N ILE G 252 -25.97 33.10 19.75
CA ILE G 252 -25.88 33.90 18.53
C ILE G 252 -25.51 35.36 18.83
N LEU G 253 -26.00 35.90 19.94
CA LEU G 253 -25.73 37.29 20.28
C LEU G 253 -24.29 37.48 20.76
N PRO G 254 -23.74 38.70 20.64
CA PRO G 254 -22.35 38.98 21.00
C PRO G 254 -22.12 38.93 22.48
N ARG G 255 -20.92 38.56 22.89
CA ARG G 255 -20.56 38.46 24.29
C ARG G 255 -20.30 39.82 24.90
N LEU G 256 -20.80 40.03 26.11
CA LEU G 256 -20.58 41.31 26.77
C LEU G 256 -20.34 41.08 28.26
N PRO G 257 -19.77 42.08 28.94
CA PRO G 257 -19.57 41.95 30.38
C PRO G 257 -20.76 42.47 31.17
N TYR G 258 -21.80 42.89 30.47
CA TYR G 258 -22.99 43.38 31.12
C TYR G 258 -24.25 42.84 30.45
N THR G 259 -25.39 43.06 31.09
CA THR G 259 -26.65 42.58 30.56
C THR G 259 -27.19 43.55 29.53
N THR G 260 -27.77 43.02 28.47
CA THR G 260 -28.47 43.85 27.51
C THR G 260 -29.98 43.74 27.70
N VAL G 261 -30.71 44.42 26.84
CA VAL G 261 -32.16 44.42 26.90
C VAL G 261 -32.69 43.02 26.78
N ILE G 262 -32.18 42.28 25.80
CA ILE G 262 -32.64 40.94 25.56
C ILE G 262 -32.31 40.06 26.75
N ASP G 263 -31.13 40.26 27.32
CA ASP G 263 -30.72 39.50 28.48
C ASP G 263 -31.67 39.76 29.62
N GLN G 264 -32.11 41.01 29.71
CA GLN G 264 -33.01 41.45 30.77
C GLN G 264 -34.41 40.88 30.57
N MET G 265 -34.87 40.85 29.32
CA MET G 265 -36.14 40.21 29.00
C MET G 265 -36.13 38.75 29.44
N ILE G 266 -35.00 38.07 29.18
CA ILE G 266 -34.86 36.67 29.54
C ILE G 266 -34.98 36.49 31.05
N ILE G 267 -34.28 37.31 31.79
CA ILE G 267 -34.35 37.23 33.24
C ILE G 267 -35.78 37.55 33.66
N ALA G 268 -36.39 38.49 32.98
CA ALA G 268 -37.79 38.82 33.25
C ALA G 268 -38.71 37.65 32.96
N GLY G 269 -38.45 36.95 31.86
CA GLY G 269 -39.25 35.79 31.52
C GLY G 269 -39.10 34.76 32.60
N TYR G 270 -37.87 34.55 33.08
CA TYR G 270 -37.65 33.62 34.17
C TYR G 270 -38.45 34.03 35.37
N GLY G 271 -38.54 35.33 35.60
CA GLY G 271 -39.19 35.87 36.77
C GLY G 271 -40.68 35.67 36.73
N SER G 272 -41.28 36.01 35.60
CA SER G 272 -42.72 35.85 35.42
C SER G 272 -43.15 34.40 35.62
N ILE G 273 -42.24 33.48 35.35
CA ILE G 273 -42.54 32.07 35.49
C ILE G 273 -42.30 31.57 36.91
N PHE G 274 -41.27 32.06 37.57
CA PHE G 274 -41.04 31.69 38.96
C PHE G 274 -42.08 32.35 39.84
N ALA G 275 -42.50 33.54 39.46
CA ALA G 275 -43.56 34.20 40.19
C ALA G 275 -44.84 33.38 40.06
N ALA G 276 -45.13 32.98 38.84
CA ALA G 276 -46.34 32.21 38.56
C ALA G 276 -46.37 30.93 39.38
N ILE G 277 -45.23 30.28 39.52
CA ILE G 277 -45.12 29.10 40.36
C ILE G 277 -45.42 29.43 41.81
N LEU G 278 -44.96 30.59 42.27
CA LEU G 278 -45.19 30.94 43.66
C LEU G 278 -46.66 31.27 43.89
N LEU G 279 -47.33 31.82 42.89
CA LEU G 279 -48.72 32.20 43.04
C LEU G 279 -49.60 30.99 42.87
N ILE G 280 -49.31 30.18 41.85
CA ILE G 280 -50.05 28.96 41.61
C ILE G 280 -50.07 28.09 42.86
N ILE G 281 -48.98 28.09 43.61
CA ILE G 281 -48.88 27.23 44.78
C ILE G 281 -49.49 27.92 46.00
N PHE G 282 -49.61 29.23 45.94
CA PHE G 282 -50.12 29.99 47.08
C PHE G 282 -51.64 29.95 47.05
N ALA G 283 -52.20 30.15 45.87
CA ALA G 283 -53.64 30.08 45.68
C ALA G 283 -54.19 28.71 46.02
N HIS G 284 -53.33 27.71 46.08
CA HIS G 284 -53.74 26.36 46.40
C HIS G 284 -53.81 26.12 47.89
N HIS G 285 -53.17 26.99 48.66
CA HIS G 285 -53.13 26.80 50.11
C HIS G 285 -53.40 28.07 50.92
N ARG G 286 -53.76 29.18 50.28
CA ARG G 286 -53.94 30.45 51.01
C ARG G 286 -54.99 30.34 52.09
N GLN G 287 -56.13 29.77 51.72
CA GLN G 287 -57.24 29.73 52.65
C GLN G 287 -57.32 28.41 53.36
N ALA G 288 -58.05 28.41 54.47
CA ALA G 288 -58.40 27.22 55.19
C ALA G 288 -59.36 26.39 54.34
N ASN G 289 -59.82 25.28 54.89
CA ASN G 289 -60.74 24.34 54.25
C ASN G 289 -60.02 23.50 53.20
N GLY G 290 -58.83 23.93 52.82
CA GLY G 290 -58.06 23.27 51.80
C GLY G 290 -58.69 23.52 50.44
N VAL G 291 -59.70 24.38 50.41
CA VAL G 291 -60.38 24.71 49.16
C VAL G 291 -59.46 25.57 48.32
N GLU G 292 -59.32 25.25 47.04
CA GLU G 292 -58.44 26.05 46.19
C GLU G 292 -58.95 27.46 45.99
N ASP G 293 -58.21 28.43 46.52
CA ASP G 293 -58.56 29.83 46.43
C ASP G 293 -58.53 30.30 44.98
N ASP G 294 -59.55 29.91 44.21
CA ASP G 294 -59.66 30.29 42.81
C ASP G 294 -59.95 31.78 42.64
N LEU G 295 -60.01 32.49 43.76
CA LEU G 295 -60.20 33.92 43.74
C LEU G 295 -58.88 34.57 43.33
N LEU G 296 -57.77 34.04 43.83
CA LEU G 296 -56.45 34.57 43.54
C LEU G 296 -56.07 34.31 42.09
N ILE G 297 -56.19 33.07 41.67
CA ILE G 297 -56.12 32.71 40.27
C ILE G 297 -57.33 33.38 39.61
N GLN G 298 -57.35 33.43 38.27
CA GLN G 298 -58.38 34.10 37.49
C GLN G 298 -58.17 35.59 37.53
N ARG G 299 -57.91 36.14 38.71
CA ARG G 299 -57.47 37.51 38.79
C ARG G 299 -56.07 37.56 38.20
N CYS G 300 -55.34 36.46 38.35
CA CYS G 300 -53.99 36.36 37.83
C CYS G 300 -53.98 36.28 36.31
N ARG G 301 -55.12 35.94 35.72
CA ARG G 301 -55.18 35.85 34.26
C ARG G 301 -54.95 37.18 33.60
N LEU G 302 -55.07 38.26 34.36
CA LEU G 302 -54.74 39.58 33.84
C LEU G 302 -53.89 40.39 34.82
N ALA G 303 -53.57 39.81 35.97
CA ALA G 303 -52.69 40.47 36.92
C ALA G 303 -51.27 40.47 36.38
N PHE G 304 -50.78 39.31 35.96
CA PHE G 304 -49.44 39.21 35.39
C PHE G 304 -49.34 39.90 34.03
N PRO G 305 -50.24 39.60 33.08
CA PRO G 305 -50.08 40.27 31.77
C PRO G 305 -50.13 41.79 31.91
N LEU G 306 -50.50 42.27 33.08
CA LEU G 306 -50.42 43.69 33.37
C LEU G 306 -49.20 43.96 34.22
N GLY G 307 -49.00 43.13 35.24
CA GLY G 307 -47.90 43.32 36.18
C GLY G 307 -46.51 43.27 35.57
N PHE G 308 -46.19 42.15 34.91
CA PHE G 308 -44.93 42.04 34.17
C PHE G 308 -44.87 43.17 33.18
N LEU G 309 -45.95 43.34 32.45
CA LEU G 309 -45.97 44.33 31.40
C LEU G 309 -45.92 45.73 32.00
N ALA G 310 -46.09 45.82 33.32
CA ALA G 310 -45.93 47.11 34.00
C ALA G 310 -44.58 47.24 34.71
N ILE G 311 -44.22 46.26 35.51
CA ILE G 311 -42.95 46.33 36.25
C ILE G 311 -41.80 46.03 35.32
N GLY G 312 -42.12 45.65 34.09
CA GLY G 312 -41.14 45.46 33.02
C GLY G 312 -41.12 46.68 32.11
N CYS G 313 -42.03 47.62 32.38
CA CYS G 313 -42.16 48.83 31.60
C CYS G 313 -41.27 49.94 32.16
N VAL G 314 -40.35 49.58 33.05
CA VAL G 314 -39.41 50.53 33.63
C VAL G 314 -37.95 50.16 33.39
N LEU G 315 -37.61 49.77 32.16
CA LEU G 315 -36.21 49.53 31.83
C LEU G 315 -35.58 50.76 31.19
N VAL G 316 -35.80 51.91 31.81
CA VAL G 316 -35.26 53.18 31.32
C VAL G 316 -33.85 53.42 31.86
N ILE G 317 -33.20 52.36 32.34
CA ILE G 317 -31.83 52.45 32.83
C ILE G 317 -30.92 52.81 31.65
N ARG G 318 -30.48 54.07 31.61
CA ARG G 318 -29.74 54.59 30.47
C ARG G 318 -28.58 55.48 30.91
N ARG H 10 1.19 58.69 -26.46
CA ARG H 10 2.09 58.79 -25.32
C ARG H 10 1.84 57.84 -24.15
N PRO H 11 0.57 57.63 -23.75
CA PRO H 11 0.42 56.77 -22.57
C PRO H 11 0.76 55.33 -22.90
N VAL H 12 1.29 54.59 -21.94
CA VAL H 12 1.64 53.21 -22.17
C VAL H 12 0.42 52.33 -22.13
N ASP H 13 0.25 51.53 -23.18
CA ASP H 13 -0.85 50.60 -23.28
C ASP H 13 -0.47 49.35 -22.52
N VAL H 14 -1.27 48.96 -21.54
CA VAL H 14 -1.00 47.72 -20.84
C VAL H 14 -2.14 46.73 -21.04
N SER H 15 -1.79 45.53 -21.48
CA SER H 15 -2.75 44.47 -21.75
C SER H 15 -2.80 43.45 -20.63
N VAL H 16 -3.96 43.28 -20.04
CA VAL H 16 -4.14 42.39 -18.91
C VAL H 16 -4.97 41.15 -19.20
N SER H 17 -4.54 40.02 -18.63
CA SER H 17 -5.30 38.78 -18.60
C SER H 17 -5.40 38.29 -17.18
N ILE H 18 -6.60 37.94 -16.72
CA ILE H 18 -6.76 37.38 -15.38
C ILE H 18 -7.34 35.97 -15.39
N PHE H 19 -6.59 35.00 -14.86
CA PHE H 19 -7.00 33.60 -14.78
C PHE H 19 -7.53 33.23 -13.40
N ILE H 20 -8.74 32.70 -13.29
CA ILE H 20 -9.34 32.40 -11.99
C ILE H 20 -9.43 30.91 -11.66
N ASN H 21 -8.76 30.52 -10.57
CA ASN H 21 -8.60 29.12 -10.18
C ASN H 21 -9.63 28.62 -9.21
N LYS H 22 -9.99 29.42 -8.23
CA LYS H 22 -10.87 29.00 -7.18
C LYS H 22 -11.59 30.25 -6.63
N ILE H 23 -12.90 30.19 -6.46
CA ILE H 23 -13.61 31.22 -5.73
C ILE H 23 -14.31 30.57 -4.57
N TYR H 24 -13.89 30.86 -3.36
CA TYR H 24 -14.40 30.18 -2.19
C TYR H 24 -14.53 31.08 -0.99
N GLY H 25 -14.95 30.54 0.13
CA GLY H 25 -14.90 31.27 1.37
C GLY H 25 -15.67 32.57 1.53
N VAL H 26 -16.94 32.59 1.16
CA VAL H 26 -17.77 33.76 1.39
C VAL H 26 -17.93 34.06 2.86
N ASN H 27 -17.72 35.31 3.26
CA ASN H 27 -17.97 35.74 4.63
C ASN H 27 -19.18 36.63 4.54
N THR H 28 -20.31 36.25 5.13
CA THR H 28 -21.51 37.04 4.89
C THR H 28 -21.52 38.39 5.57
N LEU H 29 -21.06 38.46 6.81
CA LEU H 29 -21.15 39.70 7.56
C LEU H 29 -20.12 40.65 7.00
N GLU H 30 -18.98 40.14 6.61
CA GLU H 30 -17.98 40.99 6.05
C GLU H 30 -18.25 41.31 4.62
N GLN H 31 -19.11 40.54 3.97
CA GLN H 31 -19.36 40.69 2.55
C GLN H 31 -18.08 40.63 1.73
N THR H 32 -17.29 39.60 1.97
CA THR H 32 -16.05 39.38 1.22
C THR H 32 -16.00 37.95 0.70
N TYR H 33 -15.05 37.66 -0.19
CA TYR H 33 -14.88 36.33 -0.71
C TYR H 33 -13.45 36.12 -1.14
N LYS H 34 -12.95 34.88 -1.18
CA LYS H 34 -11.55 34.64 -1.53
C LYS H 34 -11.41 34.18 -2.95
N VAL H 35 -10.36 34.63 -3.64
CA VAL H 35 -10.10 34.33 -5.05
C VAL H 35 -8.66 33.99 -5.26
N ASP H 36 -8.39 32.85 -5.89
CA ASP H 36 -7.04 32.40 -6.21
C ASP H 36 -6.84 32.58 -7.69
N GLY H 37 -5.69 33.08 -8.11
CA GLY H 37 -5.53 33.24 -9.54
C GLY H 37 -4.18 33.72 -9.97
N TYR H 38 -4.06 33.99 -11.26
CA TYR H 38 -2.85 34.52 -11.85
C TYR H 38 -3.19 35.85 -12.47
N ILE H 39 -2.23 36.77 -12.50
CA ILE H 39 -2.45 38.01 -13.20
C ILE H 39 -1.33 38.26 -14.18
N VAL H 40 -1.70 38.61 -15.40
CA VAL H 40 -0.74 38.86 -16.47
C VAL H 40 -0.86 40.25 -17.00
N ALA H 41 0.28 40.91 -17.18
CA ALA H 41 0.29 42.27 -17.69
C ALA H 41 1.37 42.43 -18.74
N GLN H 42 0.99 42.92 -19.90
CA GLN H 42 1.96 43.12 -20.97
C GLN H 42 1.94 44.57 -21.45
N TRP H 43 3.13 45.15 -21.61
CA TRP H 43 3.27 46.47 -22.20
C TRP H 43 4.57 46.52 -22.94
N THR H 44 4.80 47.57 -23.70
CA THR H 44 6.02 47.67 -24.47
C THR H 44 6.83 48.87 -24.06
N GLY H 45 8.13 48.71 -23.93
CA GLY H 45 8.97 49.81 -23.52
C GLY H 45 10.15 49.97 -24.44
N LYS H 46 11.19 50.64 -23.96
CA LYS H 46 12.40 50.80 -24.74
C LYS H 46 12.99 49.43 -24.99
N PRO H 47 13.27 49.10 -26.26
CA PRO H 47 13.89 47.83 -26.65
C PRO H 47 15.12 47.51 -25.82
N ARG H 48 15.51 46.24 -25.78
CA ARG H 48 16.41 45.76 -24.74
C ARG H 48 17.36 44.68 -25.21
N LYS H 49 18.53 44.63 -24.58
CA LYS H 49 19.53 43.60 -24.77
C LYS H 49 19.29 42.42 -23.83
N THR H 50 19.06 41.25 -24.41
CA THR H 50 18.83 40.02 -23.64
C THR H 50 19.91 38.99 -23.93
N PRO H 51 20.20 38.09 -22.99
CA PRO H 51 21.20 37.07 -23.32
C PRO H 51 20.66 36.21 -24.45
N GLY H 52 21.27 36.27 -25.62
CA GLY H 52 20.69 35.67 -26.81
C GLY H 52 19.48 36.47 -27.22
N ASP H 53 19.05 36.35 -28.47
CA ASP H 53 17.90 37.12 -28.90
C ASP H 53 16.63 36.42 -28.40
N LYS H 54 16.75 35.83 -27.23
CA LYS H 54 15.69 35.07 -26.63
C LYS H 54 15.13 35.91 -25.50
N PRO H 55 13.82 35.81 -25.25
CA PRO H 55 13.24 36.61 -24.17
C PRO H 55 13.87 36.21 -22.84
N LEU H 56 13.98 37.13 -21.89
CA LEU H 56 14.64 36.86 -20.62
C LEU H 56 13.68 36.68 -19.46
N ILE H 57 13.96 35.68 -18.64
CA ILE H 57 13.10 35.38 -17.51
C ILE H 57 13.68 35.78 -16.18
N VAL H 58 12.89 36.55 -15.42
CA VAL H 58 13.28 37.07 -14.11
C VAL H 58 12.24 36.73 -13.09
N GLU H 59 12.62 35.94 -12.09
CA GLU H 59 11.66 35.43 -11.13
C GLU H 59 11.83 35.98 -9.73
N ASN H 60 10.71 36.16 -9.05
CA ASN H 60 10.69 36.41 -7.62
C ASN H 60 11.65 37.48 -7.09
N THR H 61 12.61 37.10 -6.25
CA THR H 61 13.46 38.09 -5.60
C THR H 61 14.30 38.82 -6.61
N GLN H 62 14.33 38.34 -7.83
CA GLN H 62 15.10 39.05 -8.82
C GLN H 62 14.36 40.22 -9.46
N ILE H 63 13.03 40.28 -9.35
CA ILE H 63 12.34 41.43 -9.95
C ILE H 63 12.78 42.71 -9.29
N GLU H 64 12.93 42.64 -7.97
CA GLU H 64 13.28 43.80 -7.18
C GLU H 64 14.61 44.38 -7.60
N ARG H 65 15.54 43.50 -7.89
CA ARG H 65 16.85 43.93 -8.31
C ARG H 65 16.76 44.69 -9.62
N TRP H 66 15.87 44.25 -10.50
CA TRP H 66 15.73 44.93 -11.79
C TRP H 66 15.06 46.29 -11.62
N ILE H 67 14.22 46.42 -10.60
CA ILE H 67 13.55 47.68 -10.35
C ILE H 67 14.56 48.72 -9.83
N ASN H 68 15.55 48.27 -9.08
CA ASN H 68 16.55 49.18 -8.52
C ASN H 68 17.44 49.78 -9.59
N ASN H 69 17.73 49.02 -10.63
CA ASN H 69 18.49 49.53 -11.76
C ASN H 69 17.62 50.26 -12.76
N GLY H 70 16.35 50.44 -12.42
CA GLY H 70 15.51 51.32 -13.20
C GLY H 70 14.52 50.72 -14.16
N LEU H 71 14.13 49.46 -13.96
CA LEU H 71 13.09 48.88 -14.80
C LEU H 71 11.75 49.41 -14.35
N TRP H 72 10.92 49.83 -15.29
CA TRP H 72 9.67 50.38 -14.86
C TRP H 72 8.63 49.30 -14.72
N VAL H 73 8.27 49.02 -13.48
CA VAL H 73 7.22 48.06 -13.20
C VAL H 73 6.17 48.70 -12.32
N PRO H 74 5.08 49.17 -12.94
CA PRO H 74 4.06 49.88 -12.19
C PRO H 74 3.20 49.00 -11.34
N ALA H 75 2.99 49.36 -10.09
CA ALA H 75 2.12 48.63 -9.20
C ALA H 75 0.68 48.73 -9.63
N LEU H 76 0.03 47.59 -9.79
CA LEU H 76 -1.39 47.54 -10.10
C LEU H 76 -2.10 47.16 -8.80
N GLU H 77 -3.10 47.93 -8.41
CA GLU H 77 -3.77 47.69 -7.13
C GLU H 77 -5.09 46.98 -7.27
N PHE H 78 -5.37 45.98 -6.44
CA PHE H 78 -6.73 45.47 -6.43
C PHE H 78 -7.57 46.44 -5.62
N ILE H 79 -8.45 47.18 -6.25
CA ILE H 79 -9.15 48.19 -5.51
C ILE H 79 -10.05 47.63 -4.46
N ASN H 80 -10.65 46.47 -4.69
CA ASN H 80 -11.55 45.97 -3.67
C ASN H 80 -11.01 44.82 -2.86
N VAL H 81 -9.71 44.65 -2.82
CA VAL H 81 -9.12 43.65 -1.97
C VAL H 81 -9.28 44.01 -0.49
N VAL H 82 -9.33 43.03 0.40
CA VAL H 82 -9.38 43.37 1.83
C VAL H 82 -8.15 42.83 2.55
N GLY H 83 -7.18 43.71 2.72
CA GLY H 83 -5.88 43.34 3.24
C GLY H 83 -5.05 43.10 2.03
N SER H 84 -3.76 43.30 2.17
CA SER H 84 -2.87 43.05 1.07
C SER H 84 -2.88 41.57 0.77
N PRO H 85 -3.10 41.22 -0.51
CA PRO H 85 -3.24 39.85 -0.95
C PRO H 85 -1.98 39.09 -0.78
N ASP H 86 -2.12 37.78 -0.72
CA ASP H 86 -1.02 36.84 -0.66
C ASP H 86 -0.52 36.56 -2.05
N THR H 87 0.69 37.03 -2.36
CA THR H 87 1.28 36.84 -3.67
C THR H 87 2.24 35.66 -3.71
N GLY H 88 2.03 34.77 -4.68
CA GLY H 88 2.88 33.62 -4.90
C GLY H 88 4.11 33.91 -5.73
N ASN H 89 4.32 33.18 -6.80
CA ASN H 89 5.50 33.38 -7.60
C ASN H 89 5.30 34.57 -8.49
N LYS H 90 6.35 35.36 -8.67
CA LYS H 90 6.34 36.46 -9.60
C LYS H 90 7.35 36.20 -10.69
N ARG H 91 7.08 36.67 -11.89
CA ARG H 91 8.05 36.62 -12.95
C ARG H 91 7.90 37.76 -13.92
N LEU H 92 9.02 38.27 -14.38
CA LEU H 92 9.05 39.21 -15.48
C LEU H 92 9.64 38.51 -16.68
N MET H 93 8.97 38.56 -17.83
CA MET H 93 9.55 38.08 -19.05
C MET H 93 9.92 39.25 -19.93
N LEU H 94 11.21 39.53 -20.07
CA LEU H 94 11.64 40.71 -20.81
C LEU H 94 12.02 40.40 -22.22
N PHE H 95 11.25 40.90 -23.18
CA PHE H 95 11.48 40.64 -24.59
C PHE H 95 12.46 41.63 -25.15
N PRO H 96 13.23 41.22 -26.16
CA PRO H 96 14.21 42.14 -26.74
C PRO H 96 13.55 43.24 -27.57
N ASP H 97 12.38 42.96 -28.13
CA ASP H 97 11.70 43.94 -28.94
C ASP H 97 10.91 44.91 -28.07
N GLY H 98 11.33 45.05 -26.82
CA GLY H 98 10.78 46.07 -25.95
C GLY H 98 9.72 45.66 -24.96
N ARG H 99 8.87 44.70 -25.34
CA ARG H 99 7.73 44.33 -24.52
C ARG H 99 8.10 43.61 -23.23
N VAL H 100 7.25 43.78 -22.23
CA VAL H 100 7.50 43.28 -20.89
C VAL H 100 6.25 42.57 -20.45
N ILE H 101 6.38 41.36 -19.93
CA ILE H 101 5.20 40.67 -19.47
C ILE H 101 5.37 40.35 -18.01
N TYR H 102 4.42 40.78 -17.20
CA TYR H 102 4.41 40.48 -15.78
C TYR H 102 3.38 39.40 -15.44
N ASN H 103 3.82 38.41 -14.69
CA ASN H 103 2.97 37.29 -14.34
C ASN H 103 3.08 37.01 -12.84
N ALA H 104 1.96 36.90 -12.15
CA ALA H 104 2.01 36.57 -10.74
C ALA H 104 0.77 35.84 -10.29
N ARG H 105 0.94 34.94 -9.35
CA ARG H 105 -0.14 34.22 -8.71
C ARG H 105 -0.62 34.94 -7.49
N PHE H 106 -1.92 34.96 -7.24
CA PHE H 106 -2.40 35.67 -6.08
C PHE H 106 -3.52 34.97 -5.34
N LEU H 107 -3.57 35.17 -4.04
CA LEU H 107 -4.75 34.83 -3.26
C LEU H 107 -5.18 35.99 -2.35
N GLY H 108 -6.38 36.51 -2.54
CA GLY H 108 -6.79 37.63 -1.75
C GLY H 108 -8.25 37.59 -1.40
N SER H 109 -8.62 38.30 -0.35
CA SER H 109 -10.01 38.43 0.02
C SER H 109 -10.52 39.68 -0.66
N PHE H 110 -11.63 39.58 -1.38
CA PHE H 110 -12.14 40.71 -2.10
C PHE H 110 -13.51 41.04 -1.57
N SER H 111 -13.89 42.30 -1.75
CA SER H 111 -15.11 42.87 -1.23
C SER H 111 -16.08 43.24 -2.35
N ASN H 112 -17.36 43.12 -2.07
CA ASN H 112 -18.40 43.59 -2.96
C ASN H 112 -19.67 43.67 -2.17
N ASP H 113 -20.64 44.42 -2.66
CA ASP H 113 -21.93 44.49 -1.99
C ASP H 113 -22.64 43.17 -2.16
N MET H 114 -23.13 42.61 -1.06
CA MET H 114 -23.80 41.32 -1.09
C MET H 114 -25.10 41.27 -0.33
N ASP H 115 -26.17 41.00 -1.08
CA ASP H 115 -27.51 40.92 -0.55
C ASP H 115 -27.81 39.45 -0.36
N PHE H 116 -27.99 39.01 0.88
CA PHE H 116 -28.23 37.59 1.16
C PHE H 116 -29.67 37.41 1.62
N ARG H 117 -30.55 38.32 1.24
CA ARG H 117 -31.93 38.32 1.72
C ARG H 117 -32.77 37.20 1.14
N LEU H 118 -32.45 36.77 -0.08
CA LEU H 118 -33.19 35.70 -0.71
C LEU H 118 -32.54 34.35 -0.47
N PHE H 119 -31.69 34.30 0.53
CA PHE H 119 -31.06 33.07 0.98
C PHE H 119 -32.17 32.08 1.28
N PRO H 120 -31.97 30.80 0.94
CA PRO H 120 -30.78 30.25 0.30
C PRO H 120 -30.85 30.26 -1.20
N PHE H 121 -31.66 31.14 -1.76
CA PHE H 121 -31.83 31.15 -3.18
C PHE H 121 -31.26 32.40 -3.80
N ASP H 122 -30.16 32.90 -3.24
CA ASP H 122 -29.61 34.15 -3.72
C ASP H 122 -28.62 34.00 -4.85
N ARG H 123 -28.46 35.09 -5.60
CA ARG H 123 -27.52 35.17 -6.71
C ARG H 123 -26.48 36.19 -6.31
N GLN H 124 -25.21 35.98 -6.68
CA GLN H 124 -24.15 36.90 -6.33
C GLN H 124 -23.30 37.27 -7.51
N GLN H 125 -22.62 38.41 -7.42
CA GLN H 125 -21.59 38.73 -8.39
C GLN H 125 -20.30 38.82 -7.63
N PHE H 126 -19.32 38.04 -8.03
CA PHE H 126 -17.99 38.15 -7.49
C PHE H 126 -17.23 39.08 -8.37
N VAL H 127 -16.67 40.14 -7.80
CA VAL H 127 -16.00 41.17 -8.58
C VAL H 127 -14.52 41.28 -8.22
N LEU H 128 -13.68 41.50 -9.24
CA LEU H 128 -12.32 41.95 -9.05
C LEU H 128 -12.22 43.27 -9.81
N GLU H 129 -11.68 44.31 -9.16
CA GLU H 129 -11.47 45.63 -9.76
C GLU H 129 -10.02 45.98 -9.72
N LEU H 130 -9.42 46.26 -10.86
CA LEU H 130 -7.99 46.45 -10.94
C LEU H 130 -7.69 47.84 -11.49
N GLU H 131 -6.78 48.58 -10.87
CA GLU H 131 -6.52 49.96 -11.23
C GLU H 131 -5.08 50.32 -10.89
N PRO H 132 -4.40 51.12 -11.73
CA PRO H 132 -3.01 51.42 -11.40
C PRO H 132 -2.93 52.26 -10.15
N PHE H 133 -1.86 52.14 -9.37
CA PHE H 133 -1.85 52.78 -8.08
C PHE H 133 -1.42 54.24 -8.15
N SER H 134 -0.53 54.55 -9.08
CA SER H 134 0.11 55.86 -9.13
C SER H 134 0.02 56.55 -10.47
N TYR H 135 -0.29 55.82 -11.52
CA TYR H 135 -0.27 56.39 -12.85
C TYR H 135 -1.66 56.68 -13.41
N ASN H 136 -1.89 57.89 -13.87
CA ASN H 136 -3.16 58.27 -14.49
C ASN H 136 -3.25 57.84 -15.94
N ASN H 137 -4.41 58.04 -16.55
CA ASN H 137 -4.62 57.51 -17.89
C ASN H 137 -3.88 58.23 -18.97
N GLN H 138 -3.28 59.35 -18.65
CA GLN H 138 -2.41 60.00 -19.62
C GLN H 138 -1.04 59.34 -19.57
N GLN H 139 -0.80 58.59 -18.49
CA GLN H 139 0.47 57.92 -18.27
C GLN H 139 0.41 56.40 -18.51
N LEU H 140 -0.67 55.77 -18.08
CA LEU H 140 -0.86 54.33 -18.23
C LEU H 140 -2.33 54.02 -18.43
N ARG H 141 -2.65 53.28 -19.49
CA ARG H 141 -4.03 52.89 -19.72
C ARG H 141 -4.17 51.42 -20.10
N PHE H 142 -5.29 50.83 -19.71
CA PHE H 142 -5.58 49.45 -20.02
C PHE H 142 -6.16 49.32 -21.42
N SER H 143 -5.41 48.67 -22.31
CA SER H 143 -5.82 48.54 -23.69
C SER H 143 -6.89 47.45 -23.84
N ASP H 144 -6.69 46.31 -23.20
CA ASP H 144 -7.66 45.22 -23.26
C ASP H 144 -7.62 44.31 -22.03
N ILE H 145 -8.71 43.60 -21.78
CA ILE H 145 -8.77 42.68 -20.65
C ILE H 145 -9.37 41.31 -21.00
N GLN H 146 -8.63 40.24 -20.73
CA GLN H 146 -9.15 38.89 -20.94
C GLN H 146 -9.30 38.14 -19.60
N VAL H 147 -10.45 37.53 -19.36
CA VAL H 147 -10.62 36.71 -18.16
C VAL H 147 -10.97 35.27 -18.45
N TYR H 148 -10.17 34.37 -17.90
CA TYR H 148 -10.36 32.96 -18.11
C TYR H 148 -10.79 32.22 -16.85
N THR H 149 -11.80 31.37 -16.96
CA THR H 149 -12.23 30.56 -15.83
C THR H 149 -12.29 29.08 -16.26
N GLU H 150 -12.03 28.18 -15.31
CA GLU H 150 -12.11 26.76 -15.61
C GLU H 150 -13.57 26.43 -15.75
N ASN H 151 -13.88 25.38 -16.51
CA ASN H 151 -15.27 24.93 -16.57
C ASN H 151 -15.53 23.85 -15.52
N ILE H 152 -16.19 24.23 -14.43
CA ILE H 152 -16.50 23.26 -13.40
C ILE H 152 -17.70 22.49 -13.92
N ASP H 153 -17.58 21.16 -13.97
CA ASP H 153 -18.62 20.33 -14.57
C ASP H 153 -19.48 19.62 -13.53
N ASN H 154 -18.86 19.25 -12.42
CA ASN H 154 -19.59 18.64 -11.32
C ASN H 154 -20.02 19.70 -10.32
N GLU H 155 -20.71 20.74 -10.77
CA GLU H 155 -20.98 21.88 -9.90
C GLU H 155 -21.92 21.53 -8.76
N GLU H 156 -22.51 20.34 -8.83
CA GLU H 156 -23.42 19.86 -7.81
C GLU H 156 -22.68 19.48 -6.54
N ILE H 157 -21.36 19.39 -6.64
CA ILE H 157 -20.56 19.12 -5.46
C ILE H 157 -19.88 20.37 -4.99
N ASP H 158 -20.17 21.48 -5.66
CA ASP H 158 -19.62 22.78 -5.33
C ASP H 158 -20.67 23.60 -4.61
N GLU H 159 -20.24 24.43 -3.67
CA GLU H 159 -21.15 25.28 -2.91
C GLU H 159 -21.81 26.35 -3.77
N TRP H 160 -21.06 26.88 -4.73
CA TRP H 160 -21.54 27.92 -5.62
C TRP H 160 -21.55 27.44 -7.05
N TRP H 161 -22.63 27.74 -7.76
CA TRP H 161 -22.71 27.41 -9.17
C TRP H 161 -22.44 28.66 -10.00
N ILE H 162 -21.32 28.68 -10.70
CA ILE H 162 -21.02 29.80 -11.57
C ILE H 162 -21.97 29.80 -12.74
N ARG H 163 -22.59 30.94 -13.02
CA ARG H 163 -23.64 30.97 -14.01
C ARG H 163 -23.23 31.88 -15.15
N GLY H 164 -22.40 31.35 -16.02
CA GLY H 164 -21.97 32.06 -17.21
C GLY H 164 -20.55 32.47 -17.06
N LYS H 165 -19.88 32.72 -18.19
CA LYS H 165 -18.50 33.20 -18.19
C LYS H 165 -18.37 34.65 -17.75
N ALA H 166 -17.15 35.04 -17.39
CA ALA H 166 -16.91 36.34 -16.79
C ALA H 166 -17.15 37.47 -17.76
N SER H 167 -17.78 38.52 -17.24
CA SER H 167 -17.99 39.76 -17.96
C SER H 167 -16.96 40.82 -17.56
N THR H 168 -16.53 41.64 -18.51
CA THR H 168 -15.51 42.62 -18.23
C THR H 168 -15.90 44.01 -18.71
N HIS H 169 -15.17 45.03 -18.25
CA HIS H 169 -15.44 46.41 -18.61
C HIS H 169 -14.29 47.32 -18.23
N ILE H 170 -13.55 47.81 -19.21
CA ILE H 170 -12.55 48.86 -18.96
C ILE H 170 -13.18 50.25 -18.89
N SER H 171 -12.80 51.05 -17.90
CA SER H 171 -13.41 52.38 -17.79
C SER H 171 -12.46 53.43 -17.21
N ASP H 172 -13.01 54.62 -16.95
CA ASP H 172 -12.21 55.76 -16.45
C ASP H 172 -12.86 56.29 -15.19
N ILE H 173 -12.01 56.56 -14.22
CA ILE H 173 -12.46 57.00 -12.91
C ILE H 173 -11.93 58.39 -12.59
N ARG H 174 -12.85 59.28 -12.22
CA ARG H 174 -12.48 60.63 -11.79
C ARG H 174 -12.37 60.70 -10.29
N TYR H 175 -11.20 61.05 -9.79
CA TYR H 175 -11.02 61.36 -8.38
C TYR H 175 -11.07 62.87 -8.11
N ASP H 176 -12.10 63.30 -7.39
CA ASP H 176 -12.27 64.71 -7.11
C ASP H 176 -11.18 65.23 -6.19
N HIS H 177 -11.15 64.71 -4.97
CA HIS H 177 -10.25 65.26 -3.98
C HIS H 177 -8.84 64.71 -4.13
N LEU H 178 -8.06 65.32 -5.00
CA LEU H 178 -6.65 64.95 -5.13
C LEU H 178 -5.74 66.08 -4.67
N SER H 179 -4.64 65.72 -4.03
CA SER H 179 -3.71 66.71 -3.53
C SER H 179 -2.58 66.96 -4.53
N SER H 180 -2.84 66.63 -5.80
CA SER H 180 -1.83 66.65 -6.85
C SER H 180 -1.76 67.93 -7.70
N VAL H 181 -2.01 67.77 -9.00
CA VAL H 181 -1.88 68.86 -9.96
C VAL H 181 -3.27 69.12 -10.62
N GLN H 182 -3.34 69.73 -11.80
CA GLN H 182 -4.64 70.22 -12.28
C GLN H 182 -5.25 69.63 -13.58
N PRO H 183 -4.69 69.97 -14.76
CA PRO H 183 -5.48 69.72 -15.98
C PRO H 183 -5.56 68.25 -16.41
N ASN H 184 -6.72 67.62 -16.23
CA ASN H 184 -6.96 66.26 -16.72
C ASN H 184 -6.05 65.19 -16.12
N GLN H 185 -5.47 65.47 -14.97
CA GLN H 185 -4.56 64.51 -14.32
C GLN H 185 -5.27 63.74 -13.21
N ASN H 186 -6.58 63.62 -13.32
CA ASN H 186 -7.38 63.00 -12.29
C ASN H 186 -8.21 61.79 -12.74
N GLU H 187 -7.85 61.20 -13.87
CA GLU H 187 -8.56 60.01 -14.34
C GLU H 187 -7.66 58.78 -14.43
N PHE H 188 -8.15 57.66 -13.91
CA PHE H 188 -7.38 56.43 -13.87
C PHE H 188 -8.09 55.34 -14.61
N SER H 189 -7.31 54.53 -15.31
CA SER H 189 -7.86 53.45 -16.11
C SER H 189 -8.23 52.29 -15.19
N ARG H 190 -9.45 51.77 -15.28
CA ARG H 190 -9.86 50.68 -14.40
C ARG H 190 -10.48 49.48 -15.10
N ILE H 191 -9.87 48.32 -14.90
CA ILE H 191 -10.45 47.04 -15.27
C ILE H 191 -11.43 46.60 -14.22
N THR H 192 -12.60 46.11 -14.63
CA THR H 192 -13.56 45.54 -13.71
C THR H 192 -14.06 44.20 -14.20
N VAL H 193 -13.79 43.12 -13.48
CA VAL H 193 -14.33 41.83 -13.90
C VAL H 193 -15.50 41.37 -13.02
N ARG H 194 -16.55 40.85 -13.63
CA ARG H 194 -17.70 40.36 -12.89
C ARG H 194 -18.07 38.94 -13.22
N ILE H 195 -18.29 38.15 -12.18
CA ILE H 195 -18.66 36.76 -12.30
C ILE H 195 -19.93 36.40 -11.53
N ASP H 196 -20.95 35.94 -12.26
CA ASP H 196 -22.22 35.59 -11.65
C ASP H 196 -22.21 34.20 -11.04
N ALA H 197 -23.00 34.01 -9.99
CA ALA H 197 -23.12 32.71 -9.38
C ALA H 197 -24.43 32.62 -8.58
N VAL H 198 -24.99 31.42 -8.48
CA VAL H 198 -26.15 31.21 -7.62
C VAL H 198 -25.81 30.13 -6.62
N ARG H 199 -26.46 30.17 -5.47
CA ARG H 199 -26.13 29.23 -4.43
C ARG H 199 -26.83 27.91 -4.68
N ASN H 200 -26.11 26.83 -4.37
CA ASN H 200 -26.65 25.49 -4.36
C ASN H 200 -27.63 25.39 -3.21
N PRO H 201 -28.93 25.39 -3.50
CA PRO H 201 -29.93 25.52 -2.44
C PRO H 201 -30.22 24.22 -1.74
N SER H 202 -29.58 23.18 -2.22
CA SER H 202 -29.90 21.82 -1.86
C SER H 202 -29.92 21.54 -0.38
N TYR H 203 -28.77 21.64 0.28
CA TYR H 203 -28.68 21.24 1.68
C TYR H 203 -29.74 21.92 2.51
N TYR H 204 -30.03 23.18 2.20
CA TYR H 204 -30.96 23.97 2.99
C TYR H 204 -32.39 23.62 2.67
N LEU H 205 -32.64 23.19 1.44
CA LEU H 205 -33.98 22.81 1.06
C LEU H 205 -34.41 21.56 1.79
N TRP H 206 -33.58 20.54 1.71
CA TRP H 206 -33.93 19.27 2.27
C TRP H 206 -33.73 19.19 3.77
N SER H 207 -32.71 19.82 4.30
CA SER H 207 -32.40 19.57 5.70
C SER H 207 -32.86 20.65 6.66
N PHE H 208 -33.37 21.77 6.11
CA PHE H 208 -33.89 22.91 6.89
C PHE H 208 -35.32 23.32 6.55
N ILE H 209 -35.58 23.63 5.29
CA ILE H 209 -36.91 24.07 4.88
C ILE H 209 -38.00 23.03 5.07
N LEU H 210 -37.75 21.82 4.58
CA LEU H 210 -38.75 20.76 4.62
C LEU H 210 -39.12 20.35 6.05
N PRO H 211 -38.14 19.94 6.87
CA PRO H 211 -38.62 19.59 8.21
C PRO H 211 -39.23 20.76 8.99
N LEU H 212 -38.93 21.99 8.64
CA LEU H 212 -39.56 23.08 9.34
C LEU H 212 -41.03 23.07 8.97
N GLY H 213 -41.30 22.82 7.69
CA GLY H 213 -42.65 22.79 7.19
C GLY H 213 -43.42 21.67 7.84
N LEU H 214 -42.82 20.50 7.88
CA LEU H 214 -43.44 19.38 8.55
C LEU H 214 -43.79 19.78 9.96
N ILE H 215 -42.86 20.40 10.67
CA ILE H 215 -43.13 20.77 12.06
C ILE H 215 -44.26 21.78 12.17
N ILE H 216 -44.25 22.80 11.31
CA ILE H 216 -45.31 23.78 11.33
C ILE H 216 -46.66 23.14 11.00
N ALA H 217 -46.67 22.28 9.99
CA ALA H 217 -47.90 21.59 9.60
C ALA H 217 -48.37 20.68 10.72
N ALA H 218 -47.47 19.83 11.19
CA ALA H 218 -47.80 18.92 12.27
C ALA H 218 -48.21 19.67 13.51
N SER H 219 -47.79 20.91 13.60
CA SER H 219 -48.16 21.77 14.71
C SER H 219 -49.66 22.06 14.69
N TRP H 220 -50.23 22.10 13.49
CA TRP H 220 -51.64 22.44 13.33
C TRP H 220 -52.53 21.35 13.92
N SER H 221 -51.96 20.16 14.07
CA SER H 221 -52.70 19.02 14.55
C SER H 221 -53.03 19.11 16.03
N VAL H 222 -52.87 20.29 16.62
CA VAL H 222 -53.26 20.48 18.01
C VAL H 222 -54.77 20.45 18.13
N PHE H 223 -55.44 20.90 17.08
CA PHE H 223 -56.87 21.08 17.13
C PHE H 223 -57.62 19.75 17.04
N TRP H 224 -56.89 18.66 16.81
CA TRP H 224 -57.57 17.38 16.71
C TRP H 224 -57.55 16.68 18.04
N LEU H 225 -57.13 17.37 19.09
CA LEU H 225 -57.23 16.80 20.43
C LEU H 225 -58.60 17.14 20.99
N GLU H 226 -59.10 16.29 21.86
CA GLU H 226 -60.48 16.37 22.28
C GLU H 226 -60.67 17.11 23.59
N SER H 227 -59.63 17.14 24.43
CA SER H 227 -59.72 17.88 25.69
C SER H 227 -59.20 19.30 25.53
N PHE H 228 -59.54 20.19 26.45
CA PHE H 228 -58.95 21.53 26.44
C PHE H 228 -57.58 21.52 27.10
N SER H 229 -57.51 20.86 28.25
CA SER H 229 -56.26 20.72 29.00
C SER H 229 -55.19 20.22 28.08
N GLU H 230 -55.53 19.18 27.33
CA GLU H 230 -54.62 18.58 26.38
C GLU H 230 -54.24 19.57 25.30
N ARG H 231 -55.17 20.41 24.87
CA ARG H 231 -54.89 21.27 23.73
C ARG H 231 -53.94 22.39 24.10
N LEU H 232 -54.12 22.96 25.28
CA LEU H 232 -53.29 24.07 25.65
C LEU H 232 -51.90 23.54 25.95
N GLN H 233 -51.84 22.51 26.78
CA GLN H 233 -50.58 21.99 27.25
C GLN H 233 -49.71 21.47 26.12
N THR H 234 -50.32 20.93 25.08
CA THR H 234 -49.55 20.41 23.97
C THR H 234 -48.90 21.55 23.20
N SER H 235 -49.60 22.66 23.10
CA SER H 235 -49.07 23.75 22.33
C SER H 235 -47.79 24.30 22.95
N PHE H 236 -47.59 24.08 24.24
CA PHE H 236 -46.35 24.55 24.86
C PHE H 236 -45.18 23.69 24.42
N THR H 237 -45.46 22.45 24.07
CA THR H 237 -44.43 21.55 23.60
C THR H 237 -44.06 21.96 22.20
N LEU H 238 -45.03 22.41 21.44
CA LEU H 238 -44.73 22.89 20.09
C LEU H 238 -43.94 24.16 20.17
N MET H 239 -44.26 24.99 21.16
CA MET H 239 -43.53 26.24 21.38
C MET H 239 -42.06 25.94 21.59
N LEU H 240 -41.77 25.00 22.47
CA LEU H 240 -40.40 24.56 22.70
C LEU H 240 -39.74 24.02 21.46
N THR H 241 -40.52 23.35 20.63
CA THR H 241 -39.97 22.74 19.45
C THR H 241 -39.53 23.78 18.46
N VAL H 242 -40.31 24.84 18.33
CA VAL H 242 -39.92 25.85 17.36
C VAL H 242 -38.66 26.57 17.85
N VAL H 243 -38.60 26.81 19.15
CA VAL H 243 -37.42 27.42 19.75
C VAL H 243 -36.18 26.58 19.52
N ALA H 244 -36.32 25.27 19.71
CA ALA H 244 -35.21 24.36 19.49
C ALA H 244 -34.84 24.35 18.02
N TYR H 245 -35.82 24.51 17.14
CA TYR H 245 -35.52 24.49 15.73
C TYR H 245 -34.76 25.75 15.37
N ALA H 246 -35.10 26.84 16.02
CA ALA H 246 -34.39 28.11 15.80
C ALA H 246 -32.92 27.98 16.18
N PHE H 247 -32.68 27.22 17.23
CA PHE H 247 -31.35 27.04 17.75
C PHE H 247 -30.54 26.24 16.73
N TYR H 248 -31.15 25.18 16.20
CA TYR H 248 -30.53 24.36 15.18
C TYR H 248 -30.24 25.18 13.91
N THR H 249 -31.20 25.96 13.46
CA THR H 249 -31.03 26.74 12.23
C THR H 249 -29.99 27.86 12.33
N SER H 250 -30.11 28.68 13.36
CA SER H 250 -29.22 29.82 13.53
C SER H 250 -27.77 29.45 13.76
N ASN H 251 -27.52 28.29 14.34
CA ASN H 251 -26.17 27.86 14.65
C ASN H 251 -25.39 27.41 13.44
N ILE H 252 -26.09 26.97 12.42
CA ILE H 252 -25.44 26.40 11.26
C ILE H 252 -25.54 27.37 10.09
N LEU H 253 -26.65 28.11 10.02
CA LEU H 253 -26.83 29.07 8.93
C LEU H 253 -25.91 30.30 9.07
N PRO H 254 -25.66 31.00 7.95
CA PRO H 254 -24.72 32.13 7.97
C PRO H 254 -25.26 33.29 8.74
N ARG H 255 -24.40 34.04 9.41
CA ARG H 255 -24.89 35.19 10.16
C ARG H 255 -25.14 36.33 9.21
N LEU H 256 -26.25 37.03 9.43
CA LEU H 256 -26.63 38.14 8.58
C LEU H 256 -27.22 39.28 9.41
N PRO H 257 -27.25 40.49 8.86
CA PRO H 257 -27.85 41.61 9.58
C PRO H 257 -29.34 41.75 9.37
N TYR H 258 -29.95 40.84 8.61
CA TYR H 258 -31.38 40.84 8.32
C TYR H 258 -31.98 39.46 8.37
N THR H 259 -33.30 39.34 8.26
CA THR H 259 -33.94 38.03 8.29
C THR H 259 -33.92 37.40 6.91
N THR H 260 -33.75 36.08 6.87
CA THR H 260 -33.89 35.35 5.62
C THR H 260 -35.24 34.66 5.53
N VAL H 261 -35.45 34.00 4.40
CA VAL H 261 -36.67 33.25 4.19
C VAL H 261 -36.78 32.19 5.26
N ILE H 262 -35.68 31.50 5.55
CA ILE H 262 -35.69 30.47 6.58
C ILE H 262 -35.97 31.13 7.93
N ASP H 263 -35.42 32.32 8.13
CA ASP H 263 -35.70 33.08 9.35
C ASP H 263 -37.17 33.46 9.43
N GLN H 264 -37.75 33.85 8.29
CA GLN H 264 -39.13 34.30 8.27
C GLN H 264 -40.10 33.15 8.56
N MET H 265 -39.77 31.96 8.06
CA MET H 265 -40.54 30.77 8.35
C MET H 265 -40.62 30.47 9.85
N ILE H 266 -39.51 30.62 10.53
CA ILE H 266 -39.43 30.34 11.96
C ILE H 266 -40.33 31.28 12.74
N ILE H 267 -40.33 32.55 12.36
CA ILE H 267 -41.20 33.53 13.03
C ILE H 267 -42.66 33.16 12.82
N ALA H 268 -43.01 32.78 11.59
CA ALA H 268 -44.37 32.36 11.27
C ALA H 268 -44.74 31.18 12.12
N GLY H 269 -43.77 30.28 12.31
CA GLY H 269 -43.97 29.12 13.15
C GLY H 269 -44.32 29.54 14.56
N TYR H 270 -43.62 30.54 15.10
CA TYR H 270 -43.96 31.06 16.41
C TYR H 270 -45.37 31.63 16.43
N GLY H 271 -45.75 32.26 15.32
CA GLY H 271 -47.03 32.94 15.29
C GLY H 271 -48.16 31.95 15.31
N SER H 272 -48.06 30.94 14.44
CA SER H 272 -49.06 29.89 14.37
C SER H 272 -49.22 29.17 15.70
N ILE H 273 -48.16 29.07 16.49
CA ILE H 273 -48.25 28.34 17.74
C ILE H 273 -48.87 29.25 18.79
N PHE H 274 -48.56 30.54 18.73
CA PHE H 274 -49.14 31.46 19.69
C PHE H 274 -50.61 31.70 19.39
N ALA H 275 -50.95 31.81 18.11
CA ALA H 275 -52.33 32.02 17.72
C ALA H 275 -53.17 30.85 18.19
N ALA H 276 -52.66 29.65 17.96
CA ALA H 276 -53.33 28.43 18.38
C ALA H 276 -53.57 28.46 19.88
N ILE H 277 -52.60 28.97 20.63
CA ILE H 277 -52.77 29.09 22.07
C ILE H 277 -53.89 30.07 22.37
N LEU H 278 -54.03 31.09 21.52
CA LEU H 278 -55.07 32.10 21.71
C LEU H 278 -56.49 31.60 21.41
N LEU H 279 -56.64 30.69 20.45
CA LEU H 279 -57.95 30.19 20.08
C LEU H 279 -58.36 29.08 21.01
N ILE H 280 -57.43 28.18 21.28
CA ILE H 280 -57.65 27.08 22.21
C ILE H 280 -58.13 27.64 23.54
N ILE H 281 -57.63 28.82 23.89
CA ILE H 281 -57.97 29.44 25.16
C ILE H 281 -59.26 30.25 25.03
N PHE H 282 -59.60 30.60 23.79
CA PHE H 282 -60.80 31.39 23.48
C PHE H 282 -62.04 30.52 23.33
N ALA H 283 -61.88 29.43 22.59
CA ALA H 283 -62.96 28.48 22.36
C ALA H 283 -63.45 27.88 23.65
N HIS H 284 -62.67 28.06 24.72
CA HIS H 284 -63.04 27.52 26.01
C HIS H 284 -63.97 28.48 26.75
N HIS H 285 -64.06 29.72 26.27
CA HIS H 285 -64.88 30.72 26.94
C HIS H 285 -65.72 31.61 26.02
N ARG H 286 -65.74 31.30 24.72
CA ARG H 286 -66.40 32.16 23.73
C ARG H 286 -67.88 32.35 24.04
N GLN H 287 -68.57 31.27 24.35
CA GLN H 287 -70.00 31.30 24.57
C GLN H 287 -70.20 31.42 26.08
N ALA H 288 -71.40 31.75 26.52
CA ALA H 288 -71.68 31.79 27.95
C ALA H 288 -71.54 30.38 28.53
N ASN H 289 -71.60 30.28 29.86
CA ASN H 289 -71.46 29.03 30.58
C ASN H 289 -70.04 28.46 30.51
N GLY H 290 -69.20 29.05 29.67
CA GLY H 290 -67.85 28.54 29.51
C GLY H 290 -67.83 27.24 28.71
N VAL H 291 -68.93 26.94 28.03
CA VAL H 291 -69.03 25.67 27.30
C VAL H 291 -68.00 25.61 26.19
N GLU H 292 -67.33 24.45 26.11
CA GLU H 292 -66.25 24.21 25.17
C GLU H 292 -66.77 24.35 23.75
N ASP H 293 -66.48 25.49 23.14
CA ASP H 293 -66.95 25.84 21.79
C ASP H 293 -66.28 25.00 20.71
N ASP H 294 -66.68 23.74 20.60
CA ASP H 294 -66.10 22.83 19.63
C ASP H 294 -66.46 23.13 18.17
N LEU H 295 -67.25 24.17 17.93
CA LEU H 295 -67.57 24.59 16.58
C LEU H 295 -66.42 25.40 15.96
N LEU H 296 -65.78 26.24 16.76
CA LEU H 296 -64.66 27.05 16.27
C LEU H 296 -63.49 26.11 16.04
N ILE H 297 -63.19 25.31 17.05
CA ILE H 297 -62.26 24.21 16.89
C ILE H 297 -62.92 23.28 15.89
N GLN H 298 -62.14 22.35 15.32
CA GLN H 298 -62.60 21.45 14.28
C GLN H 298 -62.76 22.24 12.99
N ARG H 299 -63.37 23.41 13.09
CA ARG H 299 -63.39 24.33 11.98
C ARG H 299 -61.97 24.84 11.79
N CYS H 300 -61.23 24.91 12.90
CA CYS H 300 -59.84 25.33 12.87
C CYS H 300 -58.92 24.27 12.30
N ARG H 301 -59.37 23.02 12.30
CA ARG H 301 -58.53 21.93 11.85
C ARG H 301 -58.15 22.06 10.38
N LEU H 302 -58.86 22.91 9.65
CA LEU H 302 -58.48 23.25 8.28
C LEU H 302 -58.53 24.75 8.02
N ALA H 303 -58.88 25.53 9.04
CA ALA H 303 -58.82 26.98 8.93
C ALA H 303 -57.37 27.45 8.88
N PHE H 304 -56.56 26.93 9.82
CA PHE H 304 -55.14 27.25 9.88
C PHE H 304 -54.35 26.73 8.67
N PRO H 305 -54.45 25.42 8.35
CA PRO H 305 -53.66 24.95 7.20
C PRO H 305 -54.00 25.66 5.90
N LEU H 306 -55.06 26.47 5.90
CA LEU H 306 -55.40 27.28 4.75
C LEU H 306 -55.04 28.75 5.00
N GLY H 307 -55.40 29.26 6.17
CA GLY H 307 -55.17 30.66 6.48
C GLY H 307 -53.71 31.04 6.42
N PHE H 308 -52.89 30.35 7.22
CA PHE H 308 -51.45 30.51 7.18
C PHE H 308 -50.97 30.26 5.77
N LEU H 309 -51.43 29.18 5.17
CA LEU H 309 -50.96 28.78 3.86
C LEU H 309 -51.39 29.76 2.80
N ALA H 310 -52.28 30.68 3.16
CA ALA H 310 -52.67 31.73 2.24
C ALA H 310 -51.92 33.02 2.51
N ILE H 311 -51.94 33.48 3.75
CA ILE H 311 -51.28 34.74 4.07
C ILE H 311 -49.77 34.61 4.18
N GLY H 312 -49.28 33.39 4.13
CA GLY H 312 -47.83 33.19 4.09
C GLY H 312 -47.32 32.89 2.69
N CYS H 313 -48.22 32.64 1.73
CA CYS H 313 -47.79 32.37 0.37
C CYS H 313 -47.72 33.69 -0.40
N VAL H 314 -47.77 34.79 0.35
CA VAL H 314 -47.60 36.11 -0.22
C VAL H 314 -46.40 36.78 0.44
N LEU H 315 -45.33 36.00 0.62
CA LEU H 315 -44.05 36.54 1.07
C LEU H 315 -43.19 36.77 -0.17
N VAL H 316 -43.80 37.41 -1.17
CA VAL H 316 -43.11 37.68 -2.42
C VAL H 316 -42.32 38.99 -2.31
N ILE H 317 -42.06 39.41 -1.07
CA ILE H 317 -41.24 40.59 -0.81
C ILE H 317 -39.81 40.32 -1.31
N ARG H 318 -39.46 40.96 -2.42
CA ARG H 318 -38.18 40.71 -3.08
C ARG H 318 -37.52 41.99 -3.58
N ARG I 10 18.23 19.65 -25.46
CA ARG I 10 18.22 21.07 -25.12
C ARG I 10 17.60 21.36 -23.73
N PRO I 11 16.42 20.79 -23.41
CA PRO I 11 15.81 21.18 -22.15
C PRO I 11 16.55 20.60 -20.98
N VAL I 12 16.52 21.27 -19.84
CA VAL I 12 17.17 20.80 -18.64
C VAL I 12 16.33 19.72 -18.00
N ASP I 13 16.96 18.61 -17.63
CA ASP I 13 16.25 17.52 -16.98
C ASP I 13 16.22 17.68 -15.47
N VAL I 14 15.03 17.69 -14.87
CA VAL I 14 14.89 17.77 -13.42
C VAL I 14 14.27 16.52 -12.82
N SER I 15 14.96 15.98 -11.82
CA SER I 15 14.51 14.80 -11.09
C SER I 15 13.94 15.20 -9.75
N VAL I 16 12.65 14.96 -9.53
CA VAL I 16 12.01 15.38 -8.30
C VAL I 16 11.72 14.22 -7.37
N SER I 17 11.95 14.43 -6.08
CA SER I 17 11.52 13.47 -5.09
C SER I 17 10.64 14.21 -4.11
N ILE I 18 9.44 13.71 -3.84
CA ILE I 18 8.57 14.34 -2.88
C ILE I 18 8.35 13.42 -1.73
N PHE I 19 8.81 13.77 -0.54
CA PHE I 19 8.58 12.97 0.65
C PHE I 19 7.37 13.52 1.41
N ILE I 20 6.38 12.67 1.71
CA ILE I 20 5.17 13.13 2.37
C ILE I 20 5.06 12.67 3.82
N ASN I 21 5.02 13.61 4.77
CA ASN I 21 5.02 13.31 6.21
C ASN I 21 3.67 13.16 6.87
N LYS I 22 2.72 13.98 6.49
CA LYS I 22 1.43 14.00 7.16
C LYS I 22 0.41 14.53 6.20
N ILE I 23 -0.76 13.91 6.14
CA ILE I 23 -1.87 14.51 5.45
C ILE I 23 -3.03 14.69 6.40
N TYR I 24 -3.38 15.93 6.68
CA TYR I 24 -4.36 16.24 7.70
C TYR I 24 -5.22 17.45 7.37
N GLY I 25 -6.13 17.76 8.31
CA GLY I 25 -6.92 18.97 8.24
C GLY I 25 -7.78 19.12 7.01
N VAL I 26 -8.55 18.10 6.66
CA VAL I 26 -9.44 18.25 5.52
C VAL I 26 -10.45 19.29 5.84
N ASN I 27 -10.69 20.19 4.90
CA ASN I 27 -11.75 21.16 5.02
C ASN I 27 -12.79 20.85 3.98
N THR I 28 -13.94 20.38 4.41
CA THR I 28 -14.92 19.87 3.48
C THR I 28 -15.52 20.92 2.57
N LEU I 29 -15.77 22.11 3.12
CA LEU I 29 -16.39 23.18 2.36
C LEU I 29 -15.43 23.80 1.39
N GLU I 30 -14.18 23.96 1.81
CA GLU I 30 -13.18 24.55 0.94
C GLU I 30 -12.67 23.53 -0.04
N GLN I 31 -12.90 22.24 0.26
CA GLN I 31 -12.39 21.13 -0.52
C GLN I 31 -10.90 21.23 -0.63
N THR I 32 -10.24 21.33 0.53
CA THR I 32 -8.78 21.40 0.65
C THR I 32 -8.28 20.47 1.74
N TYR I 33 -6.98 20.26 1.80
CA TYR I 33 -6.38 19.41 2.84
C TYR I 33 -4.96 19.92 3.04
N LYS I 34 -4.36 19.62 4.19
CA LYS I 34 -3.02 20.11 4.50
C LYS I 34 -1.99 19.01 4.32
N VAL I 35 -0.84 19.32 3.74
CA VAL I 35 0.20 18.34 3.47
C VAL I 35 1.53 18.85 3.92
N ASP I 36 2.19 18.12 4.81
CA ASP I 36 3.53 18.42 5.29
C ASP I 36 4.51 17.47 4.63
N GLY I 37 5.63 17.99 4.13
CA GLY I 37 6.60 17.14 3.47
C GLY I 37 7.85 17.81 2.94
N TYR I 38 8.67 17.08 2.18
CA TYR I 38 9.86 17.63 1.58
C TYR I 38 9.80 17.50 0.08
N ILE I 39 10.48 18.39 -0.61
CA ILE I 39 10.60 18.32 -2.03
C ILE I 39 12.07 18.42 -2.36
N VAL I 40 12.53 17.52 -3.22
CA VAL I 40 13.92 17.53 -3.64
C VAL I 40 13.91 17.66 -5.13
N ALA I 41 14.76 18.49 -5.70
CA ALA I 41 14.81 18.61 -7.14
C ALA I 41 16.24 18.67 -7.61
N GLN I 42 16.60 17.82 -8.56
CA GLN I 42 17.97 17.68 -9.03
C GLN I 42 18.08 17.91 -10.52
N TRP I 43 19.10 18.64 -10.94
CA TRP I 43 19.37 18.84 -12.36
C TRP I 43 20.86 18.98 -12.54
N THR I 44 21.35 18.98 -13.79
CA THR I 44 22.78 19.14 -14.01
C THR I 44 23.14 20.34 -14.89
N GLY I 45 24.12 21.13 -14.46
CA GLY I 45 24.52 22.32 -15.18
C GLY I 45 26.03 22.45 -15.32
N LYS I 46 26.52 23.67 -15.51
CA LYS I 46 27.96 23.92 -15.66
C LYS I 46 28.74 23.41 -14.45
N PRO I 47 29.73 22.55 -14.67
CA PRO I 47 30.63 22.06 -13.62
C PRO I 47 31.27 23.22 -12.86
N ARG I 48 31.74 22.99 -11.64
CA ARG I 48 32.02 24.10 -10.74
C ARG I 48 33.21 23.85 -9.82
N LYS I 49 33.85 24.95 -9.40
CA LYS I 49 34.91 24.90 -8.42
C LYS I 49 34.35 24.93 -6.99
N THR I 50 34.60 23.89 -6.22
CA THR I 50 34.12 23.88 -4.85
C THR I 50 35.30 23.79 -3.92
N PRO I 51 35.17 24.28 -2.68
CA PRO I 51 36.29 24.19 -1.73
C PRO I 51 36.62 22.73 -1.44
N GLY I 52 37.78 22.27 -1.90
CA GLY I 52 38.04 20.84 -1.93
C GLY I 52 37.18 20.26 -3.03
N ASP I 53 37.49 19.08 -3.54
CA ASP I 53 36.66 18.55 -4.61
C ASP I 53 35.39 17.94 -4.01
N LYS I 54 34.91 18.53 -2.91
CA LYS I 54 33.74 18.03 -2.20
C LYS I 54 32.52 18.91 -2.43
N PRO I 55 31.32 18.30 -2.39
CA PRO I 55 30.10 19.04 -2.67
C PRO I 55 29.89 20.16 -1.69
N LEU I 56 29.26 21.24 -2.15
CA LEU I 56 29.05 22.43 -1.34
C LEU I 56 27.64 22.54 -0.85
N ILE I 57 27.47 22.84 0.43
CA ILE I 57 26.13 22.99 0.98
C ILE I 57 25.83 24.47 1.28
N VAL I 58 24.68 24.93 0.79
CA VAL I 58 24.26 26.32 0.93
C VAL I 58 22.88 26.40 1.55
N GLU I 59 22.76 27.00 2.73
CA GLU I 59 21.50 26.94 3.45
C GLU I 59 20.72 28.25 3.54
N ASN I 60 19.40 28.13 3.46
CA ASN I 60 18.48 29.19 3.80
C ASN I 60 18.77 30.53 3.15
N THR I 61 19.12 31.53 3.95
CA THR I 61 19.30 32.87 3.41
C THR I 61 20.45 32.96 2.45
N GLN I 62 21.34 31.98 2.42
CA GLN I 62 22.47 32.05 1.51
C GLN I 62 22.15 31.65 0.07
N ILE I 63 21.03 30.97 -0.18
CA ILE I 63 20.70 30.63 -1.56
C ILE I 63 20.57 31.87 -2.40
N GLU I 64 19.96 32.88 -1.81
CA GLU I 64 19.68 34.13 -2.50
C GLU I 64 20.96 34.78 -2.95
N ARG I 65 21.99 34.70 -2.13
CA ARG I 65 23.26 35.28 -2.52
C ARG I 65 23.79 34.59 -3.76
N TRP I 66 23.61 33.27 -3.85
CA TRP I 66 24.11 32.54 -5.01
C TRP I 66 23.26 32.83 -6.23
N ILE I 67 21.96 33.06 -6.02
CA ILE I 67 21.07 33.31 -7.15
C ILE I 67 21.39 34.65 -7.77
N ASN I 68 21.80 35.60 -6.93
CA ASN I 68 22.14 36.92 -7.42
C ASN I 68 23.43 36.92 -8.23
N ASN I 69 24.38 36.05 -7.89
CA ASN I 69 25.60 35.99 -8.69
C ASN I 69 25.36 35.19 -9.95
N GLY I 70 24.12 34.74 -10.12
CA GLY I 70 23.70 34.12 -11.36
C GLY I 70 23.51 32.60 -11.39
N LEU I 71 23.36 31.98 -10.23
CA LEU I 71 23.03 30.57 -10.17
C LEU I 71 21.58 30.43 -10.53
N TRP I 72 21.27 29.46 -11.38
CA TRP I 72 19.92 29.23 -11.85
C TRP I 72 19.18 28.25 -10.95
N VAL I 73 18.22 28.72 -10.17
CA VAL I 73 17.37 27.78 -9.44
C VAL I 73 15.92 28.20 -9.71
N PRO I 74 15.26 27.46 -10.63
CA PRO I 74 13.96 27.73 -11.22
C PRO I 74 12.79 27.52 -10.30
N ALA I 75 11.84 28.42 -10.37
CA ALA I 75 10.67 28.33 -9.55
C ALA I 75 9.77 27.20 -9.98
N LEU I 76 9.59 26.27 -9.06
CA LEU I 76 8.64 25.20 -9.29
C LEU I 76 7.38 25.48 -8.45
N GLU I 77 6.24 25.62 -9.09
CA GLU I 77 5.00 25.96 -8.40
C GLU I 77 4.07 24.78 -8.09
N PHE I 78 3.55 24.70 -6.87
CA PHE I 78 2.52 23.73 -6.59
C PHE I 78 1.24 24.24 -7.16
N ILE I 79 0.85 23.76 -8.31
CA ILE I 79 -0.28 24.33 -9.01
C ILE I 79 -1.61 24.25 -8.27
N ASN I 80 -1.83 23.27 -7.44
CA ASN I 80 -3.12 23.22 -6.77
C ASN I 80 -3.05 23.56 -5.30
N VAL I 81 -1.99 24.24 -4.88
CA VAL I 81 -1.95 24.77 -3.52
C VAL I 81 -2.88 25.99 -3.33
N VAL I 82 -3.30 26.22 -2.11
CA VAL I 82 -4.14 27.37 -1.83
C VAL I 82 -3.42 28.40 -0.96
N GLY I 83 -2.83 29.37 -1.65
CA GLY I 83 -2.05 30.36 -0.98
C GLY I 83 -0.63 29.93 -0.94
N SER I 84 0.30 30.87 -0.76
CA SER I 84 1.70 30.52 -0.72
C SER I 84 1.91 29.59 0.43
N PRO I 85 2.56 28.46 0.17
CA PRO I 85 2.92 27.45 1.16
C PRO I 85 3.97 27.93 2.14
N ASP I 86 4.01 27.36 3.32
CA ASP I 86 4.98 27.68 4.34
C ASP I 86 6.29 26.91 4.15
N THR I 87 7.35 27.57 3.75
CA THR I 87 8.61 26.91 3.50
C THR I 87 9.52 26.97 4.69
N GLY I 88 9.97 25.82 5.16
CA GLY I 88 10.90 25.73 6.27
C GLY I 88 12.31 25.93 5.75
N ASN I 89 13.21 24.98 5.99
CA ASN I 89 14.58 25.11 5.56
C ASN I 89 14.77 24.86 4.08
N LYS I 90 15.64 25.63 3.45
CA LYS I 90 15.98 25.47 2.06
C LYS I 90 17.40 25.02 2.02
N ARG I 91 17.77 24.32 0.96
CA ARG I 91 19.15 23.90 0.78
C ARG I 91 19.49 23.80 -0.68
N LEU I 92 20.68 24.23 -1.07
CA LEU I 92 21.22 23.89 -2.36
C LEU I 92 22.41 22.99 -2.09
N MET I 93 22.50 21.86 -2.78
CA MET I 93 23.72 21.08 -2.74
C MET I 93 24.39 21.18 -4.09
N LEU I 94 25.53 21.85 -4.13
CA LEU I 94 26.25 22.04 -5.37
C LEU I 94 27.39 21.04 -5.56
N PHE I 95 27.27 20.18 -6.56
CA PHE I 95 28.30 19.20 -6.83
C PHE I 95 29.30 19.75 -7.83
N PRO I 96 30.57 19.31 -7.73
CA PRO I 96 31.60 19.88 -8.60
C PRO I 96 31.41 19.48 -10.04
N ASP I 97 30.82 18.30 -10.23
CA ASP I 97 30.59 17.78 -11.55
C ASP I 97 29.33 18.30 -12.19
N GLY I 98 28.84 19.44 -11.74
CA GLY I 98 27.73 20.09 -12.40
C GLY I 98 26.33 19.93 -11.81
N ARG I 99 26.02 18.79 -11.22
CA ARG I 99 24.67 18.58 -10.74
C ARG I 99 24.40 19.45 -9.52
N VAL I 100 23.13 19.82 -9.37
CA VAL I 100 22.66 20.74 -8.35
C VAL I 100 21.41 20.15 -7.70
N ILE I 101 21.35 20.11 -6.38
CA ILE I 101 20.17 19.56 -5.73
C ILE I 101 19.47 20.55 -4.79
N TYR I 102 18.20 20.80 -5.03
CA TYR I 102 17.42 21.68 -4.18
C TYR I 102 16.60 20.89 -3.19
N ASN I 103 16.72 21.20 -1.92
CA ASN I 103 15.94 20.49 -0.91
C ASN I 103 15.24 21.46 0.01
N ALA I 104 13.93 21.31 0.16
CA ALA I 104 13.18 22.22 1.00
C ALA I 104 12.04 21.53 1.71
N ARG I 105 11.77 21.93 2.93
CA ARG I 105 10.61 21.45 3.62
C ARG I 105 9.42 22.36 3.33
N PHE I 106 8.22 21.83 3.24
CA PHE I 106 7.05 22.67 2.96
C PHE I 106 5.82 22.24 3.74
N LEU I 107 4.94 23.17 4.08
CA LEU I 107 3.61 22.86 4.60
C LEU I 107 2.61 23.67 3.82
N GLY I 108 1.57 23.06 3.27
CA GLY I 108 0.68 23.80 2.41
C GLY I 108 -0.74 23.32 2.49
N SER I 109 -1.69 24.14 2.08
CA SER I 109 -3.03 23.68 1.91
C SER I 109 -3.25 23.45 0.44
N PHE I 110 -3.73 22.26 0.10
CA PHE I 110 -3.87 21.88 -1.29
C PHE I 110 -5.32 21.66 -1.62
N SER I 111 -5.64 21.87 -2.89
CA SER I 111 -6.99 21.79 -3.40
C SER I 111 -7.20 20.61 -4.35
N ASN I 112 -8.37 20.00 -4.27
CA ASN I 112 -8.75 18.97 -5.21
C ASN I 112 -10.23 18.79 -5.17
N ASP I 113 -10.81 18.25 -6.23
CA ASP I 113 -12.24 17.99 -6.22
C ASP I 113 -12.55 16.98 -5.15
N MET I 114 -13.50 17.28 -4.29
CA MET I 114 -13.82 16.36 -3.23
C MET I 114 -15.31 16.17 -3.07
N ASP I 115 -15.77 14.95 -3.31
CA ASP I 115 -17.18 14.58 -3.23
C ASP I 115 -17.41 13.87 -1.92
N PHE I 116 -18.20 14.45 -1.03
CA PHE I 116 -18.39 13.90 0.29
C PHE I 116 -19.77 13.33 0.48
N ARG I 117 -20.45 13.02 -0.61
CA ARG I 117 -21.85 12.64 -0.52
C ARG I 117 -22.09 11.28 0.14
N LEU I 118 -21.12 10.39 0.04
CA LEU I 118 -21.27 9.07 0.62
C LEU I 118 -20.75 9.02 2.04
N PHE I 119 -20.62 10.18 2.64
CA PHE I 119 -20.20 10.32 4.02
C PHE I 119 -21.13 9.51 4.88
N PRO I 120 -20.62 8.81 5.89
CA PRO I 120 -19.22 8.72 6.27
C PRO I 120 -18.51 7.59 5.58
N PHE I 121 -18.98 7.19 4.41
CA PHE I 121 -18.37 6.07 3.72
C PHE I 121 -17.65 6.50 2.46
N ASP I 122 -17.08 7.69 2.43
CA ASP I 122 -16.50 8.23 1.21
C ASP I 122 -15.04 7.90 1.01
N ARG I 123 -14.60 7.95 -0.24
CA ARG I 123 -13.19 7.79 -0.57
C ARG I 123 -12.69 9.08 -1.21
N GLN I 124 -11.48 9.51 -0.88
CA GLN I 124 -10.93 10.76 -1.43
C GLN I 124 -9.54 10.60 -2.02
N GLN I 125 -9.13 11.50 -2.90
CA GLN I 125 -7.78 11.53 -3.43
C GLN I 125 -6.97 12.75 -3.06
N PHE I 126 -5.82 12.55 -2.42
CA PHE I 126 -4.94 13.65 -2.12
C PHE I 126 -3.94 13.85 -3.25
N VAL I 127 -4.03 14.98 -3.92
CA VAL I 127 -3.28 15.27 -5.12
C VAL I 127 -2.32 16.39 -4.89
N LEU I 128 -1.14 16.29 -5.48
CA LEU I 128 -0.22 17.39 -5.61
C LEU I 128 0.08 17.61 -7.06
N GLU I 129 0.02 18.84 -7.53
CA GLU I 129 0.37 19.11 -8.90
C GLU I 129 1.51 20.11 -8.86
N LEU I 130 2.63 19.77 -9.49
CA LEU I 130 3.86 20.53 -9.45
C LEU I 130 4.26 20.86 -10.87
N GLU I 131 4.62 22.12 -11.18
CA GLU I 131 4.88 22.54 -12.56
C GLU I 131 5.81 23.75 -12.52
N PRO I 132 6.69 23.91 -13.50
CA PRO I 132 7.54 25.09 -13.46
C PRO I 132 6.77 26.38 -13.67
N PHE I 133 7.22 27.48 -13.07
CA PHE I 133 6.43 28.71 -13.12
C PHE I 133 6.66 29.49 -14.38
N SER I 134 7.87 29.43 -14.90
CA SER I 134 8.24 30.33 -15.98
C SER I 134 8.78 29.63 -17.21
N TYR I 135 9.31 28.44 -17.03
CA TYR I 135 10.00 27.75 -18.11
C TYR I 135 9.13 26.66 -18.70
N ASN I 136 8.96 26.67 -20.02
CA ASN I 136 8.19 25.62 -20.70
C ASN I 136 8.98 24.31 -20.92
N ASN I 137 8.33 23.32 -21.52
CA ASN I 137 8.95 22.00 -21.63
C ASN I 137 10.08 22.00 -22.63
N GLN I 138 10.24 23.09 -23.37
CA GLN I 138 11.38 23.21 -24.23
C GLN I 138 12.59 23.66 -23.44
N GLN I 139 12.33 24.22 -22.26
CA GLN I 139 13.36 24.80 -21.41
C GLN I 139 13.60 23.93 -20.18
N LEU I 140 12.51 23.43 -19.61
CA LEU I 140 12.62 22.60 -18.43
C LEU I 140 11.55 21.54 -18.47
N ARG I 141 11.97 20.28 -18.29
CA ARG I 141 11.05 19.15 -18.28
C ARG I 141 11.34 18.21 -17.11
N PHE I 142 10.29 17.59 -16.61
CA PHE I 142 10.43 16.64 -15.52
C PHE I 142 10.79 15.25 -16.05
N SER I 143 11.94 14.77 -15.60
CA SER I 143 12.48 13.49 -16.05
C SER I 143 11.84 12.33 -15.31
N ASP I 144 11.71 12.43 -14.00
CA ASP I 144 11.08 11.39 -13.19
C ASP I 144 10.54 11.94 -11.88
N ILE I 145 9.64 11.21 -11.26
CA ILE I 145 9.07 11.61 -10.00
C ILE I 145 9.10 10.45 -9.03
N GLN I 146 9.71 10.64 -7.86
CA GLN I 146 9.72 9.63 -6.82
C GLN I 146 8.90 10.12 -5.66
N VAL I 147 7.95 9.33 -5.17
CA VAL I 147 7.18 9.73 -4.00
C VAL I 147 7.29 8.74 -2.88
N TYR I 148 7.70 9.19 -1.70
CA TYR I 148 7.88 8.33 -0.56
C TYR I 148 6.82 8.66 0.47
N THR I 149 6.16 7.68 1.06
CA THR I 149 5.17 7.87 2.12
C THR I 149 5.40 6.88 3.24
N GLU I 150 4.96 7.17 4.44
CA GLU I 150 5.05 6.21 5.54
C GLU I 150 4.08 5.05 5.31
N ASN I 151 4.40 3.88 5.86
CA ASN I 151 3.47 2.76 5.87
C ASN I 151 2.70 2.73 7.19
N ILE I 152 1.45 3.20 7.18
CA ILE I 152 0.65 3.23 8.40
C ILE I 152 -0.04 1.90 8.71
N ASP I 153 0.22 1.37 9.91
CA ASP I 153 -0.39 0.13 10.37
C ASP I 153 -1.42 0.46 11.46
N ASN I 154 -1.15 1.55 12.18
CA ASN I 154 -2.04 2.03 13.24
C ASN I 154 -3.07 2.98 12.67
N GLU I 155 -3.73 2.51 11.63
CA GLU I 155 -4.68 3.29 10.86
C GLU I 155 -6.01 3.58 11.59
N GLU I 156 -6.30 2.84 12.65
CA GLU I 156 -7.52 3.06 13.42
C GLU I 156 -7.48 4.30 14.30
N ILE I 157 -6.29 4.87 14.50
CA ILE I 157 -6.19 6.13 15.22
C ILE I 157 -5.98 7.21 14.18
N ASP I 158 -6.05 6.79 12.92
CA ASP I 158 -6.02 7.73 11.83
C ASP I 158 -7.44 7.83 11.32
N GLU I 159 -7.81 9.03 10.91
CA GLU I 159 -9.12 9.28 10.40
C GLU I 159 -9.30 8.52 9.08
N TRP I 160 -8.21 8.42 8.33
CA TRP I 160 -8.22 7.89 6.97
C TRP I 160 -7.38 6.62 6.76
N TRP I 161 -7.87 5.68 5.95
CA TRP I 161 -7.11 4.51 5.54
C TRP I 161 -6.45 4.72 4.18
N ILE I 162 -5.14 4.79 4.15
CA ILE I 162 -4.39 4.91 2.91
C ILE I 162 -4.42 3.61 2.15
N ARG I 163 -4.69 3.67 0.86
CA ARG I 163 -4.96 2.48 0.07
C ARG I 163 -3.86 2.33 -0.98
N GLY I 164 -2.64 2.03 -0.54
CA GLY I 164 -1.53 1.87 -1.46
C GLY I 164 -0.53 3.01 -1.46
N LYS I 165 0.68 2.75 -1.95
CA LYS I 165 1.73 3.75 -2.06
C LYS I 165 1.33 4.75 -3.11
N ALA I 166 1.97 5.90 -3.15
CA ALA I 166 1.55 6.94 -4.07
C ALA I 166 1.75 6.57 -5.53
N SER I 167 0.74 6.83 -6.35
CA SER I 167 0.85 6.71 -7.80
C SER I 167 1.01 8.07 -8.50
N THR I 168 1.76 8.10 -9.61
CA THR I 168 2.12 9.34 -10.27
C THR I 168 1.82 9.42 -11.76
N HIS I 169 2.02 10.60 -12.34
CA HIS I 169 1.78 10.87 -13.76
C HIS I 169 2.50 12.14 -14.18
N ILE I 170 3.58 12.00 -14.93
CA ILE I 170 4.23 13.13 -15.57
C ILE I 170 3.54 13.43 -16.87
N SER I 171 3.31 14.71 -17.14
CA SER I 171 2.51 15.10 -18.31
C SER I 171 2.96 16.36 -19.00
N ASP I 172 2.24 16.76 -20.03
CA ASP I 172 2.50 17.97 -20.78
C ASP I 172 1.24 18.74 -20.90
N ILE I 173 1.32 20.05 -20.67
CA ILE I 173 0.11 20.83 -20.68
C ILE I 173 0.11 21.94 -21.70
N ARG I 174 -0.94 21.97 -22.51
CA ARG I 174 -1.10 23.02 -23.50
C ARG I 174 -1.88 24.13 -22.88
N TYR I 175 -1.23 25.28 -22.79
CA TYR I 175 -1.91 26.49 -22.43
C TYR I 175 -2.28 27.16 -23.73
N ASP I 176 -3.58 27.21 -24.03
CA ASP I 176 -4.03 27.77 -25.29
C ASP I 176 -3.77 29.26 -25.30
N HIS I 177 -4.35 29.96 -24.35
CA HIS I 177 -4.26 31.41 -24.32
C HIS I 177 -2.95 31.87 -23.71
N LEU I 178 -1.90 31.96 -24.50
CA LEU I 178 -0.62 32.50 -24.04
C LEU I 178 -0.24 33.80 -24.75
N SER I 179 0.39 34.70 -24.00
CA SER I 179 0.81 36.00 -24.52
C SER I 179 2.25 36.05 -25.03
N SER I 180 2.80 34.90 -25.42
CA SER I 180 4.22 34.84 -25.75
C SER I 180 4.49 35.08 -27.23
N VAL I 181 5.06 34.09 -27.91
CA VAL I 181 5.41 34.25 -29.32
C VAL I 181 4.66 33.20 -30.14
N GLN I 182 5.38 32.22 -30.69
CA GLN I 182 4.76 31.26 -31.61
C GLN I 182 5.30 29.82 -31.38
N PRO I 183 6.51 29.49 -31.84
CA PRO I 183 6.84 28.08 -32.07
C PRO I 183 7.05 27.24 -30.80
N ASN I 184 6.11 26.36 -30.48
CA ASN I 184 6.29 25.37 -29.42
C ASN I 184 6.51 25.89 -28.00
N GLN I 185 6.16 27.13 -27.73
CA GLN I 185 6.43 27.69 -26.39
C GLN I 185 5.20 27.69 -25.49
N ASN I 186 4.24 26.81 -25.75
CA ASN I 186 3.02 26.84 -24.96
C ASN I 186 2.72 25.55 -24.24
N GLU I 187 3.73 24.71 -24.07
CA GLU I 187 3.55 23.48 -23.33
C GLU I 187 4.42 23.41 -22.10
N PHE I 188 3.83 22.96 -21.00
CA PHE I 188 4.54 22.85 -19.74
C PHE I 188 4.53 21.46 -19.13
N SER I 189 5.65 21.09 -18.52
CA SER I 189 5.84 19.80 -17.91
C SER I 189 5.23 19.71 -16.53
N ARG I 190 4.35 18.76 -16.27
CA ARG I 190 3.70 18.69 -14.96
C ARG I 190 3.74 17.32 -14.29
N ILE I 191 4.29 17.28 -13.08
CA ILE I 191 4.19 16.15 -12.19
C ILE I 191 2.86 16.15 -11.47
N THR I 192 2.19 15.02 -11.38
CA THR I 192 0.95 14.90 -10.62
C THR I 192 1.04 13.69 -9.70
N VAL I 193 0.96 13.89 -8.40
CA VAL I 193 0.97 12.80 -7.46
C VAL I 193 -0.42 12.51 -6.91
N ARG I 194 -0.83 11.24 -6.85
CA ARG I 194 -2.15 10.87 -6.35
C ARG I 194 -2.09 9.87 -5.23
N ILE I 195 -2.86 10.11 -4.19
CA ILE I 195 -2.98 9.21 -3.07
C ILE I 195 -4.44 8.94 -2.76
N ASP I 196 -4.88 7.69 -2.89
CA ASP I 196 -6.25 7.37 -2.61
C ASP I 196 -6.41 7.02 -1.15
N ALA I 197 -7.58 7.28 -0.57
CA ALA I 197 -7.81 6.94 0.82
C ALA I 197 -9.27 6.76 1.06
N VAL I 198 -9.66 5.90 1.99
CA VAL I 198 -11.08 5.75 2.25
C VAL I 198 -11.27 6.04 3.72
N ARG I 199 -12.47 6.54 4.05
CA ARG I 199 -12.73 7.00 5.39
C ARG I 199 -13.10 5.85 6.30
N ASN I 200 -12.53 5.85 7.49
CA ASN I 200 -12.92 4.93 8.54
C ASN I 200 -14.28 5.31 9.13
N PRO I 201 -15.33 4.57 8.76
CA PRO I 201 -16.69 4.98 9.12
C PRO I 201 -17.07 4.60 10.52
N SER I 202 -16.15 4.00 11.26
CA SER I 202 -16.46 3.40 12.54
C SER I 202 -17.16 4.37 13.45
N TYR I 203 -16.46 5.44 13.77
CA TYR I 203 -16.94 6.42 14.73
C TYR I 203 -18.34 6.91 14.43
N TYR I 204 -18.66 7.10 13.16
CA TYR I 204 -19.94 7.67 12.84
C TYR I 204 -21.02 6.62 12.92
N LEU I 205 -20.64 5.36 12.71
CA LEU I 205 -21.59 4.27 12.79
C LEU I 205 -22.06 4.08 14.23
N TRP I 206 -21.12 3.99 15.15
CA TRP I 206 -21.43 3.72 16.54
C TRP I 206 -21.97 4.91 17.31
N SER I 207 -21.51 6.11 17.01
CA SER I 207 -21.90 7.21 17.85
C SER I 207 -22.92 8.15 17.17
N PHE I 208 -23.20 7.95 15.89
CA PHE I 208 -24.16 8.78 15.16
C PHE I 208 -25.26 7.97 14.46
N ILE I 209 -24.89 6.99 13.64
CA ILE I 209 -25.87 6.16 12.90
C ILE I 209 -26.74 5.32 13.84
N LEU I 210 -26.10 4.65 14.79
CA LEU I 210 -26.78 3.73 15.67
C LEU I 210 -27.79 4.43 16.57
N PRO I 211 -27.37 5.43 17.37
CA PRO I 211 -28.39 6.03 18.23
C PRO I 211 -29.53 6.72 17.50
N LEU I 212 -29.29 7.17 16.28
CA LEU I 212 -30.38 7.77 15.54
C LEU I 212 -31.35 6.67 15.22
N GLY I 213 -30.81 5.48 14.98
CA GLY I 213 -31.62 4.31 14.68
C GLY I 213 -32.46 3.94 15.88
N LEU I 214 -31.83 3.89 17.05
CA LEU I 214 -32.57 3.63 18.27
C LEU I 214 -33.72 4.63 18.41
N ILE I 215 -33.43 5.91 18.22
CA ILE I 215 -34.44 6.94 18.38
C ILE I 215 -35.55 6.78 17.34
N ILE I 216 -35.20 6.59 16.08
CA ILE I 216 -36.23 6.44 15.07
C ILE I 216 -37.07 5.21 15.38
N ALA I 217 -36.42 4.15 15.85
CA ALA I 217 -37.13 2.94 16.21
C ALA I 217 -38.14 3.19 17.31
N ALA I 218 -37.69 3.80 18.40
CA ALA I 218 -38.57 4.06 19.52
C ALA I 218 -39.75 4.92 19.11
N SER I 219 -39.61 5.66 18.02
CA SER I 219 -40.70 6.48 17.51
C SER I 219 -41.86 5.61 17.05
N TRP I 220 -41.53 4.40 16.60
CA TRP I 220 -42.54 3.46 16.11
C TRP I 220 -43.36 2.88 17.25
N SER I 221 -42.82 2.90 18.45
CA SER I 221 -43.51 2.32 19.60
C SER I 221 -44.63 3.23 20.06
N VAL I 222 -44.95 4.23 19.26
CA VAL I 222 -46.06 5.09 19.55
C VAL I 222 -47.34 4.32 19.35
N PHE I 223 -47.32 3.35 18.43
CA PHE I 223 -48.52 2.63 18.06
C PHE I 223 -48.95 1.61 19.10
N TRP I 224 -48.11 1.39 20.10
CA TRP I 224 -48.43 0.46 21.17
C TRP I 224 -49.04 1.18 22.35
N LEU I 225 -49.35 2.46 22.15
CA LEU I 225 -50.05 3.22 23.16
C LEU I 225 -51.54 3.01 22.95
N GLU I 226 -52.31 3.05 24.02
CA GLU I 226 -53.67 2.59 23.97
C GLU I 226 -54.74 3.67 23.76
N SER I 227 -54.46 4.89 24.18
CA SER I 227 -55.40 5.98 23.94
C SER I 227 -55.08 6.73 22.65
N PHE I 228 -56.03 7.55 22.18
CA PHE I 228 -55.78 8.43 21.06
C PHE I 228 -55.00 9.63 21.53
N SER I 229 -55.42 10.13 22.69
CA SER I 229 -54.76 11.24 23.34
C SER I 229 -53.28 10.95 23.51
N GLU I 230 -52.96 9.78 24.04
CA GLU I 230 -51.57 9.42 24.29
C GLU I 230 -50.73 9.36 23.02
N ARG I 231 -51.32 8.87 21.94
CA ARG I 231 -50.55 8.63 20.72
C ARG I 231 -50.20 9.91 19.98
N LEU I 232 -51.13 10.85 19.91
CA LEU I 232 -50.84 12.08 19.19
C LEU I 232 -49.91 12.96 19.99
N GLN I 233 -50.21 13.11 21.28
CA GLN I 233 -49.42 13.98 22.12
C GLN I 233 -47.98 13.47 22.24
N THR I 234 -47.80 12.15 22.25
CA THR I 234 -46.47 11.59 22.37
C THR I 234 -45.65 11.82 21.11
N SER I 235 -46.30 11.82 19.95
CA SER I 235 -45.53 12.01 18.73
C SER I 235 -44.86 13.40 18.70
N PHE I 236 -45.40 14.35 19.45
CA PHE I 236 -44.79 15.68 19.49
C PHE I 236 -43.53 15.69 20.33
N THR I 237 -43.41 14.78 21.27
CA THR I 237 -42.20 14.68 22.06
C THR I 237 -41.13 14.09 21.18
N LEU I 238 -41.54 13.18 20.31
CA LEU I 238 -40.62 12.54 19.41
C LEU I 238 -40.12 13.53 18.37
N MET I 239 -41.03 14.37 17.89
CA MET I 239 -40.69 15.42 16.95
C MET I 239 -39.61 16.29 17.54
N LEU I 240 -39.79 16.65 18.80
CA LEU I 240 -38.78 17.42 19.47
C LEU I 240 -37.47 16.66 19.51
N THR I 241 -37.55 15.35 19.69
CA THR I 241 -36.35 14.53 19.82
C THR I 241 -35.57 14.44 18.54
N VAL I 242 -36.24 14.41 17.40
CA VAL I 242 -35.50 14.35 16.16
C VAL I 242 -34.81 15.69 15.94
N VAL I 243 -35.52 16.77 16.20
CA VAL I 243 -34.91 18.08 16.07
C VAL I 243 -33.74 18.23 17.01
N ALA I 244 -33.92 17.78 18.24
CA ALA I 244 -32.86 17.88 19.22
C ALA I 244 -31.68 17.12 18.70
N TYR I 245 -31.95 16.05 17.97
CA TYR I 245 -30.91 15.22 17.40
C TYR I 245 -30.23 15.84 16.18
N ALA I 246 -31.01 16.52 15.34
CA ALA I 246 -30.45 17.19 14.17
C ALA I 246 -29.43 18.22 14.59
N PHE I 247 -29.71 18.85 15.72
CA PHE I 247 -28.83 19.87 16.26
C PHE I 247 -27.55 19.23 16.69
N TYR I 248 -27.67 18.13 17.40
CA TYR I 248 -26.53 17.38 17.89
C TYR I 248 -25.58 16.96 16.76
N THR I 249 -26.12 16.42 15.68
CA THR I 249 -25.27 15.96 14.60
C THR I 249 -24.59 17.06 13.80
N SER I 250 -25.39 17.98 13.29
CA SER I 250 -24.92 19.03 12.39
C SER I 250 -23.93 19.95 13.06
N ASN I 251 -23.95 19.97 14.39
CA ASN I 251 -23.02 20.80 15.13
C ASN I 251 -21.65 20.20 15.10
N ILE I 252 -21.60 18.88 14.93
CA ILE I 252 -20.35 18.16 14.98
C ILE I 252 -19.87 17.67 13.62
N LEU I 253 -20.81 17.26 12.77
CA LEU I 253 -20.43 16.73 11.47
C LEU I 253 -19.97 17.81 10.50
N PRO I 254 -19.21 17.43 9.46
CA PRO I 254 -18.66 18.47 8.60
C PRO I 254 -19.72 19.24 7.86
N ARG I 255 -19.48 20.51 7.59
CA ARG I 255 -20.41 21.28 6.81
C ARG I 255 -20.20 20.95 5.36
N LEU I 256 -21.28 20.73 4.64
CA LEU I 256 -21.20 20.39 3.24
C LEU I 256 -22.32 21.11 2.52
N PRO I 257 -22.19 21.27 1.20
CA PRO I 257 -23.23 21.96 0.45
C PRO I 257 -24.34 21.06 -0.02
N TYR I 258 -24.31 19.80 0.39
CA TYR I 258 -25.34 18.83 0.04
C TYR I 258 -25.67 17.93 1.21
N THR I 259 -26.68 17.09 1.04
CA THR I 259 -27.10 16.20 2.11
C THR I 259 -26.22 14.98 2.14
N THR I 260 -25.88 14.50 3.34
CA THR I 260 -25.18 13.24 3.47
C THR I 260 -26.15 12.18 3.86
N VAL I 261 -25.64 10.96 3.98
CA VAL I 261 -26.43 9.81 4.38
C VAL I 261 -27.10 10.04 5.72
N ILE I 262 -26.33 10.55 6.68
CA ILE I 262 -26.85 10.79 8.01
C ILE I 262 -27.92 11.88 7.94
N ASP I 263 -27.77 12.84 7.05
CA ASP I 263 -28.80 13.85 6.92
C ASP I 263 -30.09 13.21 6.46
N GLN I 264 -29.97 12.26 5.54
CA GLN I 264 -31.13 11.62 4.94
C GLN I 264 -31.89 10.81 5.98
N MET I 265 -31.18 10.15 6.90
CA MET I 265 -31.88 9.52 8.00
C MET I 265 -32.65 10.53 8.81
N ILE I 266 -32.08 11.70 9.05
CA ILE I 266 -32.76 12.69 9.86
C ILE I 266 -34.05 13.07 9.21
N ILE I 267 -34.00 13.33 7.92
CA ILE I 267 -35.19 13.70 7.18
C ILE I 267 -36.20 12.57 7.26
N ALA I 268 -35.73 11.33 7.15
CA ALA I 268 -36.60 10.18 7.30
C ALA I 268 -37.21 10.12 8.69
N GLY I 269 -36.40 10.45 9.69
CA GLY I 269 -36.89 10.43 11.05
C GLY I 269 -38.05 11.38 11.20
N TYR I 270 -37.92 12.55 10.57
CA TYR I 270 -39.00 13.53 10.57
C TYR I 270 -40.21 12.96 9.86
N GLY I 271 -39.96 12.22 8.78
CA GLY I 271 -41.04 11.74 7.93
C GLY I 271 -41.88 10.70 8.62
N SER I 272 -41.24 9.72 9.23
CA SER I 272 -41.94 8.67 9.94
C SER I 272 -42.83 9.21 11.06
N ILE I 273 -42.42 10.32 11.65
CA ILE I 273 -43.17 10.87 12.76
C ILE I 273 -44.30 11.75 12.26
N PHE I 274 -44.06 12.45 11.14
CA PHE I 274 -45.13 13.25 10.56
C PHE I 274 -46.17 12.34 9.98
N ALA I 275 -45.73 11.23 9.40
CA ALA I 275 -46.64 10.22 8.85
C ALA I 275 -47.48 9.57 9.94
N ALA I 276 -46.82 9.17 11.03
CA ALA I 276 -47.52 8.54 12.14
C ALA I 276 -48.60 9.49 12.65
N ILE I 277 -48.29 10.77 12.67
CA ILE I 277 -49.30 11.74 13.06
C ILE I 277 -50.42 11.74 12.03
N LEU I 278 -50.09 11.56 10.77
CA LEU I 278 -51.11 11.58 9.72
C LEU I 278 -52.00 10.37 9.84
N LEU I 279 -51.46 9.25 10.33
CA LEU I 279 -52.26 8.04 10.48
C LEU I 279 -53.04 8.02 11.78
N ILE I 280 -52.40 8.38 12.88
CA ILE I 280 -53.07 8.43 14.17
C ILE I 280 -54.31 9.33 14.07
N ILE I 281 -54.23 10.37 13.24
CA ILE I 281 -55.33 11.32 13.10
C ILE I 281 -56.35 10.75 12.13
N PHE I 282 -55.91 9.80 11.31
CA PHE I 282 -56.81 9.20 10.33
C PHE I 282 -57.57 8.07 11.00
N ALA I 283 -56.84 7.28 11.79
CA ALA I 283 -57.39 6.16 12.52
C ALA I 283 -58.45 6.55 13.53
N HIS I 284 -58.51 7.83 13.89
CA HIS I 284 -59.52 8.27 14.84
C HIS I 284 -60.79 8.70 14.11
N HIS I 285 -60.71 8.86 12.79
CA HIS I 285 -61.84 9.34 12.00
C HIS I 285 -62.11 8.62 10.68
N ARG I 286 -61.42 7.50 10.41
CA ARG I 286 -61.59 6.81 9.13
C ARG I 286 -63.03 6.37 8.88
N GLN I 287 -63.59 5.67 9.86
CA GLN I 287 -64.92 5.11 9.73
C GLN I 287 -65.96 5.93 10.50
N ALA I 288 -67.22 5.69 10.19
CA ALA I 288 -68.33 6.27 10.95
C ALA I 288 -68.37 5.69 12.36
N ASN I 289 -69.34 6.17 13.14
CA ASN I 289 -69.58 5.75 14.53
C ASN I 289 -68.53 6.27 15.50
N GLY I 290 -67.43 6.81 15.00
CA GLY I 290 -66.39 7.30 15.86
C GLY I 290 -65.62 6.19 16.54
N VAL I 291 -65.88 4.95 16.12
CA VAL I 291 -65.23 3.79 16.71
C VAL I 291 -63.73 3.73 16.36
N GLU I 292 -62.90 3.52 17.36
CA GLU I 292 -61.44 3.47 17.16
C GLU I 292 -60.96 2.29 16.31
N ASP I 293 -60.53 2.60 15.09
CA ASP I 293 -60.07 1.60 14.13
C ASP I 293 -58.75 0.98 14.58
N ASP I 294 -58.80 0.12 15.58
CA ASP I 294 -57.57 -0.51 16.06
C ASP I 294 -57.01 -1.50 15.04
N LEU I 295 -57.65 -1.62 13.89
CA LEU I 295 -57.14 -2.46 12.80
C LEU I 295 -56.01 -1.73 12.09
N LEU I 296 -56.18 -0.43 11.91
CA LEU I 296 -55.17 0.37 11.22
C LEU I 296 -53.96 0.46 12.13
N ILE I 297 -54.20 0.89 13.36
CA ILE I 297 -53.20 0.77 14.41
C ILE I 297 -53.01 -0.71 14.67
N GLN I 298 -51.96 -1.07 15.40
CA GLN I 298 -51.62 -2.45 15.71
C GLN I 298 -51.04 -3.13 14.49
N ARG I 299 -51.68 -2.96 13.33
CA ARG I 299 -51.04 -3.39 12.10
C ARG I 299 -49.92 -2.41 11.77
N CYS I 300 -50.04 -1.20 12.28
CA CYS I 300 -48.98 -0.22 12.10
C CYS I 300 -47.77 -0.62 12.92
N ARG I 301 -47.98 -1.48 13.92
CA ARG I 301 -46.89 -1.94 14.76
C ARG I 301 -45.91 -2.74 13.92
N LEU I 302 -46.33 -3.14 12.72
CA LEU I 302 -45.46 -3.81 11.78
C LEU I 302 -45.58 -3.21 10.38
N ALA I 303 -46.48 -2.26 10.20
CA ALA I 303 -46.55 -1.61 8.90
C ALA I 303 -45.36 -0.67 8.74
N PHE I 304 -45.14 0.18 9.73
CA PHE I 304 -44.00 1.09 9.70
C PHE I 304 -42.65 0.39 9.88
N PRO I 305 -42.45 -0.37 10.97
CA PRO I 305 -41.12 -0.95 11.14
C PRO I 305 -40.69 -1.86 9.98
N LEU I 306 -41.61 -2.21 9.09
CA LEU I 306 -41.26 -2.96 7.90
C LEU I 306 -41.26 -2.02 6.70
N GLY I 307 -42.31 -1.20 6.60
CA GLY I 307 -42.47 -0.28 5.50
C GLY I 307 -41.31 0.69 5.38
N PHE I 308 -41.02 1.39 6.47
CA PHE I 308 -39.86 2.26 6.55
C PHE I 308 -38.59 1.45 6.25
N LEU I 309 -38.46 0.28 6.85
CA LEU I 309 -37.26 -0.53 6.65
C LEU I 309 -37.22 -1.04 5.21
N ALA I 310 -38.30 -0.81 4.50
CA ALA I 310 -38.38 -1.13 3.08
C ALA I 310 -38.06 0.10 2.27
N ILE I 311 -38.72 1.21 2.59
CA ILE I 311 -38.46 2.45 1.87
C ILE I 311 -37.13 3.02 2.33
N GLY I 312 -36.56 2.42 3.36
CA GLY I 312 -35.23 2.78 3.80
C GLY I 312 -34.23 1.79 3.26
N CYS I 313 -34.73 0.71 2.65
CA CYS I 313 -33.85 -0.29 2.05
C CYS I 313 -33.62 0.04 0.58
N VAL I 314 -34.01 1.25 0.17
CA VAL I 314 -33.80 1.70 -1.19
C VAL I 314 -32.95 2.98 -1.27
N LEU I 315 -31.88 3.00 -0.48
CA LEU I 315 -30.90 4.07 -0.56
C LEU I 315 -29.72 3.62 -1.43
N VAL I 316 -30.03 3.17 -2.64
CA VAL I 316 -28.98 2.74 -3.56
C VAL I 316 -28.41 3.95 -4.29
N ILE I 317 -28.70 5.14 -3.75
CA ILE I 317 -28.17 6.42 -4.25
C ILE I 317 -26.66 6.55 -4.03
N ARG I 318 -25.91 6.51 -5.12
CA ARG I 318 -24.45 6.55 -5.03
C ARG I 318 -23.88 7.49 -6.10
N ARG J 10 36.84 13.96 12.09
CA ARG J 10 36.12 14.63 11.00
C ARG J 10 34.78 15.26 11.41
N PRO J 11 33.90 14.51 12.11
CA PRO J 11 32.61 15.12 12.39
C PRO J 11 32.69 16.13 13.54
N VAL J 12 31.88 17.19 13.49
CA VAL J 12 31.83 18.17 14.57
C VAL J 12 30.93 17.71 15.71
N ASP J 13 31.43 17.76 16.93
CA ASP J 13 30.60 17.41 18.05
C ASP J 13 29.81 18.64 18.45
N VAL J 14 28.49 18.54 18.51
CA VAL J 14 27.69 19.65 19.01
C VAL J 14 26.93 19.28 20.28
N SER J 15 27.08 20.09 21.32
CA SER J 15 26.38 19.87 22.58
C SER J 15 25.17 20.80 22.67
N VAL J 16 23.97 20.21 22.71
CA VAL J 16 22.76 20.99 22.71
C VAL J 16 22.00 20.89 24.03
N SER J 17 21.45 22.00 24.47
CA SER J 17 20.58 22.01 25.63
C SER J 17 19.24 22.62 25.25
N ILE J 18 18.16 21.96 25.66
CA ILE J 18 16.83 22.46 25.41
C ILE J 18 16.12 22.83 26.70
N PHE J 19 15.79 24.11 26.85
CA PHE J 19 15.01 24.58 28.00
C PHE J 19 13.53 24.73 27.62
N ILE J 20 12.65 24.13 28.39
CA ILE J 20 11.22 24.12 28.08
C ILE J 20 10.40 24.98 29.04
N ASN J 21 9.77 26.04 28.53
CA ASN J 21 9.02 26.99 29.36
C ASN J 21 7.57 26.65 29.53
N LYS J 22 6.93 26.23 28.44
CA LYS J 22 5.49 26.03 28.42
C LYS J 22 5.14 24.97 27.38
N ILE J 23 4.32 23.99 27.76
CA ILE J 23 3.70 23.05 26.84
C ILE J 23 2.21 23.22 26.97
N TYR J 24 1.57 23.72 25.92
CA TYR J 24 0.16 24.06 26.02
C TYR J 24 -0.54 23.81 24.70
N GLY J 25 -1.83 24.11 24.65
CA GLY J 25 -2.56 24.12 23.41
C GLY J 25 -2.65 22.86 22.60
N VAL J 26 -3.01 21.75 23.24
CA VAL J 26 -3.18 20.50 22.53
C VAL J 26 -4.33 20.56 21.54
N ASN J 27 -4.08 20.16 20.29
CA ASN J 27 -5.10 20.02 19.26
C ASN J 27 -5.33 18.56 18.99
N THR J 28 -6.48 18.01 19.35
CA THR J 28 -6.61 16.56 19.24
C THR J 28 -6.73 16.02 17.81
N LEU J 29 -7.46 16.69 16.92
CA LEU J 29 -7.66 16.12 15.58
C LEU J 29 -6.40 16.19 14.77
N GLU J 30 -5.64 17.27 14.91
CA GLU J 30 -4.39 17.40 14.19
C GLU J 30 -3.28 16.65 14.90
N GLN J 31 -3.53 16.26 16.15
CA GLN J 31 -2.55 15.56 16.98
C GLN J 31 -1.29 16.36 17.14
N THR J 32 -1.41 17.59 17.60
CA THR J 32 -0.27 18.47 17.81
C THR J 32 -0.33 19.13 19.17
N TYR J 33 0.73 19.81 19.56
CA TYR J 33 0.74 20.54 20.82
C TYR J 33 1.74 21.67 20.68
N LYS J 34 1.63 22.73 21.48
CA LYS J 34 2.54 23.86 21.34
C LYS J 34 3.56 23.87 22.45
N VAL J 35 4.79 24.20 22.11
CA VAL J 35 5.88 24.17 23.07
C VAL J 35 6.67 25.43 22.97
N ASP J 36 6.83 26.11 24.10
CA ASP J 36 7.66 27.31 24.16
C ASP J 36 8.92 27.05 24.95
N GLY J 37 10.05 27.50 24.42
CA GLY J 37 11.28 27.27 25.13
C GLY J 37 12.46 27.89 24.46
N TYR J 38 13.64 27.55 24.95
CA TYR J 38 14.88 28.03 24.36
C TYR J 38 15.64 26.83 23.86
N ILE J 39 16.46 27.03 22.84
CA ILE J 39 17.36 25.99 22.38
C ILE J 39 18.81 26.48 22.34
N VAL J 40 19.71 25.71 22.92
CA VAL J 40 21.12 26.07 22.94
C VAL J 40 21.94 25.02 22.22
N ALA J 41 22.86 25.43 21.38
CA ALA J 41 23.71 24.51 20.66
C ALA J 41 25.13 25.02 20.68
N GLN J 42 26.05 24.18 21.14
CA GLN J 42 27.43 24.59 21.30
C GLN J 42 28.35 23.68 20.51
N TRP J 43 29.32 24.29 19.83
CA TRP J 43 30.37 23.53 19.17
C TRP J 43 31.65 24.35 19.15
N THR J 44 32.76 23.74 18.76
CA THR J 44 34.02 24.45 18.73
C THR J 44 34.53 24.52 17.31
N GLY J 45 34.97 25.70 16.89
CA GLY J 45 35.42 25.90 15.53
C GLY J 45 36.74 26.63 15.43
N LYS J 46 37.00 27.21 14.27
CA LYS J 46 38.25 27.92 14.05
C LYS J 46 38.38 29.05 15.05
N PRO J 47 39.47 29.04 15.84
CA PRO J 47 39.75 30.10 16.81
C PRO J 47 39.71 31.49 16.18
N ARG J 48 39.50 32.51 17.01
CA ARG J 48 39.11 33.81 16.51
C ARG J 48 39.68 34.91 17.36
N LYS J 49 39.92 36.06 16.76
CA LYS J 49 40.31 37.23 17.51
C LYS J 49 39.05 37.95 17.94
N THR J 50 38.85 38.09 19.24
CA THR J 50 37.71 38.83 19.78
C THR J 50 38.19 40.05 20.55
N PRO J 51 37.37 41.10 20.63
CA PRO J 51 37.79 42.28 21.41
C PRO J 51 37.97 41.93 22.88
N GLY J 52 39.20 42.02 23.37
CA GLY J 52 39.54 41.49 24.68
C GLY J 52 39.54 39.98 24.58
N ASP J 53 40.20 39.30 25.49
CA ASP J 53 40.19 37.85 25.41
C ASP J 53 38.89 37.34 26.04
N LYS J 54 37.85 38.14 25.93
CA LYS J 54 36.54 37.82 26.49
C LYS J 54 35.58 37.55 25.32
N PRO J 55 34.56 36.71 25.56
CA PRO J 55 33.67 36.31 24.47
C PRO J 55 32.92 37.46 23.81
N LEU J 56 32.57 37.28 22.54
CA LEU J 56 31.86 38.28 21.75
C LEU J 56 30.40 37.91 21.56
N ILE J 57 29.51 38.87 21.72
CA ILE J 57 28.08 38.62 21.58
C ILE J 57 27.48 39.21 20.30
N VAL J 58 26.77 38.37 19.53
CA VAL J 58 26.12 38.77 18.28
C VAL J 58 24.65 38.41 18.30
N GLU J 59 23.79 39.43 18.20
CA GLU J 59 22.35 39.25 18.32
C GLU J 59 21.57 39.43 17.04
N ASN J 60 20.53 38.62 16.90
CA ASN J 60 19.49 38.81 15.91
C ASN J 60 19.96 39.10 14.49
N THR J 61 19.62 40.26 13.96
CA THR J 61 19.84 40.53 12.55
C THR J 61 21.28 40.58 12.17
N GLN J 62 22.17 40.61 13.15
CA GLN J 62 23.59 40.63 12.84
C GLN J 62 24.17 39.25 12.58
N ILE J 63 23.49 38.21 13.04
CA ILE J 63 23.98 36.86 12.84
C ILE J 63 24.10 36.59 11.37
N GLU J 64 23.13 37.07 10.61
CA GLU J 64 23.12 36.83 9.19
C GLU J 64 24.34 37.46 8.55
N ARG J 65 24.73 38.64 9.00
CA ARG J 65 25.85 39.29 8.38
C ARG J 65 27.12 38.49 8.56
N TRP J 66 27.26 37.84 9.71
CA TRP J 66 28.46 37.05 9.94
C TRP J 66 28.49 35.83 9.06
N ILE J 67 27.33 35.28 8.74
CA ILE J 67 27.27 34.09 7.92
C ILE J 67 27.72 34.45 6.53
N ASN J 68 27.45 35.66 6.09
CA ASN J 68 27.84 36.06 4.77
C ASN J 68 29.36 36.15 4.61
N ASN J 69 30.05 36.52 5.68
CA ASN J 69 31.50 36.56 5.62
C ASN J 69 32.11 35.19 5.84
N GLY J 70 31.27 34.17 6.00
CA GLY J 70 31.73 32.79 6.03
C GLY J 70 31.79 32.11 7.40
N LEU J 71 31.07 32.65 8.37
CA LEU J 71 30.98 32.01 9.67
C LEU J 71 29.99 30.87 9.53
N TRP J 72 30.34 29.71 10.07
CA TRP J 72 29.51 28.54 9.90
C TRP J 72 28.50 28.36 11.04
N VAL J 73 27.21 28.48 10.71
CA VAL J 73 26.13 28.16 11.65
C VAL J 73 25.17 27.20 10.97
N PRO J 74 25.25 25.91 11.32
CA PRO J 74 24.49 24.86 10.65
C PRO J 74 23.02 24.92 11.01
N ALA J 75 22.14 24.75 10.04
CA ALA J 75 20.71 24.73 10.31
C ALA J 75 20.28 23.50 11.07
N LEU J 76 19.72 23.65 12.26
CA LEU J 76 19.19 22.46 12.92
C LEU J 76 17.66 22.43 12.89
N GLU J 77 17.09 21.40 12.27
CA GLU J 77 15.65 21.27 12.07
C GLU J 77 14.91 20.45 13.09
N PHE J 78 13.76 20.94 13.52
CA PHE J 78 12.81 20.20 14.33
C PHE J 78 12.07 19.21 13.42
N ILE J 79 12.32 17.92 13.58
CA ILE J 79 11.78 16.98 12.64
C ILE J 79 10.26 16.92 12.74
N ASN J 80 9.71 17.05 13.94
CA ASN J 80 8.27 16.92 14.09
C ASN J 80 7.50 18.20 14.36
N VAL J 81 8.06 19.34 13.96
CA VAL J 81 7.35 20.61 14.00
C VAL J 81 6.29 20.69 12.90
N VAL J 82 5.23 21.45 13.10
CA VAL J 82 4.24 21.58 12.04
C VAL J 82 4.16 23.00 11.50
N GLY J 83 4.90 23.27 10.45
CA GLY J 83 5.04 24.60 9.91
C GLY J 83 6.19 25.25 10.66
N SER J 84 6.92 26.12 10.00
CA SER J 84 8.08 26.76 10.57
C SER J 84 7.76 27.49 11.84
N PRO J 85 8.54 27.23 12.91
CA PRO J 85 8.38 27.76 14.25
C PRO J 85 8.58 29.27 14.39
N ASP J 86 8.00 29.84 15.44
CA ASP J 86 8.15 31.26 15.66
C ASP J 86 9.43 31.49 16.47
N THR J 87 10.43 32.07 15.82
CA THR J 87 11.72 32.30 16.43
C THR J 87 11.77 33.64 17.08
N GLY J 88 12.09 33.66 18.37
CA GLY J 88 12.19 34.92 19.06
C GLY J 88 13.56 35.50 18.82
N ASN J 89 14.24 35.84 19.90
CA ASN J 89 15.58 36.40 19.79
C ASN J 89 16.57 35.29 19.50
N LYS J 90 17.55 35.61 18.67
CA LYS J 90 18.65 34.74 18.29
C LYS J 90 19.90 35.26 18.95
N ARG J 91 20.87 34.40 19.23
CA ARG J 91 22.13 34.88 19.76
C ARG J 91 23.30 33.99 19.37
N LEU J 92 24.42 34.60 18.98
CA LEU J 92 25.66 33.87 18.87
C LEU J 92 26.63 34.35 19.94
N MET J 93 27.22 33.43 20.69
CA MET J 93 28.32 33.79 21.57
C MET J 93 29.61 33.21 21.00
N LEU J 94 30.47 34.07 20.47
CA LEU J 94 31.71 33.61 19.86
C LEU J 94 32.87 33.74 20.83
N PHE J 95 33.45 32.60 21.21
CA PHE J 95 34.59 32.57 22.12
C PHE J 95 35.89 32.65 21.32
N PRO J 96 36.94 33.21 21.93
CA PRO J 96 38.19 33.33 21.19
C PRO J 96 38.87 31.99 21.03
N ASP J 97 38.62 31.08 21.97
CA ASP J 97 39.27 29.79 21.91
C ASP J 97 38.56 28.87 20.96
N GLY J 98 37.80 29.44 20.02
CA GLY J 98 37.21 28.66 18.96
C GLY J 98 35.76 28.28 19.13
N ARG J 99 35.32 28.04 20.37
CA ARG J 99 33.98 27.51 20.61
C ARG J 99 32.90 28.52 20.29
N VAL J 100 31.76 27.99 19.88
CA VAL J 100 30.61 28.78 19.42
C VAL J 100 29.31 28.26 20.04
N ILE J 101 28.53 29.17 20.61
CA ILE J 101 27.26 28.79 21.21
C ILE J 101 26.10 29.52 20.56
N TYR J 102 25.11 28.78 20.09
CA TYR J 102 23.90 29.37 19.52
C TYR J 102 22.75 29.30 20.51
N ASN J 103 22.09 30.42 20.77
CA ASN J 103 20.99 30.47 21.71
C ASN J 103 19.81 31.20 21.08
N ALA J 104 18.64 30.57 21.09
CA ALA J 104 17.47 31.15 20.46
C ALA J 104 16.19 30.82 21.19
N ARG J 105 15.23 31.73 21.15
CA ARG J 105 13.93 31.37 21.68
C ARG J 105 13.05 30.81 20.58
N PHE J 106 12.20 29.83 20.89
CA PHE J 106 11.31 29.31 19.88
C PHE J 106 9.94 29.03 20.47
N LEU J 107 8.92 29.18 19.64
CA LEU J 107 7.58 28.70 19.89
C LEU J 107 7.12 27.93 18.68
N GLY J 108 6.73 26.68 18.85
CA GLY J 108 6.39 25.90 17.69
C GLY J 108 5.27 24.91 17.89
N SER J 109 4.65 24.50 16.79
CA SER J 109 3.67 23.45 16.88
C SER J 109 4.32 22.13 16.49
N PHE J 110 4.23 21.15 17.38
CA PHE J 110 4.90 19.88 17.20
C PHE J 110 3.88 18.76 17.09
N SER J 111 4.22 17.71 16.35
CA SER J 111 3.31 16.61 16.05
C SER J 111 3.74 15.34 16.75
N ASN J 112 2.78 14.50 17.13
CA ASN J 112 3.12 13.18 17.67
C ASN J 112 1.93 12.26 17.64
N ASP J 113 2.18 10.95 17.64
CA ASP J 113 1.06 10.02 17.70
C ASP J 113 0.43 10.19 19.05
N MET J 114 -0.87 10.45 19.05
CA MET J 114 -1.56 10.69 20.29
C MET J 114 -2.84 9.89 20.34
N ASP J 115 -2.96 9.04 21.34
CA ASP J 115 -4.11 8.19 21.50
C ASP J 115 -5.02 8.78 22.55
N PHE J 116 -6.24 9.16 22.18
CA PHE J 116 -7.12 9.79 23.14
C PHE J 116 -8.29 8.91 23.57
N ARG J 117 -8.17 7.61 23.35
CA ARG J 117 -9.29 6.72 23.63
C ARG J 117 -9.59 6.55 25.11
N LEU J 118 -8.58 6.72 25.95
CA LEU J 118 -8.80 6.54 27.37
C LEU J 118 -9.15 7.85 28.03
N PHE J 119 -9.58 8.82 27.24
CA PHE J 119 -10.02 10.10 27.75
C PHE J 119 -11.11 9.86 28.77
N PRO J 120 -11.13 10.62 29.87
CA PRO J 120 -10.24 11.68 30.31
C PRO J 120 -9.12 11.12 31.14
N PHE J 121 -8.81 9.85 30.94
CA PHE J 121 -7.80 9.20 31.75
C PHE J 121 -6.61 8.80 30.90
N ASP J 122 -6.34 9.58 29.86
CA ASP J 122 -5.29 9.18 28.95
C ASP J 122 -3.92 9.72 29.34
N ARG J 123 -2.90 9.03 28.87
CA ARG J 123 -1.55 9.49 29.03
C ARG J 123 -1.00 9.79 27.65
N GLN J 124 -0.26 10.88 27.54
CA GLN J 124 0.34 11.27 26.28
C GLN J 124 1.80 11.56 26.51
N GLN J 125 2.62 11.47 25.47
CA GLN J 125 3.96 11.98 25.64
C GLN J 125 4.24 13.07 24.61
N PHE J 126 4.68 14.23 25.11
CA PHE J 126 5.04 15.36 24.27
C PHE J 126 6.46 15.22 23.81
N VAL J 127 6.66 15.15 22.51
CA VAL J 127 7.96 14.81 21.94
C VAL J 127 8.58 15.90 21.12
N LEU J 128 9.89 16.06 21.25
CA LEU J 128 10.66 16.94 20.41
C LEU J 128 11.68 16.12 19.62
N GLU J 129 11.78 16.28 18.31
CA GLU J 129 12.82 15.57 17.59
C GLU J 129 13.72 16.53 16.82
N LEU J 130 15.02 16.55 17.11
CA LEU J 130 15.94 17.54 16.55
C LEU J 130 17.04 16.87 15.73
N GLU J 131 17.33 17.39 14.54
CA GLU J 131 18.25 16.74 13.61
C GLU J 131 18.83 17.76 12.63
N PRO J 132 20.12 17.67 12.29
CA PRO J 132 20.68 18.65 11.38
C PRO J 132 20.05 18.57 10.03
N PHE J 133 19.96 19.67 9.29
CA PHE J 133 19.18 19.66 8.07
C PHE J 133 19.96 19.16 6.88
N SER J 134 21.25 19.42 6.86
CA SER J 134 22.06 19.18 5.67
C SER J 134 23.31 18.34 5.92
N TYR J 135 23.74 18.30 7.18
CA TYR J 135 24.99 17.66 7.53
C TYR J 135 24.80 16.30 8.21
N ASN J 136 25.41 15.26 7.64
CA ASN J 136 25.34 13.92 8.23
C ASN J 136 26.33 13.71 9.37
N ASN J 137 26.30 12.54 9.99
CA ASN J 137 27.11 12.32 11.20
C ASN J 137 28.58 12.19 10.89
N GLN J 138 28.92 12.16 9.60
CA GLN J 138 30.31 12.22 9.23
C GLN J 138 30.74 13.67 9.33
N GLN J 139 29.76 14.56 9.30
CA GLN J 139 29.99 15.99 9.29
C GLN J 139 29.61 16.67 10.62
N LEU J 140 28.48 16.29 11.19
CA LEU J 140 28.02 16.89 12.43
C LEU J 140 27.26 15.87 13.23
N ARG J 141 27.63 15.69 14.49
CA ARG J 141 26.94 14.70 15.33
C ARG J 141 26.62 15.26 16.71
N PHE J 142 25.54 14.77 17.32
CA PHE J 142 25.17 15.27 18.63
C PHE J 142 25.93 14.58 19.74
N SER J 143 26.70 15.34 20.50
CA SER J 143 27.52 14.74 21.52
C SER J 143 26.69 14.39 22.73
N ASP J 144 25.94 15.35 23.23
CA ASP J 144 25.10 15.09 24.39
C ASP J 144 23.90 16.01 24.42
N ILE J 145 22.86 15.60 25.14
CA ILE J 145 21.64 16.37 25.20
C ILE J 145 21.11 16.54 26.60
N GLN J 146 20.94 17.79 27.01
CA GLN J 146 20.38 18.11 28.31
C GLN J 146 19.03 18.77 28.09
N VAL J 147 17.98 18.32 28.78
CA VAL J 147 16.70 19.01 28.68
C VAL J 147 16.18 19.44 30.03
N TYR J 148 15.91 20.71 30.19
CA TYR J 148 15.50 21.27 31.46
C TYR J 148 14.05 21.69 31.47
N THR J 149 13.33 21.32 32.52
CA THR J 149 11.94 21.70 32.66
C THR J 149 11.69 22.32 34.02
N GLU J 150 10.75 23.25 34.09
CA GLU J 150 10.42 23.94 35.34
C GLU J 150 9.73 23.00 36.30
N ASN J 151 9.85 23.26 37.59
CA ASN J 151 9.09 22.52 38.58
C ASN J 151 7.78 23.22 38.92
N ILE J 152 6.68 22.70 38.38
CA ILE J 152 5.35 23.27 38.63
C ILE J 152 4.78 22.76 39.96
N ASP J 153 4.32 23.68 40.80
CA ASP J 153 3.81 23.31 42.12
C ASP J 153 2.28 23.32 42.20
N ASN J 154 1.66 24.22 41.45
CA ASN J 154 0.20 24.29 41.40
C ASN J 154 -0.44 23.52 40.24
N GLU J 155 -0.11 22.23 40.10
CA GLU J 155 -0.57 21.47 38.93
C GLU J 155 -2.08 21.19 38.97
N GLU J 156 -2.73 21.48 40.10
CA GLU J 156 -4.15 21.24 40.21
C GLU J 156 -4.93 22.23 39.37
N ILE J 157 -4.25 23.31 38.97
CA ILE J 157 -4.86 24.31 38.12
C ILE J 157 -4.35 24.24 36.70
N ASP J 158 -3.59 23.20 36.39
CA ASP J 158 -3.08 23.01 35.04
C ASP J 158 -3.86 21.92 34.35
N GLU J 159 -4.04 22.05 33.04
CA GLU J 159 -4.80 21.04 32.30
C GLU J 159 -4.10 19.68 32.27
N TRP J 160 -2.77 19.69 32.20
CA TRP J 160 -1.97 18.46 32.16
C TRP J 160 -1.03 18.35 33.37
N TRP J 161 -0.94 17.15 33.94
CA TRP J 161 0.03 16.86 35.00
C TRP J 161 1.24 16.13 34.41
N ILE J 162 2.40 16.79 34.47
CA ILE J 162 3.65 16.19 33.98
C ILE J 162 4.14 15.05 34.87
N ARG J 163 4.55 13.95 34.26
CA ARG J 163 4.85 12.70 34.98
C ARG J 163 6.33 12.26 34.89
N GLY J 164 7.21 12.91 35.64
CA GLY J 164 8.61 12.50 35.65
C GLY J 164 9.49 13.42 34.83
N LYS J 165 10.80 13.43 35.06
CA LYS J 165 11.69 14.27 34.27
C LYS J 165 11.79 13.81 32.82
N ALA J 166 12.26 14.72 31.97
CA ALA J 166 12.35 14.47 30.56
C ALA J 166 13.40 13.43 30.26
N SER J 167 13.12 12.54 29.33
CA SER J 167 14.12 11.58 28.89
C SER J 167 14.73 12.11 27.61
N THR J 168 15.99 11.81 27.37
CA THR J 168 16.67 12.34 26.21
C THR J 168 17.22 11.17 25.45
N HIS J 169 17.59 11.36 24.19
CA HIS J 169 18.09 10.24 23.41
C HIS J 169 18.72 10.65 22.09
N ILE J 170 20.04 10.58 22.00
CA ILE J 170 20.74 10.74 20.73
C ILE J 170 20.77 9.41 19.98
N SER J 171 20.50 9.42 18.68
CA SER J 171 20.54 8.19 17.88
C SER J 171 20.94 8.47 16.43
N ASP J 172 20.89 7.47 15.56
CA ASP J 172 21.33 7.61 14.16
C ASP J 172 20.28 7.11 13.20
N ILE J 173 20.10 7.82 12.09
CA ILE J 173 19.04 7.51 11.17
C ILE J 173 19.44 7.25 9.71
N ARG J 174 19.01 6.12 9.15
CA ARG J 174 19.30 5.82 7.75
C ARG J 174 18.23 6.30 6.81
N TYR J 175 18.59 7.16 5.88
CA TYR J 175 17.67 7.51 4.82
C TYR J 175 18.00 6.65 3.60
N ASP J 176 17.10 5.74 3.23
CA ASP J 176 17.41 4.82 2.15
C ASP J 176 17.52 5.52 0.80
N HIS J 177 16.41 6.10 0.38
CA HIS J 177 16.30 6.63 -0.96
C HIS J 177 16.89 8.02 -1.13
N LEU J 178 18.18 8.09 -1.43
CA LEU J 178 18.81 9.36 -1.75
C LEU J 178 19.28 9.45 -3.19
N SER J 179 19.13 10.64 -3.77
CA SER J 179 19.60 10.90 -5.12
C SER J 179 20.99 11.53 -5.01
N SER J 180 21.62 11.30 -3.86
CA SER J 180 22.91 11.87 -3.55
C SER J 180 23.99 10.86 -3.90
N VAL J 181 24.75 10.45 -2.90
CA VAL J 181 25.81 9.46 -3.09
C VAL J 181 25.48 8.32 -2.10
N GLN J 182 26.44 7.48 -1.76
CA GLN J 182 26.16 6.30 -0.94
C GLN J 182 27.14 5.97 0.20
N PRO J 183 28.47 6.05 -0.03
CA PRO J 183 29.32 5.39 0.96
C PRO J 183 29.37 6.19 2.27
N ASN J 184 28.65 5.69 3.27
CA ASN J 184 28.62 6.24 4.63
C ASN J 184 28.05 7.66 4.67
N GLN J 185 27.35 8.07 3.61
CA GLN J 185 26.83 9.44 3.55
C GLN J 185 25.31 9.55 3.74
N ASN J 186 24.70 8.57 4.38
CA ASN J 186 23.24 8.56 4.53
C ASN J 186 22.73 8.45 5.96
N GLU J 187 23.56 8.77 6.95
CA GLU J 187 23.10 8.71 8.33
C GLU J 187 23.16 10.07 9.04
N PHE J 188 22.13 10.39 9.80
CA PHE J 188 22.05 11.67 10.48
C PHE J 188 21.87 11.48 11.97
N SER J 189 22.51 12.33 12.75
CA SER J 189 22.42 12.25 14.20
C SER J 189 21.12 12.85 14.69
N ARG J 190 20.36 12.18 15.53
CA ARG J 190 19.11 12.76 15.98
C ARG J 190 18.85 12.72 17.47
N ILE J 191 18.60 13.89 18.05
CA ILE J 191 18.13 14.02 19.42
C ILE J 191 16.64 13.78 19.49
N THR J 192 16.18 13.02 20.48
CA THR J 192 14.75 12.84 20.71
C THR J 192 14.45 13.05 22.18
N VAL J 193 13.67 14.08 22.47
CA VAL J 193 13.26 14.43 23.83
C VAL J 193 11.85 13.98 24.08
N ARG J 194 11.58 13.39 25.24
CA ARG J 194 10.22 12.97 25.58
C ARG J 194 9.78 13.41 26.95
N ILE J 195 8.55 13.91 27.03
CA ILE J 195 7.97 14.29 28.31
C ILE J 195 6.66 13.56 28.49
N ASP J 196 6.54 12.78 29.55
CA ASP J 196 5.33 12.02 29.80
C ASP J 196 4.31 12.88 30.52
N ALA J 197 3.02 12.63 30.28
CA ALA J 197 1.99 13.40 30.96
C ALA J 197 0.67 12.65 31.04
N VAL J 198 -0.09 12.93 32.08
CA VAL J 198 -1.44 12.40 32.18
C VAL J 198 -2.38 13.57 32.28
N ARG J 199 -3.60 13.40 31.80
CA ARG J 199 -4.53 14.51 31.77
C ARG J 199 -5.17 14.68 33.14
N ASN J 200 -5.36 15.94 33.53
CA ASN J 200 -6.09 16.24 34.75
C ASN J 200 -7.54 15.88 34.56
N PRO J 201 -7.95 14.74 35.13
CA PRO J 201 -9.25 14.12 34.89
C PRO J 201 -10.34 14.68 35.79
N SER J 202 -9.98 15.66 36.62
CA SER J 202 -10.91 16.18 37.61
C SER J 202 -12.19 16.72 36.98
N TYR J 203 -12.06 17.79 36.20
CA TYR J 203 -13.22 18.49 35.64
C TYR J 203 -14.14 17.56 34.92
N TYR J 204 -13.58 16.61 34.20
CA TYR J 204 -14.39 15.75 33.37
C TYR J 204 -15.10 14.72 34.23
N LEU J 205 -14.51 14.41 35.37
CA LEU J 205 -15.15 13.47 36.28
C LEU J 205 -16.39 14.07 36.93
N TRP J 206 -16.23 15.23 37.53
CA TRP J 206 -17.31 15.83 38.31
C TRP J 206 -18.40 16.45 37.46
N SER J 207 -18.07 16.98 36.30
CA SER J 207 -19.07 17.70 35.53
C SER J 207 -19.62 16.93 34.32
N PHE J 208 -19.04 15.78 34.00
CA PHE J 208 -19.49 14.97 32.85
C PHE J 208 -19.82 13.52 33.23
N ILE J 209 -18.89 12.84 33.88
CA ILE J 209 -19.12 11.46 34.27
C ILE J 209 -20.20 11.28 35.33
N LEU J 210 -20.08 12.00 36.44
CA LEU J 210 -20.99 11.79 37.56
C LEU J 210 -22.43 12.07 37.16
N PRO J 211 -22.72 13.27 36.61
CA PRO J 211 -24.11 13.46 36.20
C PRO J 211 -24.62 12.51 35.11
N LEU J 212 -23.73 11.98 34.25
CA LEU J 212 -24.19 11.06 33.23
C LEU J 212 -24.64 9.80 33.93
N GLY J 213 -23.94 9.45 35.00
CA GLY J 213 -24.31 8.28 35.76
C GLY J 213 -25.66 8.49 36.40
N LEU J 214 -25.82 9.62 37.08
CA LEU J 214 -27.07 9.98 37.70
C LEU J 214 -28.22 9.94 36.72
N ILE J 215 -28.02 10.53 35.55
CA ILE J 215 -29.07 10.55 34.55
C ILE J 215 -29.42 9.15 34.10
N ILE J 216 -28.39 8.36 33.80
CA ILE J 216 -28.62 7.00 33.37
C ILE J 216 -29.25 6.20 34.51
N ALA J 217 -28.77 6.40 35.72
CA ALA J 217 -29.32 5.70 36.88
C ALA J 217 -30.77 6.08 37.14
N ALA J 218 -31.03 7.38 37.24
CA ALA J 218 -32.38 7.85 37.49
C ALA J 218 -33.29 7.44 36.35
N SER J 219 -32.71 7.15 35.19
CA SER J 219 -33.48 6.70 34.07
C SER J 219 -34.10 5.35 34.37
N TRP J 220 -33.42 4.58 35.21
CA TRP J 220 -33.90 3.25 35.55
C TRP J 220 -35.14 3.29 36.42
N SER J 221 -35.36 4.40 37.09
CA SER J 221 -36.49 4.49 37.98
C SER J 221 -37.80 4.59 37.19
N VAL J 222 -37.72 4.36 35.89
CA VAL J 222 -38.92 4.36 35.07
C VAL J 222 -39.79 3.18 35.42
N PHE J 223 -39.20 2.10 35.92
CA PHE J 223 -39.98 0.91 36.20
C PHE J 223 -40.79 1.02 37.49
N TRP J 224 -40.60 2.08 38.24
CA TRP J 224 -41.33 2.23 39.48
C TRP J 224 -42.59 3.02 39.25
N LEU J 225 -42.93 3.26 38.00
CA LEU J 225 -44.21 3.87 37.68
C LEU J 225 -45.24 2.75 37.64
N GLU J 226 -46.48 3.05 37.98
CA GLU J 226 -47.43 1.99 38.28
C GLU J 226 -48.30 1.59 37.11
N SER J 227 -48.54 2.51 36.19
CA SER J 227 -49.29 2.14 35.01
C SER J 227 -48.31 1.80 33.91
N PHE J 228 -48.83 1.22 32.83
CA PHE J 228 -48.02 0.98 31.65
C PHE J 228 -47.80 2.27 30.90
N SER J 229 -48.84 3.07 30.80
CA SER J 229 -48.76 4.36 30.14
C SER J 229 -47.63 5.23 30.71
N GLU J 230 -47.57 5.33 32.04
CA GLU J 230 -46.56 6.16 32.67
C GLU J 230 -45.15 5.69 32.35
N ARG J 231 -44.96 4.39 32.27
CA ARG J 231 -43.64 3.84 32.09
C ARG J 231 -43.15 4.06 30.66
N LEU J 232 -44.03 3.87 29.70
CA LEU J 232 -43.61 3.98 28.30
C LEU J 232 -43.40 5.42 27.88
N GLN J 233 -44.35 6.28 28.20
CA GLN J 233 -44.24 7.66 27.77
C GLN J 233 -43.06 8.35 28.42
N THR J 234 -42.78 7.99 29.66
CA THR J 234 -41.73 8.65 30.40
C THR J 234 -40.36 8.38 29.79
N SER J 235 -40.17 7.20 29.22
CA SER J 235 -38.86 6.89 28.66
C SER J 235 -38.51 7.81 27.49
N PHE J 236 -39.51 8.39 26.84
CA PHE J 236 -39.24 9.31 25.73
C PHE J 236 -38.61 10.61 26.20
N THR J 237 -38.87 10.95 27.45
CA THR J 237 -38.27 12.10 28.08
C THR J 237 -36.84 11.76 28.40
N LEU J 238 -36.66 10.52 28.84
CA LEU J 238 -35.34 9.98 29.13
C LEU J 238 -34.56 9.85 27.84
N MET J 239 -35.24 9.47 26.77
CA MET J 239 -34.58 9.42 25.48
C MET J 239 -34.05 10.80 25.17
N LEU J 240 -34.94 11.77 25.31
CA LEU J 240 -34.64 13.17 25.07
C LEU J 240 -33.58 13.69 26.03
N THR J 241 -33.58 13.19 27.25
CA THR J 241 -32.61 13.66 28.22
C THR J 241 -31.22 13.22 27.79
N VAL J 242 -31.11 12.02 27.24
CA VAL J 242 -29.83 11.50 26.79
C VAL J 242 -29.35 12.19 25.53
N VAL J 243 -30.24 12.44 24.59
CA VAL J 243 -29.89 13.15 23.38
C VAL J 243 -29.35 14.51 23.73
N ALA J 244 -30.02 15.15 24.67
CA ALA J 244 -29.59 16.47 25.14
C ALA J 244 -28.26 16.35 25.83
N TYR J 245 -28.05 15.27 26.55
CA TYR J 245 -26.80 15.11 27.24
C TYR J 245 -25.72 14.78 26.26
N ALA J 246 -26.10 14.06 25.21
CA ALA J 246 -25.14 13.72 24.19
C ALA J 246 -24.63 14.98 23.60
N PHE J 247 -25.54 15.92 23.49
CA PHE J 247 -25.28 17.21 22.92
C PHE J 247 -24.38 18.05 23.82
N TYR J 248 -24.66 18.05 25.12
CA TYR J 248 -23.86 18.79 26.08
C TYR J 248 -22.41 18.37 26.14
N THR J 249 -22.15 17.08 26.23
CA THR J 249 -20.79 16.57 26.33
C THR J 249 -20.02 16.81 25.04
N SER J 250 -20.65 16.46 23.94
CA SER J 250 -20.03 16.51 22.64
C SER J 250 -19.65 17.89 22.17
N ASN J 251 -20.30 18.91 22.70
CA ASN J 251 -19.97 20.25 22.26
C ASN J 251 -18.70 20.70 22.93
N ILE J 252 -18.40 20.12 24.08
CA ILE J 252 -17.30 20.60 24.87
C ILE J 252 -16.06 19.71 24.86
N LEU J 253 -16.26 18.41 24.83
CA LEU J 253 -15.14 17.47 24.86
C LEU J 253 -14.40 17.52 23.53
N PRO J 254 -13.15 17.06 23.51
CA PRO J 254 -12.39 17.25 22.26
C PRO J 254 -12.92 16.47 21.09
N ARG J 255 -12.83 17.04 19.90
CA ARG J 255 -13.31 16.35 18.73
C ARG J 255 -12.26 15.32 18.33
N LEU J 256 -12.72 14.11 18.05
CA LEU J 256 -11.86 12.99 17.72
C LEU J 256 -12.46 12.16 16.60
N PRO J 257 -11.63 11.38 15.93
CA PRO J 257 -12.19 10.52 14.91
C PRO J 257 -12.62 9.17 15.46
N TYR J 258 -12.54 8.96 16.77
CA TYR J 258 -12.95 7.70 17.35
C TYR J 258 -13.76 7.88 18.63
N THR J 259 -14.33 6.81 19.15
CA THR J 259 -15.16 6.90 20.34
C THR J 259 -14.37 6.87 21.61
N THR J 260 -14.76 7.64 22.61
CA THR J 260 -14.09 7.57 23.91
C THR J 260 -14.93 6.76 24.88
N VAL J 261 -14.45 6.61 26.11
CA VAL J 261 -15.21 5.94 27.15
C VAL J 261 -16.52 6.72 27.40
N ILE J 262 -16.43 8.05 27.42
CA ILE J 262 -17.60 8.90 27.62
C ILE J 262 -18.58 8.79 26.47
N ASP J 263 -18.06 8.69 25.25
CA ASP J 263 -18.93 8.50 24.09
C ASP J 263 -19.65 7.18 24.24
N GLN J 264 -18.96 6.21 24.83
CA GLN J 264 -19.49 4.88 25.01
C GLN J 264 -20.60 4.89 26.06
N MET J 265 -20.41 5.65 27.14
CA MET J 265 -21.45 5.79 28.16
C MET J 265 -22.70 6.33 27.50
N ILE J 266 -22.51 7.29 26.60
CA ILE J 266 -23.63 7.89 25.94
C ILE J 266 -24.39 6.87 25.13
N ILE J 267 -23.67 6.07 24.35
CA ILE J 267 -24.31 5.06 23.54
C ILE J 267 -25.01 4.03 24.40
N ALA J 268 -24.35 3.65 25.48
CA ALA J 268 -24.93 2.71 26.40
C ALA J 268 -26.24 3.26 26.95
N GLY J 269 -26.26 4.55 27.24
CA GLY J 269 -27.45 5.19 27.75
C GLY J 269 -28.60 5.05 26.78
N TYR J 270 -28.31 5.23 25.50
CA TYR J 270 -29.33 5.08 24.48
C TYR J 270 -29.88 3.69 24.55
N GLY J 271 -29.00 2.74 24.80
CA GLY J 271 -29.42 1.35 24.80
C GLY J 271 -30.29 1.03 26.00
N SER J 272 -29.84 1.44 27.18
CA SER J 272 -30.58 1.21 28.41
C SER J 272 -31.96 1.86 28.36
N ILE J 273 -32.12 2.92 27.57
CA ILE J 273 -33.40 3.57 27.49
C ILE J 273 -34.25 2.83 26.49
N PHE J 274 -33.60 2.37 25.43
CA PHE J 274 -34.28 1.62 24.38
C PHE J 274 -34.66 0.22 24.81
N ALA J 275 -33.82 -0.39 25.63
CA ALA J 275 -34.11 -1.71 26.17
C ALA J 275 -35.34 -1.64 27.05
N ALA J 276 -35.37 -0.65 27.93
CA ALA J 276 -36.49 -0.45 28.82
C ALA J 276 -37.78 -0.24 28.06
N ILE J 277 -37.72 0.47 26.95
CA ILE J 277 -38.92 0.68 26.14
C ILE J 277 -39.43 -0.67 25.67
N LEU J 278 -38.51 -1.57 25.34
CA LEU J 278 -38.89 -2.90 24.89
C LEU J 278 -39.44 -3.76 26.01
N LEU J 279 -38.98 -3.55 27.24
CA LEU J 279 -39.45 -4.38 28.33
C LEU J 279 -40.80 -3.88 28.80
N ILE J 280 -40.87 -2.57 29.01
CA ILE J 280 -42.09 -1.91 29.45
C ILE J 280 -43.24 -2.24 28.52
N ILE J 281 -42.91 -2.38 27.24
CA ILE J 281 -43.91 -2.61 26.20
C ILE J 281 -44.23 -4.08 26.09
N PHE J 282 -43.36 -4.91 26.66
CA PHE J 282 -43.51 -6.35 26.61
C PHE J 282 -44.36 -6.90 27.74
N ALA J 283 -44.09 -6.46 28.96
CA ALA J 283 -44.83 -6.91 30.13
C ALA J 283 -46.31 -6.57 30.00
N HIS J 284 -46.65 -5.69 29.07
CA HIS J 284 -48.03 -5.32 28.86
C HIS J 284 -48.74 -6.32 27.96
N HIS J 285 -47.97 -7.19 27.30
CA HIS J 285 -48.54 -8.13 26.36
C HIS J 285 -48.04 -9.56 26.51
N ARG J 286 -47.20 -9.81 27.51
CA ARG J 286 -46.57 -11.11 27.68
C ARG J 286 -47.58 -12.23 27.90
N GLN J 287 -48.56 -11.99 28.77
CA GLN J 287 -49.52 -13.01 29.17
C GLN J 287 -50.80 -12.87 28.35
N ALA J 288 -51.65 -13.89 28.36
CA ALA J 288 -52.94 -13.78 27.66
C ALA J 288 -53.84 -12.77 28.33
N ASN J 289 -54.94 -12.43 27.66
CA ASN J 289 -55.95 -11.47 28.14
C ASN J 289 -55.43 -10.03 28.22
N GLY J 290 -54.13 -9.84 27.99
CA GLY J 290 -53.54 -8.52 28.07
C GLY J 290 -53.33 -7.99 29.49
N VAL J 291 -53.43 -8.90 30.47
CA VAL J 291 -53.26 -8.52 31.86
C VAL J 291 -51.83 -8.06 32.11
N GLU J 292 -51.69 -6.95 32.83
CA GLU J 292 -50.37 -6.38 33.10
C GLU J 292 -49.48 -7.30 33.91
N ASP J 293 -48.46 -7.83 33.25
CA ASP J 293 -47.48 -8.72 33.87
C ASP J 293 -46.59 -7.96 34.84
N ASP J 294 -47.11 -7.64 36.02
CA ASP J 294 -46.32 -6.92 37.02
C ASP J 294 -45.19 -7.76 37.58
N LEU J 295 -45.05 -8.99 37.08
CA LEU J 295 -43.96 -9.86 37.50
C LEU J 295 -42.63 -9.51 36.82
N LEU J 296 -42.67 -9.21 35.53
CA LEU J 296 -41.46 -8.89 34.77
C LEU J 296 -40.90 -7.55 35.19
N ILE J 297 -41.77 -6.55 35.19
CA ILE J 297 -41.47 -5.29 35.82
C ILE J 297 -41.32 -5.65 37.31
N GLN J 298 -40.75 -4.75 38.11
CA GLN J 298 -40.45 -5.04 39.52
C GLN J 298 -39.25 -5.97 39.60
N ARG J 299 -39.21 -6.98 38.74
CA ARG J 299 -37.98 -7.75 38.59
C ARG J 299 -36.99 -6.79 37.96
N CYS J 300 -37.51 -5.88 37.15
CA CYS J 300 -36.70 -4.88 36.48
C CYS J 300 -36.22 -3.77 37.40
N ARG J 301 -36.89 -3.56 38.53
CA ARG J 301 -36.52 -2.50 39.45
C ARG J 301 -35.14 -2.75 40.07
N LEU J 302 -34.64 -3.97 39.94
CA LEU J 302 -33.28 -4.28 40.35
C LEU J 302 -32.55 -5.07 39.26
N ALA J 303 -33.25 -5.38 38.17
CA ALA J 303 -32.60 -6.04 37.04
C ALA J 303 -31.68 -5.07 36.30
N PHE J 304 -32.21 -3.89 35.96
CA PHE J 304 -31.39 -2.88 35.30
C PHE J 304 -30.31 -2.28 36.21
N PRO J 305 -30.66 -1.83 37.43
CA PRO J 305 -29.57 -1.26 38.24
C PRO J 305 -28.43 -2.24 38.52
N LEU J 306 -28.67 -3.52 38.22
CA LEU J 306 -27.61 -4.52 38.31
C LEU J 306 -27.13 -4.97 36.93
N GLY J 307 -28.07 -5.22 36.02
CA GLY J 307 -27.76 -5.73 34.69
C GLY J 307 -26.88 -4.88 33.79
N PHE J 308 -27.32 -3.65 33.51
CA PHE J 308 -26.48 -2.71 32.77
C PHE J 308 -25.17 -2.49 33.51
N LEU J 309 -25.28 -2.31 34.82
CA LEU J 309 -24.12 -2.02 35.66
C LEU J 309 -23.16 -3.21 35.69
N ALA J 310 -23.60 -4.33 35.10
CA ALA J 310 -22.75 -5.50 34.95
C ALA J 310 -22.11 -5.47 33.57
N ILE J 311 -22.93 -5.25 32.55
CA ILE J 311 -22.44 -5.19 31.17
C ILE J 311 -21.75 -3.85 30.96
N GLY J 312 -21.85 -2.99 31.95
CA GLY J 312 -21.13 -1.73 31.95
C GLY J 312 -19.86 -1.85 32.77
N CYS J 313 -19.73 -2.98 33.45
CA CYS J 313 -18.52 -3.26 34.23
C CYS J 313 -17.47 -3.99 33.42
N VAL J 314 -17.71 -4.11 32.11
CA VAL J 314 -16.73 -4.70 31.23
C VAL J 314 -16.34 -3.76 30.08
N LEU J 315 -16.20 -2.48 30.39
CA LEU J 315 -15.68 -1.50 29.45
C LEU J 315 -14.20 -1.25 29.74
N VAL J 316 -13.45 -2.34 29.86
CA VAL J 316 -12.02 -2.26 30.17
C VAL J 316 -11.20 -2.03 28.89
N ILE J 317 -11.86 -1.52 27.85
CA ILE J 317 -11.18 -1.23 26.60
C ILE J 317 -10.09 -0.20 26.87
N ARG J 318 -8.84 -0.65 26.84
CA ARG J 318 -7.72 0.21 27.17
C ARG J 318 -6.54 -0.05 26.23
C01 4LE K . 22.74 -39.97 6.91
C02 4LE K . 22.66 -39.62 5.48
O01 4LE K . 23.79 -40.18 4.91
C03 4LE K . 24.83 -39.24 4.84
F01 4LE K . 23.41 -38.99 7.49
F02 4LE K . 21.52 -40.08 7.41
F03 4LE K . 23.46 -41.08 7.02
CL1 4LE K . 22.83 -37.91 5.45
F04 4LE K . 25.17 -38.90 6.09
F05 4LE K . 25.87 -39.77 4.23
O1 MES L . 29.07 -14.54 6.63
C2 MES L . 28.21 -15.04 5.59
C3 MES L . 27.70 -13.96 4.64
N4 MES L . 28.88 -13.26 4.16
C5 MES L . 30.01 -13.02 5.03
C6 MES L . 29.46 -13.19 6.44
C7 MES L . 28.91 -12.78 2.79
C8 MES L . 29.54 -11.39 2.86
S MES L . 29.73 -10.84 1.31
O1S MES L . 30.83 -9.85 1.25
O2S MES L . 30.06 -11.97 0.41
O3S MES L . 28.48 -10.20 0.86
O1 MES M . 43.59 -35.63 -18.05
C2 MES M . 43.10 -34.32 -17.76
C3 MES M . 43.58 -33.86 -16.37
N4 MES M . 43.35 -34.92 -15.40
C5 MES M . 43.74 -36.28 -15.74
C6 MES M . 43.14 -36.59 -17.10
C7 MES M . 43.52 -34.51 -14.02
C8 MES M . 42.62 -35.38 -13.15
S MES M . 42.38 -34.57 -11.72
O1S MES M . 42.21 -35.53 -10.61
O2S MES M . 43.52 -33.67 -11.46
O3S MES M . 41.15 -33.74 -11.83
O1 MES N . 0.41 -18.54 12.90
C2 MES N . 1.60 -18.74 12.13
C3 MES N . 1.53 -20.12 11.51
N4 MES N . 1.19 -21.06 12.57
C5 MES N . 1.19 -20.63 13.95
C6 MES N . 0.30 -19.39 14.04
C7 MES N . 1.38 -22.48 12.30
C8 MES N . 2.85 -22.76 12.61
S MES N . 2.91 -23.93 13.78
O1S MES N . 3.96 -23.60 14.77
O2S MES N . 1.60 -24.01 14.44
O3S MES N . 3.25 -25.25 13.19
O1 MES O . -5.58 -49.31 2.39
C2 MES O . -5.92 -50.32 3.35
C3 MES O . -5.18 -51.64 3.11
N4 MES O . -3.79 -51.29 2.90
C5 MES O . -3.41 -50.25 1.95
C6 MES O . -4.73 -49.77 1.34
C7 MES O . -2.75 -52.00 3.64
C8 MES O . -1.68 -52.44 2.65
S MES O . -0.21 -51.75 3.03
O1S MES O . 0.54 -52.53 4.03
O2S MES O . -0.49 -50.41 3.58
O3S MES O . 0.59 -51.62 1.81
O1 MES P . 19.78 -61.45 -15.94
C2 MES P . 20.80 -62.40 -16.18
C3 MES P . 21.97 -62.13 -15.24
N4 MES P . 21.99 -60.69 -14.98
C5 MES P . 21.57 -59.75 -16.00
C6 MES P . 20.14 -60.13 -16.39
C7 MES P . 22.51 -60.21 -13.70
C8 MES P . 23.88 -59.53 -13.86
S MES P . 24.20 -58.66 -12.48
O1S MES P . 24.11 -59.51 -11.28
O2S MES P . 25.55 -58.06 -12.52
O3S MES P . 23.20 -57.59 -12.37
C01 4LE Q . 28.44 -43.72 13.02
C02 4LE Q . 28.33 -42.27 13.34
O01 4LE Q . 27.38 -42.08 14.33
C03 4LE Q . 26.08 -42.01 13.80
F01 4LE Q . 27.67 -43.92 11.95
F02 4LE Q . 29.70 -44.05 12.75
F03 4LE Q . 27.95 -44.43 14.03
CL1 4LE Q . 27.65 -41.57 11.92
F04 4LE Q . 25.68 -43.22 13.38
F05 4LE Q . 25.27 -41.60 14.77
C01 4LE R . -41.71 17.40 26.42
C02 4LE R . -40.53 18.18 26.88
O01 4LE R . -39.68 17.40 27.68
C03 4LE R . -40.10 17.17 29.00
F01 4LE R . -41.48 16.08 26.53
F02 4LE R . -42.74 17.75 27.19
F03 4LE R . -41.99 17.72 25.16
CL1 4LE R . -41.23 19.45 27.82
F04 4LE R . -40.40 15.87 29.11
F05 4LE R . -41.20 17.86 29.30
C01 4LE S . -33.83 19.57 24.94
C02 4LE S . -33.74 20.93 25.55
O01 4LE S . -34.61 21.76 24.84
C03 4LE S . -34.10 22.07 23.57
F01 4LE S . -33.66 18.68 25.90
F02 4LE S . -35.01 19.41 24.35
F03 4LE S . -32.85 19.47 24.04
CL1 4LE S . -32.13 21.46 25.23
F04 4LE S . -34.69 21.24 22.72
F05 4LE S . -34.38 23.34 23.27
O1 MES T . -25.29 47.73 38.36
C2 MES T . -25.43 46.39 38.84
C3 MES T . -26.87 45.89 38.75
N4 MES T . -27.30 46.17 37.38
C5 MES T . -27.12 47.50 36.81
C6 MES T . -26.49 48.34 37.92
C7 MES T . -28.01 45.14 36.62
C8 MES T . -29.46 45.58 36.50
S MES T . -30.32 44.38 35.71
O1S MES T . -30.66 43.29 36.65
O2S MES T . -29.51 43.85 34.61
O3S MES T . -31.58 44.93 35.16
O1 MES U . -37.70 47.60 8.83
C2 MES U . -37.48 46.37 9.51
C3 MES U . -37.18 45.23 8.54
N4 MES U . -38.23 45.24 7.53
C5 MES U . -38.45 46.48 6.79
C6 MES U . -38.75 47.53 7.85
C7 MES U . -38.59 43.98 6.90
C8 MES U . -39.87 43.50 7.60
S MES U . -39.57 42.00 8.26
O1S MES U . -38.31 42.06 9.02
O2S MES U . -40.68 41.58 9.13
O3S MES U . -39.40 41.00 7.19
O1 MES V . -30.84 17.23 -5.95
C2 MES V . -32.23 16.94 -6.06
C3 MES V . -32.59 15.55 -5.52
N4 MES V . -32.02 15.47 -4.19
C5 MES V . -30.65 15.91 -3.94
C6 MES V . -30.06 16.21 -5.31
C7 MES V . -32.85 15.03 -3.08
C8 MES V . -32.06 13.98 -2.32
S MES V . -32.51 14.01 -0.72
O1S MES V . -32.33 12.70 -0.08
O2S MES V . -31.65 14.99 -0.03
O3S MES V . -33.93 14.41 -0.61
O1 MES W . -13.87 -2.85 15.24
C2 MES W . -15.21 -2.40 15.07
C3 MES W . -15.40 -0.99 15.60
N4 MES W . -14.89 -0.97 16.98
C5 MES W . -13.53 -1.45 17.22
C6 MES W . -13.47 -2.86 16.61
C7 MES W . -15.40 0.06 17.86
C8 MES W . -16.12 -0.67 18.99
S MES W . -17.10 0.41 19.79
O1S MES W . -17.42 -0.08 21.15
O2S MES W . -16.43 1.72 19.86
O3S MES W . -18.38 0.56 19.08
O1 MES X . -8.45 16.06 45.39
C2 MES X . -9.31 15.24 44.59
C3 MES X . -9.87 16.02 43.42
N4 MES X . -10.42 17.26 43.97
C5 MES X . -9.57 18.11 44.77
C6 MES X . -9.08 17.23 45.91
C7 MES X . -11.54 17.87 43.27
C8 MES X . -12.76 17.54 44.11
S MES X . -13.94 18.70 43.93
O1S MES X . -15.27 18.06 43.84
O2S MES X . -13.92 19.60 45.10
O3S MES X . -13.69 19.48 42.69
#